data_3OZM
#
_entry.id   3OZM
#
_cell.length_a   91.175
_cell.length_b   134.335
_cell.length_c   146.754
_cell.angle_alpha   90.00
_cell.angle_beta   97.03
_cell.angle_gamma   90.00
#
_symmetry.space_group_name_H-M   'P 1 21 1'
#
loop_
_entity.id
_entity.type
_entity.pdbx_description
1 polymer 'Putative mandelate racemase'
2 non-polymer 'MAGNESIUM ION'
3 non-polymer 'D-xylaric acid'
4 non-polymer GLYCEROL
5 non-polymer 'L-arabinaric acid'
6 water water
#
_entity_poly.entity_id   1
_entity_poly.type   'polypeptide(L)'
_entity_poly.pdbx_seq_one_letter_code
;MSLKITEVKAHALSTPIPERMRVESGAGLKLNRQMILVEVRTDEGVTGVGSPSGPYDLAVLKRAIEDVIGPQLIGEDPAN
INYLWHKVFHGEVSRNLGHRSVGIAAMSGVDIALWDLKGRAMNQPIYQLLGGKFHTRGVRAYASSIYWDLTPDQAADELA
GWVEQGFTAAKLKVGRAPRKDAANLRAMRQRVGADVEILVDANQSLGRHDALAMLRILDEAGCYWFEEPLSIDDIEGHRI
LRAQGTPVRIATGENLYTRNAFNDYIRNDAIDVLQADASRAGGITEALAISASAASAHLAWNPHTFNDIITVAANLHLVA
ASPHPAMFEWDITHNDLMTRLASYDLKLENGLVQPPQGPGLGFEIDWDFVAAHAWKGEPAIGAGHGMKK
;
_entity_poly.pdbx_strand_id   A,B,C,D,E,F,G,H
#
# COMPACT_ATOMS: atom_id res chain seq x y z
N SER A 2 6.80 52.17 15.01
CA SER A 2 6.53 51.20 13.97
C SER A 2 6.48 51.87 12.60
N LEU A 3 7.13 51.25 11.61
CA LEU A 3 7.12 51.79 10.26
C LEU A 3 5.82 51.48 9.53
N LYS A 4 5.57 52.22 8.46
CA LYS A 4 4.49 51.88 7.54
C LYS A 4 5.03 51.87 6.12
N ILE A 5 4.65 50.87 5.34
CA ILE A 5 5.08 50.82 3.95
C ILE A 5 4.42 51.95 3.14
N THR A 6 5.23 52.66 2.36
CA THR A 6 4.69 53.73 1.51
C THR A 6 4.77 53.48 0.02
N GLU A 7 5.72 52.65 -0.42
CA GLU A 7 5.82 52.33 -1.85
C GLU A 7 6.38 50.92 -2.03
N VAL A 8 5.94 50.25 -3.10
CA VAL A 8 6.53 49.00 -3.54
C VAL A 8 6.91 49.17 -5.00
N LYS A 9 8.21 49.24 -5.27
CA LYS A 9 8.70 49.53 -6.62
C LYS A 9 9.42 48.35 -7.24
N ALA A 10 9.31 48.22 -8.56
CA ALA A 10 10.00 47.14 -9.27
C ALA A 10 10.82 47.73 -10.41
N HIS A 11 12.15 47.74 -10.24
CA HIS A 11 13.04 48.29 -11.27
C HIS A 11 13.45 47.20 -12.25
N ALA A 12 12.97 47.29 -13.49
CA ALA A 12 13.31 46.31 -14.52
C ALA A 12 14.69 46.62 -15.11
N LEU A 13 15.59 45.66 -15.05
CA LEU A 13 16.98 45.83 -15.49
C LEU A 13 17.38 44.77 -16.51
N SER A 14 18.24 45.15 -17.45
CA SER A 14 18.73 44.20 -18.43
C SER A 14 20.23 44.44 -18.64
N THR A 15 21.00 43.36 -18.75
CA THR A 15 22.43 43.46 -19.04
C THR A 15 22.78 42.53 -20.19
N PRO A 16 23.73 42.95 -21.05
CA PRO A 16 23.95 42.12 -22.25
C PRO A 16 24.89 40.96 -22.04
N ILE A 17 24.85 40.00 -22.97
CA ILE A 17 25.80 38.89 -22.97
C ILE A 17 26.47 38.85 -24.35
N PRO A 18 27.82 38.98 -24.37
CA PRO A 18 28.53 38.81 -25.64
C PRO A 18 28.18 37.48 -26.30
N GLU A 19 28.06 37.46 -27.62
CA GLU A 19 27.61 36.25 -28.30
C GLU A 19 28.48 35.05 -27.93
N ARG A 20 29.78 35.28 -27.83
CA ARG A 20 30.75 34.26 -27.44
C ARG A 20 30.43 33.62 -26.07
N MET A 21 29.77 34.36 -25.19
CA MET A 21 29.49 33.89 -23.83
C MET A 21 28.05 33.42 -23.62
N ARG A 22 27.22 33.49 -24.66
CA ARG A 22 25.85 32.99 -24.53
C ARG A 22 25.84 31.46 -24.42
N VAL A 23 25.15 30.94 -23.43
CA VAL A 23 25.09 29.48 -23.25
C VAL A 23 23.66 29.02 -23.39
N GLU A 24 23.49 27.74 -23.76
CA GLU A 24 22.18 27.13 -23.88
C GLU A 24 22.03 25.87 -23.02
N SER A 25 20.86 25.71 -22.43
CA SER A 25 20.49 24.46 -21.78
C SER A 25 19.04 24.17 -22.15
N GLY A 26 18.44 23.17 -21.49
CA GLY A 26 17.04 22.87 -21.71
C GLY A 26 16.14 24.08 -21.48
N ALA A 27 16.62 25.04 -20.69
CA ALA A 27 15.86 26.25 -20.37
C ALA A 27 15.85 27.28 -21.51
N GLY A 28 16.75 27.10 -22.47
CA GLY A 28 16.83 27.98 -23.64
C GLY A 28 18.20 28.64 -23.77
N LEU A 29 18.39 29.39 -24.86
CA LEU A 29 19.64 30.12 -25.09
C LEU A 29 19.58 31.48 -24.40
N LYS A 30 20.53 31.75 -23.51
CA LYS A 30 20.56 33.04 -22.81
C LYS A 30 20.93 34.18 -23.76
N LEU A 31 20.21 35.29 -23.65
CA LEU A 31 20.41 36.42 -24.55
C LEU A 31 20.82 37.66 -23.75
N ASN A 32 20.11 37.89 -22.65
CA ASN A 32 20.39 39.01 -21.77
C ASN A 32 20.14 38.58 -20.32
N ARG A 33 21.02 38.96 -19.40
CA ARG A 33 20.76 38.65 -18.00
C ARG A 33 19.94 39.79 -17.40
N GLN A 34 18.74 39.44 -16.94
CA GLN A 34 17.77 40.42 -16.50
C GLN A 34 17.30 40.16 -15.07
N MET A 35 16.65 41.16 -14.50
CA MET A 35 16.06 41.03 -13.17
C MET A 35 15.07 42.16 -12.92
N ILE A 36 14.23 41.95 -11.91
CA ILE A 36 13.51 43.03 -11.27
C ILE A 36 14.22 43.29 -9.95
N LEU A 37 14.61 44.54 -9.71
CA LEU A 37 15.06 44.94 -8.39
C LEU A 37 13.86 45.52 -7.64
N VAL A 38 13.36 44.78 -6.66
CA VAL A 38 12.25 45.23 -5.83
C VAL A 38 12.80 46.21 -4.81
N GLU A 39 12.05 47.28 -4.58
CA GLU A 39 12.38 48.25 -3.55
C GLU A 39 11.13 48.54 -2.73
N VAL A 40 11.16 48.23 -1.44
CA VAL A 40 10.05 48.53 -0.55
C VAL A 40 10.46 49.69 0.34
N ARG A 41 9.68 50.77 0.30
CA ARG A 41 10.01 51.96 1.07
C ARG A 41 9.03 52.18 2.19
N THR A 42 9.46 52.90 3.22
CA THR A 42 8.59 53.17 4.37
C THR A 42 8.56 54.66 4.68
N ASP A 43 7.61 55.04 5.52
CA ASP A 43 7.45 56.45 5.91
C ASP A 43 8.69 57.05 6.60
N GLU A 44 9.43 56.24 7.37
CA GLU A 44 10.61 56.71 8.08
C GLU A 44 11.89 56.55 7.27
N GLY A 45 11.77 56.04 6.04
CA GLY A 45 12.90 55.97 5.15
C GLY A 45 13.78 54.74 5.27
N VAL A 46 13.30 53.70 5.91
CA VAL A 46 14.02 52.43 5.94
C VAL A 46 13.57 51.62 4.73
N THR A 47 14.51 51.16 3.91
CA THR A 47 14.18 50.57 2.62
C THR A 47 14.76 49.16 2.53
N GLY A 48 14.01 48.24 1.93
CA GLY A 48 14.52 46.90 1.67
C GLY A 48 14.49 46.61 0.17
N VAL A 49 15.42 45.80 -0.31
CA VAL A 49 15.40 45.38 -1.71
C VAL A 49 15.35 43.84 -1.83
N GLY A 50 14.92 43.39 -3.00
CA GLY A 50 14.77 41.96 -3.26
C GLY A 50 14.77 41.69 -4.75
N SER A 51 14.62 40.41 -5.11
CA SER A 51 14.58 40.00 -6.50
C SER A 51 13.69 38.79 -6.62
N PRO A 52 12.77 38.79 -7.61
CA PRO A 52 11.95 37.61 -7.89
C PRO A 52 12.58 36.66 -8.90
N SER A 53 13.90 36.69 -9.05
CA SER A 53 14.59 35.76 -9.95
C SER A 53 14.21 35.92 -11.42
N GLY A 54 14.42 34.87 -12.20
CA GLY A 54 14.14 34.91 -13.63
C GLY A 54 14.65 33.62 -14.25
N PRO A 55 14.45 33.45 -15.56
CA PRO A 55 13.77 34.37 -16.48
C PRO A 55 12.26 34.32 -16.33
N TYR A 56 11.66 35.47 -16.09
CA TYR A 56 10.24 35.67 -16.14
C TYR A 56 10.13 37.01 -16.85
N ASP A 57 9.11 37.18 -17.68
CA ASP A 57 8.91 38.45 -18.37
C ASP A 57 8.92 39.63 -17.38
N LEU A 58 9.71 40.66 -17.68
CA LEU A 58 9.88 41.75 -16.71
C LEU A 58 8.64 42.61 -16.52
N ALA A 59 7.84 42.78 -17.58
CA ALA A 59 6.60 43.54 -17.48
C ALA A 59 5.56 42.82 -16.63
N VAL A 60 5.47 41.50 -16.79
CA VAL A 60 4.56 40.70 -15.96
C VAL A 60 4.98 40.84 -14.51
N LEU A 61 6.27 40.67 -14.24
CA LEU A 61 6.79 40.81 -12.88
C LEU A 61 6.51 42.20 -12.29
N LYS A 62 6.79 43.24 -13.07
CA LYS A 62 6.66 44.61 -12.56
C LYS A 62 5.20 44.90 -12.20
N ARG A 63 4.30 44.50 -13.09
CA ARG A 63 2.87 44.71 -12.88
C ARG A 63 2.40 43.95 -11.65
N ALA A 64 2.78 42.68 -11.57
CA ALA A 64 2.40 41.87 -10.41
C ALA A 64 2.88 42.48 -9.10
N ILE A 65 4.14 42.91 -9.07
CA ILE A 65 4.74 43.40 -7.83
C ILE A 65 4.14 44.74 -7.42
N GLU A 66 4.06 45.67 -8.37
CA GLU A 66 3.63 47.02 -8.06
C GLU A 66 2.13 47.16 -7.88
N ASP A 67 1.36 46.43 -8.68
CA ASP A 67 -0.07 46.70 -8.80
C ASP A 67 -1.00 45.57 -8.38
N VAL A 68 -0.46 44.39 -8.14
CA VAL A 68 -1.25 43.30 -7.59
C VAL A 68 -0.85 43.08 -6.13
N ILE A 69 0.44 42.81 -5.90
CA ILE A 69 0.96 42.66 -4.54
C ILE A 69 1.07 44.00 -3.76
N GLY A 70 1.60 45.05 -4.39
CA GLY A 70 1.83 46.31 -3.71
C GLY A 70 0.64 46.87 -2.94
N PRO A 71 -0.53 46.94 -3.58
CA PRO A 71 -1.69 47.50 -2.89
C PRO A 71 -2.06 46.77 -1.59
N GLN A 72 -1.67 45.50 -1.44
CA GLN A 72 -1.89 44.79 -0.19
C GLN A 72 -0.90 45.21 0.89
N LEU A 73 0.17 45.88 0.49
CA LEU A 73 1.25 46.22 1.41
C LEU A 73 1.22 47.67 1.88
N ILE A 74 0.80 48.58 0.99
CA ILE A 74 0.82 50.01 1.32
C ILE A 74 0.04 50.26 2.60
N GLY A 75 0.65 50.98 3.54
CA GLY A 75 -0.01 51.33 4.78
C GLY A 75 0.17 50.31 5.89
N GLU A 76 0.75 49.16 5.57
CA GLU A 76 0.95 48.10 6.56
C GLU A 76 2.30 48.22 7.24
N ASP A 77 2.40 47.69 8.46
CA ASP A 77 3.68 47.55 9.17
C ASP A 77 4.54 46.46 8.51
N PRO A 78 5.69 46.83 7.96
CA PRO A 78 6.52 45.82 7.29
C PRO A 78 7.10 44.75 8.23
N ALA A 79 7.08 45.00 9.54
CA ALA A 79 7.63 44.05 10.49
C ALA A 79 6.85 42.73 10.50
N ASN A 80 5.57 42.79 10.14
CA ASN A 80 4.73 41.59 10.19
C ASN A 80 4.84 40.76 8.92
N ILE A 81 6.04 40.28 8.62
CA ILE A 81 6.26 39.55 7.38
C ILE A 81 5.35 38.33 7.23
N ASN A 82 5.21 37.55 8.29
CA ASN A 82 4.33 36.38 8.27
C ASN A 82 2.88 36.74 7.92
N TYR A 83 2.35 37.78 8.57
CA TYR A 83 1.01 38.25 8.26
C TYR A 83 0.87 38.66 6.78
N LEU A 84 1.82 39.48 6.32
CA LEU A 84 1.80 39.99 4.96
C LEU A 84 1.92 38.88 3.89
N TRP A 85 2.69 37.84 4.19
CA TRP A 85 2.82 36.75 3.23
C TRP A 85 1.45 36.15 2.97
N HIS A 86 0.71 35.90 4.03
CA HIS A 86 -0.59 35.25 3.90
C HIS A 86 -1.66 36.19 3.39
N LYS A 87 -1.56 37.46 3.76
CA LYS A 87 -2.47 38.45 3.22
C LYS A 87 -2.36 38.49 1.70
N VAL A 88 -1.14 38.44 1.18
CA VAL A 88 -0.91 38.54 -0.25
C VAL A 88 -1.27 37.24 -0.99
N PHE A 89 -0.86 36.11 -0.43
CA PHE A 89 -1.14 34.83 -1.06
C PHE A 89 -2.64 34.53 -1.16
N HIS A 90 -3.32 34.57 -0.02
CA HIS A 90 -4.75 34.25 0.03
C HIS A 90 -5.65 35.36 -0.48
N GLY A 91 -5.19 36.60 -0.41
CA GLY A 91 -6.00 37.72 -0.85
C GLY A 91 -5.97 37.93 -2.35
N GLU A 92 -4.83 37.66 -2.98
CA GLU A 92 -4.65 37.97 -4.39
C GLU A 92 -3.94 36.88 -5.20
N VAL A 93 -2.77 36.44 -4.74
CA VAL A 93 -1.85 35.76 -5.65
C VAL A 93 -2.26 34.34 -6.03
N SER A 94 -2.61 33.52 -5.04
CA SER A 94 -2.98 32.13 -5.31
C SER A 94 -4.08 32.04 -6.36
N ARG A 95 -5.24 32.67 -6.13
CA ARG A 95 -6.35 32.58 -7.08
C ARG A 95 -6.12 33.41 -8.34
N ASN A 96 -5.62 34.63 -8.18
CA ASN A 96 -5.59 35.59 -9.27
C ASN A 96 -4.32 35.58 -10.13
N LEU A 97 -3.28 34.89 -9.68
CA LEU A 97 -2.09 34.69 -10.53
C LEU A 97 -1.75 33.22 -10.72
N GLY A 98 -2.43 32.34 -9.98
CA GLY A 98 -2.18 30.90 -10.02
C GLY A 98 -1.32 30.42 -8.87
N HIS A 99 -1.63 29.22 -8.35
CA HIS A 99 -0.96 28.78 -7.13
C HIS A 99 0.53 28.37 -7.29
N ARG A 100 0.96 28.13 -8.52
CA ARG A 100 2.35 27.71 -8.78
C ARG A 100 2.85 28.50 -9.99
N SER A 101 3.16 29.78 -9.76
CA SER A 101 3.21 30.74 -10.85
C SER A 101 4.30 31.81 -10.67
N VAL A 102 4.49 32.59 -11.73
CA VAL A 102 5.26 33.83 -11.68
C VAL A 102 4.74 34.73 -10.55
N GLY A 103 3.46 34.61 -10.21
CA GLY A 103 2.95 35.33 -9.05
C GLY A 103 3.65 34.99 -7.74
N ILE A 104 3.98 33.71 -7.57
CA ILE A 104 4.72 33.27 -6.40
C ILE A 104 6.15 33.80 -6.42
N ALA A 105 6.77 33.85 -7.60
CA ALA A 105 8.11 34.44 -7.69
C ALA A 105 8.03 35.91 -7.34
N ALA A 106 7.00 36.58 -7.84
CA ALA A 106 6.79 38.00 -7.53
C ALA A 106 6.68 38.21 -6.02
N MET A 107 5.87 37.38 -5.36
CA MET A 107 5.77 37.40 -3.90
C MET A 107 7.13 37.20 -3.25
N SER A 108 7.95 36.34 -3.84
CA SER A 108 9.24 35.98 -3.25
C SER A 108 10.15 37.18 -3.24
N GLY A 109 10.15 37.95 -4.34
CA GLY A 109 10.98 39.14 -4.42
C GLY A 109 10.59 40.17 -3.37
N VAL A 110 9.29 40.32 -3.15
CA VAL A 110 8.78 41.24 -2.13
C VAL A 110 9.11 40.74 -0.72
N ASP A 111 8.96 39.44 -0.48
CA ASP A 111 9.27 38.87 0.82
C ASP A 111 10.74 39.05 1.16
N ILE A 112 11.63 38.81 0.19
CA ILE A 112 13.05 39.07 0.40
C ILE A 112 13.26 40.54 0.77
N ALA A 113 12.57 41.43 0.08
CA ALA A 113 12.72 42.87 0.36
C ALA A 113 12.27 43.19 1.79
N LEU A 114 11.22 42.52 2.26
CA LEU A 114 10.76 42.74 3.64
C LEU A 114 11.77 42.23 4.67
N TRP A 115 12.44 41.13 4.34
CA TRP A 115 13.49 40.59 5.21
C TRP A 115 14.74 41.48 5.22
N ASP A 116 15.10 42.02 4.05
CA ASP A 116 16.20 42.97 3.95
C ASP A 116 15.87 44.19 4.79
N LEU A 117 14.62 44.64 4.67
CA LEU A 117 14.15 45.80 5.43
C LEU A 117 14.22 45.55 6.93
N LYS A 118 13.75 44.38 7.36
CA LYS A 118 13.77 44.02 8.77
C LYS A 118 15.21 44.00 9.30
N GLY A 119 16.12 43.40 8.53
CA GLY A 119 17.50 43.33 8.93
C GLY A 119 18.14 44.70 9.01
N ARG A 120 17.84 45.56 8.05
CA ARG A 120 18.37 46.92 8.07
C ARG A 120 17.79 47.71 9.24
N ALA A 121 16.51 47.51 9.53
CA ALA A 121 15.89 48.17 10.68
C ALA A 121 16.53 47.75 12.02
N MET A 122 16.91 46.47 12.12
CA MET A 122 17.54 45.95 13.33
C MET A 122 19.06 46.07 13.32
N ASN A 123 19.60 46.53 12.21
CA ASN A 123 21.06 46.53 11.98
C ASN A 123 21.71 45.14 12.19
N GLN A 124 21.16 44.12 11.54
CA GLN A 124 21.67 42.76 11.65
C GLN A 124 21.61 42.08 10.28
N PRO A 125 22.60 41.22 9.97
CA PRO A 125 22.47 40.41 8.74
C PRO A 125 21.31 39.43 8.90
N ILE A 126 20.64 39.08 7.81
CA ILE A 126 19.52 38.16 7.89
C ILE A 126 19.89 36.85 8.57
N TYR A 127 21.07 36.31 8.28
CA TYR A 127 21.40 35.02 8.89
C TYR A 127 21.39 35.08 10.42
N GLN A 128 21.65 36.25 11.00
CA GLN A 128 21.62 36.37 12.45
C GLN A 128 20.19 36.28 12.98
N LEU A 129 19.23 36.81 12.24
CA LEU A 129 17.83 36.74 12.61
C LEU A 129 17.35 35.28 12.62
N LEU A 130 17.93 34.48 11.74
CA LEU A 130 17.47 33.10 11.50
C LEU A 130 18.11 32.11 12.45
N GLY A 131 18.64 32.60 13.57
CA GLY A 131 19.30 31.74 14.54
C GLY A 131 20.80 31.66 14.40
N GLY A 132 21.37 32.47 13.50
CA GLY A 132 22.81 32.49 13.33
C GLY A 132 23.33 31.36 12.46
N LYS A 133 24.65 31.32 12.29
CA LYS A 133 25.25 30.33 11.42
C LYS A 133 25.15 28.91 11.97
N PHE A 134 24.98 27.97 11.05
CA PHE A 134 25.34 26.59 11.29
C PHE A 134 26.73 26.35 10.71
N HIS A 135 26.92 26.77 9.46
CA HIS A 135 28.20 26.61 8.75
C HIS A 135 29.15 27.74 9.10
N THR A 136 29.69 27.68 10.31
CA THR A 136 30.51 28.78 10.80
C THR A 136 31.78 28.98 9.98
N ARG A 137 32.31 27.91 9.40
CA ARG A 137 33.55 27.97 8.63
C ARG A 137 33.33 28.42 7.19
N GLY A 138 32.08 28.37 6.74
CA GLY A 138 31.78 28.75 5.36
C GLY A 138 30.91 27.71 4.70
N VAL A 139 30.41 28.07 3.52
CA VAL A 139 29.48 27.24 2.77
C VAL A 139 30.11 26.69 1.48
N ARG A 140 30.13 25.37 1.35
CA ARG A 140 30.67 24.75 0.13
C ARG A 140 29.85 25.10 -1.12
N ALA A 141 30.52 25.68 -2.12
CA ALA A 141 29.86 26.14 -3.34
C ALA A 141 30.13 25.20 -4.52
N TYR A 142 29.27 25.27 -5.52
CA TYR A 142 29.55 24.62 -6.79
C TYR A 142 29.47 25.60 -7.95
N ALA A 143 30.31 25.37 -8.96
CA ALA A 143 30.34 26.19 -10.17
C ALA A 143 29.21 25.78 -11.10
N SER A 144 28.31 26.74 -11.38
CA SER A 144 27.13 26.50 -12.20
C SER A 144 27.19 27.36 -13.45
N SER A 145 27.28 26.77 -14.64
CA SER A 145 27.41 25.34 -14.89
C SER A 145 28.22 25.24 -16.17
N ILE A 146 28.54 24.01 -16.56
CA ILE A 146 29.08 23.72 -17.87
C ILE A 146 27.91 23.37 -18.79
N TYR A 147 27.76 24.12 -19.89
CA TYR A 147 26.53 24.08 -20.68
C TYR A 147 26.60 23.16 -21.90
N TRP A 148 25.53 23.17 -22.71
CA TRP A 148 25.44 22.32 -23.90
C TRP A 148 26.45 22.71 -24.99
N ASP A 149 26.62 21.82 -25.97
CA ASP A 149 27.36 22.13 -27.21
C ASP A 149 28.86 21.83 -27.17
N LEU A 150 29.35 21.28 -26.06
CA LEU A 150 30.78 21.02 -25.92
C LEU A 150 31.17 19.59 -26.26
N THR A 151 32.43 19.42 -26.67
CA THR A 151 33.01 18.09 -26.81
C THR A 151 33.51 17.62 -25.44
N PRO A 152 33.76 16.32 -25.29
CA PRO A 152 34.24 15.83 -24.00
C PRO A 152 35.53 16.53 -23.57
N ASP A 153 36.42 16.76 -24.52
CA ASP A 153 37.66 17.51 -24.30
C ASP A 153 37.41 18.91 -23.72
N GLN A 154 36.44 19.62 -24.30
CA GLN A 154 36.11 20.97 -23.86
C GLN A 154 35.44 20.96 -22.49
N ALA A 155 34.50 20.04 -22.29
CA ALA A 155 33.82 19.93 -20.99
C ALA A 155 34.81 19.62 -19.86
N ALA A 156 35.69 18.66 -20.08
CA ALA A 156 36.72 18.30 -19.11
C ALA A 156 37.64 19.48 -18.82
N ASP A 157 37.93 20.28 -19.84
CA ASP A 157 38.83 21.39 -19.67
C ASP A 157 38.18 22.51 -18.86
N GLU A 158 36.91 22.77 -19.13
CA GLU A 158 36.21 23.80 -18.38
C GLU A 158 36.11 23.42 -16.90
N LEU A 159 35.80 22.15 -16.63
CA LEU A 159 35.72 21.67 -15.26
C LEU A 159 37.06 21.85 -14.55
N ALA A 160 38.13 21.46 -15.20
CA ALA A 160 39.46 21.60 -14.59
C ALA A 160 39.75 23.06 -14.29
N GLY A 161 39.29 23.95 -15.16
CA GLY A 161 39.45 25.37 -14.95
C GLY A 161 38.75 25.85 -13.69
N TRP A 162 37.51 25.42 -13.47
CA TRP A 162 36.78 25.81 -12.26
C TRP A 162 37.38 25.22 -10.99
N VAL A 163 37.90 24.00 -11.09
CA VAL A 163 38.57 23.39 -9.94
C VAL A 163 39.82 24.21 -9.59
N GLU A 164 40.57 24.60 -10.60
CA GLU A 164 41.74 25.45 -10.41
C GLU A 164 41.39 26.78 -9.71
N GLN A 165 40.18 27.29 -9.96
CA GLN A 165 39.71 28.51 -9.32
C GLN A 165 39.32 28.30 -7.86
N GLY A 166 39.25 27.05 -7.42
CA GLY A 166 38.95 26.74 -6.04
C GLY A 166 37.67 25.96 -5.78
N PHE A 167 36.86 25.75 -6.82
CA PHE A 167 35.63 24.98 -6.66
C PHE A 167 35.90 23.50 -6.38
N THR A 168 35.14 22.92 -5.46
CA THR A 168 35.25 21.49 -5.16
C THR A 168 34.09 20.70 -5.77
N ALA A 169 33.33 21.36 -6.62
CA ALA A 169 32.13 20.76 -7.21
C ALA A 169 31.67 21.64 -8.35
N ALA A 170 30.97 21.05 -9.32
CA ALA A 170 30.50 21.79 -10.48
C ALA A 170 29.35 21.03 -11.13
N LYS A 171 28.58 21.73 -11.96
CA LYS A 171 27.38 21.14 -12.56
C LYS A 171 27.44 21.14 -14.10
N LEU A 172 26.95 20.07 -14.70
CA LEU A 172 26.93 19.90 -16.16
C LEU A 172 25.50 19.85 -16.66
N LYS A 173 25.21 20.67 -17.66
CA LYS A 173 23.92 20.63 -18.33
C LYS A 173 23.85 19.49 -19.34
N VAL A 174 22.75 18.76 -19.32
CA VAL A 174 22.56 17.64 -20.25
C VAL A 174 21.15 17.63 -20.81
N GLY A 175 20.92 16.76 -21.79
CA GLY A 175 19.56 16.51 -22.25
C GLY A 175 19.34 16.51 -23.75
N ARG A 176 20.17 17.23 -24.49
CA ARG A 176 19.93 17.31 -25.92
C ARG A 176 20.45 16.08 -26.64
N ALA A 177 21.61 15.61 -26.24
CA ALA A 177 22.24 14.47 -26.89
C ALA A 177 22.83 13.52 -25.84
N PRO A 178 22.00 12.61 -25.30
CA PRO A 178 22.43 11.77 -24.18
C PRO A 178 23.75 11.05 -24.37
N ARG A 179 24.05 10.58 -25.58
CA ARG A 179 25.34 9.91 -25.80
C ARG A 179 26.52 10.85 -25.66
N LYS A 180 26.34 12.10 -26.09
CA LYS A 180 27.39 13.09 -25.93
C LYS A 180 27.52 13.48 -24.47
N ASP A 181 26.39 13.66 -23.79
CA ASP A 181 26.40 13.95 -22.36
C ASP A 181 27.23 12.90 -21.60
N ALA A 182 26.99 11.62 -21.91
CA ALA A 182 27.71 10.55 -21.26
C ALA A 182 29.20 10.64 -21.52
N ALA A 183 29.57 10.93 -22.76
CA ALA A 183 30.97 11.05 -23.10
C ALA A 183 31.61 12.24 -22.37
N ASN A 184 30.86 13.32 -22.23
CA ASN A 184 31.38 14.49 -21.51
C ASN A 184 31.66 14.15 -20.06
N LEU A 185 30.70 13.49 -19.43
CA LEU A 185 30.80 13.15 -18.03
C LEU A 185 31.98 12.22 -17.77
N ARG A 186 32.13 11.22 -18.63
CA ARG A 186 33.23 10.27 -18.46
C ARG A 186 34.58 10.98 -18.56
N ALA A 187 34.71 11.88 -19.53
CA ALA A 187 35.94 12.65 -19.69
C ALA A 187 36.19 13.57 -18.50
N MET A 188 35.13 14.23 -18.03
CA MET A 188 35.24 15.10 -16.86
C MET A 188 35.70 14.33 -15.63
N ARG A 189 35.06 13.21 -15.32
CA ARG A 189 35.48 12.40 -14.17
C ARG A 189 36.94 11.96 -14.27
N GLN A 190 37.35 11.48 -15.44
CA GLN A 190 38.74 11.06 -15.58
C GLN A 190 39.69 12.23 -15.34
N ARG A 191 39.32 13.39 -15.87
CA ARG A 191 40.15 14.59 -15.75
C ARG A 191 40.40 15.03 -14.30
N VAL A 192 39.36 15.10 -13.47
CA VAL A 192 39.50 15.71 -12.14
C VAL A 192 39.63 14.72 -10.99
N GLY A 193 39.37 13.44 -11.24
CA GLY A 193 39.48 12.44 -10.19
C GLY A 193 38.24 12.33 -9.32
N ALA A 194 38.35 11.62 -8.21
CA ALA A 194 37.19 11.34 -7.37
C ALA A 194 36.88 12.41 -6.32
N ASP A 195 37.78 13.38 -6.15
CA ASP A 195 37.64 14.36 -5.06
C ASP A 195 36.73 15.54 -5.39
N VAL A 196 36.33 15.65 -6.65
CA VAL A 196 35.47 16.75 -7.09
C VAL A 196 34.08 16.19 -7.34
N GLU A 197 33.06 16.83 -6.76
CA GLU A 197 31.69 16.42 -7.01
C GLU A 197 31.19 16.94 -8.34
N ILE A 198 30.54 16.07 -9.11
CA ILE A 198 29.99 16.47 -10.38
C ILE A 198 28.48 16.29 -10.34
N LEU A 199 27.78 17.39 -10.56
CA LEU A 199 26.32 17.40 -10.58
C LEU A 199 25.87 17.43 -12.04
N VAL A 200 24.67 16.93 -12.30
CA VAL A 200 24.11 16.95 -13.64
C VAL A 200 22.71 17.55 -13.60
N ASP A 201 22.36 18.31 -14.64
CA ASP A 201 21.09 19.04 -14.70
C ASP A 201 20.53 18.90 -16.09
N ALA A 202 19.38 18.22 -16.20
CA ALA A 202 18.74 18.01 -17.50
C ALA A 202 17.67 19.04 -17.86
N ASN A 203 17.36 19.98 -16.96
CA ASN A 203 16.34 20.98 -17.25
C ASN A 203 15.04 20.41 -17.83
N GLN A 204 14.55 19.31 -17.25
CA GLN A 204 13.30 18.65 -17.66
C GLN A 204 13.28 18.07 -19.08
N SER A 205 14.46 17.83 -19.65
N SER A 205 14.46 17.81 -19.64
CA SER A 205 14.53 17.48 -21.07
CA SER A 205 14.57 17.48 -21.07
C SER A 205 14.25 16.01 -21.42
C SER A 205 14.54 15.99 -21.45
N LEU A 206 14.42 15.12 -20.45
CA LEU A 206 14.37 13.67 -20.72
C LEU A 206 13.02 13.03 -20.44
N GLY A 207 12.74 11.95 -21.19
CA GLY A 207 11.65 11.05 -20.86
C GLY A 207 12.11 10.04 -19.82
N ARG A 208 11.20 9.24 -19.27
CA ARG A 208 11.54 8.32 -18.19
C ARG A 208 12.61 7.30 -18.56
N HIS A 209 12.46 6.67 -19.72
CA HIS A 209 13.39 5.61 -20.11
C HIS A 209 14.80 6.11 -20.41
N ASP A 210 14.88 7.25 -21.10
CA ASP A 210 16.16 7.90 -21.30
C ASP A 210 16.80 8.34 -19.98
N ALA A 211 15.99 8.80 -19.02
CA ALA A 211 16.52 9.18 -17.71
C ALA A 211 17.01 7.96 -16.93
N LEU A 212 16.31 6.84 -17.04
CA LEU A 212 16.78 5.61 -16.42
C LEU A 212 18.13 5.21 -17.02
N ALA A 213 18.27 5.36 -18.33
CA ALA A 213 19.52 5.00 -18.99
C ALA A 213 20.63 5.93 -18.53
N MET A 214 20.33 7.22 -18.47
N MET A 214 20.32 7.23 -18.47
CA MET A 214 21.34 8.19 -18.04
CA MET A 214 21.26 8.25 -18.04
C MET A 214 21.76 7.98 -16.59
C MET A 214 21.73 8.00 -16.61
N LEU A 215 20.80 7.64 -15.73
CA LEU A 215 21.09 7.42 -14.30
C LEU A 215 22.14 6.33 -14.11
N ARG A 216 22.09 5.32 -14.98
CA ARG A 216 23.11 4.25 -14.94
C ARG A 216 24.50 4.84 -15.16
N ILE A 217 24.60 5.74 -16.15
N ILE A 217 24.63 5.77 -16.10
CA ILE A 217 25.82 6.47 -16.45
CA ILE A 217 25.91 6.39 -16.39
C ILE A 217 26.27 7.31 -15.26
C ILE A 217 26.32 7.43 -15.33
N LEU A 218 25.35 8.09 -14.72
CA LEU A 218 25.67 8.99 -13.60
C LEU A 218 26.18 8.19 -12.40
N ASP A 219 25.58 7.03 -12.16
CA ASP A 219 25.96 6.19 -11.04
C ASP A 219 27.40 5.73 -11.27
N GLU A 220 27.67 5.24 -12.48
CA GLU A 220 29.02 4.86 -12.91
C GLU A 220 30.04 5.95 -12.63
N ALA A 221 29.70 7.18 -12.96
CA ALA A 221 30.60 8.33 -12.79
C ALA A 221 30.57 8.90 -11.36
N GLY A 222 29.78 8.32 -10.49
CA GLY A 222 29.67 8.79 -9.11
C GLY A 222 29.15 10.22 -8.96
N CYS A 223 28.19 10.61 -9.80
CA CYS A 223 27.61 11.95 -9.72
C CYS A 223 26.84 12.18 -8.43
N TYR A 224 26.86 13.44 -7.99
CA TYR A 224 26.30 13.80 -6.71
C TYR A 224 24.78 13.87 -6.78
N TRP A 225 24.28 14.51 -7.84
CA TRP A 225 22.84 14.54 -8.08
C TRP A 225 22.45 14.64 -9.54
N PHE A 226 21.18 14.30 -9.79
CA PHE A 226 20.54 14.34 -11.10
C PHE A 226 19.39 15.33 -10.95
N GLU A 227 19.59 16.53 -11.46
CA GLU A 227 18.64 17.64 -11.27
C GLU A 227 17.68 17.78 -12.44
N GLU A 228 16.41 18.07 -12.12
CA GLU A 228 15.32 18.10 -13.10
C GLU A 228 15.49 17.07 -14.22
N PRO A 229 15.57 15.78 -13.86
CA PRO A 229 15.73 14.74 -14.88
C PRO A 229 14.54 14.67 -15.83
N LEU A 230 13.35 14.98 -15.30
CA LEU A 230 12.11 14.87 -16.04
C LEU A 230 11.25 16.12 -15.88
N SER A 231 10.17 16.20 -16.65
CA SER A 231 9.11 17.17 -16.39
C SER A 231 8.81 17.29 -14.90
N ILE A 232 8.73 18.50 -14.38
CA ILE A 232 8.36 18.70 -12.99
C ILE A 232 6.95 18.20 -12.73
N ASP A 233 6.18 17.99 -13.80
CA ASP A 233 4.81 17.54 -13.68
C ASP A 233 4.72 16.03 -13.48
N ASP A 234 5.82 15.32 -13.72
CA ASP A 234 5.80 13.85 -13.64
C ASP A 234 6.39 13.38 -12.32
N ILE A 235 5.61 13.45 -11.26
CA ILE A 235 6.11 13.07 -9.94
C ILE A 235 6.46 11.57 -9.88
N GLU A 236 5.62 10.74 -10.48
CA GLU A 236 5.84 9.30 -10.42
C GLU A 236 7.16 8.93 -11.10
N GLY A 237 7.49 9.62 -12.20
CA GLY A 237 8.75 9.39 -12.87
C GLY A 237 9.94 9.60 -11.94
N HIS A 238 9.87 10.64 -11.11
CA HIS A 238 10.92 10.88 -10.14
C HIS A 238 10.98 9.75 -9.10
N ARG A 239 9.82 9.27 -8.65
CA ARG A 239 9.81 8.15 -7.72
C ARG A 239 10.55 6.95 -8.32
N ILE A 240 10.30 6.68 -9.59
CA ILE A 240 10.90 5.54 -10.25
C ILE A 240 12.43 5.65 -10.28
N LEU A 241 12.94 6.82 -10.66
CA LEU A 241 14.39 7.05 -10.63
C LEU A 241 14.97 6.86 -9.24
N ARG A 242 14.31 7.44 -8.24
CA ARG A 242 14.80 7.37 -6.87
C ARG A 242 14.74 5.93 -6.34
N ALA A 243 13.75 5.18 -6.81
CA ALA A 243 13.57 3.79 -6.38
C ALA A 243 14.68 2.85 -6.87
N GLN A 244 15.49 3.31 -7.82
CA GLN A 244 16.62 2.49 -8.27
C GLN A 244 17.67 2.32 -7.18
N GLY A 245 17.58 3.12 -6.12
CA GLY A 245 18.45 2.95 -4.97
C GLY A 245 19.92 3.23 -5.22
N THR A 246 20.24 4.10 -6.18
CA THR A 246 21.64 4.47 -6.42
C THR A 246 22.08 5.54 -5.45
N PRO A 247 23.40 5.76 -5.34
CA PRO A 247 23.90 6.87 -4.51
C PRO A 247 23.72 8.23 -5.17
N VAL A 248 23.10 8.28 -6.34
CA VAL A 248 22.87 9.55 -7.02
C VAL A 248 21.56 10.16 -6.53
N ARG A 249 21.64 11.37 -6.00
CA ARG A 249 20.45 12.05 -5.48
C ARG A 249 19.54 12.53 -6.61
N ILE A 250 18.23 12.32 -6.46
CA ILE A 250 17.28 12.93 -7.36
C ILE A 250 16.93 14.33 -6.85
N ALA A 251 17.20 15.35 -7.65
CA ALA A 251 17.03 16.73 -7.20
C ALA A 251 16.09 17.50 -8.13
N THR A 252 15.25 18.37 -7.54
CA THR A 252 14.43 19.26 -8.35
C THR A 252 13.88 20.36 -7.46
N GLY A 253 13.44 21.47 -8.05
CA GLY A 253 12.73 22.45 -7.27
C GLY A 253 12.74 23.86 -7.81
N GLU A 254 13.65 24.15 -8.75
CA GLU A 254 13.68 25.52 -9.26
C GLU A 254 12.36 25.93 -9.93
N ASN A 255 11.61 24.95 -10.42
CA ASN A 255 10.36 25.26 -11.10
C ASN A 255 9.13 24.76 -10.34
N LEU A 256 9.34 24.38 -9.07
CA LEU A 256 8.27 24.01 -8.16
C LEU A 256 8.02 25.14 -7.17
N TYR A 257 6.78 25.35 -6.77
CA TYR A 257 6.43 26.55 -6.02
C TYR A 257 5.70 26.23 -4.72
N THR A 258 6.10 26.91 -3.64
CA THR A 258 5.58 26.71 -2.29
C THR A 258 5.90 25.35 -1.67
N ARG A 259 5.74 25.27 -0.35
CA ARG A 259 6.02 24.04 0.37
C ARG A 259 5.09 22.91 -0.10
N ASN A 260 3.96 23.27 -0.68
CA ASN A 260 2.99 22.26 -1.11
C ASN A 260 3.48 21.37 -2.23
N ALA A 261 4.22 21.94 -3.17
CA ALA A 261 4.77 21.18 -4.27
C ALA A 261 5.74 20.12 -3.71
N PHE A 262 6.57 20.55 -2.77
CA PHE A 262 7.60 19.70 -2.23
C PHE A 262 7.04 18.62 -1.33
N ASN A 263 5.98 18.95 -0.60
CA ASN A 263 5.26 17.95 0.17
C ASN A 263 4.73 16.84 -0.73
N ASP A 264 4.20 17.20 -1.90
CA ASP A 264 3.69 16.21 -2.84
C ASP A 264 4.79 15.27 -3.31
N TYR A 265 5.97 15.81 -3.58
CA TYR A 265 7.10 14.97 -3.96
C TYR A 265 7.55 14.07 -2.81
N ILE A 266 7.63 14.61 -1.61
CA ILE A 266 8.04 13.82 -0.46
C ILE A 266 7.06 12.69 -0.19
N ARG A 267 5.76 12.99 -0.22
CA ARG A 267 4.72 12.00 0.04
C ARG A 267 4.75 10.87 -0.97
N ASN A 268 5.29 11.15 -2.15
CA ASN A 268 5.36 10.17 -3.21
C ASN A 268 6.74 9.52 -3.32
N ASP A 269 7.57 9.75 -2.30
CA ASP A 269 8.94 9.19 -2.24
C ASP A 269 9.75 9.52 -3.49
N ALA A 270 9.61 10.76 -3.97
CA ALA A 270 10.09 11.12 -5.29
C ALA A 270 11.24 12.13 -5.31
N ILE A 271 11.85 12.40 -4.17
CA ILE A 271 12.86 13.44 -4.14
C ILE A 271 13.89 13.22 -3.04
N ASP A 272 15.17 13.43 -3.37
CA ASP A 272 16.26 13.44 -2.38
C ASP A 272 16.72 14.83 -1.97
N VAL A 273 16.76 15.74 -2.94
CA VAL A 273 17.23 17.11 -2.72
C VAL A 273 16.16 18.09 -3.20
N LEU A 274 15.62 18.84 -2.26
CA LEU A 274 14.67 19.90 -2.55
C LEU A 274 15.44 21.17 -2.92
N GLN A 275 15.14 21.75 -4.08
CA GLN A 275 15.89 22.90 -4.57
C GLN A 275 15.10 24.21 -4.56
N ALA A 276 14.07 24.29 -3.73
CA ALA A 276 13.32 25.53 -3.59
C ALA A 276 14.24 26.74 -3.43
N ASP A 277 14.04 27.72 -4.30
CA ASP A 277 14.81 28.98 -4.32
C ASP A 277 14.04 30.02 -3.51
N ALA A 278 14.68 30.66 -2.53
CA ALA A 278 14.01 31.72 -1.76
C ALA A 278 13.38 32.78 -2.66
N SER A 279 13.99 33.00 -3.83
CA SER A 279 13.54 34.05 -4.73
C SER A 279 12.46 33.61 -5.73
N ARG A 280 12.07 32.34 -5.68
CA ARG A 280 11.09 31.81 -6.64
C ARG A 280 9.92 31.14 -5.95
N ALA A 281 10.24 30.32 -4.95
CA ALA A 281 9.27 29.37 -4.39
C ALA A 281 8.34 29.97 -3.35
N GLY A 282 8.57 31.25 -2.99
CA GLY A 282 7.67 31.91 -2.07
C GLY A 282 8.33 32.91 -1.15
N GLY A 283 9.65 33.03 -1.21
CA GLY A 283 10.37 33.99 -0.39
C GLY A 283 11.29 33.34 0.64
N ILE A 284 11.99 34.18 1.40
CA ILE A 284 12.75 33.66 2.53
C ILE A 284 11.81 32.94 3.51
N THR A 285 10.63 33.52 3.72
CA THR A 285 9.66 32.93 4.62
C THR A 285 9.32 31.49 4.20
N GLU A 286 9.06 31.31 2.92
CA GLU A 286 8.66 30.00 2.44
C GLU A 286 9.85 29.05 2.38
N ALA A 287 11.01 29.53 1.93
CA ALA A 287 12.19 28.66 1.86
C ALA A 287 12.62 28.12 3.24
N LEU A 288 12.50 28.95 4.27
CA LEU A 288 12.76 28.50 5.64
C LEU A 288 11.90 27.29 6.02
N ALA A 289 10.63 27.36 5.66
CA ALA A 289 9.71 26.25 5.94
C ALA A 289 10.05 24.99 5.16
N ILE A 290 10.43 25.16 3.89
CA ILE A 290 10.80 24.04 3.04
C ILE A 290 12.07 23.37 3.55
N SER A 291 13.07 24.17 3.91
CA SER A 291 14.29 23.65 4.52
C SER A 291 14.00 22.79 5.76
N ALA A 292 13.11 23.28 6.63
CA ALA A 292 12.75 22.55 7.83
C ALA A 292 12.03 21.25 7.49
N SER A 293 11.09 21.32 6.56
N SER A 293 11.10 21.32 6.56
CA SER A 293 10.32 20.16 6.14
CA SER A 293 10.33 20.14 6.16
C SER A 293 11.21 19.10 5.51
C SER A 293 11.23 19.09 5.53
N ALA A 294 12.18 19.51 4.71
CA ALA A 294 13.17 18.58 4.16
C ALA A 294 13.88 17.84 5.28
N ALA A 295 14.34 18.59 6.29
CA ALA A 295 15.07 17.98 7.40
C ALA A 295 14.21 16.98 8.17
N SER A 296 12.96 17.36 8.44
CA SER A 296 12.04 16.46 9.13
C SER A 296 11.90 15.13 8.41
N ALA A 297 11.94 15.16 7.09
CA ALA A 297 11.81 13.96 6.27
C ALA A 297 13.15 13.25 6.00
N HIS A 298 14.22 13.73 6.63
CA HIS A 298 15.59 13.19 6.43
C HIS A 298 16.07 13.35 5.00
N LEU A 299 15.63 14.43 4.36
CA LEU A 299 16.05 14.78 2.99
C LEU A 299 16.88 16.06 3.04
N ALA A 300 17.38 16.51 1.90
CA ALA A 300 18.25 17.71 1.89
C ALA A 300 17.57 18.89 1.23
N TRP A 301 17.92 20.09 1.67
CA TRP A 301 17.53 21.30 0.94
C TRP A 301 18.81 22.00 0.47
N ASN A 302 18.97 22.09 -0.84
CA ASN A 302 20.08 22.82 -1.44
C ASN A 302 19.43 23.67 -2.54
N PRO A 303 19.29 24.98 -2.29
CA PRO A 303 18.47 25.81 -3.17
C PRO A 303 19.08 26.03 -4.55
N HIS A 304 18.21 26.13 -5.55
CA HIS A 304 18.55 26.83 -6.78
C HIS A 304 18.77 28.31 -6.40
N THR A 305 19.75 28.96 -7.01
CA THR A 305 20.08 30.35 -6.65
C THR A 305 20.31 31.25 -7.88
N PHE A 306 20.11 30.71 -9.06
CA PHE A 306 20.63 31.26 -10.32
C PHE A 306 19.78 32.40 -10.92
N ASN A 307 20.27 33.63 -10.81
CA ASN A 307 19.75 34.75 -11.58
C ASN A 307 20.57 36.01 -11.38
N ASP A 308 20.76 36.41 -10.13
CA ASP A 308 21.46 37.64 -9.83
C ASP A 308 22.05 37.58 -8.43
N ILE A 309 22.81 38.60 -8.05
CA ILE A 309 23.53 38.56 -6.77
C ILE A 309 22.58 38.64 -5.58
N ILE A 310 21.39 39.22 -5.78
CA ILE A 310 20.40 39.24 -4.71
C ILE A 310 19.79 37.85 -4.46
N THR A 311 19.44 37.13 -5.53
CA THR A 311 18.91 35.79 -5.34
C THR A 311 19.96 34.89 -4.70
N VAL A 312 21.21 35.07 -5.09
CA VAL A 312 22.31 34.34 -4.49
C VAL A 312 22.44 34.66 -3.00
N ALA A 313 22.50 35.95 -2.64
CA ALA A 313 22.65 36.34 -1.25
C ALA A 313 21.48 35.94 -0.36
N ALA A 314 20.26 36.10 -0.85
CA ALA A 314 19.09 35.72 -0.05
C ALA A 314 19.19 34.25 0.33
N ASN A 315 19.47 33.40 -0.66
CA ASN A 315 19.60 31.98 -0.37
C ASN A 315 20.80 31.68 0.53
N LEU A 316 21.88 32.42 0.35
CA LEU A 316 23.10 32.12 1.10
C LEU A 316 22.93 32.39 2.60
N HIS A 317 22.16 33.42 2.96
CA HIS A 317 21.87 33.66 4.38
C HIS A 317 21.19 32.43 4.99
N LEU A 318 20.22 31.87 4.26
CA LEU A 318 19.47 30.72 4.77
C LEU A 318 20.34 29.48 4.82
N VAL A 319 21.08 29.26 3.74
CA VAL A 319 21.95 28.09 3.67
C VAL A 319 23.00 28.12 4.79
N ALA A 320 23.57 29.29 5.06
CA ALA A 320 24.58 29.42 6.11
C ALA A 320 24.00 29.06 7.49
N ALA A 321 22.72 29.33 7.67
CA ALA A 321 22.05 29.13 8.94
C ALA A 321 21.50 27.71 9.08
N SER A 322 21.48 26.99 7.97
CA SER A 322 20.86 25.65 7.92
C SER A 322 21.85 24.49 8.11
N PRO A 323 21.44 23.46 8.87
CA PRO A 323 22.27 22.27 9.10
C PRO A 323 22.37 21.32 7.89
N HIS A 324 21.64 21.59 6.81
CA HIS A 324 21.81 20.76 5.60
C HIS A 324 23.24 20.89 5.09
N PRO A 325 23.91 19.75 4.82
CA PRO A 325 25.20 19.80 4.13
C PRO A 325 25.11 20.66 2.89
N ALA A 326 26.06 21.56 2.72
CA ALA A 326 25.94 22.57 1.67
C ALA A 326 26.42 22.08 0.31
N MET A 327 25.73 22.54 -0.73
CA MET A 327 26.14 22.34 -2.11
C MET A 327 25.54 23.55 -2.78
N PHE A 328 26.22 24.67 -2.59
CA PHE A 328 25.62 25.98 -2.87
C PHE A 328 25.89 26.48 -4.30
N GLU A 329 24.83 26.69 -5.06
CA GLU A 329 24.95 27.05 -6.47
C GLU A 329 25.53 28.45 -6.65
N TRP A 330 26.60 28.55 -7.42
CA TRP A 330 27.19 29.84 -7.77
C TRP A 330 27.34 29.98 -9.29
N ASP A 331 26.49 30.82 -9.88
CA ASP A 331 26.53 31.19 -11.30
C ASP A 331 27.92 31.70 -11.69
N ILE A 332 28.62 30.94 -12.53
CA ILE A 332 29.91 31.38 -13.07
C ILE A 332 29.82 31.83 -14.54
N THR A 333 28.61 31.93 -15.08
CA THR A 333 28.46 32.36 -16.47
C THR A 333 28.60 33.87 -16.54
N HIS A 334 28.69 34.40 -17.77
CA HIS A 334 28.79 35.85 -17.92
C HIS A 334 27.50 36.54 -17.44
N ASN A 335 27.62 37.32 -16.37
CA ASN A 335 26.44 37.92 -15.73
C ASN A 335 26.80 39.18 -14.96
N ASP A 336 26.56 40.33 -15.56
CA ASP A 336 26.82 41.61 -14.88
C ASP A 336 26.03 41.79 -13.58
N LEU A 337 24.87 41.14 -13.49
CA LEU A 337 24.07 41.23 -12.27
C LEU A 337 24.69 40.43 -11.13
N MET A 338 25.72 39.64 -11.42
CA MET A 338 26.48 38.95 -10.37
C MET A 338 27.70 39.73 -9.90
N THR A 339 28.13 40.71 -10.69
CA THR A 339 29.38 41.41 -10.40
C THR A 339 29.26 42.91 -10.18
N ARG A 340 28.30 43.55 -10.85
CA ARG A 340 28.25 45.02 -10.89
C ARG A 340 27.05 45.63 -10.16
N LEU A 341 26.10 44.80 -9.75
CA LEU A 341 24.91 45.30 -9.06
C LEU A 341 25.24 45.74 -7.64
N ALA A 342 26.12 44.99 -6.97
CA ALA A 342 26.48 45.29 -5.59
C ALA A 342 27.93 44.95 -5.28
N SER A 343 28.35 45.32 -4.08
CA SER A 343 29.73 45.15 -3.64
C SER A 343 30.00 43.82 -2.95
N TYR A 344 29.37 42.75 -3.43
CA TYR A 344 29.59 41.42 -2.87
C TYR A 344 30.09 40.44 -3.93
N ASP A 345 31.38 40.13 -3.87
CA ASP A 345 32.02 39.29 -4.90
C ASP A 345 32.17 37.84 -4.47
N LEU A 346 32.44 36.98 -5.44
CA LEU A 346 32.80 35.60 -5.16
C LEU A 346 34.18 35.56 -4.52
N LYS A 347 34.24 35.02 -3.32
CA LYS A 347 35.52 34.76 -2.67
C LYS A 347 35.52 33.36 -2.08
N LEU A 348 36.30 32.46 -2.67
CA LEU A 348 36.39 31.07 -2.23
C LEU A 348 37.59 30.83 -1.31
N GLU A 349 37.33 30.19 -0.18
CA GLU A 349 38.40 29.78 0.71
C GLU A 349 38.26 28.29 0.99
N ASN A 350 39.21 27.50 0.51
CA ASN A 350 39.07 26.05 0.59
C ASN A 350 37.72 25.62 0.05
N GLY A 351 37.30 26.27 -1.04
CA GLY A 351 36.06 25.92 -1.71
C GLY A 351 34.78 26.40 -1.05
N LEU A 352 34.92 27.25 -0.02
CA LEU A 352 33.77 27.73 0.74
C LEU A 352 33.53 29.22 0.55
N VAL A 353 32.27 29.62 0.57
CA VAL A 353 31.91 31.05 0.53
C VAL A 353 31.29 31.45 1.87
N GLN A 354 31.31 32.74 2.17
CA GLN A 354 30.65 33.28 3.37
C GLN A 354 29.57 34.26 2.95
N PRO A 355 28.44 34.27 3.68
CA PRO A 355 27.39 35.26 3.41
C PRO A 355 27.91 36.68 3.67
N PRO A 356 27.30 37.70 3.04
CA PRO A 356 27.59 39.11 3.32
C PRO A 356 27.36 39.41 4.81
N GLN A 357 28.11 40.34 5.38
CA GLN A 357 28.03 40.56 6.82
C GLN A 357 27.33 41.84 7.25
N GLY A 358 26.95 42.68 6.29
CA GLY A 358 26.19 43.88 6.58
C GLY A 358 24.76 43.61 6.99
N PRO A 359 24.02 44.67 7.35
CA PRO A 359 22.60 44.53 7.73
C PRO A 359 21.73 44.04 6.56
N GLY A 360 20.68 43.28 6.88
CA GLY A 360 19.80 42.76 5.85
C GLY A 360 20.51 41.77 4.96
N LEU A 361 20.37 41.92 3.65
CA LEU A 361 21.10 41.08 2.69
C LEU A 361 22.59 41.28 2.84
N GLY A 362 22.99 42.43 3.37
CA GLY A 362 24.37 42.60 3.82
C GLY A 362 25.33 43.34 2.91
N PHE A 363 24.82 44.00 1.89
CA PHE A 363 25.64 44.82 0.99
C PHE A 363 24.83 46.00 0.48
N GLU A 364 25.51 46.93 -0.19
CA GLU A 364 24.84 48.09 -0.77
C GLU A 364 24.68 47.94 -2.26
N ILE A 365 23.55 48.41 -2.77
CA ILE A 365 23.28 48.43 -4.21
C ILE A 365 24.01 49.60 -4.86
N ASP A 366 24.59 49.36 -6.03
CA ASP A 366 25.13 50.45 -6.83
C ASP A 366 23.99 51.05 -7.63
N TRP A 367 23.41 52.14 -7.11
CA TRP A 367 22.23 52.73 -7.73
C TRP A 367 22.52 53.40 -9.06
N ASP A 368 23.77 53.79 -9.28
CA ASP A 368 24.18 54.31 -10.58
C ASP A 368 24.13 53.21 -11.64
N PHE A 369 24.57 52.02 -11.28
CA PHE A 369 24.47 50.88 -12.19
C PHE A 369 23.02 50.60 -12.51
N VAL A 370 22.18 50.63 -11.48
CA VAL A 370 20.74 50.43 -11.65
C VAL A 370 20.17 51.40 -12.68
N ALA A 371 20.45 52.68 -12.47
CA ALA A 371 19.93 53.75 -13.33
C ALA A 371 20.34 53.57 -14.78
N ALA A 372 21.55 53.04 -15.00
CA ALA A 372 22.13 52.96 -16.33
C ALA A 372 21.75 51.68 -17.09
N HIS A 373 20.96 50.82 -16.45
CA HIS A 373 20.64 49.54 -17.07
C HIS A 373 19.16 49.21 -17.08
N ALA A 374 18.34 50.25 -17.14
CA ALA A 374 16.90 50.08 -17.29
C ALA A 374 16.59 49.23 -18.52
N TRP A 375 15.67 48.29 -18.34
CA TRP A 375 15.18 47.44 -19.42
C TRP A 375 14.52 48.25 -20.53
N LYS A 376 14.84 47.91 -21.79
CA LYS A 376 14.17 48.54 -22.92
C LYS A 376 13.45 47.55 -23.82
N GLY A 377 12.99 46.43 -23.24
CA GLY A 377 12.24 45.45 -23.99
C GLY A 377 13.04 44.30 -24.58
N GLU A 378 14.34 44.25 -24.25
CA GLU A 378 15.19 43.14 -24.70
C GLU A 378 14.67 41.83 -24.12
N PRO A 379 14.83 40.72 -24.86
CA PRO A 379 14.41 39.43 -24.32
C PRO A 379 15.54 38.82 -23.47
N ALA A 380 15.17 37.96 -22.53
CA ALA A 380 16.18 37.36 -21.65
C ALA A 380 16.72 36.07 -22.22
N ILE A 381 15.84 35.29 -22.85
CA ILE A 381 16.20 33.92 -23.18
C ILE A 381 15.39 33.42 -24.36
N GLY A 382 16.01 32.59 -25.19
CA GLY A 382 15.33 31.99 -26.32
C GLY A 382 14.37 30.90 -25.87
N ALA A 383 13.63 30.33 -26.82
CA ALA A 383 12.65 29.31 -26.51
C ALA A 383 13.25 28.11 -25.79
N GLY A 384 12.56 27.62 -24.77
CA GLY A 384 12.99 26.43 -24.05
C GLY A 384 12.67 25.14 -24.77
N HIS A 385 13.15 24.03 -24.20
CA HIS A 385 12.97 22.71 -24.81
C HIS A 385 11.99 21.86 -24.03
N GLY A 386 11.66 20.68 -24.57
CA GLY A 386 10.80 19.76 -23.87
C GLY A 386 9.67 19.24 -24.73
N MET A 387 9.49 19.87 -25.88
CA MET A 387 8.43 19.46 -26.81
C MET A 387 8.86 18.30 -27.70
N SER B 2 -26.83 -47.18 -5.13
CA SER B 2 -25.70 -46.54 -4.47
C SER B 2 -24.95 -47.52 -3.58
N LEU B 3 -23.63 -47.42 -3.58
CA LEU B 3 -22.82 -48.20 -2.67
C LEU B 3 -22.86 -47.59 -1.28
N LYS B 4 -22.47 -48.37 -0.28
CA LYS B 4 -22.27 -47.85 1.06
C LYS B 4 -20.91 -48.31 1.58
N ILE B 5 -20.15 -47.38 2.15
CA ILE B 5 -18.85 -47.72 2.73
C ILE B 5 -19.00 -48.63 3.95
N THR B 6 -18.21 -49.70 4.00
CA THR B 6 -18.32 -50.65 5.10
C THR B 6 -17.07 -50.69 5.97
N GLU B 7 -15.92 -50.39 5.36
CA GLU B 7 -14.66 -50.36 6.11
C GLU B 7 -13.70 -49.33 5.55
N VAL B 8 -12.91 -48.75 6.45
CA VAL B 8 -11.76 -47.94 6.08
C VAL B 8 -10.54 -48.51 6.80
N LYS B 9 -9.62 -49.09 6.04
CA LYS B 9 -8.48 -49.77 6.63
C LYS B 9 -7.18 -49.08 6.27
N ALA B 10 -6.23 -49.12 7.20
CA ALA B 10 -4.90 -48.57 6.99
C ALA B 10 -3.86 -49.67 7.14
N HIS B 11 -3.25 -50.10 6.04
CA HIS B 11 -2.19 -51.10 6.10
C HIS B 11 -0.84 -50.41 6.29
N ALA B 12 -0.23 -50.56 7.46
CA ALA B 12 1.08 -49.98 7.74
C ALA B 12 2.19 -50.85 7.14
N LEU B 13 2.99 -50.27 6.25
CA LEU B 13 4.02 -50.99 5.53
C LEU B 13 5.41 -50.38 5.71
N SER B 14 6.43 -51.24 5.71
CA SER B 14 7.80 -50.75 5.82
C SER B 14 8.73 -51.54 4.89
N THR B 15 9.65 -50.84 4.21
CA THR B 15 10.61 -51.47 3.32
C THR B 15 12.00 -50.95 3.64
N PRO B 16 13.00 -51.85 3.67
CA PRO B 16 14.34 -51.43 4.11
C PRO B 16 15.13 -50.66 3.05
N ILE B 17 16.13 -49.92 3.48
CA ILE B 17 17.03 -49.28 2.54
C ILE B 17 18.44 -49.74 2.86
N PRO B 18 19.16 -50.29 1.86
CA PRO B 18 20.55 -50.63 2.13
C PRO B 18 21.31 -49.42 2.66
N GLU B 19 22.20 -49.67 3.61
CA GLU B 19 22.97 -48.61 4.26
C GLU B 19 23.57 -47.64 3.24
N ARG B 20 24.21 -48.19 2.22
CA ARG B 20 24.92 -47.39 1.22
C ARG B 20 23.97 -46.58 0.32
N MET B 21 22.67 -46.88 0.38
CA MET B 21 21.70 -46.17 -0.45
C MET B 21 20.89 -45.18 0.37
N ARG B 22 21.19 -45.10 1.66
CA ARG B 22 20.51 -44.13 2.52
C ARG B 22 20.99 -42.72 2.21
N VAL B 23 20.06 -41.81 1.94
CA VAL B 23 20.41 -40.43 1.61
C VAL B 23 19.91 -39.48 2.68
N GLU B 24 20.53 -38.30 2.76
CA GLU B 24 20.11 -37.32 3.75
C GLU B 24 19.90 -35.96 3.11
N SER B 25 18.84 -35.28 3.54
CA SER B 25 18.57 -33.89 3.16
C SER B 25 18.16 -33.15 4.43
N GLY B 26 17.67 -31.92 4.30
CA GLY B 26 17.23 -31.16 5.45
C GLY B 26 16.07 -31.82 6.17
N ALA B 27 15.42 -32.77 5.50
CA ALA B 27 14.28 -33.48 6.08
C ALA B 27 14.72 -34.62 6.99
N GLY B 28 15.99 -35.03 6.88
CA GLY B 28 16.53 -36.10 7.69
C GLY B 28 17.22 -37.19 6.87
N LEU B 29 17.92 -38.09 7.57
CA LEU B 29 18.57 -39.23 6.94
C LEU B 29 17.54 -40.36 6.77
N LYS B 30 17.40 -40.87 5.56
CA LYS B 30 16.40 -41.93 5.32
C LYS B 30 16.85 -43.29 5.86
N LEU B 31 15.93 -43.99 6.50
CA LEU B 31 16.22 -45.26 7.15
C LEU B 31 15.41 -46.39 6.51
N ASN B 32 14.10 -46.18 6.44
CA ASN B 32 13.20 -47.13 5.80
C ASN B 32 12.15 -46.38 5.00
N ARG B 33 11.82 -46.87 3.81
CA ARG B 33 10.73 -46.27 3.07
C ARG B 33 9.39 -46.87 3.52
N GLN B 34 8.53 -46.04 4.08
CA GLN B 34 7.30 -46.51 4.70
C GLN B 34 6.06 -45.84 4.09
N MET B 35 4.90 -46.43 4.34
CA MET B 35 3.64 -45.84 3.91
C MET B 35 2.49 -46.48 4.67
N ILE B 36 1.34 -45.80 4.62
CA ILE B 36 0.07 -46.43 4.90
C ILE B 36 -0.62 -46.66 3.58
N LEU B 37 -1.04 -47.90 3.35
CA LEU B 37 -1.87 -48.22 2.20
C LEU B 37 -3.31 -48.18 2.69
N VAL B 38 -4.06 -47.18 2.26
CA VAL B 38 -5.43 -47.00 2.70
C VAL B 38 -6.36 -47.83 1.83
N GLU B 39 -7.34 -48.47 2.45
CA GLU B 39 -8.32 -49.23 1.72
C GLU B 39 -9.74 -48.80 2.14
N VAL B 40 -10.52 -48.31 1.19
CA VAL B 40 -11.93 -48.02 1.46
C VAL B 40 -12.76 -49.12 0.79
N ARG B 41 -13.52 -49.87 1.59
CA ARG B 41 -14.32 -50.99 1.09
C ARG B 41 -15.81 -50.68 1.12
N THR B 42 -16.56 -51.30 0.20
CA THR B 42 -18.00 -51.08 0.13
C THR B 42 -18.81 -52.37 0.28
N ASP B 43 -20.11 -52.20 0.54
CA ASP B 43 -20.99 -53.35 0.69
C ASP B 43 -21.08 -54.22 -0.57
N GLU B 44 -20.83 -53.63 -1.73
CA GLU B 44 -20.85 -54.39 -2.99
C GLU B 44 -19.47 -54.83 -3.52
N GLY B 45 -18.43 -54.61 -2.73
CA GLY B 45 -17.11 -55.13 -3.06
C GLY B 45 -16.26 -54.25 -3.98
N VAL B 46 -16.71 -53.03 -4.25
CA VAL B 46 -15.90 -52.08 -4.98
C VAL B 46 -14.97 -51.39 -4.00
N THR B 47 -13.67 -51.43 -4.28
CA THR B 47 -12.68 -50.96 -3.32
C THR B 47 -11.80 -49.88 -3.93
N GLY B 48 -11.40 -48.91 -3.12
CA GLY B 48 -10.42 -47.93 -3.57
C GLY B 48 -9.22 -47.91 -2.63
N VAL B 49 -8.04 -47.59 -3.15
CA VAL B 49 -6.85 -47.49 -2.31
C VAL B 49 -6.24 -46.09 -2.40
N GLY B 50 -5.47 -45.74 -1.37
CA GLY B 50 -4.87 -44.42 -1.28
C GLY B 50 -3.62 -44.46 -0.43
N SER B 51 -2.95 -43.31 -0.32
CA SER B 51 -1.78 -43.19 0.54
C SER B 51 -1.74 -41.76 1.07
N PRO B 52 -1.53 -41.60 2.37
CA PRO B 52 -1.37 -40.27 2.96
C PRO B 52 0.10 -39.83 3.04
N SER B 53 0.95 -40.37 2.17
CA SER B 53 2.34 -39.89 2.05
C SER B 53 3.18 -40.18 3.30
N GLY B 54 4.27 -39.45 3.45
CA GLY B 54 5.16 -39.63 4.58
C GLY B 54 6.36 -38.71 4.37
N PRO B 55 7.29 -38.72 5.33
CA PRO B 55 7.24 -39.49 6.57
C PRO B 55 6.30 -38.84 7.61
N TYR B 56 5.36 -39.63 8.10
CA TYR B 56 4.54 -39.28 9.25
C TYR B 56 4.48 -40.58 10.03
N ASP B 57 4.44 -40.49 11.35
CA ASP B 57 4.38 -41.71 12.18
C ASP B 57 3.25 -42.64 11.74
N LEU B 58 3.57 -43.91 11.51
CA LEU B 58 2.59 -44.84 10.97
C LEU B 58 1.43 -45.14 11.94
N ALA B 59 1.73 -45.18 13.24
CA ALA B 59 0.67 -45.44 14.21
C ALA B 59 -0.29 -44.27 14.31
N VAL B 60 0.25 -43.06 14.25
CA VAL B 60 -0.59 -41.85 14.23
C VAL B 60 -1.51 -41.86 13.01
N LEU B 61 -0.94 -42.13 11.85
CA LEU B 61 -1.73 -42.17 10.61
C LEU B 61 -2.82 -43.24 10.67
N LYS B 62 -2.44 -44.42 11.16
CA LYS B 62 -3.37 -45.54 11.17
C LYS B 62 -4.56 -45.23 12.09
N ARG B 63 -4.29 -44.64 13.23
CA ARG B 63 -5.31 -44.28 14.19
C ARG B 63 -6.22 -43.17 13.62
N ALA B 64 -5.61 -42.13 13.04
CA ALA B 64 -6.39 -41.05 12.45
C ALA B 64 -7.31 -41.55 11.33
N ILE B 65 -6.76 -42.41 10.48
CA ILE B 65 -7.53 -42.93 9.36
C ILE B 65 -8.65 -43.87 9.78
N GLU B 66 -8.31 -44.86 10.61
CA GLU B 66 -9.29 -45.88 10.98
C GLU B 66 -10.30 -45.44 12.05
N ASP B 67 -9.85 -44.61 13.00
CA ASP B 67 -10.65 -44.34 14.19
C ASP B 67 -11.12 -42.90 14.38
N VAL B 68 -10.60 -41.98 13.59
CA VAL B 68 -11.06 -40.60 13.65
C VAL B 68 -11.85 -40.29 12.37
N ILE B 69 -11.22 -40.48 11.23
CA ILE B 69 -11.86 -40.28 9.94
C ILE B 69 -12.84 -41.41 9.59
N GLY B 70 -12.38 -42.65 9.71
CA GLY B 70 -13.18 -43.82 9.38
C GLY B 70 -14.64 -43.77 9.82
N PRO B 71 -14.88 -43.51 11.11
CA PRO B 71 -16.26 -43.53 11.60
C PRO B 71 -17.16 -42.53 10.88
N GLN B 72 -16.57 -41.47 10.31
CA GLN B 72 -17.35 -40.46 9.62
C GLN B 72 -17.84 -40.97 8.26
N LEU B 73 -17.24 -42.05 7.79
CA LEU B 73 -17.48 -42.55 6.44
C LEU B 73 -18.34 -43.82 6.41
N ILE B 74 -18.29 -44.59 7.48
CA ILE B 74 -18.98 -45.87 7.46
C ILE B 74 -20.47 -45.66 7.29
N GLY B 75 -21.04 -46.32 6.29
CA GLY B 75 -22.46 -46.24 6.02
C GLY B 75 -22.81 -45.19 4.98
N GLU B 76 -21.85 -44.34 4.65
CA GLU B 76 -22.09 -43.27 3.69
C GLU B 76 -21.92 -43.74 2.25
N ASP B 77 -22.59 -43.06 1.32
CA ASP B 77 -22.37 -43.29 -0.09
C ASP B 77 -21.02 -42.70 -0.49
N PRO B 78 -20.08 -43.54 -0.97
CA PRO B 78 -18.75 -43.03 -1.31
C PRO B 78 -18.73 -42.08 -2.51
N ALA B 79 -19.80 -42.08 -3.31
CA ALA B 79 -19.88 -41.22 -4.50
C ALA B 79 -19.85 -39.72 -4.17
N ASN B 80 -20.31 -39.33 -2.97
CA ASN B 80 -20.35 -37.93 -2.60
C ASN B 80 -19.03 -37.50 -1.99
N ILE B 81 -17.96 -37.58 -2.78
CA ILE B 81 -16.63 -37.24 -2.28
C ILE B 81 -16.59 -35.82 -1.72
N ASN B 82 -17.23 -34.88 -2.41
CA ASN B 82 -17.22 -33.49 -1.93
C ASN B 82 -17.88 -33.32 -0.56
N TYR B 83 -19.06 -33.91 -0.41
CA TYR B 83 -19.72 -33.94 0.90
C TYR B 83 -18.84 -34.57 1.97
N LEU B 84 -18.24 -35.71 1.68
CA LEU B 84 -17.44 -36.43 2.68
C LEU B 84 -16.17 -35.68 3.08
N TRP B 85 -15.58 -34.97 2.13
CA TRP B 85 -14.38 -34.21 2.44
C TRP B 85 -14.72 -33.21 3.54
N HIS B 86 -15.81 -32.48 3.36
CA HIS B 86 -16.24 -31.46 4.32
C HIS B 86 -16.81 -32.01 5.61
N LYS B 87 -17.54 -33.12 5.53
CA LYS B 87 -17.99 -33.80 6.74
C LYS B 87 -16.80 -34.11 7.64
N VAL B 88 -15.74 -34.65 7.05
CA VAL B 88 -14.55 -35.07 7.79
C VAL B 88 -13.74 -33.87 8.30
N PHE B 89 -13.52 -32.88 7.44
CA PHE B 89 -12.71 -31.72 7.82
C PHE B 89 -13.38 -30.92 8.94
N HIS B 90 -14.64 -30.56 8.75
CA HIS B 90 -15.30 -29.68 9.71
C HIS B 90 -15.80 -30.44 10.94
N GLY B 91 -16.08 -31.73 10.78
CA GLY B 91 -16.61 -32.52 11.87
C GLY B 91 -15.57 -33.01 12.86
N GLU B 92 -14.37 -33.32 12.38
CA GLU B 92 -13.35 -33.93 13.20
C GLU B 92 -11.95 -33.36 12.97
N VAL B 93 -11.49 -33.33 11.72
CA VAL B 93 -10.06 -33.19 11.48
C VAL B 93 -9.49 -31.81 11.81
N SER B 94 -10.09 -30.76 11.30
CA SER B 94 -9.53 -29.43 11.51
C SER B 94 -9.28 -29.12 12.99
N ARG B 95 -10.32 -29.20 13.80
CA ARG B 95 -10.18 -28.86 15.22
C ARG B 95 -9.42 -29.92 16.01
N ASN B 96 -9.71 -31.20 15.75
CA ASN B 96 -9.24 -32.27 16.62
C ASN B 96 -7.90 -32.89 16.23
N LEU B 97 -7.41 -32.58 15.02
CA LEU B 97 -6.06 -32.97 14.65
C LEU B 97 -5.24 -31.73 14.23
N GLY B 98 -5.91 -30.59 14.11
CA GLY B 98 -5.23 -29.34 13.77
C GLY B 98 -5.40 -29.00 12.31
N HIS B 99 -5.51 -27.70 11.99
CA HIS B 99 -5.85 -27.33 10.62
C HIS B 99 -4.76 -27.54 9.56
N ARG B 100 -3.50 -27.62 10.00
CA ARG B 100 -2.39 -27.82 9.06
C ARG B 100 -1.52 -28.94 9.62
N SER B 101 -1.94 -30.17 9.38
CA SER B 101 -1.48 -31.28 10.21
C SER B 101 -1.42 -32.61 9.48
N VAL B 102 -0.77 -33.57 10.15
CA VAL B 102 -0.81 -34.96 9.75
C VAL B 102 -2.25 -35.43 9.57
N GLY B 103 -3.20 -34.78 10.25
CA GLY B 103 -4.61 -35.10 10.04
C GLY B 103 -5.07 -34.81 8.62
N ILE B 104 -4.58 -33.70 8.07
CA ILE B 104 -4.88 -33.36 6.68
C ILE B 104 -4.27 -34.38 5.70
N ALA B 105 -3.05 -34.81 5.98
CA ALA B 105 -2.44 -35.89 5.19
C ALA B 105 -3.31 -37.15 5.25
N ALA B 106 -3.75 -37.51 6.45
CA ALA B 106 -4.60 -38.69 6.63
C ALA B 106 -5.85 -38.57 5.75
N MET B 107 -6.53 -37.43 5.82
CA MET B 107 -7.68 -37.15 4.99
C MET B 107 -7.35 -37.32 3.52
N SER B 108 -6.13 -36.91 3.15
CA SER B 108 -5.69 -36.96 1.77
C SER B 108 -5.64 -38.40 1.26
N GLY B 109 -5.09 -39.31 2.06
CA GLY B 109 -5.05 -40.71 1.67
C GLY B 109 -6.44 -41.29 1.49
N VAL B 110 -7.35 -40.92 2.37
CA VAL B 110 -8.71 -41.42 2.28
C VAL B 110 -9.40 -40.84 1.05
N ASP B 111 -9.18 -39.53 0.82
CA ASP B 111 -9.75 -38.86 -0.35
C ASP B 111 -9.27 -39.50 -1.65
N ILE B 112 -7.98 -39.81 -1.72
CA ILE B 112 -7.46 -40.48 -2.91
C ILE B 112 -8.15 -41.86 -3.08
N ALA B 113 -8.32 -42.58 -1.98
CA ALA B 113 -9.01 -43.86 -2.05
C ALA B 113 -10.43 -43.71 -2.59
N LEU B 114 -11.13 -42.65 -2.17
CA LEU B 114 -12.48 -42.43 -2.69
C LEU B 114 -12.49 -42.13 -4.19
N TRP B 115 -11.49 -41.40 -4.68
CA TRP B 115 -11.37 -41.16 -6.11
C TRP B 115 -11.03 -42.45 -6.89
N ASP B 116 -10.15 -43.27 -6.33
CA ASP B 116 -9.81 -44.57 -6.94
C ASP B 116 -11.08 -45.42 -7.00
N LEU B 117 -11.81 -45.45 -5.89
CA LEU B 117 -13.09 -46.17 -5.81
C LEU B 117 -14.07 -45.67 -6.88
N LYS B 118 -14.21 -44.34 -7.00
CA LYS B 118 -15.13 -43.77 -7.98
C LYS B 118 -14.73 -44.15 -9.41
N GLY B 119 -13.43 -44.09 -9.72
CA GLY B 119 -12.97 -44.48 -11.04
C GLY B 119 -13.18 -45.96 -11.30
N ARG B 120 -12.90 -46.78 -10.30
CA ARG B 120 -13.11 -48.21 -10.49
C ARG B 120 -14.58 -48.51 -10.69
N ALA B 121 -15.44 -47.82 -9.95
CA ALA B 121 -16.89 -47.99 -10.11
C ALA B 121 -17.37 -47.62 -11.51
N MET B 122 -16.79 -46.57 -12.09
CA MET B 122 -17.17 -46.09 -13.43
C MET B 122 -16.35 -46.74 -14.53
N ASN B 123 -15.39 -47.56 -14.14
CA ASN B 123 -14.44 -48.12 -15.07
C ASN B 123 -13.74 -47.05 -15.90
N GLN B 124 -13.21 -46.02 -15.24
CA GLN B 124 -12.50 -44.94 -15.93
C GLN B 124 -11.26 -44.54 -15.14
N PRO B 125 -10.18 -44.21 -15.85
CA PRO B 125 -9.02 -43.63 -15.14
C PRO B 125 -9.43 -42.29 -14.51
N ILE B 126 -8.82 -41.96 -13.39
CA ILE B 126 -9.14 -40.71 -12.71
C ILE B 126 -8.97 -39.52 -13.64
N TYR B 127 -7.91 -39.49 -14.46
CA TYR B 127 -7.70 -38.32 -15.30
C TYR B 127 -8.87 -38.09 -16.27
N GLN B 128 -9.59 -39.14 -16.64
CA GLN B 128 -10.74 -38.97 -17.52
C GLN B 128 -11.89 -38.27 -16.81
N LEU B 129 -12.08 -38.56 -15.53
N LEU B 129 -12.06 -38.56 -15.52
CA LEU B 129 -13.11 -37.89 -14.75
CA LEU B 129 -13.09 -37.91 -14.71
C LEU B 129 -12.81 -36.41 -14.61
C LEU B 129 -12.80 -36.43 -14.61
N LEU B 130 -11.52 -36.08 -14.61
CA LEU B 130 -11.08 -34.70 -14.39
C LEU B 130 -11.06 -33.86 -15.67
N GLY B 131 -11.78 -34.30 -16.70
CA GLY B 131 -11.81 -33.58 -17.96
C GLY B 131 -10.83 -34.08 -19.00
N GLY B 132 -10.18 -35.20 -18.72
CA GLY B 132 -9.24 -35.79 -19.67
C GLY B 132 -7.88 -35.12 -19.66
N LYS B 133 -6.99 -35.59 -20.53
CA LYS B 133 -5.64 -35.05 -20.60
C LYS B 133 -5.58 -33.63 -21.17
N PHE B 134 -4.68 -32.83 -20.62
CA PHE B 134 -4.16 -31.67 -21.31
C PHE B 134 -2.86 -32.08 -22.00
N HIS B 135 -2.00 -32.79 -21.26
CA HIS B 135 -0.70 -33.19 -21.78
C HIS B 135 -0.83 -34.51 -22.51
N THR B 136 -1.38 -34.46 -23.71
CA THR B 136 -1.75 -35.68 -24.40
C THR B 136 -0.54 -36.55 -24.76
N ARG B 137 0.62 -35.91 -24.95
CA ARG B 137 1.84 -36.63 -25.34
C ARG B 137 2.63 -37.14 -24.15
N GLY B 138 2.26 -36.75 -22.94
CA GLY B 138 2.98 -37.19 -21.77
C GLY B 138 3.43 -36.00 -20.94
N VAL B 139 3.97 -36.29 -19.78
CA VAL B 139 4.25 -35.30 -18.76
C VAL B 139 5.75 -35.27 -18.47
N ARG B 140 6.40 -34.12 -18.62
CA ARG B 140 7.83 -34.02 -18.35
C ARG B 140 8.17 -34.28 -16.89
N ALA B 141 9.11 -35.19 -16.64
CA ALA B 141 9.48 -35.56 -15.28
C ALA B 141 10.88 -35.08 -14.91
N TYR B 142 11.15 -34.99 -13.61
CA TYR B 142 12.50 -34.71 -13.16
C TYR B 142 12.96 -35.76 -12.15
N ALA B 143 14.27 -36.03 -12.16
CA ALA B 143 14.85 -36.99 -11.26
C ALA B 143 15.05 -36.41 -9.88
N SER B 144 14.44 -37.02 -8.87
CA SER B 144 14.46 -36.52 -7.50
C SER B 144 15.09 -37.53 -6.56
N SER B 145 16.23 -37.23 -5.93
CA SER B 145 17.03 -36.05 -6.17
C SER B 145 18.49 -36.46 -5.97
N ILE B 146 19.40 -35.53 -6.21
CA ILE B 146 20.80 -35.69 -5.85
C ILE B 146 20.99 -35.12 -4.46
N TYR B 147 21.41 -35.96 -3.53
CA TYR B 147 21.39 -35.61 -2.10
C TYR B 147 22.68 -35.01 -1.56
N TRP B 148 22.75 -34.81 -0.25
CA TRP B 148 23.90 -34.20 0.41
C TRP B 148 25.13 -35.12 0.38
N ASP B 149 26.29 -34.57 0.73
CA ASP B 149 27.50 -35.38 0.96
C ASP B 149 28.29 -35.76 -0.30
N LEU B 150 28.18 -34.98 -1.37
CA LEU B 150 28.89 -35.27 -2.61
C LEU B 150 29.90 -34.18 -2.97
N THR B 151 30.99 -34.55 -3.62
CA THR B 151 31.91 -33.59 -4.21
C THR B 151 31.27 -33.08 -5.50
N PRO B 152 31.74 -31.95 -6.02
CA PRO B 152 31.16 -31.48 -7.28
C PRO B 152 31.26 -32.53 -8.38
N ASP B 153 32.42 -33.17 -8.49
CA ASP B 153 32.62 -34.19 -9.52
C ASP B 153 31.58 -35.31 -9.40
N GLN B 154 31.32 -35.75 -8.16
CA GLN B 154 30.34 -36.79 -7.91
C GLN B 154 28.92 -36.32 -8.25
N ALA B 155 28.60 -35.08 -7.90
CA ALA B 155 27.26 -34.58 -8.18
C ALA B 155 27.02 -34.50 -9.69
N ALA B 156 28.02 -34.03 -10.43
CA ALA B 156 27.91 -33.94 -11.88
C ALA B 156 27.74 -35.33 -12.48
N ASP B 157 28.49 -36.30 -11.94
CA ASP B 157 28.41 -37.69 -12.39
C ASP B 157 27.00 -38.24 -12.22
N GLU B 158 26.42 -38.04 -11.04
CA GLU B 158 25.07 -38.50 -10.77
C GLU B 158 24.07 -37.85 -11.72
N LEU B 159 24.20 -36.54 -11.91
CA LEU B 159 23.33 -35.82 -12.82
C LEU B 159 23.42 -36.34 -14.26
N ALA B 160 24.64 -36.52 -14.75
CA ALA B 160 24.83 -37.01 -16.11
C ALA B 160 24.20 -38.40 -16.24
N GLY B 161 24.27 -39.17 -15.16
CA GLY B 161 23.68 -40.51 -15.13
C GLY B 161 22.19 -40.49 -15.35
N TRP B 162 21.49 -39.60 -14.64
CA TRP B 162 20.04 -39.50 -14.81
C TRP B 162 19.65 -38.99 -16.18
N VAL B 163 20.47 -38.09 -16.73
CA VAL B 163 20.23 -37.58 -18.08
C VAL B 163 20.38 -38.72 -19.09
N GLU B 164 21.33 -39.60 -18.84
CA GLU B 164 21.54 -40.77 -19.70
C GLU B 164 20.32 -41.70 -19.68
N GLN B 165 19.68 -41.78 -18.51
CA GLN B 165 18.44 -42.55 -18.37
C GLN B 165 17.25 -41.93 -19.08
N GLY B 166 17.38 -40.69 -19.53
CA GLY B 166 16.32 -40.04 -20.29
C GLY B 166 15.66 -38.85 -19.61
N PHE B 167 16.10 -38.52 -18.40
CA PHE B 167 15.55 -37.34 -17.71
C PHE B 167 16.04 -36.03 -18.34
N THR B 168 15.13 -35.06 -18.47
CA THR B 168 15.50 -33.74 -18.99
C THR B 168 15.62 -32.70 -17.87
N ALA B 169 15.53 -33.16 -16.63
CA ALA B 169 15.51 -32.28 -15.47
C ALA B 169 15.83 -33.12 -14.24
N ALA B 170 16.41 -32.50 -13.23
CA ALA B 170 16.73 -33.19 -11.99
C ALA B 170 16.86 -32.17 -10.88
N LYS B 171 16.78 -32.65 -9.64
CA LYS B 171 16.80 -31.77 -8.46
C LYS B 171 17.98 -32.07 -7.55
N LEU B 172 18.59 -31.00 -7.02
CA LEU B 172 19.69 -31.11 -6.09
C LEU B 172 19.27 -30.63 -4.71
N LYS B 173 19.59 -31.40 -3.68
CA LYS B 173 19.37 -30.96 -2.30
C LYS B 173 20.52 -30.09 -1.81
N VAL B 174 20.18 -28.99 -1.14
CA VAL B 174 21.19 -28.06 -0.63
C VAL B 174 20.79 -27.63 0.79
N GLY B 175 21.68 -26.91 1.46
CA GLY B 175 21.34 -26.38 2.76
C GLY B 175 22.34 -26.59 3.88
N ARG B 176 23.07 -27.70 3.85
CA ARG B 176 24.00 -27.95 4.93
C ARG B 176 25.25 -27.09 4.79
N ALA B 177 25.78 -27.02 3.57
CA ALA B 177 27.00 -26.26 3.32
C ALA B 177 26.90 -25.49 2.01
N PRO B 178 26.33 -24.28 2.08
CA PRO B 178 26.07 -23.42 0.92
C PRO B 178 27.24 -23.29 -0.07
N ARG B 179 28.47 -23.19 0.41
CA ARG B 179 29.61 -23.06 -0.52
C ARG B 179 29.85 -24.34 -1.29
N LYS B 180 29.66 -25.48 -0.64
CA LYS B 180 29.77 -26.76 -1.35
C LYS B 180 28.57 -26.96 -2.28
N ASP B 181 27.40 -26.49 -1.86
CA ASP B 181 26.22 -26.54 -2.71
C ASP B 181 26.47 -25.78 -4.00
N ALA B 182 27.10 -24.61 -3.89
CA ALA B 182 27.37 -23.78 -5.04
C ALA B 182 28.39 -24.43 -5.96
N ALA B 183 29.41 -25.05 -5.37
CA ALA B 183 30.40 -25.77 -6.18
C ALA B 183 29.73 -26.93 -6.95
N ASN B 184 28.83 -27.65 -6.29
CA ASN B 184 28.13 -28.77 -6.95
C ASN B 184 27.29 -28.31 -8.13
N LEU B 185 26.51 -27.26 -7.91
N LEU B 185 26.53 -27.25 -7.90
CA LEU B 185 25.67 -26.70 -8.95
CA LEU B 185 25.67 -26.69 -8.92
C LEU B 185 26.48 -26.25 -10.16
C LEU B 185 26.45 -26.20 -10.14
N ARG B 186 27.55 -25.50 -9.91
CA ARG B 186 28.37 -25.00 -11.01
C ARG B 186 28.93 -26.14 -11.87
N ALA B 187 29.40 -27.20 -11.22
CA ALA B 187 29.95 -28.36 -11.96
C ALA B 187 28.85 -29.12 -12.68
N MET B 188 27.69 -29.25 -12.06
CA MET B 188 26.57 -29.92 -12.68
C MET B 188 26.13 -29.19 -13.96
N ARG B 189 25.99 -27.87 -13.88
CA ARG B 189 25.62 -27.08 -15.04
C ARG B 189 26.65 -27.17 -16.16
N GLN B 190 27.93 -27.10 -15.81
CA GLN B 190 28.99 -27.22 -16.82
C GLN B 190 28.97 -28.60 -17.48
N ARG B 191 28.66 -29.63 -16.69
N ARG B 191 28.62 -29.62 -16.70
CA ARG B 191 28.61 -30.98 -17.23
CA ARG B 191 28.61 -31.00 -17.18
C ARG B 191 27.50 -31.13 -18.27
C ARG B 191 27.47 -31.31 -18.16
N VAL B 192 26.27 -30.80 -17.90
CA VAL B 192 25.12 -31.10 -18.74
C VAL B 192 24.74 -30.04 -19.77
N GLY B 193 25.25 -28.82 -19.60
CA GLY B 193 24.93 -27.75 -20.53
C GLY B 193 23.56 -27.16 -20.25
N ALA B 194 23.07 -26.36 -21.21
CA ALA B 194 21.88 -25.54 -21.00
C ALA B 194 20.53 -26.24 -21.17
N ASP B 195 20.52 -27.41 -21.78
CA ASP B 195 19.27 -28.06 -22.16
C ASP B 195 18.61 -28.92 -21.06
N VAL B 196 19.27 -29.04 -19.91
CA VAL B 196 18.74 -29.83 -18.80
C VAL B 196 18.34 -28.88 -17.68
N GLU B 197 17.13 -29.02 -17.14
CA GLU B 197 16.70 -28.11 -16.06
C GLU B 197 17.24 -28.61 -14.72
N ILE B 198 17.83 -27.71 -13.94
CA ILE B 198 18.31 -28.07 -12.62
C ILE B 198 17.47 -27.34 -11.58
N LEU B 199 16.85 -28.13 -10.70
CA LEU B 199 16.05 -27.63 -9.60
C LEU B 199 16.85 -27.76 -8.31
N VAL B 200 16.62 -26.86 -7.35
CA VAL B 200 17.30 -26.91 -6.08
C VAL B 200 16.28 -26.92 -4.94
N ASP B 201 16.56 -27.69 -3.90
CA ASP B 201 15.64 -27.86 -2.77
C ASP B 201 16.41 -27.76 -1.45
N ALA B 202 16.09 -26.76 -0.63
CA ALA B 202 16.81 -26.53 0.62
C ALA B 202 16.12 -27.11 1.85
N ASN B 203 14.93 -27.70 1.68
CA ASN B 203 14.20 -28.29 2.80
C ASN B 203 14.11 -27.39 4.04
N GLN B 204 13.86 -26.11 3.79
CA GLN B 204 13.67 -25.11 4.86
C GLN B 204 14.91 -24.83 5.71
N SER B 205 16.08 -25.11 5.15
N SER B 205 16.08 -25.11 5.16
CA SER B 205 17.31 -25.09 5.96
CA SER B 205 17.28 -25.09 6.00
C SER B 205 17.95 -23.71 6.09
C SER B 205 18.05 -23.77 5.99
N LEU B 206 17.65 -22.81 5.17
CA LEU B 206 18.36 -21.53 5.10
C LEU B 206 17.63 -20.40 5.81
N GLY B 207 18.39 -19.44 6.32
CA GLY B 207 17.80 -18.19 6.77
C GLY B 207 17.72 -17.24 5.59
N ARG B 208 17.11 -16.07 5.78
CA ARG B 208 16.87 -15.15 4.67
C ARG B 208 18.14 -14.70 3.90
N HIS B 209 19.17 -14.30 4.64
CA HIS B 209 20.35 -13.74 3.99
C HIS B 209 21.16 -14.79 3.24
N ASP B 210 21.28 -15.98 3.81
CA ASP B 210 21.92 -17.07 3.09
C ASP B 210 21.11 -17.45 1.87
N ALA B 211 19.78 -17.34 1.96
CA ALA B 211 18.93 -17.66 0.81
C ALA B 211 19.08 -16.63 -0.31
N LEU B 212 19.25 -15.37 0.07
CA LEU B 212 19.48 -14.33 -0.94
C LEU B 212 20.83 -14.59 -1.63
N ALA B 213 21.84 -14.94 -0.85
CA ALA B 213 23.16 -15.26 -1.42
C ALA B 213 23.05 -16.43 -2.37
N MET B 214 22.38 -17.49 -1.94
N MET B 214 22.36 -17.49 -1.92
CA MET B 214 22.24 -18.65 -2.81
CA MET B 214 22.14 -18.68 -2.73
C MET B 214 21.42 -18.36 -4.07
C MET B 214 21.42 -18.36 -4.03
N LEU B 215 20.35 -17.57 -3.95
CA LEU B 215 19.55 -17.23 -5.12
C LEU B 215 20.40 -16.58 -6.21
N ARG B 216 21.39 -15.77 -5.84
CA ARG B 216 22.29 -15.18 -6.83
C ARG B 216 23.00 -16.28 -7.62
N ILE B 217 23.43 -17.31 -6.90
N ILE B 217 23.42 -17.33 -6.94
CA ILE B 217 24.13 -18.47 -7.50
CA ILE B 217 24.14 -18.40 -7.61
C ILE B 217 23.21 -19.24 -8.44
C ILE B 217 23.21 -19.28 -8.45
N LEU B 218 21.99 -19.50 -7.97
CA LEU B 218 20.99 -20.23 -8.76
C LEU B 218 20.65 -19.47 -10.03
N ASP B 219 20.59 -18.15 -9.91
CA ASP B 219 20.29 -17.30 -11.06
C ASP B 219 21.43 -17.45 -12.07
N GLU B 220 22.66 -17.38 -11.58
CA GLU B 220 23.84 -17.53 -12.44
C GLU B 220 23.82 -18.87 -13.16
N ALA B 221 23.36 -19.91 -12.45
CA ALA B 221 23.34 -21.27 -12.99
C ALA B 221 22.05 -21.59 -13.76
N GLY B 222 21.18 -20.60 -13.92
CA GLY B 222 19.93 -20.76 -14.64
C GLY B 222 19.01 -21.84 -14.08
N CYS B 223 18.96 -21.99 -12.76
CA CYS B 223 18.11 -22.98 -12.13
C CYS B 223 16.63 -22.70 -12.33
N TYR B 224 15.85 -23.78 -12.45
CA TYR B 224 14.43 -23.70 -12.74
C TYR B 224 13.64 -23.19 -11.52
N TRP B 225 13.91 -23.76 -10.35
CA TRP B 225 13.28 -23.30 -9.11
C TRP B 225 14.12 -23.48 -7.85
N PHE B 226 13.74 -22.75 -6.81
CA PHE B 226 14.38 -22.78 -5.51
C PHE B 226 13.27 -23.23 -4.56
N GLU B 227 13.32 -24.50 -4.16
CA GLU B 227 12.25 -25.12 -3.39
C GLU B 227 12.51 -25.10 -1.89
N GLU B 228 11.46 -24.84 -1.11
CA GLU B 228 11.59 -24.65 0.35
C GLU B 228 12.88 -23.96 0.78
N PRO B 229 13.13 -22.75 0.25
CA PRO B 229 14.34 -22.00 0.59
C PRO B 229 14.39 -21.67 2.07
N LEU B 230 13.22 -21.46 2.67
CA LEU B 230 13.13 -20.98 4.04
C LEU B 230 12.09 -21.79 4.82
N SER B 231 12.03 -21.55 6.12
CA SER B 231 10.91 -22.03 6.93
C SER B 231 9.57 -21.71 6.26
N ILE B 232 8.68 -22.70 6.18
N ILE B 232 8.67 -22.68 6.19
CA ILE B 232 7.35 -22.47 5.59
CA ILE B 232 7.37 -22.44 5.58
C ILE B 232 6.55 -21.45 6.39
C ILE B 232 6.54 -21.47 6.41
N ASP B 233 6.99 -21.19 7.62
CA ASP B 233 6.32 -20.24 8.49
C ASP B 233 6.72 -18.80 8.20
N ASP B 234 7.73 -18.60 7.37
CA ASP B 234 8.24 -17.25 7.04
C ASP B 234 7.75 -16.80 5.68
N ILE B 235 6.48 -16.39 5.60
CA ILE B 235 5.92 -15.99 4.30
C ILE B 235 6.64 -14.76 3.77
N GLU B 236 6.92 -13.80 4.64
CA GLU B 236 7.55 -12.55 4.20
C GLU B 236 8.93 -12.80 3.53
N GLY B 237 9.69 -13.75 4.08
CA GLY B 237 10.97 -14.10 3.49
C GLY B 237 10.86 -14.62 2.08
N HIS B 238 9.82 -15.41 1.82
CA HIS B 238 9.57 -15.87 0.45
C HIS B 238 9.24 -14.70 -0.48
N ARG B 239 8.42 -13.77 0.00
CA ARG B 239 8.15 -12.58 -0.78
C ARG B 239 9.44 -11.83 -1.12
N ILE B 240 10.33 -11.70 -0.13
CA ILE B 240 11.60 -11.02 -0.35
C ILE B 240 12.41 -11.71 -1.47
N LEU B 241 12.50 -13.04 -1.44
CA LEU B 241 13.21 -13.78 -2.50
C LEU B 241 12.56 -13.57 -3.87
N ARG B 242 11.24 -13.67 -3.91
CA ARG B 242 10.52 -13.55 -5.17
C ARG B 242 10.65 -12.14 -5.76
N ALA B 243 10.72 -11.15 -4.86
CA ALA B 243 10.79 -9.74 -5.24
C ALA B 243 12.12 -9.36 -5.91
N GLN B 244 13.12 -10.25 -5.83
CA GLN B 244 14.39 -10.01 -6.50
C GLN B 244 14.24 -10.08 -8.02
N GLY B 245 13.11 -10.60 -8.48
CA GLY B 245 12.75 -10.59 -9.89
C GLY B 245 13.64 -11.41 -10.80
N THR B 246 14.21 -12.49 -10.29
CA THR B 246 15.04 -13.36 -11.14
C THR B 246 14.17 -14.35 -11.89
N PRO B 247 14.74 -14.99 -12.92
CA PRO B 247 13.99 -16.04 -13.64
C PRO B 247 13.92 -17.34 -12.84
N VAL B 248 14.49 -17.37 -11.63
CA VAL B 248 14.40 -18.55 -10.79
C VAL B 248 13.08 -18.55 -10.01
N ARG B 249 12.28 -19.59 -10.18
CA ARG B 249 11.00 -19.68 -9.47
C ARG B 249 11.18 -19.96 -7.99
N ILE B 250 10.35 -19.31 -7.16
CA ILE B 250 10.29 -19.64 -5.73
C ILE B 250 9.19 -20.67 -5.51
N ALA B 251 9.56 -21.84 -4.99
CA ALA B 251 8.65 -22.97 -4.90
C ALA B 251 8.53 -23.47 -3.47
N THR B 252 7.31 -23.78 -3.03
CA THR B 252 7.14 -24.45 -1.76
C THR B 252 5.78 -25.13 -1.76
N GLY B 253 5.55 -26.06 -0.84
CA GLY B 253 4.22 -26.62 -0.74
C GLY B 253 4.08 -27.99 -0.11
N GLU B 254 5.16 -28.77 -0.09
CA GLU B 254 5.06 -30.11 0.48
C GLU B 254 4.68 -30.11 1.96
N ASN B 255 4.97 -29.02 2.68
CA ASN B 255 4.66 -28.97 4.10
C ASN B 255 3.61 -27.92 4.43
N LEU B 256 2.92 -27.44 3.40
CA LEU B 256 1.80 -26.52 3.56
C LEU B 256 0.51 -27.29 3.30
N TYR B 257 -0.55 -26.96 4.04
CA TYR B 257 -1.76 -27.76 4.01
C TYR B 257 -3.02 -26.96 3.65
N THR B 258 -3.82 -27.53 2.74
CA THR B 258 -5.08 -26.95 2.26
C THR B 258 -4.87 -25.73 1.35
N ARG B 259 -5.90 -25.38 0.61
CA ARG B 259 -5.82 -24.21 -0.26
C ARG B 259 -5.59 -22.91 0.53
N ASN B 260 -5.94 -22.92 1.82
CA ASN B 260 -5.80 -21.71 2.65
C ASN B 260 -4.35 -21.27 2.82
N ALA B 261 -3.46 -22.25 2.96
CA ALA B 261 -2.04 -21.97 3.13
C ALA B 261 -1.52 -21.29 1.88
N PHE B 262 -1.91 -21.81 0.73
CA PHE B 262 -1.42 -21.27 -0.51
C PHE B 262 -2.02 -19.91 -0.82
N ASN B 263 -3.27 -19.70 -0.43
CA ASN B 263 -3.89 -18.40 -0.59
C ASN B 263 -3.11 -17.33 0.17
N ASP B 264 -2.68 -17.66 1.39
CA ASP B 264 -1.86 -16.74 2.16
C ASP B 264 -0.56 -16.41 1.45
N TYR B 265 0.08 -17.40 0.83
CA TYR B 265 1.31 -17.13 0.11
C TYR B 265 1.05 -16.26 -1.14
N ILE B 266 -0.03 -16.56 -1.85
CA ILE B 266 -0.39 -15.84 -3.06
C ILE B 266 -0.70 -14.38 -2.73
N ARG B 267 -1.54 -14.18 -1.71
CA ARG B 267 -1.96 -12.84 -1.29
C ARG B 267 -0.76 -11.98 -0.92
N ASN B 268 0.33 -12.61 -0.53
CA ASN B 268 1.53 -11.90 -0.08
C ASN B 268 2.63 -11.91 -1.13
N ASP B 269 2.28 -12.32 -2.35
CA ASP B 269 3.20 -12.23 -3.48
C ASP B 269 4.45 -13.04 -3.20
N ALA B 270 4.28 -14.18 -2.53
CA ALA B 270 5.39 -14.91 -1.95
C ALA B 270 5.69 -16.25 -2.64
N ILE B 271 5.05 -16.54 -3.77
CA ILE B 271 5.22 -17.87 -4.38
C ILE B 271 5.05 -17.86 -5.89
N ASP B 272 5.90 -18.61 -6.58
CA ASP B 272 5.79 -18.82 -8.03
C ASP B 272 5.23 -20.21 -8.39
N VAL B 273 5.65 -21.21 -7.63
CA VAL B 273 5.25 -22.60 -7.89
C VAL B 273 4.66 -23.20 -6.62
N LEU B 274 3.37 -23.52 -6.66
CA LEU B 274 2.70 -24.18 -5.56
C LEU B 274 2.93 -25.68 -5.67
N GLN B 275 3.39 -26.31 -4.60
CA GLN B 275 3.77 -27.72 -4.68
C GLN B 275 2.86 -28.63 -3.86
N ALA B 276 1.62 -28.22 -3.66
CA ALA B 276 0.65 -29.01 -2.91
C ALA B 276 0.57 -30.42 -3.48
N ASP B 277 0.76 -31.40 -2.60
CA ASP B 277 0.75 -32.84 -2.92
C ASP B 277 -0.67 -33.35 -2.70
N ALA B 278 -1.25 -34.01 -3.70
CA ALA B 278 -2.61 -34.55 -3.53
C ALA B 278 -2.70 -35.48 -2.32
N SER B 279 -1.58 -36.09 -1.94
CA SER B 279 -1.57 -37.05 -0.83
C SER B 279 -1.20 -36.43 0.54
N ARG B 280 -0.95 -35.12 0.57
CA ARG B 280 -0.61 -34.44 1.83
C ARG B 280 -1.54 -33.25 2.13
N ALA B 281 -1.82 -32.48 1.09
CA ALA B 281 -2.41 -31.16 1.27
C ALA B 281 -3.93 -31.17 1.40
N GLY B 282 -4.54 -32.35 1.26
CA GLY B 282 -5.97 -32.47 1.48
C GLY B 282 -6.67 -33.45 0.54
N GLY B 283 -5.90 -34.06 -0.35
CA GLY B 283 -6.46 -35.01 -1.30
C GLY B 283 -6.48 -34.54 -2.73
N ILE B 284 -6.94 -35.42 -3.61
CA ILE B 284 -7.19 -35.05 -4.99
C ILE B 284 -8.18 -33.88 -5.03
N THR B 285 -9.24 -33.98 -4.24
CA THR B 285 -10.24 -32.92 -4.18
C THR B 285 -9.58 -31.55 -3.92
N GLU B 286 -8.72 -31.51 -2.91
CA GLU B 286 -8.10 -30.24 -2.54
C GLU B 286 -7.03 -29.78 -3.54
N ALA B 287 -6.22 -30.72 -4.00
CA ALA B 287 -5.19 -30.41 -5.00
C ALA B 287 -5.81 -29.81 -6.27
N LEU B 288 -6.96 -30.33 -6.69
CA LEU B 288 -7.68 -29.78 -7.85
C LEU B 288 -7.96 -28.29 -7.63
N ALA B 289 -8.43 -27.95 -6.43
CA ALA B 289 -8.77 -26.57 -6.12
C ALA B 289 -7.53 -25.68 -6.11
N ILE B 290 -6.44 -26.21 -5.57
CA ILE B 290 -5.17 -25.51 -5.49
C ILE B 290 -4.59 -25.25 -6.88
N SER B 291 -4.57 -26.28 -7.72
CA SER B 291 -4.11 -26.10 -9.10
C SER B 291 -4.88 -25.01 -9.84
N ALA B 292 -6.20 -24.97 -9.65
CA ALA B 292 -7.03 -23.98 -10.34
C ALA B 292 -6.75 -22.58 -9.81
N SER B 293 -6.61 -22.47 -8.51
N SER B 293 -6.57 -22.47 -8.50
CA SER B 293 -6.28 -21.19 -7.88
CA SER B 293 -6.27 -21.19 -7.87
C SER B 293 -4.90 -20.67 -8.32
C SER B 293 -4.90 -20.67 -8.32
N ALA B 294 -3.94 -21.58 -8.47
CA ALA B 294 -2.63 -21.18 -8.98
C ALA B 294 -2.78 -20.56 -10.37
N ALA B 295 -3.54 -21.21 -11.24
CA ALA B 295 -3.75 -20.73 -12.60
C ALA B 295 -4.44 -19.38 -12.65
N SER B 296 -5.45 -19.20 -11.80
N SER B 296 -5.41 -19.19 -11.76
CA SER B 296 -6.12 -17.92 -11.71
CA SER B 296 -6.14 -17.92 -11.68
C SER B 296 -5.17 -16.77 -11.39
C SER B 296 -5.20 -16.75 -11.33
N ALA B 297 -4.16 -17.04 -10.56
CA ALA B 297 -3.20 -16.03 -10.15
C ALA B 297 -2.01 -15.99 -11.11
N HIS B 298 -2.11 -16.74 -12.20
CA HIS B 298 -1.04 -16.80 -13.21
C HIS B 298 0.25 -17.39 -12.65
N LEU B 299 0.11 -18.31 -11.70
CA LEU B 299 1.26 -19.02 -11.15
C LEU B 299 1.19 -20.48 -11.58
N ALA B 300 2.17 -21.27 -11.14
CA ALA B 300 2.21 -22.69 -11.50
C ALA B 300 1.86 -23.60 -10.33
N TRP B 301 1.28 -24.75 -10.65
CA TRP B 301 1.16 -25.85 -9.70
C TRP B 301 1.96 -27.05 -10.23
N ASN B 302 2.97 -27.45 -9.46
CA ASN B 302 3.81 -28.61 -9.77
C ASN B 302 3.99 -29.35 -8.44
N PRO B 303 3.25 -30.44 -8.27
CA PRO B 303 3.16 -31.05 -6.94
C PRO B 303 4.44 -31.74 -6.49
N HIS B 304 4.63 -31.75 -5.19
CA HIS B 304 5.50 -32.73 -4.56
C HIS B 304 4.81 -34.09 -4.70
N THR B 305 5.56 -35.14 -4.96
CA THR B 305 4.96 -36.48 -5.15
C THR B 305 5.66 -37.60 -4.36
N PHE B 306 6.68 -37.23 -3.58
CA PHE B 306 7.70 -38.16 -3.06
C PHE B 306 7.22 -38.95 -1.85
N ASN B 307 6.91 -40.24 -2.06
CA ASN B 307 6.80 -41.21 -0.96
C ASN B 307 6.65 -42.64 -1.47
N ASP B 308 5.69 -42.84 -2.37
CA ASP B 308 5.36 -44.17 -2.87
C ASP B 308 4.65 -44.09 -4.22
N ILE B 309 4.42 -45.23 -4.87
CA ILE B 309 3.91 -45.22 -6.23
C ILE B 309 2.46 -44.72 -6.27
N ILE B 310 1.76 -44.80 -5.14
CA ILE B 310 0.39 -44.31 -5.07
C ILE B 310 0.36 -42.79 -5.02
N THR B 311 1.21 -42.19 -4.17
CA THR B 311 1.30 -40.72 -4.16
C THR B 311 1.72 -40.20 -5.54
N VAL B 312 2.65 -40.89 -6.19
CA VAL B 312 3.04 -40.50 -7.52
C VAL B 312 1.87 -40.59 -8.52
N ALA B 313 1.17 -41.72 -8.52
CA ALA B 313 0.08 -41.94 -9.46
C ALA B 313 -1.06 -40.94 -9.27
N ALA B 314 -1.43 -40.71 -8.01
CA ALA B 314 -2.50 -39.78 -7.69
C ALA B 314 -2.19 -38.42 -8.29
N ASN B 315 -1.00 -37.89 -7.97
CA ASN B 315 -0.59 -36.61 -8.55
C ASN B 315 -0.49 -36.63 -10.06
N LEU B 316 -0.07 -37.77 -10.64
CA LEU B 316 0.13 -37.82 -12.09
C LEU B 316 -1.17 -37.71 -12.89
N HIS B 317 -2.25 -38.31 -12.40
CA HIS B 317 -3.54 -38.15 -13.03
C HIS B 317 -3.89 -36.66 -13.12
N LEU B 318 -3.72 -35.94 -12.01
CA LEU B 318 -4.05 -34.53 -11.94
C LEU B 318 -3.15 -33.67 -12.82
N VAL B 319 -1.85 -33.95 -12.77
CA VAL B 319 -0.88 -33.26 -13.60
C VAL B 319 -1.15 -33.44 -15.09
N ALA B 320 -1.44 -34.67 -15.49
CA ALA B 320 -1.74 -34.95 -16.89
C ALA B 320 -2.93 -34.14 -17.38
N ALA B 321 -3.90 -33.94 -16.49
CA ALA B 321 -5.13 -33.22 -16.83
C ALA B 321 -5.01 -31.69 -16.73
N SER B 322 -3.93 -31.21 -16.12
N SER B 322 -3.93 -31.22 -16.12
CA SER B 322 -3.77 -29.78 -15.89
CA SER B 322 -3.75 -29.77 -15.88
C SER B 322 -2.96 -29.06 -16.97
C SER B 322 -2.98 -29.07 -16.99
N PRO B 323 -3.39 -27.84 -17.32
CA PRO B 323 -2.67 -27.04 -18.30
C PRO B 323 -1.34 -26.46 -17.77
N HIS B 324 -1.00 -26.69 -16.50
CA HIS B 324 0.27 -26.19 -15.99
C HIS B 324 1.43 -26.84 -16.76
N PRO B 325 2.44 -26.04 -17.13
CA PRO B 325 3.66 -26.66 -17.67
C PRO B 325 4.16 -27.69 -16.67
N ALA B 326 4.50 -28.87 -17.18
CA ALA B 326 4.84 -29.98 -16.29
C ALA B 326 6.29 -29.97 -15.85
N MET B 327 6.49 -30.36 -14.60
CA MET B 327 7.81 -30.56 -14.02
C MET B 327 7.55 -31.54 -12.89
N PHE B 328 7.32 -32.79 -13.30
CA PHE B 328 6.75 -33.82 -12.44
C PHE B 328 7.80 -34.58 -11.64
N GLU B 329 7.65 -34.56 -10.33
CA GLU B 329 8.67 -35.15 -9.46
C GLU B 329 8.64 -36.68 -9.53
N TRP B 330 9.80 -37.28 -9.83
CA TRP B 330 9.92 -38.74 -9.81
C TRP B 330 11.08 -39.19 -8.91
N ASP B 331 10.73 -39.79 -7.78
CA ASP B 331 11.69 -40.35 -6.83
C ASP B 331 12.58 -41.40 -7.51
N ILE B 332 13.89 -41.13 -7.58
CA ILE B 332 14.82 -42.10 -8.14
C ILE B 332 15.72 -42.77 -7.08
N THR B 333 15.41 -42.54 -5.81
CA THR B 333 16.22 -43.12 -4.74
C THR B 333 15.76 -44.56 -4.49
N HIS B 334 16.50 -45.29 -3.67
CA HIS B 334 16.11 -46.68 -3.41
C HIS B 334 14.76 -46.75 -2.68
N ASN B 335 13.75 -47.34 -3.33
CA ASN B 335 12.40 -47.35 -2.75
C ASN B 335 11.52 -48.47 -3.31
N ASP B 336 11.37 -49.53 -2.54
CA ASP B 336 10.58 -50.68 -2.98
C ASP B 336 9.12 -50.29 -3.17
N LEU B 337 8.68 -49.24 -2.47
CA LEU B 337 7.29 -48.79 -2.61
C LEU B 337 7.05 -48.11 -3.95
N MET B 338 8.13 -47.79 -4.66
CA MET B 338 8.02 -47.25 -6.01
C MET B 338 8.06 -48.34 -7.08
N THR B 339 8.70 -49.47 -6.78
CA THR B 339 8.98 -50.45 -7.81
C THR B 339 8.19 -51.75 -7.65
N ARG B 340 7.88 -52.12 -6.42
CA ARG B 340 7.32 -53.44 -6.17
C ARG B 340 5.89 -53.46 -5.68
N LEU B 341 5.37 -52.31 -5.26
CA LEU B 341 4.02 -52.26 -4.70
C LEU B 341 2.92 -52.45 -5.74
N ALA B 342 3.16 -51.99 -6.96
CA ALA B 342 2.13 -52.03 -7.98
C ALA B 342 2.71 -52.33 -9.36
N SER B 343 1.81 -52.54 -10.32
CA SER B 343 2.19 -52.95 -11.66
C SER B 343 2.53 -51.78 -12.60
N TYR B 344 2.67 -50.59 -12.02
CA TYR B 344 3.00 -49.40 -12.80
C TYR B 344 4.43 -48.93 -12.49
N ASP B 345 5.24 -48.77 -13.53
CA ASP B 345 6.66 -48.47 -13.37
C ASP B 345 7.06 -47.20 -14.11
N LEU B 346 8.29 -46.75 -13.87
CA LEU B 346 8.84 -45.63 -14.61
C LEU B 346 9.12 -46.03 -16.04
N LYS B 347 8.58 -45.25 -16.97
CA LYS B 347 8.91 -45.40 -18.38
C LYS B 347 8.93 -44.03 -19.00
N LEU B 348 10.14 -43.58 -19.36
CA LEU B 348 10.34 -42.27 -19.98
C LEU B 348 10.44 -42.41 -21.49
N GLU B 349 9.81 -41.51 -22.20
CA GLU B 349 9.96 -41.42 -23.65
C GLU B 349 10.14 -39.95 -23.97
N ASN B 350 11.31 -39.61 -24.52
CA ASN B 350 11.65 -38.21 -24.73
C ASN B 350 11.45 -37.40 -23.46
N GLY B 351 11.72 -38.02 -22.32
CA GLY B 351 11.70 -37.34 -21.03
C GLY B 351 10.33 -37.27 -20.40
N LEU B 352 9.36 -37.98 -20.98
CA LEU B 352 7.98 -37.87 -20.53
C LEU B 352 7.45 -39.17 -19.93
N VAL B 353 6.54 -39.04 -18.97
CA VAL B 353 5.86 -40.19 -18.40
C VAL B 353 4.37 -40.06 -18.72
N GLN B 354 3.66 -41.18 -18.71
CA GLN B 354 2.22 -41.18 -18.92
C GLN B 354 1.54 -41.74 -17.67
N PRO B 355 0.35 -41.23 -17.35
CA PRO B 355 -0.37 -41.76 -16.20
C PRO B 355 -0.82 -43.20 -16.46
N PRO B 356 -1.03 -44.02 -15.40
CA PRO B 356 -1.52 -45.38 -15.63
C PRO B 356 -2.88 -45.36 -16.31
N GLN B 357 -3.19 -46.39 -17.09
CA GLN B 357 -4.35 -46.33 -17.99
C GLN B 357 -5.59 -47.10 -17.52
N GLY B 358 -5.44 -47.91 -16.48
CA GLY B 358 -6.57 -48.64 -15.93
C GLY B 358 -7.56 -47.76 -15.22
N PRO B 359 -8.62 -48.34 -14.64
CA PRO B 359 -9.68 -47.63 -13.91
C PRO B 359 -9.15 -47.07 -12.59
N GLY B 360 -9.72 -45.96 -12.12
CA GLY B 360 -9.24 -45.32 -10.91
C GLY B 360 -7.81 -44.83 -11.05
N LEU B 361 -6.96 -45.18 -10.08
CA LEU B 361 -5.54 -44.86 -10.16
C LEU B 361 -4.88 -45.62 -11.29
N GLY B 362 -5.49 -46.75 -11.70
CA GLY B 362 -5.15 -47.33 -12.98
C GLY B 362 -4.11 -48.43 -12.96
N PHE B 363 -3.85 -48.99 -11.78
CA PHE B 363 -2.93 -50.12 -11.68
C PHE B 363 -3.41 -51.12 -10.65
N GLU B 364 -2.74 -52.27 -10.60
CA GLU B 364 -3.06 -53.29 -9.60
C GLU B 364 -2.03 -53.36 -8.50
N ILE B 365 -2.51 -53.38 -7.26
CA ILE B 365 -1.66 -53.56 -6.09
C ILE B 365 -1.17 -55.00 -6.04
N ASP B 366 0.11 -55.22 -5.76
CA ASP B 366 0.60 -56.57 -5.47
C ASP B 366 0.42 -56.89 -4.00
N TRP B 367 -0.69 -57.54 -3.67
CA TRP B 367 -1.04 -57.79 -2.28
C TRP B 367 -0.11 -58.78 -1.60
N ASP B 368 0.58 -59.58 -2.39
CA ASP B 368 1.62 -60.45 -1.84
C ASP B 368 2.74 -59.59 -1.26
N PHE B 369 3.13 -58.55 -2.00
CA PHE B 369 4.15 -57.64 -1.50
C PHE B 369 3.65 -56.97 -0.22
N VAL B 370 2.41 -56.50 -0.25
CA VAL B 370 1.78 -55.92 0.93
C VAL B 370 1.84 -56.86 2.14
N ALA B 371 1.41 -58.11 1.96
CA ALA B 371 1.42 -59.06 3.06
C ALA B 371 2.81 -59.30 3.65
N ALA B 372 3.85 -59.14 2.83
CA ALA B 372 5.21 -59.45 3.24
C ALA B 372 5.94 -58.27 3.86
N HIS B 373 5.30 -57.10 3.91
CA HIS B 373 6.00 -55.92 4.39
C HIS B 373 5.24 -55.15 5.44
N ALA B 374 4.55 -55.87 6.32
CA ALA B 374 3.88 -55.22 7.44
C ALA B 374 4.89 -54.51 8.35
N TRP B 375 4.54 -53.30 8.78
CA TRP B 375 5.36 -52.52 9.71
C TRP B 375 5.46 -53.19 11.06
N LYS B 376 6.68 -53.24 11.61
CA LYS B 376 6.91 -53.77 12.95
C LYS B 376 7.58 -52.77 13.88
N GLY B 377 7.38 -51.48 13.63
CA GLY B 377 7.85 -50.44 14.52
C GLY B 377 9.13 -49.75 14.09
N GLU B 378 9.66 -50.11 12.93
CA GLU B 378 10.90 -49.52 12.43
C GLU B 378 10.73 -48.02 12.22
N PRO B 379 11.84 -47.26 12.31
CA PRO B 379 11.84 -45.81 12.07
C PRO B 379 11.84 -45.50 10.59
N ALA B 380 11.20 -44.41 10.17
CA ALA B 380 11.22 -44.05 8.76
C ALA B 380 12.43 -43.19 8.41
N ILE B 381 12.79 -42.29 9.32
CA ILE B 381 13.77 -41.26 8.98
C ILE B 381 14.39 -40.65 10.25
N GLY B 382 15.65 -40.25 10.16
CA GLY B 382 16.33 -39.62 11.28
C GLY B 382 15.85 -38.19 11.49
N ALA B 383 16.34 -37.55 12.55
CA ALA B 383 15.90 -36.20 12.91
C ALA B 383 16.18 -35.20 11.80
N GLY B 384 15.23 -34.30 11.58
CA GLY B 384 15.38 -33.28 10.55
C GLY B 384 16.26 -32.11 10.98
N HIS B 385 16.46 -31.16 10.05
CA HIS B 385 17.30 -30.01 10.33
C HIS B 385 16.47 -28.74 10.43
N GLY B 386 17.12 -27.62 10.74
CA GLY B 386 16.42 -26.35 10.81
C GLY B 386 16.62 -25.65 12.14
N MET B 387 17.12 -26.39 13.11
CA MET B 387 17.41 -25.82 14.42
C MET B 387 18.62 -24.89 14.34
N SER C 2 -28.86 18.55 -42.50
CA SER C 2 -28.43 17.38 -41.74
C SER C 2 -28.69 16.09 -42.52
N LEU C 3 -27.76 15.15 -42.42
CA LEU C 3 -27.91 13.88 -43.13
C LEU C 3 -28.62 12.86 -42.25
N LYS C 4 -29.10 11.78 -42.88
CA LYS C 4 -29.57 10.62 -42.14
C LYS C 4 -28.91 9.38 -42.72
N ILE C 5 -28.42 8.50 -41.85
CA ILE C 5 -27.82 7.24 -42.28
C ILE C 5 -28.87 6.32 -42.92
N THR C 6 -28.57 5.78 -44.10
CA THR C 6 -29.53 4.92 -44.78
C THR C 6 -29.12 3.46 -44.80
N GLU C 7 -27.82 3.20 -44.85
CA GLU C 7 -27.30 1.84 -44.93
C GLU C 7 -25.97 1.73 -44.22
N VAL C 8 -25.74 0.60 -43.56
CA VAL C 8 -24.42 0.26 -43.04
C VAL C 8 -24.00 -1.07 -43.66
N LYS C 9 -23.00 -1.03 -44.52
CA LYS C 9 -22.63 -2.20 -45.29
C LYS C 9 -21.25 -2.69 -44.90
N ALA C 10 -21.03 -4.00 -45.00
CA ALA C 10 -19.73 -4.59 -44.72
C ALA C 10 -19.29 -5.47 -45.88
N HIS C 11 -18.25 -5.05 -46.60
CA HIS C 11 -17.73 -5.79 -47.74
C HIS C 11 -16.56 -6.67 -47.31
N ALA C 12 -16.74 -7.99 -47.35
CA ALA C 12 -15.65 -8.90 -47.02
C ALA C 12 -14.70 -9.08 -48.18
N LEU C 13 -13.42 -8.88 -47.92
CA LEU C 13 -12.40 -8.94 -48.97
C LEU C 13 -11.28 -9.88 -48.60
N SER C 14 -10.73 -10.57 -49.60
CA SER C 14 -9.61 -11.44 -49.37
C SER C 14 -8.55 -11.28 -50.48
N THR C 15 -7.28 -11.29 -50.08
CA THR C 15 -6.17 -11.17 -51.02
C THR C 15 -5.14 -12.23 -50.69
N PRO C 16 -4.58 -12.89 -51.73
CA PRO C 16 -3.74 -14.06 -51.45
C PRO C 16 -2.32 -13.68 -51.04
N ILE C 17 -1.62 -14.62 -50.41
CA ILE C 17 -0.21 -14.42 -50.12
C ILE C 17 0.60 -15.55 -50.75
N PRO C 18 1.51 -15.21 -51.68
CA PRO C 18 2.42 -16.22 -52.24
C PRO C 18 3.03 -17.07 -51.12
N GLU C 19 3.11 -18.38 -51.33
CA GLU C 19 3.53 -19.30 -50.28
C GLU C 19 4.86 -18.88 -49.66
N ARG C 20 5.79 -18.41 -50.48
CA ARG C 20 7.11 -18.04 -49.98
C ARG C 20 7.07 -16.76 -49.15
N MET C 21 5.98 -16.00 -49.26
CA MET C 21 5.87 -14.72 -48.56
C MET C 21 5.06 -14.85 -47.27
N ARG C 22 4.56 -16.04 -47.01
CA ARG C 22 3.79 -16.30 -45.79
C ARG C 22 4.70 -16.29 -44.56
N VAL C 23 4.33 -15.49 -43.56
CA VAL C 23 5.13 -15.35 -42.35
C VAL C 23 4.36 -15.86 -41.15
N GLU C 24 5.08 -16.30 -40.13
CA GLU C 24 4.44 -16.77 -38.90
C GLU C 24 4.98 -16.06 -37.66
N SER C 25 4.07 -15.77 -36.73
CA SER C 25 4.44 -15.27 -35.41
C SER C 25 3.56 -16.00 -34.40
N GLY C 26 3.61 -15.56 -33.14
CA GLY C 26 2.74 -16.14 -32.12
C GLY C 26 1.26 -16.04 -32.46
N ALA C 27 0.92 -15.12 -33.36
CA ALA C 27 -0.48 -14.93 -33.76
C ALA C 27 -0.95 -15.97 -34.78
N GLY C 28 0.01 -16.68 -35.38
CA GLY C 28 -0.30 -17.74 -36.34
C GLY C 28 0.39 -17.55 -37.67
N LEU C 29 0.26 -18.54 -38.55
CA LEU C 29 0.81 -18.47 -39.90
C LEU C 29 -0.15 -17.75 -40.85
N LYS C 30 0.32 -16.69 -41.50
CA LYS C 30 -0.56 -15.91 -42.38
C LYS C 30 -0.87 -16.65 -43.69
N LEU C 31 -2.13 -16.61 -44.10
CA LEU C 31 -2.58 -17.37 -45.27
C LEU C 31 -3.10 -16.42 -46.37
N ASN C 32 -4.07 -15.58 -45.99
CA ASN C 32 -4.58 -14.53 -46.87
C ASN C 32 -4.72 -13.25 -46.08
N ARG C 33 -4.44 -12.11 -46.70
CA ARG C 33 -4.70 -10.81 -46.05
C ARG C 33 -6.14 -10.39 -46.33
N GLN C 34 -6.91 -10.25 -45.26
CA GLN C 34 -8.34 -10.05 -45.39
C GLN C 34 -8.79 -8.81 -44.63
N MET C 35 -10.00 -8.35 -44.94
CA MET C 35 -10.58 -7.22 -44.22
C MET C 35 -12.07 -7.15 -44.46
N ILE C 36 -12.76 -6.46 -43.57
CA ILE C 36 -14.07 -5.90 -43.89
C ILE C 36 -13.91 -4.42 -44.28
N LEU C 37 -14.48 -4.04 -45.41
CA LEU C 37 -14.56 -2.64 -45.77
C LEU C 37 -15.96 -2.17 -45.40
N VAL C 38 -16.03 -1.35 -44.35
CA VAL C 38 -17.30 -0.82 -43.89
C VAL C 38 -17.69 0.36 -44.77
N GLU C 39 -18.98 0.46 -45.09
CA GLU C 39 -19.49 1.55 -45.90
C GLU C 39 -20.75 2.08 -45.25
N VAL C 40 -20.69 3.33 -44.78
CA VAL C 40 -21.88 3.95 -44.21
C VAL C 40 -22.41 4.94 -45.25
N ARG C 41 -23.67 4.77 -45.62
CA ARG C 41 -24.31 5.59 -46.63
C ARG C 41 -25.38 6.49 -46.02
N THR C 42 -25.61 7.64 -46.64
CA THR C 42 -26.61 8.59 -46.17
C THR C 42 -27.62 8.95 -47.25
N ASP C 43 -28.74 9.52 -46.82
CA ASP C 43 -29.80 9.90 -47.75
C ASP C 43 -29.33 10.86 -48.84
N GLU C 44 -28.36 11.72 -48.50
CA GLU C 44 -27.88 12.72 -49.45
C GLU C 44 -26.62 12.28 -50.18
N GLY C 45 -26.24 11.03 -49.99
CA GLY C 45 -25.18 10.46 -50.79
C GLY C 45 -23.76 10.75 -50.34
N VAL C 46 -23.59 11.23 -49.11
CA VAL C 46 -22.25 11.35 -48.54
C VAL C 46 -21.91 10.03 -47.85
N THR C 47 -20.77 9.45 -48.22
CA THR C 47 -20.41 8.11 -47.74
C THR C 47 -19.11 8.11 -46.94
N GLY C 48 -19.05 7.30 -45.89
CA GLY C 48 -17.80 7.10 -45.16
C GLY C 48 -17.40 5.64 -45.21
N VAL C 49 -16.10 5.37 -45.22
CA VAL C 49 -15.61 4.00 -45.12
C VAL C 49 -14.68 3.79 -43.93
N GLY C 50 -14.58 2.54 -43.50
CA GLY C 50 -13.74 2.16 -42.37
C GLY C 50 -13.34 0.70 -42.44
N SER C 51 -12.64 0.23 -41.40
CA SER C 51 -12.20 -1.15 -41.31
C SER C 51 -12.08 -1.55 -39.85
N PRO C 52 -12.65 -2.71 -39.48
CA PRO C 52 -12.52 -3.25 -38.12
C PRO C 52 -11.29 -4.14 -37.95
N SER C 53 -10.28 -3.99 -38.81
CA SER C 53 -9.01 -4.69 -38.60
C SER C 53 -9.19 -6.19 -38.75
N GLY C 54 -8.24 -6.94 -38.19
CA GLY C 54 -8.25 -8.40 -38.28
C GLY C 54 -6.96 -8.94 -37.71
N PRO C 55 -6.79 -10.27 -37.73
CA PRO C 55 -7.75 -11.25 -38.26
C PRO C 55 -8.87 -11.50 -37.27
N TYR C 56 -10.10 -11.31 -37.75
CA TYR C 56 -11.30 -11.74 -37.05
C TYR C 56 -12.11 -12.39 -38.15
N ASP C 57 -12.91 -13.39 -37.82
CA ASP C 57 -13.72 -14.05 -38.83
C ASP C 57 -14.58 -13.05 -39.61
N LEU C 58 -14.53 -13.14 -40.94
CA LEU C 58 -15.22 -12.12 -41.75
C LEU C 58 -16.74 -12.22 -41.69
N ALA C 59 -17.28 -13.43 -41.54
CA ALA C 59 -18.72 -13.56 -41.43
C ALA C 59 -19.23 -13.08 -40.07
N VAL C 60 -18.45 -13.31 -39.03
CA VAL C 60 -18.79 -12.75 -37.71
C VAL C 60 -18.80 -11.22 -37.77
N LEU C 61 -17.77 -10.63 -38.33
CA LEU C 61 -17.70 -9.16 -38.49
C LEU C 61 -18.86 -8.61 -39.32
N LYS C 62 -19.14 -9.25 -40.45
CA LYS C 62 -20.19 -8.76 -41.32
C LYS C 62 -21.53 -8.76 -40.59
N ARG C 63 -21.80 -9.85 -39.89
CA ARG C 63 -23.06 -9.98 -39.18
C ARG C 63 -23.15 -8.92 -38.06
N ALA C 64 -22.08 -8.77 -37.30
CA ALA C 64 -22.06 -7.79 -36.22
C ALA C 64 -22.32 -6.38 -36.75
N ILE C 65 -21.63 -6.05 -37.84
CA ILE C 65 -21.72 -4.71 -38.39
C ILE C 65 -23.08 -4.43 -39.01
N GLU C 66 -23.55 -5.34 -39.88
CA GLU C 66 -24.77 -5.03 -40.63
C GLU C 66 -26.03 -5.24 -39.80
N ASP C 67 -26.01 -6.22 -38.90
CA ASP C 67 -27.24 -6.69 -38.28
C ASP C 67 -27.35 -6.51 -36.77
N VAL C 68 -26.23 -6.19 -36.11
CA VAL C 68 -26.27 -5.86 -34.68
C VAL C 68 -26.09 -4.35 -34.51
N ILE C 69 -25.02 -3.83 -35.10
CA ILE C 69 -24.70 -2.42 -34.98
C ILE C 69 -25.53 -1.57 -35.93
N GLY C 70 -25.54 -1.95 -37.21
CA GLY C 70 -26.26 -1.23 -38.24
C GLY C 70 -27.64 -0.74 -37.83
N PRO C 71 -28.49 -1.64 -37.32
CA PRO C 71 -29.86 -1.21 -36.99
C PRO C 71 -29.93 -0.04 -36.00
N GLN C 72 -28.91 0.10 -35.15
CA GLN C 72 -28.86 1.22 -34.21
C GLN C 72 -28.53 2.54 -34.89
N LEU C 73 -28.00 2.47 -36.11
CA LEU C 73 -27.57 3.66 -36.84
C LEU C 73 -28.57 4.16 -37.89
N ILE C 74 -29.38 3.25 -38.43
CA ILE C 74 -30.28 3.63 -39.51
C ILE C 74 -31.27 4.71 -39.08
N GLY C 75 -31.32 5.80 -39.84
CA GLY C 75 -32.23 6.89 -39.54
C GLY C 75 -31.57 7.98 -38.70
N GLU C 76 -30.39 7.70 -38.17
CA GLU C 76 -29.69 8.62 -37.29
C GLU C 76 -28.85 9.65 -38.04
N ASP C 77 -28.65 10.81 -37.42
CA ASP C 77 -27.73 11.81 -37.96
C ASP C 77 -26.30 11.34 -37.70
N PRO C 78 -25.51 11.13 -38.77
CA PRO C 78 -24.16 10.59 -38.62
C PRO C 78 -23.20 11.58 -37.95
N ALA C 79 -23.59 12.85 -37.86
CA ALA C 79 -22.74 13.89 -37.29
C ALA C 79 -22.50 13.70 -35.78
N ASN C 80 -23.45 13.07 -35.11
CA ASN C 80 -23.36 12.85 -33.66
C ASN C 80 -22.60 11.56 -33.34
N ILE C 81 -21.33 11.52 -33.70
CA ILE C 81 -20.53 10.32 -33.53
C ILE C 81 -20.43 9.91 -32.05
N ASN C 82 -20.25 10.90 -31.18
CA ASN C 82 -20.17 10.61 -29.75
C ASN C 82 -21.44 9.94 -29.25
N TYR C 83 -22.59 10.52 -29.61
CA TYR C 83 -23.88 9.91 -29.26
C TYR C 83 -24.02 8.46 -29.76
N LEU C 84 -23.70 8.25 -31.02
CA LEU C 84 -23.85 6.93 -31.63
C LEU C 84 -22.90 5.88 -31.06
N TRP C 85 -21.72 6.28 -30.59
CA TRP C 85 -20.80 5.32 -30.01
C TRP C 85 -21.47 4.69 -28.80
N HIS C 86 -22.02 5.54 -27.95
CA HIS C 86 -22.65 5.08 -26.72
C HIS C 86 -23.98 4.39 -26.95
N LYS C 87 -24.75 4.87 -27.93
CA LYS C 87 -26.00 4.20 -28.26
C LYS C 87 -25.70 2.75 -28.61
N VAL C 88 -24.64 2.53 -29.38
CA VAL C 88 -24.25 1.21 -29.87
C VAL C 88 -23.65 0.34 -28.75
N PHE C 89 -22.67 0.90 -28.02
CA PHE C 89 -22.01 0.17 -26.94
C PHE C 89 -22.98 -0.27 -25.85
N HIS C 90 -23.74 0.68 -25.30
CA HIS C 90 -24.66 0.37 -24.22
C HIS C 90 -25.93 -0.34 -24.67
N GLY C 91 -26.36 -0.07 -25.89
CA GLY C 91 -27.59 -0.64 -26.39
C GLY C 91 -27.46 -2.09 -26.82
N GLU C 92 -26.31 -2.44 -27.40
CA GLU C 92 -26.11 -3.77 -27.97
C GLU C 92 -24.76 -4.42 -27.66
N VAL C 93 -23.67 -3.72 -28.00
CA VAL C 93 -22.37 -4.40 -28.11
C VAL C 93 -21.77 -4.92 -26.80
N SER C 94 -21.76 -4.10 -25.76
CA SER C 94 -21.13 -4.53 -24.53
C SER C 94 -21.71 -5.85 -24.00
N ARG C 95 -23.02 -5.87 -23.75
CA ARG C 95 -23.65 -7.06 -23.19
C ARG C 95 -23.76 -8.18 -24.23
N ASN C 96 -24.18 -7.84 -25.44
CA ASN C 96 -24.60 -8.87 -26.41
C ASN C 96 -23.50 -9.38 -27.34
N LEU C 97 -22.33 -8.75 -27.32
CA LEU C 97 -21.17 -9.30 -28.03
C LEU C 97 -19.96 -9.44 -27.10
N GLY C 98 -20.05 -8.89 -25.90
CA GLY C 98 -18.95 -8.94 -24.94
C GLY C 98 -18.19 -7.62 -24.84
N HIS C 99 -17.76 -7.27 -23.64
CA HIS C 99 -17.17 -5.95 -23.44
C HIS C 99 -15.75 -5.78 -24.03
N ARG C 100 -15.04 -6.89 -24.27
CA ARG C 100 -13.69 -6.83 -24.86
C ARG C 100 -13.59 -7.85 -25.98
N SER C 101 -14.12 -7.48 -27.14
CA SER C 101 -14.55 -8.49 -28.10
C SER C 101 -14.42 -8.04 -29.53
N VAL C 102 -14.62 -8.99 -30.43
CA VAL C 102 -14.73 -8.69 -31.85
C VAL C 102 -15.83 -7.68 -32.11
N GLY C 103 -16.81 -7.61 -31.22
CA GLY C 103 -17.87 -6.60 -31.35
C GLY C 103 -17.35 -5.17 -31.16
N ILE C 104 -16.35 -5.01 -30.29
CA ILE C 104 -15.69 -3.72 -30.15
C ILE C 104 -14.90 -3.40 -31.41
N ALA C 105 -14.24 -4.39 -31.99
CA ALA C 105 -13.57 -4.15 -33.27
C ALA C 105 -14.58 -3.74 -34.35
N ALA C 106 -15.72 -4.42 -34.39
CA ALA C 106 -16.79 -4.09 -35.34
C ALA C 106 -17.24 -2.64 -35.17
N MET C 107 -17.46 -2.23 -33.92
CA MET C 107 -17.80 -0.84 -33.60
C MET C 107 -16.73 0.09 -34.11
N SER C 108 -15.48 -0.36 -34.03
CA SER C 108 -14.33 0.46 -34.40
C SER C 108 -14.36 0.79 -35.89
N GLY C 109 -14.68 -0.22 -36.70
CA GLY C 109 -14.78 -0.01 -38.13
C GLY C 109 -15.89 0.97 -38.49
N VAL C 110 -17.02 0.84 -37.80
CA VAL C 110 -18.15 1.74 -38.04
C VAL C 110 -17.80 3.16 -37.57
N ASP C 111 -17.15 3.27 -36.41
CA ASP C 111 -16.75 4.58 -35.89
C ASP C 111 -15.81 5.29 -36.87
N ILE C 112 -14.82 4.57 -37.39
CA ILE C 112 -13.92 5.16 -38.37
C ILE C 112 -14.69 5.65 -39.59
N ALA C 113 -15.65 4.85 -40.06
CA ALA C 113 -16.46 5.26 -41.21
C ALA C 113 -17.26 6.53 -40.91
N LEU C 114 -17.74 6.68 -39.67
CA LEU C 114 -18.41 7.92 -39.30
C LEU C 114 -17.48 9.14 -39.34
N TRP C 115 -16.23 8.96 -38.92
CA TRP C 115 -15.25 10.05 -38.96
C TRP C 115 -14.85 10.37 -40.40
N ASP C 116 -14.75 9.33 -41.22
CA ASP C 116 -14.47 9.53 -42.64
C ASP C 116 -15.62 10.30 -43.27
N LEU C 117 -16.84 9.86 -43.00
CA LEU C 117 -18.05 10.58 -43.43
C LEU C 117 -18.06 12.05 -43.00
N LYS C 118 -17.76 12.30 -41.73
CA LYS C 118 -17.71 13.67 -41.21
C LYS C 118 -16.67 14.50 -41.94
N GLY C 119 -15.46 13.96 -42.10
CA GLY C 119 -14.42 14.65 -42.84
C GLY C 119 -14.83 14.93 -44.27
N ARG C 120 -15.42 13.94 -44.94
CA ARG C 120 -15.90 14.16 -46.31
C ARG C 120 -17.01 15.23 -46.36
N ALA C 121 -17.92 15.21 -45.40
CA ALA C 121 -18.97 16.25 -45.34
C ALA C 121 -18.39 17.66 -45.17
N MET C 122 -17.35 17.78 -44.34
CA MET C 122 -16.71 19.06 -44.06
C MET C 122 -15.63 19.43 -45.07
N ASN C 123 -15.28 18.48 -45.95
CA ASN C 123 -14.15 18.66 -46.86
C ASN C 123 -12.83 18.91 -46.12
N GLN C 124 -12.57 18.14 -45.08
CA GLN C 124 -11.33 18.28 -44.31
C GLN C 124 -10.78 16.90 -43.95
N PRO C 125 -9.44 16.77 -43.95
CA PRO C 125 -8.80 15.54 -43.46
C PRO C 125 -9.09 15.37 -41.97
N ILE C 126 -9.22 14.12 -41.51
CA ILE C 126 -9.54 13.88 -40.11
C ILE C 126 -8.56 14.58 -39.15
N TYR C 127 -7.26 14.55 -39.46
CA TYR C 127 -6.31 15.16 -38.52
C TYR C 127 -6.58 16.65 -38.27
N GLN C 128 -7.19 17.34 -39.22
CA GLN C 128 -7.48 18.77 -39.05
C GLN C 128 -8.63 18.97 -38.07
N LEU C 129 -9.60 18.06 -38.10
N LEU C 129 -9.58 18.03 -38.08
CA LEU C 129 -10.69 18.12 -37.13
CA LEU C 129 -10.70 18.05 -37.16
C LEU C 129 -10.12 17.98 -35.73
C LEU C 129 -10.24 17.80 -35.73
N LEU C 130 -9.10 17.13 -35.60
CA LEU C 130 -8.56 16.73 -34.29
C LEU C 130 -7.60 17.75 -33.68
N GLY C 131 -7.66 18.98 -34.17
CA GLY C 131 -6.79 20.05 -33.68
C GLY C 131 -5.57 20.25 -34.54
N GLY C 132 -5.51 19.56 -35.68
CA GLY C 132 -4.38 19.71 -36.57
C GLY C 132 -3.16 18.92 -36.15
N LYS C 133 -2.07 19.03 -36.91
CA LYS C 133 -0.86 18.29 -36.58
C LYS C 133 -0.15 18.77 -35.32
N PHE C 134 0.47 17.81 -34.64
CA PHE C 134 1.54 18.07 -33.71
C PHE C 134 2.86 17.81 -34.43
N HIS C 135 2.92 16.67 -35.13
CA HIS C 135 4.11 16.28 -35.86
C HIS C 135 4.09 16.91 -37.25
N THR C 136 4.35 18.21 -37.30
CA THR C 136 4.25 18.97 -38.54
C THR C 136 5.20 18.46 -39.65
N ARG C 137 6.35 17.92 -39.28
CA ARG C 137 7.34 17.47 -40.26
C ARG C 137 7.09 16.03 -40.71
N GLY C 138 6.19 15.34 -40.03
CA GLY C 138 5.91 13.95 -40.35
C GLY C 138 6.10 13.06 -39.13
N VAL C 139 5.68 11.83 -39.31
CA VAL C 139 5.60 10.85 -38.23
C VAL C 139 6.63 9.73 -38.45
N ARG C 140 7.49 9.52 -37.47
CA ARG C 140 8.49 8.45 -37.54
C ARG C 140 7.84 7.08 -37.55
N ALA C 141 8.17 6.28 -38.56
CA ALA C 141 7.56 4.97 -38.75
C ALA C 141 8.54 3.85 -38.45
N TYR C 142 8.03 2.66 -38.16
CA TYR C 142 8.90 1.49 -38.06
C TYR C 142 8.43 0.38 -38.98
N ALA C 143 9.39 -0.36 -39.51
CA ALA C 143 9.08 -1.50 -40.39
C ALA C 143 8.59 -2.71 -39.57
N SER C 144 7.38 -3.15 -39.85
CA SER C 144 6.76 -4.26 -39.14
C SER C 144 6.48 -5.41 -40.10
N SER C 145 7.09 -6.57 -39.93
CA SER C 145 8.09 -6.90 -38.92
C SER C 145 9.01 -7.93 -39.55
N ILE C 146 10.09 -8.25 -38.85
CA ILE C 146 10.93 -9.39 -39.17
C ILE C 146 10.41 -10.59 -38.41
N TYR C 147 10.00 -11.63 -39.12
CA TYR C 147 9.19 -12.69 -38.54
C TYR C 147 10.00 -13.90 -38.06
N TRP C 148 9.30 -14.96 -37.65
CA TRP C 148 9.94 -16.16 -37.12
C TRP C 148 10.66 -16.92 -38.24
N ASP C 149 11.52 -17.86 -37.85
CA ASP C 149 12.15 -18.81 -38.77
C ASP C 149 13.36 -18.26 -39.53
N LEU C 150 14.06 -17.31 -38.95
CA LEU C 150 15.25 -16.76 -39.62
C LEU C 150 16.53 -17.05 -38.83
N THR C 151 17.64 -17.13 -39.56
CA THR C 151 18.95 -17.21 -38.95
C THR C 151 19.37 -15.79 -38.60
N PRO C 152 20.34 -15.64 -37.67
CA PRO C 152 20.78 -14.30 -37.26
C PRO C 152 21.18 -13.42 -38.44
N ASP C 153 21.94 -13.98 -39.37
CA ASP C 153 22.42 -13.21 -40.50
C ASP C 153 21.28 -12.82 -41.44
N GLN C 154 20.29 -13.71 -41.56
CA GLN C 154 19.10 -13.43 -42.35
C GLN C 154 18.27 -12.31 -41.72
N ALA C 155 18.16 -12.31 -40.40
CA ALA C 155 17.43 -11.26 -39.70
C ALA C 155 18.15 -9.93 -39.85
N ALA C 156 19.46 -9.95 -39.64
CA ALA C 156 20.28 -8.75 -39.85
C ALA C 156 20.19 -8.21 -41.29
N ASP C 157 20.17 -9.10 -42.27
CA ASP C 157 20.06 -8.70 -43.68
C ASP C 157 18.73 -7.99 -43.95
N GLU C 158 17.63 -8.58 -43.48
CA GLU C 158 16.32 -7.96 -43.63
C GLU C 158 16.27 -6.59 -42.96
N LEU C 159 16.85 -6.49 -41.77
CA LEU C 159 16.88 -5.22 -41.06
C LEU C 159 17.65 -4.17 -41.86
N ALA C 160 18.82 -4.53 -42.36
CA ALA C 160 19.63 -3.59 -43.13
C ALA C 160 18.86 -3.13 -44.37
N GLY C 161 18.10 -4.05 -44.95
CA GLY C 161 17.28 -3.75 -46.10
C GLY C 161 16.25 -2.67 -45.83
N TRP C 162 15.55 -2.78 -44.69
CA TRP C 162 14.55 -1.78 -44.34
C TRP C 162 15.18 -0.45 -43.99
N VAL C 163 16.34 -0.49 -43.32
CA VAL C 163 17.06 0.73 -43.01
C VAL C 163 17.46 1.42 -44.32
N GLU C 164 17.90 0.62 -45.29
CA GLU C 164 18.26 1.11 -46.62
C GLU C 164 17.09 1.82 -47.31
N GLN C 165 15.88 1.32 -47.09
CA GLN C 165 14.66 1.91 -47.65
C GLN C 165 14.24 3.20 -46.95
N GLY C 166 14.91 3.53 -45.86
CA GLY C 166 14.65 4.77 -45.15
C GLY C 166 14.14 4.64 -43.72
N PHE C 167 13.83 3.43 -43.29
CA PHE C 167 13.32 3.23 -41.92
C PHE C 167 14.40 3.47 -40.87
N THR C 168 14.02 4.12 -39.77
CA THR C 168 14.94 4.35 -38.65
C THR C 168 14.62 3.46 -37.46
N ALA C 169 13.71 2.51 -37.67
CA ALA C 169 13.29 1.56 -36.63
C ALA C 169 12.60 0.37 -37.28
N ALA C 170 12.60 -0.77 -36.59
CA ALA C 170 11.92 -1.96 -37.11
C ALA C 170 11.64 -2.88 -35.93
N LYS C 171 10.75 -3.85 -36.15
CA LYS C 171 10.32 -4.74 -35.08
C LYS C 171 10.64 -6.18 -35.43
N LEU C 172 11.03 -6.94 -34.41
CA LEU C 172 11.36 -8.36 -34.55
C LEU C 172 10.36 -9.20 -33.76
N LYS C 173 9.86 -10.28 -34.37
CA LYS C 173 8.96 -11.20 -33.67
C LYS C 173 9.79 -12.21 -32.91
N VAL C 174 9.37 -12.52 -31.69
CA VAL C 174 10.08 -13.49 -30.86
C VAL C 174 9.10 -14.40 -30.14
N GLY C 175 9.63 -15.40 -29.44
CA GLY C 175 8.81 -16.20 -28.56
C GLY C 175 8.86 -17.70 -28.73
N ARG C 176 9.16 -18.17 -29.93
CA ARG C 176 9.17 -19.62 -30.14
C ARG C 176 10.47 -20.25 -29.63
N ALA C 177 11.59 -19.61 -29.91
CA ALA C 177 12.90 -20.12 -29.53
C ALA C 177 13.78 -19.00 -29.00
N PRO C 178 13.67 -18.70 -27.71
CA PRO C 178 14.36 -17.53 -27.17
C PRO C 178 15.87 -17.49 -27.43
N ARG C 179 16.53 -18.64 -27.51
CA ARG C 179 17.96 -18.64 -27.82
C ARG C 179 18.25 -18.07 -29.21
N LYS C 180 17.41 -18.44 -30.19
CA LYS C 180 17.53 -17.92 -31.55
C LYS C 180 17.12 -16.44 -31.59
N ASP C 181 16.07 -16.10 -30.85
CA ASP C 181 15.66 -14.70 -30.71
C ASP C 181 16.84 -13.84 -30.26
N ALA C 182 17.52 -14.28 -29.21
CA ALA C 182 18.64 -13.53 -28.64
C ALA C 182 19.77 -13.38 -29.66
N ALA C 183 20.08 -14.47 -30.35
CA ALA C 183 21.12 -14.44 -31.37
C ALA C 183 20.73 -13.49 -32.49
N ASN C 184 19.47 -13.59 -32.94
CA ASN C 184 18.97 -12.70 -33.98
C ASN C 184 19.09 -11.24 -33.59
N LEU C 185 18.68 -10.93 -32.37
N LEU C 185 18.70 -10.95 -32.35
CA LEU C 185 18.75 -9.57 -31.85
CA LEU C 185 18.73 -9.60 -31.83
C LEU C 185 20.18 -9.06 -31.83
C LEU C 185 20.15 -9.05 -31.77
N ARG C 186 21.08 -9.85 -31.27
CA ARG C 186 22.49 -9.45 -31.22
C ARG C 186 23.06 -9.19 -32.62
N ALA C 187 22.79 -10.07 -33.57
CA ALA C 187 23.30 -9.84 -34.92
C ALA C 187 22.70 -8.57 -35.52
N MET C 188 21.40 -8.37 -35.29
CA MET C 188 20.72 -7.18 -35.81
C MET C 188 21.35 -5.91 -35.26
N ARG C 189 21.59 -5.87 -33.95
CA ARG C 189 22.18 -4.68 -33.32
C ARG C 189 23.59 -4.39 -33.80
N GLN C 190 24.41 -5.44 -33.98
CA GLN C 190 25.77 -5.26 -34.47
C GLN C 190 25.77 -4.70 -35.90
N ARG C 191 24.80 -5.16 -36.69
CA ARG C 191 24.67 -4.74 -38.08
C ARG C 191 24.36 -3.24 -38.21
N VAL C 192 23.34 -2.76 -37.49
CA VAL C 192 22.85 -1.41 -37.71
C VAL C 192 23.40 -0.35 -36.75
N GLY C 193 24.06 -0.78 -35.69
CA GLY C 193 24.58 0.15 -34.71
C GLY C 193 23.49 0.79 -33.86
N ALA C 194 23.83 1.88 -33.19
CA ALA C 194 22.97 2.47 -32.17
C ALA C 194 21.82 3.36 -32.68
N ASP C 195 21.94 3.86 -33.91
CA ASP C 195 21.02 4.89 -34.39
C ASP C 195 19.66 4.35 -34.87
N VAL C 196 19.53 3.03 -34.95
CA VAL C 196 18.29 2.40 -35.40
C VAL C 196 17.59 1.76 -34.21
N GLU C 197 16.32 2.06 -34.01
CA GLU C 197 15.59 1.46 -32.88
C GLU C 197 15.13 0.06 -33.25
N ILE C 198 15.31 -0.86 -32.32
CA ILE C 198 14.84 -2.22 -32.54
C ILE C 198 13.76 -2.55 -31.51
N LEU C 199 12.58 -2.88 -32.01
CA LEU C 199 11.44 -3.24 -31.19
C LEU C 199 11.29 -4.75 -31.23
N VAL C 200 10.74 -5.33 -30.16
CA VAL C 200 10.49 -6.77 -30.11
C VAL C 200 9.05 -7.05 -29.71
N ASP C 201 8.49 -8.11 -30.28
CA ASP C 201 7.08 -8.44 -30.12
C ASP C 201 6.96 -9.94 -29.92
N ALA C 202 6.51 -10.35 -28.73
CA ALA C 202 6.40 -11.76 -28.37
C ALA C 202 5.01 -12.38 -28.62
N ASN C 203 4.05 -11.55 -29.03
CA ASN C 203 2.68 -12.03 -29.28
C ASN C 203 2.12 -12.93 -28.16
N GLN C 204 2.35 -12.52 -26.91
CA GLN C 204 1.82 -13.21 -25.73
C GLN C 204 2.38 -14.62 -25.50
N SER C 205 3.55 -14.92 -26.07
N SER C 205 3.56 -14.90 -26.06
CA SER C 205 4.05 -16.29 -26.08
CA SER C 205 4.06 -16.28 -26.11
C SER C 205 4.77 -16.74 -24.81
C SER C 205 4.96 -16.71 -24.94
N LEU C 206 5.26 -15.79 -24.02
CA LEU C 206 6.15 -16.12 -22.91
C LEU C 206 5.45 -16.16 -21.56
N GLY C 207 5.97 -17.00 -20.67
CA GLY C 207 5.59 -16.95 -19.27
C GLY C 207 6.44 -15.91 -18.55
N ARG C 208 6.09 -15.58 -17.31
CA ARG C 208 6.79 -14.54 -16.56
C ARG C 208 8.30 -14.73 -16.46
N HIS C 209 8.73 -15.93 -16.10
CA HIS C 209 10.16 -16.11 -15.83
C HIS C 209 10.99 -16.07 -17.10
N ASP C 210 10.47 -16.66 -18.17
CA ASP C 210 11.16 -16.56 -19.45
C ASP C 210 11.18 -15.12 -19.96
N ALA C 211 10.11 -14.36 -19.68
CA ALA C 211 10.05 -12.96 -20.07
C ALA C 211 11.07 -12.11 -19.30
N LEU C 212 11.25 -12.40 -18.00
CA LEU C 212 12.28 -11.74 -17.20
C LEU C 212 13.65 -12.03 -17.80
N ALA C 213 13.89 -13.28 -18.17
CA ALA C 213 15.17 -13.64 -18.79
C ALA C 213 15.36 -12.87 -20.10
N MET C 214 14.32 -12.83 -20.92
N MET C 214 14.30 -12.83 -20.90
CA MET C 214 14.46 -12.15 -22.20
CA MET C 214 14.33 -12.17 -22.21
C MET C 214 14.70 -10.67 -22.00
C MET C 214 14.56 -10.67 -22.09
N LEU C 215 13.97 -10.06 -21.06
CA LEU C 215 14.13 -8.63 -20.81
C LEU C 215 15.58 -8.22 -20.56
N ARG C 216 16.34 -9.09 -19.88
CA ARG C 216 17.76 -8.81 -19.67
C ARG C 216 18.52 -8.68 -20.99
N ILE C 217 18.19 -9.56 -21.93
N ILE C 217 18.17 -9.53 -21.96
CA ILE C 217 18.77 -9.52 -23.27
CA ILE C 217 18.80 -9.51 -23.27
C ILE C 217 18.36 -8.25 -23.99
C ILE C 217 18.33 -8.34 -24.13
N LEU C 218 17.06 -7.95 -23.96
CA LEU C 218 16.55 -6.77 -24.62
C LEU C 218 17.23 -5.52 -24.10
N ASP C 219 17.48 -5.49 -22.80
CA ASP C 219 18.11 -4.35 -22.14
C ASP C 219 19.55 -4.25 -22.68
N GLU C 220 20.25 -5.37 -22.68
CA GLU C 220 21.59 -5.45 -23.24
C GLU C 220 21.65 -4.94 -24.68
N ALA C 221 20.66 -5.32 -25.50
CA ALA C 221 20.61 -4.90 -26.90
C ALA C 221 20.03 -3.49 -27.10
N GLY C 222 19.63 -2.83 -25.99
CA GLY C 222 19.09 -1.47 -26.09
C GLY C 222 17.79 -1.37 -26.88
N CYS C 223 16.96 -2.40 -26.77
CA CYS C 223 15.66 -2.40 -27.44
C CYS C 223 14.71 -1.29 -26.95
N TYR C 224 13.94 -0.77 -27.90
CA TYR C 224 13.02 0.32 -27.65
C TYR C 224 11.82 -0.15 -26.80
N TRP C 225 11.20 -1.26 -27.20
CA TRP C 225 10.11 -1.81 -26.40
C TRP C 225 9.99 -3.32 -26.52
N PHE C 226 9.28 -3.90 -25.56
CA PHE C 226 9.00 -5.33 -25.44
C PHE C 226 7.49 -5.45 -25.52
N GLU C 227 7.00 -5.85 -26.68
CA GLU C 227 5.57 -5.81 -26.97
C GLU C 227 4.88 -7.16 -26.71
N GLU C 228 3.69 -7.11 -26.12
CA GLU C 228 2.96 -8.31 -25.72
C GLU C 228 3.88 -9.42 -25.17
N PRO C 229 4.67 -9.12 -24.13
CA PRO C 229 5.61 -10.14 -23.62
C PRO C 229 4.87 -11.33 -23.01
N LEU C 230 3.67 -11.08 -22.48
CA LEU C 230 2.90 -12.07 -21.75
C LEU C 230 1.45 -12.10 -22.23
N SER C 231 0.69 -13.09 -21.79
CA SER C 231 -0.75 -13.07 -21.97
C SER C 231 -1.28 -11.70 -21.52
N ILE C 232 -2.16 -11.12 -22.32
N ILE C 232 -2.17 -11.11 -22.31
CA ILE C 232 -2.80 -9.84 -21.99
CA ILE C 232 -2.75 -9.82 -21.95
C ILE C 232 -3.62 -9.95 -20.71
C ILE C 232 -3.68 -9.95 -20.74
N ASP C 233 -3.92 -11.19 -20.31
CA ASP C 233 -4.75 -11.44 -19.13
C ASP C 233 -3.95 -11.36 -17.84
N ASP C 234 -2.62 -11.36 -17.94
CA ASP C 234 -1.74 -11.34 -16.77
C ASP C 234 -1.22 -9.92 -16.51
N ILE C 235 -2.04 -9.08 -15.91
CA ILE C 235 -1.65 -7.69 -15.68
C ILE C 235 -0.45 -7.59 -14.74
N GLU C 236 -0.47 -8.36 -13.66
CA GLU C 236 0.59 -8.32 -12.65
C GLU C 236 1.94 -8.73 -13.25
N GLY C 237 1.93 -9.68 -14.18
CA GLY C 237 3.17 -10.05 -14.83
C GLY C 237 3.80 -8.86 -15.55
N HIS C 238 2.98 -8.00 -16.13
CA HIS C 238 3.49 -6.82 -16.82
C HIS C 238 4.04 -5.81 -15.80
N ARG C 239 3.37 -5.67 -14.66
CA ARG C 239 3.90 -4.80 -13.60
C ARG C 239 5.29 -5.29 -13.18
N ILE C 240 5.46 -6.59 -13.04
CA ILE C 240 6.74 -7.16 -12.61
C ILE C 240 7.86 -6.84 -13.61
N LEU C 241 7.57 -7.01 -14.90
CA LEU C 241 8.55 -6.64 -15.93
C LEU C 241 8.90 -5.15 -15.85
N ARG C 242 7.88 -4.31 -15.71
CA ARG C 242 8.10 -2.87 -15.74
C ARG C 242 8.88 -2.45 -14.48
N ALA C 243 8.65 -3.18 -13.39
CA ALA C 243 9.28 -2.86 -12.12
C ALA C 243 10.78 -3.10 -12.13
N GLN C 244 11.28 -3.79 -13.15
CA GLN C 244 12.71 -4.02 -13.26
C GLN C 244 13.46 -2.72 -13.54
N GLY C 245 12.72 -1.69 -13.96
CA GLY C 245 13.29 -0.37 -14.13
C GLY C 245 14.31 -0.23 -15.24
N THR C 246 14.17 -1.03 -16.30
CA THR C 246 15.09 -0.93 -17.42
C THR C 246 14.63 0.18 -18.37
N PRO C 247 15.50 0.60 -19.29
CA PRO C 247 15.06 1.55 -20.33
C PRO C 247 14.22 0.90 -21.43
N VAL C 248 13.92 -0.39 -21.33
CA VAL C 248 13.06 -1.04 -22.33
C VAL C 248 11.60 -0.84 -21.95
N ARG C 249 10.82 -0.27 -22.84
CA ARG C 249 9.40 -0.03 -22.57
C ARG C 249 8.58 -1.32 -22.63
N ILE C 250 7.65 -1.48 -21.70
CA ILE C 250 6.71 -2.60 -21.75
C ILE C 250 5.48 -2.12 -22.54
N ALA C 251 5.21 -2.77 -23.66
CA ALA C 251 4.16 -2.35 -24.57
C ALA C 251 3.11 -3.44 -24.78
N THR C 252 1.85 -3.04 -24.78
CA THR C 252 0.80 -3.98 -25.16
C THR C 252 -0.44 -3.17 -25.57
N GLY C 253 -1.35 -3.79 -26.31
CA GLY C 253 -2.60 -3.12 -26.60
C GLY C 253 -3.39 -3.60 -27.80
N GLU C 254 -2.77 -4.33 -28.72
CA GLU C 254 -3.51 -4.72 -29.93
C GLU C 254 -4.64 -5.67 -29.58
N ASN C 255 -4.53 -6.38 -28.47
CA ASN C 255 -5.57 -7.32 -28.07
C ASN C 255 -6.34 -6.90 -26.81
N LEU C 256 -6.15 -5.64 -26.41
CA LEU C 256 -6.92 -5.05 -25.32
C LEU C 256 -7.95 -4.10 -25.90
N TYR C 257 -9.08 -3.99 -25.21
CA TYR C 257 -10.22 -3.30 -25.80
C TYR C 257 -10.78 -2.23 -24.89
N THR C 258 -11.01 -1.05 -25.47
CA THR C 258 -11.54 0.14 -24.79
C THR C 258 -10.55 0.79 -23.81
N ARG C 259 -10.85 2.03 -23.43
CA ARG C 259 -10.02 2.73 -22.45
C ARG C 259 -9.99 2.02 -21.09
N ASN C 260 -10.99 1.20 -20.83
CA ASN C 260 -11.10 0.49 -19.55
C ASN C 260 -9.97 -0.50 -19.34
N ALA C 261 -9.62 -1.24 -20.40
CA ALA C 261 -8.50 -2.16 -20.36
C ALA C 261 -7.24 -1.42 -19.97
N PHE C 262 -7.01 -0.30 -20.63
CA PHE C 262 -5.77 0.42 -20.42
C PHE C 262 -5.72 1.09 -19.06
N ASN C 263 -6.87 1.57 -18.59
CA ASN C 263 -6.93 2.10 -17.24
C ASN C 263 -6.49 1.05 -16.22
N ASP C 264 -6.92 -0.19 -16.40
CA ASP C 264 -6.53 -1.25 -15.47
C ASP C 264 -5.03 -1.48 -15.46
N TYR C 265 -4.41 -1.47 -16.63
CA TYR C 265 -2.94 -1.56 -16.71
C TYR C 265 -2.27 -0.37 -16.05
N ILE C 266 -2.77 0.83 -16.31
CA ILE C 266 -2.18 2.04 -15.75
C ILE C 266 -2.29 2.05 -14.22
N ARG C 267 -3.47 1.71 -13.71
CA ARG C 267 -3.69 1.65 -12.25
C ARG C 267 -2.75 0.66 -11.56
N ASN C 268 -2.31 -0.34 -12.29
CA ASN C 268 -1.45 -1.40 -11.75
C ASN C 268 0.02 -1.21 -12.13
N ASP C 269 0.35 -0.02 -12.61
CA ASP C 269 1.74 0.33 -12.92
C ASP C 269 2.33 -0.71 -13.86
N ALA C 270 1.53 -1.16 -14.82
CA ALA C 270 1.91 -2.31 -15.61
C ALA C 270 2.20 -2.02 -17.09
N ILE C 271 2.27 -0.76 -17.51
CA ILE C 271 2.42 -0.47 -18.92
C ILE C 271 3.21 0.82 -19.19
N ASP C 272 4.09 0.81 -20.19
CA ASP C 272 4.80 2.04 -20.61
C ASP C 272 4.23 2.61 -21.90
N VAL C 273 3.85 1.72 -22.82
CA VAL C 273 3.38 2.10 -24.14
C VAL C 273 2.03 1.42 -24.40
N LEU C 274 0.98 2.23 -24.50
CA LEU C 274 -0.35 1.75 -24.81
C LEU C 274 -0.50 1.64 -26.32
N GLN C 275 -0.94 0.47 -26.78
CA GLN C 275 -0.98 0.22 -28.24
C GLN C 275 -2.38 0.08 -28.83
N ALA C 276 -3.37 0.64 -28.14
CA ALA C 276 -4.74 0.63 -28.63
C ALA C 276 -4.82 1.08 -30.10
N ASP C 277 -5.45 0.26 -30.91
CA ASP C 277 -5.61 0.49 -32.35
C ASP C 277 -6.98 1.12 -32.56
N ALA C 278 -7.02 2.27 -33.25
CA ALA C 278 -8.29 2.93 -33.58
C ALA C 278 -9.27 1.96 -34.22
N SER C 279 -8.75 0.99 -34.97
CA SER C 279 -9.63 0.08 -35.72
C SER C 279 -10.01 -1.17 -34.92
N ARG C 280 -9.56 -1.26 -33.67
CA ARG C 280 -9.80 -2.45 -32.85
C ARG C 280 -10.39 -2.10 -31.49
N ALA C 281 -9.82 -1.07 -30.85
CA ALA C 281 -10.07 -0.82 -29.44
C ALA C 281 -11.33 0.00 -29.16
N GLY C 282 -12.01 0.42 -30.22
CA GLY C 282 -13.30 1.09 -30.09
C GLY C 282 -13.56 2.21 -31.10
N GLY C 283 -12.57 2.51 -31.93
CA GLY C 283 -12.72 3.52 -32.97
C GLY C 283 -11.76 4.68 -32.77
N ILE C 284 -11.80 5.64 -33.70
CA ILE C 284 -11.07 6.89 -33.54
C ILE C 284 -11.55 7.57 -32.26
N THR C 285 -12.84 7.50 -32.02
CA THR C 285 -13.41 8.11 -30.82
C THR C 285 -12.74 7.60 -29.55
N GLU C 286 -12.59 6.30 -29.45
CA GLU C 286 -12.02 5.68 -28.26
C GLU C 286 -10.51 5.85 -28.22
N ALA C 287 -9.85 5.72 -29.36
CA ALA C 287 -8.40 5.89 -29.37
C ALA C 287 -7.99 7.31 -28.96
N LEU C 288 -8.75 8.32 -29.38
CA LEU C 288 -8.53 9.69 -28.94
C LEU C 288 -8.48 9.78 -27.42
N ALA C 289 -9.44 9.12 -26.77
CA ALA C 289 -9.51 9.11 -25.31
C ALA C 289 -8.34 8.37 -24.70
N ILE C 290 -7.94 7.27 -25.33
CA ILE C 290 -6.84 6.47 -24.77
C ILE C 290 -5.52 7.22 -24.89
N SER C 291 -5.32 7.88 -26.02
CA SER C 291 -4.12 8.69 -26.21
C SER C 291 -4.00 9.79 -25.15
N ALA C 292 -5.13 10.45 -24.86
CA ALA C 292 -5.14 11.52 -23.87
C ALA C 292 -4.84 10.95 -22.49
N SER C 293 -5.45 9.81 -22.20
N SER C 293 -5.45 9.80 -22.20
CA SER C 293 -5.28 9.19 -20.89
CA SER C 293 -5.28 9.18 -20.88
C SER C 293 -3.85 8.73 -20.66
C SER C 293 -3.84 8.72 -20.66
N ALA C 294 -3.20 8.22 -21.72
CA ALA C 294 -1.81 7.85 -21.62
C ALA C 294 -0.99 9.08 -21.26
N ALA C 295 -1.21 10.16 -21.99
CA ALA C 295 -0.50 11.41 -21.72
C ALA C 295 -0.68 11.91 -20.28
N SER C 296 -1.90 11.83 -19.77
N SER C 296 -1.91 11.82 -19.77
CA SER C 296 -2.15 12.28 -18.40
CA SER C 296 -2.18 12.26 -18.41
C SER C 296 -1.30 11.51 -17.39
C SER C 296 -1.34 11.49 -17.38
N ALA C 297 -1.06 10.23 -17.69
CA ALA C 297 -0.28 9.35 -16.83
C ALA C 297 1.22 9.40 -17.12
N HIS C 298 1.62 10.30 -18.02
CA HIS C 298 3.02 10.41 -18.45
C HIS C 298 3.51 9.13 -19.12
N LEU C 299 2.61 8.47 -19.83
CA LEU C 299 2.94 7.25 -20.59
C LEU C 299 2.80 7.56 -22.08
N ALA C 300 3.06 6.57 -22.94
CA ALA C 300 3.01 6.80 -24.38
C ALA C 300 1.85 6.04 -25.01
N TRP C 301 1.33 6.58 -26.11
CA TRP C 301 0.39 5.86 -26.96
C TRP C 301 1.02 5.75 -28.35
N ASN C 302 1.27 4.51 -28.78
CA ASN C 302 1.81 4.24 -30.11
C ASN C 302 0.98 3.06 -30.61
N PRO C 303 0.02 3.34 -31.49
CA PRO C 303 -1.00 2.32 -31.79
C PRO C 303 -0.42 1.16 -32.61
N HIS C 304 -0.99 -0.02 -32.39
CA HIS C 304 -0.93 -1.09 -33.36
C HIS C 304 -1.74 -0.60 -34.57
N THR C 305 -1.28 -0.88 -35.79
CA THR C 305 -1.99 -0.42 -37.01
C THR C 305 -2.17 -1.49 -38.07
N PHE C 306 -1.74 -2.71 -37.75
CA PHE C 306 -1.48 -3.79 -38.71
C PHE C 306 -2.74 -4.50 -39.21
N ASN C 307 -3.17 -4.18 -40.43
CA ASN C 307 -4.14 -5.01 -41.17
C ASN C 307 -4.34 -4.57 -42.62
N ASP C 308 -4.60 -3.27 -42.81
CA ASP C 308 -4.87 -2.75 -44.15
C ASP C 308 -4.60 -1.25 -44.18
N ILE C 309 -4.72 -0.64 -45.37
CA ILE C 309 -4.35 0.76 -45.50
C ILE C 309 -5.33 1.67 -44.76
N ILE C 310 -6.54 1.18 -44.53
CA ILE C 310 -7.52 1.96 -43.78
C ILE C 310 -7.18 2.00 -42.28
N THR C 311 -6.86 0.85 -41.70
CA THR C 311 -6.43 0.84 -40.29
C THR C 311 -5.15 1.68 -40.12
N VAL C 312 -4.24 1.57 -41.07
CA VAL C 312 -3.06 2.43 -41.05
C VAL C 312 -3.43 3.92 -41.09
N ALA C 313 -4.28 4.31 -42.02
CA ALA C 313 -4.60 5.73 -42.21
C ALA C 313 -5.37 6.31 -41.02
N ALA C 314 -6.35 5.56 -40.54
CA ALA C 314 -7.14 6.01 -39.39
C ALA C 314 -6.21 6.33 -38.22
N ASN C 315 -5.29 5.42 -37.91
CA ASN C 315 -4.34 5.67 -36.81
C ASN C 315 -3.36 6.80 -37.11
N LEU C 316 -2.95 6.91 -38.37
CA LEU C 316 -1.96 7.92 -38.74
C LEU C 316 -2.50 9.34 -38.54
N HIS C 317 -3.77 9.56 -38.86
CA HIS C 317 -4.40 10.86 -38.60
C HIS C 317 -4.29 11.23 -37.11
N LEU C 318 -4.59 10.27 -36.24
CA LEU C 318 -4.50 10.49 -34.79
C LEU C 318 -3.07 10.67 -34.31
N VAL C 319 -2.16 9.82 -34.78
CA VAL C 319 -0.76 9.92 -34.38
C VAL C 319 -0.16 11.27 -34.80
N ALA C 320 -0.46 11.68 -36.03
CA ALA C 320 0.05 12.96 -36.53
C ALA C 320 -0.40 14.12 -35.65
N ALA C 321 -1.60 14.00 -35.10
CA ALA C 321 -2.17 15.05 -34.25
C ALA C 321 -1.73 14.99 -32.78
N SER C 322 -1.07 13.91 -32.40
N SER C 322 -1.11 13.89 -32.39
CA SER C 322 -0.75 13.65 -30.99
CA SER C 322 -0.76 13.65 -30.98
C SER C 322 0.66 14.03 -30.60
C SER C 322 0.65 14.08 -30.62
N PRO C 323 0.83 14.66 -29.44
CA PRO C 323 2.17 15.02 -28.96
C PRO C 323 3.03 13.82 -28.52
N HIS C 324 2.51 12.59 -28.56
CA HIS C 324 3.33 11.45 -28.17
C HIS C 324 4.50 11.30 -29.15
N PRO C 325 5.68 10.93 -28.64
CA PRO C 325 6.81 10.61 -29.52
C PRO C 325 6.38 9.53 -30.48
N ALA C 326 6.63 9.70 -31.77
CA ALA C 326 6.09 8.78 -32.76
C ALA C 326 6.93 7.52 -32.91
N MET C 327 6.23 6.41 -33.06
CA MET C 327 6.88 5.13 -33.37
C MET C 327 5.79 4.35 -34.07
N PHE C 328 5.55 4.74 -35.32
CA PHE C 328 4.34 4.36 -36.04
C PHE C 328 4.51 3.08 -36.85
N GLU C 329 3.65 2.11 -36.57
CA GLU C 329 3.75 0.80 -37.19
C GLU C 329 3.39 0.81 -38.67
N TRP C 330 4.32 0.35 -39.52
CA TRP C 330 4.04 0.20 -40.94
C TRP C 330 4.30 -1.23 -41.42
N ASP C 331 3.22 -1.92 -41.78
CA ASP C 331 3.24 -3.29 -42.29
C ASP C 331 4.05 -3.35 -43.60
N ILE C 332 5.19 -4.06 -43.58
CA ILE C 332 6.02 -4.17 -44.78
C ILE C 332 5.95 -5.57 -45.38
N THR C 333 5.04 -6.39 -44.88
CA THR C 333 4.88 -7.74 -45.41
C THR C 333 4.04 -7.71 -46.68
N HIS C 334 3.96 -8.85 -47.37
CA HIS C 334 3.14 -8.92 -48.56
C HIS C 334 1.67 -8.68 -48.24
N ASN C 335 1.12 -7.58 -48.74
CA ASN C 335 -0.26 -7.22 -48.40
C ASN C 335 -0.88 -6.31 -49.44
N ASP C 336 -1.71 -6.91 -50.31
CA ASP C 336 -2.39 -6.15 -51.35
C ASP C 336 -3.35 -5.10 -50.78
N LEU C 337 -3.79 -5.29 -49.54
CA LEU C 337 -4.70 -4.33 -48.89
C LEU C 337 -3.94 -3.10 -48.41
N MET C 338 -2.61 -3.17 -48.42
CA MET C 338 -1.77 -2.00 -48.15
C MET C 338 -1.44 -1.20 -49.40
N THR C 339 -1.50 -1.84 -50.57
CA THR C 339 -0.99 -1.21 -51.78
C THR C 339 -2.03 -0.95 -52.87
N ARG C 340 -3.01 -1.83 -52.99
CA ARG C 340 -3.96 -1.74 -54.10
C ARG C 340 -5.37 -1.25 -53.72
N LEU C 341 -5.68 -1.20 -52.42
CA LEU C 341 -7.03 -0.83 -52.03
C LEU C 341 -7.32 0.65 -52.26
N ALA C 342 -6.27 1.47 -52.12
CA ALA C 342 -6.43 2.92 -52.22
C ALA C 342 -5.17 3.56 -52.78
N SER C 343 -5.29 4.86 -53.10
CA SER C 343 -4.21 5.58 -53.75
C SER C 343 -3.21 6.19 -52.77
N TYR C 344 -3.08 5.60 -51.58
CA TYR C 344 -2.14 6.10 -50.58
C TYR C 344 -1.02 5.10 -50.32
N ASP C 345 0.19 5.46 -50.75
CA ASP C 345 1.34 4.56 -50.65
C ASP C 345 2.35 5.02 -49.59
N LEU C 346 3.27 4.13 -49.26
CA LEU C 346 4.34 4.45 -48.33
C LEU C 346 5.35 5.39 -48.97
N LYS C 347 5.59 6.52 -48.31
CA LYS C 347 6.62 7.44 -48.75
C LYS C 347 7.37 7.94 -47.53
N LEU C 348 8.64 7.53 -47.42
CA LEU C 348 9.47 7.90 -46.29
C LEU C 348 10.40 9.05 -46.65
N GLU C 349 10.36 10.10 -45.83
CA GLU C 349 11.30 11.20 -45.96
C GLU C 349 12.01 11.35 -44.63
N ASN C 350 13.32 11.06 -44.62
CA ASN C 350 14.09 11.08 -43.39
C ASN C 350 13.43 10.20 -42.33
N GLY C 351 12.87 9.08 -42.78
CA GLY C 351 12.24 8.12 -41.88
C GLY C 351 10.84 8.48 -41.42
N LEU C 352 10.28 9.55 -41.98
CA LEU C 352 8.96 10.02 -41.58
C LEU C 352 7.91 9.82 -42.67
N VAL C 353 6.66 9.61 -42.27
CA VAL C 353 5.54 9.53 -43.21
C VAL C 353 4.55 10.65 -42.89
N GLN C 354 3.74 11.04 -43.87
CA GLN C 354 2.72 12.05 -43.64
C GLN C 354 1.34 11.44 -43.84
N PRO C 355 0.36 11.89 -43.06
CA PRO C 355 -1.01 11.38 -43.24
C PRO C 355 -1.59 11.81 -44.59
N PRO C 356 -2.56 11.05 -45.12
CA PRO C 356 -3.20 11.44 -46.39
C PRO C 356 -3.79 12.85 -46.27
N GLN C 357 -3.75 13.62 -47.36
CA GLN C 357 -4.16 15.03 -47.33
C GLN C 357 -5.61 15.31 -47.73
N GLY C 358 -6.29 14.34 -48.31
CA GLY C 358 -7.66 14.56 -48.77
C GLY C 358 -8.67 14.59 -47.64
N PRO C 359 -9.95 14.76 -47.97
CA PRO C 359 -11.00 14.82 -46.95
C PRO C 359 -11.22 13.48 -46.27
N GLY C 360 -11.63 13.51 -45.01
CA GLY C 360 -11.84 12.29 -44.25
C GLY C 360 -10.55 11.52 -44.06
N LEU C 361 -10.58 10.22 -44.34
CA LEU C 361 -9.37 9.41 -44.30
C LEU C 361 -8.31 9.90 -45.28
N GLY C 362 -8.76 10.57 -46.34
CA GLY C 362 -7.86 11.34 -47.18
C GLY C 362 -7.43 10.75 -48.49
N PHE C 363 -8.07 9.65 -48.88
CA PHE C 363 -7.80 9.04 -50.17
C PHE C 363 -9.09 8.43 -50.71
N GLU C 364 -9.04 8.00 -51.96
CA GLU C 364 -10.19 7.36 -52.59
C GLU C 364 -10.05 5.84 -52.64
N ILE C 365 -11.16 5.14 -52.43
CA ILE C 365 -11.18 3.69 -52.57
C ILE C 365 -11.20 3.30 -54.05
N ASP C 366 -10.46 2.25 -54.41
CA ASP C 366 -10.53 1.67 -55.75
C ASP C 366 -11.63 0.62 -55.76
N TRP C 367 -12.84 1.05 -56.09
CA TRP C 367 -13.98 0.15 -56.03
C TRP C 367 -13.94 -1.01 -57.02
N ASP C 368 -13.13 -0.88 -58.07
CA ASP C 368 -12.93 -1.98 -59.00
C ASP C 368 -12.16 -3.09 -58.29
N PHE C 369 -11.08 -2.71 -57.62
CA PHE C 369 -10.31 -3.66 -56.83
C PHE C 369 -11.21 -4.37 -55.82
N VAL C 370 -12.04 -3.59 -55.14
CA VAL C 370 -12.97 -4.12 -54.14
C VAL C 370 -13.88 -5.19 -54.75
N ALA C 371 -14.47 -4.86 -55.90
CA ALA C 371 -15.41 -5.78 -56.52
C ALA C 371 -14.72 -7.04 -57.00
N ALA C 372 -13.43 -6.96 -57.24
CA ALA C 372 -12.67 -8.08 -57.76
C ALA C 372 -12.05 -8.98 -56.67
N HIS C 373 -12.23 -8.60 -55.41
CA HIS C 373 -11.61 -9.37 -54.33
C HIS C 373 -12.55 -9.77 -53.20
N ALA C 374 -13.80 -10.04 -53.55
CA ALA C 374 -14.76 -10.54 -52.56
C ALA C 374 -14.22 -11.82 -51.93
N TRP C 375 -14.44 -11.94 -50.62
CA TRP C 375 -14.09 -13.12 -49.86
C TRP C 375 -14.91 -14.32 -50.34
N LYS C 376 -14.27 -15.46 -50.50
CA LYS C 376 -14.97 -16.68 -50.94
C LYS C 376 -14.91 -17.80 -49.90
N GLY C 377 -14.46 -17.47 -48.69
CA GLY C 377 -14.42 -18.43 -47.60
C GLY C 377 -13.01 -18.88 -47.23
N GLU C 378 -12.01 -18.29 -47.88
CA GLU C 378 -10.61 -18.56 -47.54
C GLU C 378 -10.32 -18.20 -46.08
N PRO C 379 -9.37 -18.92 -45.45
CA PRO C 379 -8.95 -18.61 -44.08
C PRO C 379 -7.90 -17.49 -44.09
N ALA C 380 -7.87 -16.68 -43.04
CA ALA C 380 -6.90 -15.59 -42.98
C ALA C 380 -5.57 -16.03 -42.39
N ILE C 381 -5.63 -16.90 -41.39
CA ILE C 381 -4.44 -17.21 -40.61
C ILE C 381 -4.56 -18.57 -39.95
N GLY C 382 -3.43 -19.27 -39.84
CA GLY C 382 -3.38 -20.53 -39.12
C GLY C 382 -3.53 -20.33 -37.62
N ALA C 383 -3.62 -21.43 -36.88
CA ALA C 383 -3.85 -21.37 -35.44
C ALA C 383 -2.72 -20.63 -34.73
N GLY C 384 -3.10 -19.82 -33.74
CA GLY C 384 -2.13 -19.06 -32.96
C GLY C 384 -1.48 -19.92 -31.88
N HIS C 385 -0.61 -19.29 -31.10
CA HIS C 385 0.18 -20.01 -30.10
C HIS C 385 -0.16 -19.55 -28.68
N GLY C 386 0.46 -20.18 -27.70
CA GLY C 386 0.32 -19.79 -26.31
C GLY C 386 -0.11 -20.95 -25.46
N MET C 387 -0.55 -22.01 -26.12
CA MET C 387 -1.01 -23.21 -25.44
C MET C 387 0.14 -23.89 -24.70
N SER D 2 8.43 -13.70 52.23
CA SER D 2 8.65 -12.60 51.28
C SER D 2 9.69 -11.61 51.77
N LEU D 3 10.54 -11.14 50.86
CA LEU D 3 11.50 -10.08 51.15
C LEU D 3 10.89 -8.71 50.89
N LYS D 4 11.54 -7.68 51.40
CA LYS D 4 11.15 -6.30 51.12
C LYS D 4 12.38 -5.48 50.79
N ILE D 5 12.29 -4.67 49.74
CA ILE D 5 13.41 -3.82 49.36
C ILE D 5 13.64 -2.71 50.39
N THR D 6 14.88 -2.59 50.86
CA THR D 6 15.19 -1.58 51.85
C THR D 6 15.97 -0.39 51.28
N GLU D 7 16.82 -0.67 50.30
CA GLU D 7 17.63 0.38 49.69
C GLU D 7 17.88 0.11 48.22
N VAL D 8 17.99 1.18 47.45
CA VAL D 8 18.48 1.11 46.08
C VAL D 8 19.64 2.09 45.95
N LYS D 9 20.83 1.55 45.73
CA LYS D 9 22.04 2.36 45.73
C LYS D 9 22.67 2.33 44.35
N ALA D 10 23.36 3.42 44.01
CA ALA D 10 24.06 3.51 42.74
C ALA D 10 25.49 3.98 43.00
N HIS D 11 26.46 3.07 42.84
CA HIS D 11 27.86 3.41 43.07
C HIS D 11 28.54 3.83 41.77
N ALA D 12 28.93 5.10 41.68
CA ALA D 12 29.65 5.56 40.50
C ALA D 12 31.11 5.15 40.62
N LEU D 13 31.62 4.53 39.57
CA LEU D 13 32.97 3.97 39.55
C LEU D 13 33.77 4.45 38.35
N SER D 14 35.08 4.60 38.54
CA SER D 14 35.96 5.03 37.47
C SER D 14 37.29 4.33 37.67
N THR D 15 37.89 3.87 36.57
CA THR D 15 39.22 3.25 36.62
C THR D 15 40.01 3.65 35.38
N PRO D 16 41.28 4.01 35.58
CA PRO D 16 42.07 4.55 34.48
C PRO D 16 42.43 3.49 33.44
N ILE D 17 42.59 3.91 32.20
CA ILE D 17 43.07 3.03 31.15
C ILE D 17 44.54 3.36 30.91
N PRO D 18 45.41 2.34 30.86
CA PRO D 18 46.83 2.63 30.61
C PRO D 18 47.00 3.44 29.32
N GLU D 19 47.93 4.39 29.34
CA GLU D 19 48.12 5.28 28.20
C GLU D 19 48.23 4.55 26.85
N ARG D 20 48.98 3.46 26.82
CA ARG D 20 49.24 2.75 25.59
C ARG D 20 47.98 2.09 25.03
N MET D 21 47.01 1.83 25.90
CA MET D 21 45.80 1.11 25.53
C MET D 21 44.60 2.03 25.31
N ARG D 22 44.82 3.35 25.39
CA ARG D 22 43.75 4.30 25.16
C ARG D 22 43.36 4.32 23.68
N VAL D 23 42.07 4.19 23.41
CA VAL D 23 41.58 4.16 22.03
C VAL D 23 40.86 5.44 21.64
N GLU D 24 41.11 5.89 20.42
CA GLU D 24 40.36 7.02 19.86
C GLU D 24 38.91 6.60 19.70
N SER D 25 38.01 7.29 20.37
CA SER D 25 36.59 6.93 20.34
C SER D 25 35.76 8.18 20.17
N GLY D 26 35.51 8.88 21.28
CA GLY D 26 34.87 10.18 21.21
C GLY D 26 35.77 11.13 20.43
N ALA D 27 35.50 12.42 20.53
CA ALA D 27 36.34 13.41 19.87
C ALA D 27 37.81 13.17 20.21
N GLY D 28 38.05 12.62 21.40
CA GLY D 28 39.39 12.35 21.86
C GLY D 28 39.59 10.96 22.43
N LEU D 29 40.74 10.75 23.07
CA LEU D 29 41.09 9.47 23.66
C LEU D 29 40.22 9.11 24.85
N LYS D 30 39.76 7.87 24.89
CA LYS D 30 39.13 7.33 26.08
C LYS D 30 40.20 7.31 27.17
N LEU D 31 39.88 7.84 28.35
CA LEU D 31 40.85 7.95 29.45
C LEU D 31 40.52 7.03 30.63
N ASN D 32 39.23 6.90 30.93
CA ASN D 32 38.79 6.10 32.06
C ASN D 32 37.58 5.24 31.70
N ARG D 33 37.51 4.03 32.27
CA ARG D 33 36.32 3.19 32.17
C ARG D 33 35.44 3.50 33.36
N GLN D 34 34.16 3.76 33.10
CA GLN D 34 33.27 4.17 34.15
C GLN D 34 31.97 3.38 34.10
N MET D 35 31.27 3.34 35.25
CA MET D 35 30.01 2.64 35.34
C MET D 35 29.29 3.05 36.61
N ILE D 36 28.00 2.77 36.65
CA ILE D 36 27.24 2.78 37.88
C ILE D 36 27.03 1.32 38.26
N LEU D 37 27.42 0.95 39.49
CA LEU D 37 27.09 -0.34 40.04
C LEU D 37 25.84 -0.18 40.89
N VAL D 38 24.73 -0.77 40.42
CA VAL D 38 23.47 -0.70 41.14
C VAL D 38 23.46 -1.80 42.19
N GLU D 39 22.97 -1.46 43.39
CA GLU D 39 22.89 -2.43 44.47
C GLU D 39 21.50 -2.33 45.08
N VAL D 40 20.75 -3.41 45.03
CA VAL D 40 19.42 -3.43 45.64
C VAL D 40 19.47 -4.31 46.88
N ARG D 41 19.20 -3.73 48.04
CA ARG D 41 19.22 -4.45 49.31
C ARG D 41 17.82 -4.74 49.85
N THR D 42 17.70 -5.81 50.64
CA THR D 42 16.43 -6.20 51.23
C THR D 42 16.53 -6.40 52.74
N ASP D 43 15.38 -6.42 53.39
CA ASP D 43 15.34 -6.60 54.84
C ASP D 43 16.04 -7.87 55.35
N GLU D 44 16.06 -8.93 54.56
CA GLU D 44 16.69 -10.19 54.99
C GLU D 44 18.12 -10.34 54.47
N GLY D 45 18.68 -9.27 53.91
CA GLY D 45 20.06 -9.29 53.46
C GLY D 45 20.37 -9.97 52.14
N VAL D 46 19.35 -10.26 51.34
CA VAL D 46 19.60 -10.76 49.98
C VAL D 46 19.77 -9.56 49.06
N THR D 47 20.89 -9.54 48.33
CA THR D 47 21.27 -8.38 47.52
C THR D 47 21.40 -8.73 46.03
N GLY D 48 21.00 -7.80 45.18
CA GLY D 48 21.20 -7.94 43.74
C GLY D 48 22.00 -6.76 43.21
N VAL D 49 22.81 -6.98 42.19
CA VAL D 49 23.56 -5.88 41.57
C VAL D 49 23.24 -5.82 40.07
N GLY D 50 23.40 -4.63 39.50
CA GLY D 50 23.16 -4.42 38.08
C GLY D 50 24.00 -3.26 37.57
N SER D 51 23.84 -2.93 36.28
CA SER D 51 24.58 -1.82 35.68
C SER D 51 23.70 -1.24 34.58
N PRO D 52 23.56 0.09 34.53
CA PRO D 52 22.81 0.77 33.46
C PRO D 52 23.68 1.16 32.26
N SER D 53 24.80 0.49 32.07
CA SER D 53 25.64 0.74 30.90
C SER D 53 26.21 2.15 30.88
N GLY D 54 26.59 2.60 29.69
CA GLY D 54 27.23 3.90 29.51
C GLY D 54 27.70 4.01 28.07
N PRO D 55 28.22 5.19 27.68
CA PRO D 55 28.40 6.35 28.54
C PRO D 55 27.10 7.11 28.73
N TYR D 56 26.75 7.35 29.98
CA TYR D 56 25.70 8.30 30.34
C TYR D 56 26.32 9.03 31.51
N ASP D 57 25.94 10.26 31.72
CA ASP D 57 26.54 11.00 32.85
C ASP D 57 26.30 10.26 34.18
N LEU D 58 27.37 10.05 34.94
CA LEU D 58 27.27 9.25 36.16
C LEU D 58 26.38 9.89 37.22
N ALA D 59 26.42 11.22 37.31
CA ALA D 59 25.63 11.91 38.31
C ALA D 59 24.15 11.85 37.98
N VAL D 60 23.83 12.01 36.69
CA VAL D 60 22.44 11.84 36.23
C VAL D 60 21.93 10.44 36.56
N LEU D 61 22.72 9.43 36.24
CA LEU D 61 22.35 8.05 36.49
C LEU D 61 22.13 7.79 37.98
N LYS D 62 23.04 8.29 38.81
CA LYS D 62 22.96 8.04 40.25
C LYS D 62 21.68 8.66 40.81
N ARG D 63 21.38 9.89 40.40
CA ARG D 63 20.19 10.58 40.87
C ARG D 63 18.93 9.86 40.40
N ALA D 64 18.89 9.47 39.13
CA ALA D 64 17.69 8.81 38.62
C ALA D 64 17.45 7.49 39.34
N ILE D 65 18.52 6.74 39.55
CA ILE D 65 18.40 5.43 40.19
C ILE D 65 18.00 5.55 41.67
N GLU D 66 18.72 6.40 42.41
CA GLU D 66 18.48 6.50 43.84
C GLU D 66 17.24 7.30 44.24
N ASP D 67 16.95 8.37 43.50
CA ASP D 67 15.94 9.34 43.94
C ASP D 67 14.69 9.47 43.06
N VAL D 68 14.74 8.91 41.86
CA VAL D 68 13.56 8.84 41.00
C VAL D 68 12.97 7.43 40.98
N ILE D 69 13.78 6.44 40.60
CA ILE D 69 13.33 5.05 40.56
C ILE D 69 13.26 4.44 41.96
N GLY D 70 14.31 4.67 42.74
CA GLY D 70 14.46 4.11 44.08
C GLY D 70 13.22 4.15 44.96
N PRO D 71 12.62 5.33 45.12
CA PRO D 71 11.44 5.50 45.98
C PRO D 71 10.25 4.64 45.58
N GLN D 72 10.18 4.26 44.30
CA GLN D 72 9.08 3.41 43.83
C GLN D 72 9.28 1.96 44.26
N LEU D 73 10.49 1.65 44.71
CA LEU D 73 10.85 0.28 45.04
C LEU D 73 10.88 0.00 46.54
N ILE D 74 11.27 0.99 47.35
CA ILE D 74 11.40 0.78 48.79
C ILE D 74 10.11 0.24 49.38
N GLY D 75 10.22 -0.86 50.13
CA GLY D 75 9.06 -1.43 50.79
C GLY D 75 8.36 -2.49 49.95
N GLU D 76 8.73 -2.57 48.68
CA GLU D 76 8.13 -3.53 47.75
C GLU D 76 8.81 -4.91 47.78
N ASP D 77 8.05 -5.96 47.48
CA ASP D 77 8.59 -7.30 47.30
C ASP D 77 9.36 -7.34 45.98
N PRO D 78 10.67 -7.60 46.03
CA PRO D 78 11.47 -7.58 44.80
C PRO D 78 11.14 -8.73 43.86
N ALA D 79 10.41 -9.74 44.32
CA ALA D 79 10.05 -10.88 43.49
C ALA D 79 9.15 -10.52 42.31
N ASN D 80 8.31 -9.49 42.47
CA ASN D 80 7.40 -9.08 41.41
C ASN D 80 8.10 -8.15 40.42
N ILE D 81 9.10 -8.66 39.73
CA ILE D 81 9.87 -7.82 38.80
C ILE D 81 8.99 -7.23 37.69
N ASN D 82 8.06 -8.03 37.17
CA ASN D 82 7.13 -7.53 36.16
C ASN D 82 6.27 -6.35 36.62
N TYR D 83 5.67 -6.51 37.79
CA TYR D 83 4.92 -5.41 38.40
C TYR D 83 5.79 -4.14 38.57
N LEU D 84 6.99 -4.32 39.10
CA LEU D 84 7.86 -3.19 39.44
C LEU D 84 8.35 -2.45 38.20
N TRP D 85 8.60 -3.17 37.12
CA TRP D 85 8.99 -2.53 35.87
C TRP D 85 7.92 -1.52 35.45
N HIS D 86 6.67 -1.95 35.49
CA HIS D 86 5.58 -1.09 35.06
C HIS D 86 5.27 0.00 36.05
N LYS D 87 5.33 -0.32 37.33
CA LYS D 87 5.19 0.70 38.34
C LYS D 87 6.18 1.84 38.10
N VAL D 88 7.42 1.50 37.78
CA VAL D 88 8.47 2.51 37.61
C VAL D 88 8.28 3.29 36.30
N PHE D 89 8.05 2.57 35.21
CA PHE D 89 7.90 3.19 33.89
C PHE D 89 6.72 4.16 33.82
N HIS D 90 5.55 3.68 34.24
CA HIS D 90 4.32 4.48 34.15
C HIS D 90 4.19 5.51 35.26
N GLY D 91 4.78 5.22 36.41
CA GLY D 91 4.69 6.12 37.54
C GLY D 91 5.65 7.29 37.48
N GLU D 92 6.84 7.05 36.95
CA GLU D 92 7.88 8.08 36.95
C GLU D 92 8.63 8.22 35.62
N VAL D 93 9.21 7.12 35.14
CA VAL D 93 10.25 7.24 34.12
C VAL D 93 9.80 7.75 32.75
N SER D 94 8.75 7.17 32.18
CA SER D 94 8.34 7.57 30.84
C SER D 94 8.12 9.07 30.73
N ARG D 95 7.26 9.63 31.58
CA ARG D 95 6.93 11.03 31.48
C ARG D 95 8.03 11.94 32.03
N ASN D 96 8.58 11.55 33.17
CA ASN D 96 9.44 12.47 33.92
C ASN D 96 10.93 12.36 33.59
N LEU D 97 11.32 11.34 32.85
CA LEU D 97 12.68 11.27 32.31
C LEU D 97 12.68 11.12 30.78
N GLY D 98 11.52 10.80 30.19
CA GLY D 98 11.41 10.67 28.75
C GLY D 98 11.31 9.20 28.34
N HIS D 99 10.47 8.89 27.36
CA HIS D 99 10.22 7.51 27.01
C HIS D 99 11.39 6.78 26.33
N ARG D 100 12.35 7.52 25.78
CA ARG D 100 13.51 6.86 25.15
C ARG D 100 14.77 7.55 25.63
N SER D 101 15.19 7.23 26.85
CA SER D 101 16.09 8.11 27.57
C SER D 101 17.06 7.40 28.49
N VAL D 102 17.98 8.18 29.05
CA VAL D 102 18.89 7.71 30.10
C VAL D 102 18.07 7.12 31.27
N GLY D 103 16.85 7.58 31.44
CA GLY D 103 15.97 6.99 32.44
C GLY D 103 15.62 5.53 32.17
N ILE D 104 15.48 5.15 30.90
CA ILE D 104 15.28 3.75 30.53
C ILE D 104 16.52 2.91 30.82
N ALA D 105 17.70 3.48 30.57
CA ALA D 105 18.93 2.78 30.96
C ALA D 105 19.00 2.61 32.48
N ALA D 106 18.63 3.67 33.21
CA ALA D 106 18.62 3.62 34.67
C ALA D 106 17.70 2.49 35.14
N MET D 107 16.52 2.41 34.54
CA MET D 107 15.59 1.31 34.81
C MET D 107 16.20 -0.05 34.52
N SER D 108 17.00 -0.13 33.47
CA SER D 108 17.62 -1.39 33.05
C SER D 108 18.57 -1.89 34.13
N GLY D 109 19.37 -0.97 34.68
CA GLY D 109 20.32 -1.33 35.72
C GLY D 109 19.60 -1.91 36.92
N VAL D 110 18.52 -1.27 37.30
CA VAL D 110 17.71 -1.69 38.44
C VAL D 110 17.02 -3.03 38.15
N ASP D 111 16.47 -3.16 36.95
CA ASP D 111 15.85 -4.42 36.53
C ASP D 111 16.86 -5.59 36.55
N ILE D 112 18.07 -5.35 36.07
CA ILE D 112 19.10 -6.40 36.10
C ILE D 112 19.36 -6.77 37.56
N ALA D 113 19.47 -5.77 38.43
CA ALA D 113 19.72 -6.05 39.84
C ALA D 113 18.60 -6.91 40.45
N LEU D 114 17.34 -6.64 40.06
CA LEU D 114 16.22 -7.43 40.56
C LEU D 114 16.29 -8.89 40.08
N TRP D 115 16.70 -9.09 38.82
CA TRP D 115 16.90 -10.46 38.33
C TRP D 115 18.06 -11.17 39.03
N ASP D 116 19.13 -10.43 39.27
CA ASP D 116 20.26 -10.96 40.03
C ASP D 116 19.78 -11.37 41.43
N LEU D 117 19.00 -10.49 42.06
CA LEU D 117 18.47 -10.75 43.39
C LEU D 117 17.63 -12.02 43.38
N LYS D 118 16.74 -12.11 42.39
CA LYS D 118 15.86 -13.27 42.26
C LYS D 118 16.68 -14.56 42.09
N GLY D 119 17.69 -14.54 41.23
CA GLY D 119 18.54 -15.69 41.03
C GLY D 119 19.26 -16.07 42.31
N ARG D 120 19.82 -15.08 43.00
N ARG D 120 19.81 -15.08 43.01
CA ARG D 120 20.50 -15.36 44.26
CA ARG D 120 20.50 -15.33 44.27
C ARG D 120 19.53 -15.94 45.30
C ARG D 120 19.56 -15.87 45.35
N ALA D 121 18.32 -15.37 45.37
CA ALA D 121 17.32 -15.91 46.31
C ALA D 121 16.93 -17.36 46.01
N MET D 122 16.87 -17.74 44.73
CA MET D 122 16.51 -19.10 44.35
C MET D 122 17.72 -20.01 44.24
N ASN D 123 18.91 -19.42 44.32
CA ASN D 123 20.15 -20.16 44.11
C ASN D 123 20.28 -20.75 42.70
N GLN D 124 19.89 -19.97 41.70
CA GLN D 124 19.94 -20.40 40.30
C GLN D 124 20.53 -19.28 39.44
N PRO D 125 21.31 -19.66 38.41
CA PRO D 125 21.76 -18.68 37.43
C PRO D 125 20.56 -18.17 36.64
N ILE D 126 20.63 -16.92 36.20
CA ILE D 126 19.52 -16.34 35.46
C ILE D 126 19.11 -17.16 34.24
N TYR D 127 20.07 -17.69 33.48
CA TYR D 127 19.71 -18.43 32.28
C TYR D 127 18.82 -19.63 32.59
N GLN D 128 18.98 -20.23 33.77
CA GLN D 128 18.11 -21.34 34.16
C GLN D 128 16.67 -20.88 34.40
N LEU D 129 16.49 -19.69 34.96
N LEU D 129 16.52 -19.66 34.93
CA LEU D 129 15.14 -19.18 35.14
CA LEU D 129 15.18 -19.10 35.17
C LEU D 129 14.49 -19.00 33.78
C LEU D 129 14.47 -18.81 33.85
N LEU D 130 15.28 -18.51 32.83
CA LEU D 130 14.78 -18.16 31.50
C LEU D 130 14.46 -19.36 30.62
N GLY D 131 14.37 -20.55 31.21
CA GLY D 131 14.06 -21.75 30.46
C GLY D 131 15.28 -22.56 30.08
N GLY D 132 16.43 -22.16 30.62
CA GLY D 132 17.65 -22.88 30.36
C GLY D 132 18.30 -22.55 29.04
N LYS D 133 19.42 -23.21 28.76
CA LYS D 133 20.13 -22.93 27.53
C LYS D 133 19.42 -23.42 26.27
N PHE D 134 19.56 -22.63 25.21
CA PHE D 134 19.39 -23.11 23.87
C PHE D 134 20.75 -23.50 23.32
N HIS D 135 21.73 -22.61 23.54
CA HIS D 135 23.09 -22.80 23.04
C HIS D 135 23.89 -23.62 24.04
N THR D 136 23.66 -24.93 24.05
CA THR D 136 24.22 -25.81 25.07
C THR D 136 25.75 -25.90 25.03
N ARG D 137 26.31 -25.84 23.82
CA ARG D 137 27.76 -25.96 23.62
C ARG D 137 28.50 -24.64 23.77
N GLY D 138 27.74 -23.55 23.89
CA GLY D 138 28.36 -22.25 24.06
C GLY D 138 27.87 -21.25 23.04
N VAL D 139 28.25 -20.00 23.24
CA VAL D 139 27.77 -18.88 22.47
C VAL D 139 28.89 -18.26 21.64
N ARG D 140 28.71 -18.21 20.33
CA ARG D 140 29.74 -17.69 19.44
C ARG D 140 29.92 -16.18 19.62
N ALA D 141 31.16 -15.77 19.81
CA ALA D 141 31.48 -14.37 20.11
C ALA D 141 32.19 -13.68 18.95
N TYR D 142 32.09 -12.36 18.90
CA TYR D 142 32.92 -11.62 17.96
C TYR D 142 33.76 -10.58 18.68
N ALA D 143 34.97 -10.34 18.16
CA ALA D 143 35.87 -9.35 18.74
C ALA D 143 35.52 -7.97 18.25
N SER D 144 35.30 -7.03 19.18
CA SER D 144 34.95 -5.66 18.84
C SER D 144 35.93 -4.68 19.50
N SER D 145 36.60 -3.83 18.71
CA SER D 145 36.47 -3.76 17.28
C SER D 145 37.80 -3.28 16.71
N ILE D 146 38.00 -3.49 15.41
CA ILE D 146 39.16 -2.96 14.69
C ILE D 146 38.91 -1.52 14.23
N TYR D 147 39.85 -0.62 14.53
CA TYR D 147 39.68 0.78 14.17
C TYR D 147 39.92 1.02 12.68
N TRP D 148 39.37 2.11 12.15
CA TRP D 148 39.43 2.35 10.71
C TRP D 148 40.73 3.03 10.30
N ASP D 149 41.34 3.76 11.22
CA ASP D 149 42.52 4.53 10.86
C ASP D 149 43.80 3.67 10.85
N LEU D 150 43.86 2.78 9.87
CA LEU D 150 44.97 1.84 9.71
C LEU D 150 45.25 1.70 8.22
N THR D 151 46.42 1.17 7.88
CA THR D 151 46.66 0.73 6.51
C THR D 151 45.89 -0.56 6.31
N PRO D 152 45.54 -0.88 5.06
CA PRO D 152 44.85 -2.16 4.78
C PRO D 152 45.63 -3.36 5.30
N ASP D 153 46.94 -3.36 5.13
CA ASP D 153 47.76 -4.47 5.63
C ASP D 153 47.65 -4.60 7.14
N GLN D 154 47.61 -3.48 7.85
CA GLN D 154 47.46 -3.48 9.31
C GLN D 154 46.09 -3.99 9.74
N ALA D 155 45.05 -3.57 9.03
CA ALA D 155 43.71 -4.07 9.31
C ALA D 155 43.64 -5.59 9.10
N ALA D 156 44.23 -6.06 8.01
CA ALA D 156 44.30 -7.49 7.75
C ALA D 156 45.08 -8.20 8.86
N ASP D 157 46.21 -7.63 9.24
CA ASP D 157 47.01 -8.16 10.34
C ASP D 157 46.23 -8.30 11.64
N GLU D 158 45.52 -7.24 12.02
CA GLU D 158 44.74 -7.28 13.25
C GLU D 158 43.64 -8.34 13.19
N LEU D 159 42.93 -8.41 12.07
CA LEU D 159 41.90 -9.44 11.91
C LEU D 159 42.51 -10.84 12.02
N ALA D 160 43.61 -11.08 11.33
CA ALA D 160 44.27 -12.39 11.40
C ALA D 160 44.67 -12.71 12.84
N GLY D 161 45.04 -11.69 13.59
CA GLY D 161 45.42 -11.82 14.98
C GLY D 161 44.28 -12.25 15.88
N TRP D 162 43.07 -11.71 15.65
CA TRP D 162 41.91 -12.13 16.42
C TRP D 162 41.50 -13.55 16.06
N VAL D 163 41.61 -13.90 14.79
CA VAL D 163 41.31 -15.28 14.38
C VAL D 163 42.30 -16.27 15.01
N GLU D 164 43.58 -15.88 15.08
CA GLU D 164 44.60 -16.70 15.75
C GLU D 164 44.24 -16.98 17.21
N GLN D 165 43.59 -16.01 17.85
CA GLN D 165 43.19 -16.15 19.24
C GLN D 165 41.91 -16.98 19.42
N GLY D 166 41.27 -17.32 18.31
CA GLY D 166 40.13 -18.22 18.36
C GLY D 166 38.81 -17.62 17.92
N PHE D 167 38.79 -16.32 17.65
CA PHE D 167 37.55 -15.68 17.22
C PHE D 167 37.17 -16.11 15.81
N THR D 168 35.88 -16.35 15.59
CA THR D 168 35.37 -16.72 14.26
C THR D 168 34.70 -15.53 13.58
N ALA D 169 34.78 -14.37 14.21
CA ALA D 169 34.10 -13.16 13.72
C ALA D 169 34.69 -11.94 14.42
N ALA D 170 34.69 -10.80 13.73
CA ALA D 170 35.16 -9.57 14.33
C ALA D 170 34.48 -8.38 13.67
N LYS D 171 34.50 -7.24 14.36
CA LYS D 171 33.84 -6.05 13.85
C LYS D 171 34.85 -4.96 13.51
N LEU D 172 34.59 -4.25 12.40
CA LEU D 172 35.44 -3.16 11.92
C LEU D 172 34.64 -1.86 11.94
N LYS D 173 35.22 -0.78 12.48
CA LYS D 173 34.60 0.55 12.37
C LYS D 173 34.71 1.12 10.96
N VAL D 174 33.62 1.70 10.45
CA VAL D 174 33.63 2.29 9.11
C VAL D 174 32.82 3.58 9.10
N GLY D 175 32.81 4.27 7.95
CA GLY D 175 31.96 5.43 7.75
C GLY D 175 32.66 6.76 7.93
N ARG D 176 33.78 6.75 8.66
CA ARG D 176 34.56 7.95 8.87
C ARG D 176 35.47 8.27 7.68
N ALA D 177 36.00 7.22 7.05
CA ALA D 177 36.86 7.37 5.87
C ALA D 177 36.59 6.24 4.87
N PRO D 178 35.55 6.40 4.05
CA PRO D 178 35.05 5.29 3.23
C PRO D 178 36.07 4.69 2.26
N ARG D 179 37.06 5.47 1.85
CA ARG D 179 38.06 4.90 0.94
C ARG D 179 38.99 3.94 1.69
N LYS D 180 39.34 4.31 2.91
CA LYS D 180 40.07 3.41 3.80
C LYS D 180 39.22 2.17 4.12
N ASP D 181 37.93 2.37 4.39
CA ASP D 181 37.07 1.24 4.71
C ASP D 181 37.09 0.20 3.61
N ALA D 182 36.98 0.64 2.36
CA ALA D 182 36.94 -0.28 1.24
C ALA D 182 38.26 -1.03 1.09
N ALA D 183 39.38 -0.31 1.20
CA ALA D 183 40.70 -0.93 1.10
C ALA D 183 40.92 -1.92 2.24
N ASN D 184 40.54 -1.51 3.46
CA ASN D 184 40.63 -2.37 4.63
C ASN D 184 39.86 -3.67 4.47
N LEU D 185 38.60 -3.57 4.06
N LEU D 185 38.60 -3.56 4.07
CA LEU D 185 37.76 -4.76 3.94
CA LEU D 185 37.72 -4.70 3.91
C LEU D 185 38.30 -5.70 2.87
C LEU D 185 38.28 -5.67 2.88
N ARG D 186 38.71 -5.14 1.74
CA ARG D 186 39.29 -5.94 0.68
C ARG D 186 40.50 -6.74 1.18
N ALA D 187 41.41 -6.08 1.90
CA ALA D 187 42.59 -6.73 2.44
C ALA D 187 42.23 -7.77 3.50
N MET D 188 41.32 -7.40 4.39
CA MET D 188 40.85 -8.29 5.44
C MET D 188 40.27 -9.58 4.88
N ARG D 189 39.38 -9.46 3.89
CA ARG D 189 38.70 -10.62 3.33
C ARG D 189 39.69 -11.53 2.62
N GLN D 190 40.63 -10.93 1.89
CA GLN D 190 41.64 -11.70 1.18
C GLN D 190 42.49 -12.49 2.16
N ARG D 191 42.81 -11.86 3.29
N ARG D 191 42.76 -11.86 3.31
CA ARG D 191 43.64 -12.49 4.30
CA ARG D 191 43.63 -12.43 4.33
C ARG D 191 42.99 -13.73 4.92
C ARG D 191 43.05 -13.65 5.06
N VAL D 192 41.76 -13.58 5.41
CA VAL D 192 41.14 -14.61 6.25
C VAL D 192 40.23 -15.61 5.53
N GLY D 193 39.88 -15.32 4.29
CA GLY D 193 38.96 -16.19 3.55
C GLY D 193 37.52 -16.05 3.99
N ALA D 194 36.68 -17.00 3.59
CA ALA D 194 35.24 -16.86 3.77
C ALA D 194 34.69 -17.43 5.08
N ASP D 195 35.53 -18.10 5.86
CA ASP D 195 35.05 -18.79 7.06
C ASP D 195 34.98 -17.87 8.28
N VAL D 196 35.45 -16.64 8.12
CA VAL D 196 35.44 -15.67 9.21
C VAL D 196 34.42 -14.59 8.90
N GLU D 197 33.53 -14.31 9.84
CA GLU D 197 32.53 -13.27 9.62
C GLU D 197 33.16 -11.91 9.90
N ILE D 198 32.94 -10.96 8.99
CA ILE D 198 33.39 -9.59 9.20
C ILE D 198 32.15 -8.69 9.33
N LEU D 199 32.01 -8.08 10.49
CA LEU D 199 30.92 -7.14 10.76
C LEU D 199 31.47 -5.72 10.64
N VAL D 200 30.62 -4.75 10.31
CA VAL D 200 31.05 -3.36 10.35
C VAL D 200 30.09 -2.49 11.16
N ASP D 201 30.60 -1.38 11.66
CA ASP D 201 29.83 -0.49 12.50
C ASP D 201 30.16 0.95 12.09
N ALA D 202 29.15 1.68 11.61
CA ALA D 202 29.34 3.06 11.16
C ALA D 202 29.02 4.10 12.24
N ASN D 203 28.50 3.67 13.39
CA ASN D 203 28.18 4.58 14.49
C ASN D 203 27.31 5.79 14.09
N GLN D 204 26.32 5.53 13.25
CA GLN D 204 25.39 6.54 12.75
C GLN D 204 26.04 7.63 11.90
N SER D 205 27.19 7.34 11.31
CA SER D 205 27.99 8.41 10.70
C SER D 205 27.63 8.74 9.25
N LEU D 206 26.80 7.93 8.62
CA LEU D 206 26.55 8.09 7.19
C LEU D 206 25.16 8.64 6.90
N GLY D 207 25.06 9.36 5.79
CA GLY D 207 23.77 9.74 5.24
C GLY D 207 23.31 8.63 4.31
N ARG D 208 22.09 8.77 3.81
CA ARG D 208 21.50 7.69 3.01
C ARG D 208 22.31 7.27 1.78
N HIS D 209 22.77 8.25 1.00
CA HIS D 209 23.40 7.93 -0.29
C HIS D 209 24.80 7.37 -0.08
N ASP D 210 25.51 7.93 0.89
CA ASP D 210 26.80 7.38 1.25
C ASP D 210 26.66 5.97 1.84
N ALA D 211 25.56 5.72 2.54
CA ALA D 211 25.31 4.38 3.09
C ALA D 211 24.97 3.36 2.00
N LEU D 212 24.23 3.79 0.97
CA LEU D 212 23.99 2.95 -0.20
C LEU D 212 25.31 2.60 -0.90
N ALA D 213 26.18 3.59 -1.07
CA ALA D 213 27.48 3.32 -1.68
C ALA D 213 28.30 2.35 -0.82
N MET D 214 28.28 2.54 0.50
N MET D 214 28.25 2.53 0.51
CA MET D 214 29.02 1.64 1.35
CA MET D 214 28.98 1.69 1.44
C MET D 214 28.46 0.25 1.21
C MET D 214 28.45 0.26 1.42
N LEU D 215 27.13 0.13 1.30
CA LEU D 215 26.50 -1.20 1.27
C LEU D 215 27.00 -2.05 0.09
N ARG D 216 27.24 -1.40 -1.06
CA ARG D 216 27.78 -2.12 -2.22
C ARG D 216 29.14 -2.73 -1.89
N ILE D 217 29.97 -1.96 -1.21
N ILE D 217 29.97 -1.98 -1.17
CA ILE D 217 31.28 -2.43 -0.75
CA ILE D 217 31.29 -2.48 -0.80
C ILE D 217 31.14 -3.60 0.21
C ILE D 217 31.23 -3.56 0.28
N LEU D 218 30.27 -3.44 1.21
CA LEU D 218 30.06 -4.48 2.22
C LEU D 218 29.57 -5.78 1.59
N ASP D 219 28.70 -5.66 0.59
CA ASP D 219 28.13 -6.80 -0.12
C ASP D 219 29.27 -7.52 -0.86
N GLU D 220 30.11 -6.73 -1.53
CA GLU D 220 31.26 -7.26 -2.25
C GLU D 220 32.17 -8.09 -1.32
N ALA D 221 32.35 -7.59 -0.10
CA ALA D 221 33.26 -8.20 0.86
C ALA D 221 32.57 -9.28 1.69
N GLY D 222 31.29 -9.50 1.42
CA GLY D 222 30.52 -10.51 2.13
C GLY D 222 30.36 -10.26 3.62
N CYS D 223 30.21 -9.00 4.01
CA CYS D 223 30.05 -8.64 5.43
C CYS D 223 28.77 -9.17 6.05
N TYR D 224 28.87 -9.55 7.33
CA TYR D 224 27.77 -10.17 8.04
C TYR D 224 26.67 -9.15 8.37
N TRP D 225 27.03 -8.00 8.92
CA TRP D 225 26.06 -6.93 9.14
C TRP D 225 26.65 -5.52 9.02
N PHE D 226 25.74 -4.55 8.91
CA PHE D 226 26.04 -3.13 8.74
C PHE D 226 25.34 -2.49 9.92
N GLU D 227 26.10 -2.19 10.95
CA GLU D 227 25.54 -1.73 12.23
C GLU D 227 25.49 -0.22 12.28
N GLU D 228 24.39 0.31 12.81
CA GLU D 228 24.14 1.76 12.86
C GLU D 228 24.62 2.52 11.62
N PRO D 229 24.10 2.14 10.44
CA PRO D 229 24.51 2.79 9.19
C PRO D 229 24.10 4.26 9.16
N LEU D 230 22.97 4.58 9.77
CA LEU D 230 22.38 5.91 9.67
C LEU D 230 21.98 6.39 11.05
N SER D 231 21.63 7.66 11.16
CA SER D 231 20.95 8.15 12.34
C SER D 231 19.81 7.22 12.76
N ILE D 232 19.75 6.90 14.06
N ILE D 232 19.74 6.91 14.06
CA ILE D 232 18.68 6.04 14.57
CA ILE D 232 18.69 6.05 14.58
C ILE D 232 17.32 6.71 14.43
C ILE D 232 17.32 6.70 14.40
N ASP D 233 17.30 8.01 14.17
CA ASP D 233 16.05 8.73 13.98
C ASP D 233 15.50 8.58 12.57
N ASP D 234 16.30 8.05 11.64
CA ASP D 234 15.88 7.88 10.25
C ASP D 234 15.45 6.46 9.95
N ILE D 235 14.23 6.10 10.37
CA ILE D 235 13.78 4.73 10.14
C ILE D 235 13.67 4.40 8.65
N GLU D 236 13.14 5.33 7.87
CA GLU D 236 12.90 5.07 6.45
C GLU D 236 14.21 4.81 5.70
N GLY D 237 15.29 5.50 6.09
CA GLY D 237 16.59 5.24 5.50
C GLY D 237 17.05 3.80 5.70
N HIS D 238 16.77 3.26 6.88
CA HIS D 238 17.09 1.85 7.16
C HIS D 238 16.28 0.93 6.26
N ARG D 239 15.00 1.25 6.04
CA ARG D 239 14.19 0.45 5.13
C ARG D 239 14.80 0.46 3.74
N ILE D 240 15.27 1.61 3.29
CA ILE D 240 15.85 1.72 1.95
C ILE D 240 17.07 0.81 1.80
N LEU D 241 17.96 0.84 2.79
CA LEU D 241 19.13 -0.05 2.80
C LEU D 241 18.70 -1.52 2.75
N ARG D 242 17.77 -1.89 3.62
CA ARG D 242 17.32 -3.28 3.70
C ARG D 242 16.63 -3.74 2.40
N ALA D 243 15.96 -2.80 1.74
CA ALA D 243 15.23 -3.07 0.50
C ALA D 243 16.14 -3.40 -0.68
N GLN D 244 17.44 -3.13 -0.55
CA GLN D 244 18.38 -3.46 -1.61
C GLN D 244 18.51 -4.99 -1.74
N GLY D 245 18.10 -5.70 -0.71
CA GLY D 245 18.01 -7.16 -0.75
C GLY D 245 19.35 -7.87 -0.83
N THR D 246 20.38 -7.27 -0.23
CA THR D 246 21.68 -7.92 -0.16
C THR D 246 21.73 -8.91 1.00
N PRO D 247 22.74 -9.80 1.00
CA PRO D 247 22.91 -10.72 2.13
C PRO D 247 23.50 -10.02 3.35
N VAL D 248 23.71 -8.70 3.28
CA VAL D 248 24.25 -7.99 4.42
C VAL D 248 23.12 -7.54 5.35
N ARG D 249 23.17 -7.97 6.60
CA ARG D 249 22.13 -7.62 7.58
C ARG D 249 22.18 -6.14 7.97
N ILE D 250 21.02 -5.50 8.05
CA ILE D 250 20.95 -4.16 8.62
C ILE D 250 20.74 -4.26 10.13
N ALA D 251 21.70 -3.77 10.92
CA ALA D 251 21.63 -3.91 12.37
C ALA D 251 21.63 -2.57 13.09
N THR D 252 20.83 -2.46 14.13
CA THR D 252 20.89 -1.26 14.96
C THR D 252 20.20 -1.57 16.29
N GLY D 253 20.46 -0.77 17.31
CA GLY D 253 19.72 -0.91 18.56
C GLY D 253 20.39 -0.46 19.83
N GLU D 254 21.71 -0.27 19.83
CA GLU D 254 22.39 0.16 21.05
C GLU D 254 21.91 1.52 21.53
N ASN D 255 21.32 2.31 20.62
CA ASN D 255 20.81 3.62 21.03
C ASN D 255 19.30 3.76 20.90
N LEU D 256 18.62 2.62 20.76
CA LEU D 256 17.16 2.61 20.74
C LEU D 256 16.65 2.03 22.05
N TYR D 257 15.45 2.41 22.46
CA TYR D 257 14.98 2.10 23.82
C TYR D 257 13.58 1.50 23.81
N THR D 258 13.42 0.43 24.58
CA THR D 258 12.16 -0.32 24.72
C THR D 258 11.75 -1.10 23.46
N ARG D 259 10.85 -2.06 23.65
CA ARG D 259 10.33 -2.83 22.52
C ARG D 259 9.61 -1.95 21.52
N ASN D 260 9.17 -0.78 21.96
CA ASN D 260 8.43 0.13 21.09
C ASN D 260 9.27 0.66 19.93
N ALA D 261 10.51 1.00 20.23
CA ALA D 261 11.45 1.44 19.20
C ALA D 261 11.60 0.36 18.15
N PHE D 262 11.80 -0.87 18.60
CA PHE D 262 12.06 -1.94 17.66
C PHE D 262 10.81 -2.34 16.89
N ASN D 263 9.65 -2.22 17.52
CA ASN D 263 8.40 -2.47 16.83
C ASN D 263 8.22 -1.48 15.66
N ASP D 264 8.64 -0.23 15.86
CA ASP D 264 8.52 0.76 14.80
C ASP D 264 9.43 0.42 13.61
N TYR D 265 10.65 -0.04 13.92
CA TYR D 265 11.55 -0.50 12.86
C TYR D 265 11.00 -1.70 12.12
N ILE D 266 10.50 -2.68 12.86
CA ILE D 266 9.96 -3.90 12.26
C ILE D 266 8.77 -3.59 11.36
N ARG D 267 7.86 -2.77 11.86
CA ARG D 267 6.68 -2.36 11.09
C ARG D 267 7.03 -1.66 9.79
N ASN D 268 8.19 -1.01 9.76
CA ASN D 268 8.62 -0.29 8.58
C ASN D 268 9.62 -1.10 7.74
N ASP D 269 9.71 -2.40 8.01
CA ASP D 269 10.60 -3.29 7.24
C ASP D 269 12.05 -2.77 7.20
N ALA D 270 12.52 -2.29 8.34
CA ALA D 270 13.74 -1.50 8.37
C ALA D 270 14.88 -2.11 9.17
N ILE D 271 14.72 -3.37 9.59
CA ILE D 271 15.75 -3.97 10.43
C ILE D 271 15.88 -5.49 10.24
N ASP D 272 17.11 -5.99 10.23
CA ASP D 272 17.36 -7.43 10.19
C ASP D 272 17.82 -7.95 11.55
N VAL D 273 18.69 -7.16 12.21
CA VAL D 273 19.24 -7.53 13.51
C VAL D 273 18.94 -6.46 14.56
N LEU D 274 18.15 -6.83 15.56
CA LEU D 274 17.83 -5.94 16.67
C LEU D 274 18.93 -6.02 17.73
N GLN D 275 19.51 -4.88 18.12
CA GLN D 275 20.66 -4.95 19.01
C GLN D 275 20.40 -4.42 20.41
N ALA D 276 19.13 -4.41 20.81
CA ALA D 276 18.74 -4.02 22.16
C ALA D 276 19.64 -4.67 23.22
N ASP D 277 20.22 -3.83 24.07
CA ASP D 277 21.14 -4.25 25.14
C ASP D 277 20.30 -4.34 26.41
N ALA D 278 20.33 -5.48 27.10
CA ALA D 278 19.56 -5.60 28.34
C ALA D 278 19.85 -4.49 29.35
N SER D 279 21.07 -3.95 29.31
CA SER D 279 21.44 -2.91 30.28
C SER D 279 21.13 -1.48 29.81
N ARG D 280 20.55 -1.32 28.62
CA ARG D 280 20.20 0.01 28.12
C ARG D 280 18.73 0.16 27.73
N ALA D 281 18.20 -0.85 27.04
CA ALA D 281 16.92 -0.75 26.36
C ALA D 281 15.72 -1.04 27.25
N GLY D 282 15.97 -1.41 28.50
CA GLY D 282 14.89 -1.56 29.47
C GLY D 282 15.06 -2.66 30.50
N GLY D 283 16.16 -3.41 30.44
CA GLY D 283 16.42 -4.45 31.41
C GLY D 283 16.33 -5.83 30.81
N ILE D 284 16.59 -6.85 31.62
CA ILE D 284 16.42 -8.22 31.18
C ILE D 284 14.96 -8.43 30.81
N THR D 285 14.07 -7.84 31.59
CA THR D 285 12.64 -7.98 31.35
C THR D 285 12.27 -7.51 29.94
N GLU D 286 12.79 -6.34 29.55
CA GLU D 286 12.47 -5.80 28.24
C GLU D 286 13.24 -6.51 27.13
N ALA D 287 14.49 -6.84 27.38
CA ALA D 287 15.27 -7.56 26.38
C ALA D 287 14.64 -8.91 26.01
N LEU D 288 14.11 -9.63 26.99
CA LEU D 288 13.36 -10.87 26.72
C LEU D 288 12.20 -10.65 25.75
N ALA D 289 11.44 -9.59 25.96
CA ALA D 289 10.30 -9.30 25.09
C ALA D 289 10.77 -8.93 23.69
N ILE D 290 11.83 -8.16 23.61
CA ILE D 290 12.38 -7.76 22.32
C ILE D 290 12.91 -8.97 21.54
N SER D 291 13.61 -9.87 22.23
CA SER D 291 14.10 -11.08 21.60
C SER D 291 12.96 -11.92 21.03
N ALA D 292 11.88 -12.05 21.81
CA ALA D 292 10.72 -12.83 21.38
C ALA D 292 10.07 -12.19 20.16
N SER D 293 9.97 -10.87 20.17
N SER D 293 9.97 -10.86 20.17
CA SER D 293 9.35 -10.16 19.05
CA SER D 293 9.37 -10.13 19.06
C SER D 293 10.19 -10.24 17.77
C SER D 293 10.19 -10.30 17.79
N ALA D 294 11.52 -10.21 17.92
CA ALA D 294 12.39 -10.44 16.77
C ALA D 294 12.08 -11.79 16.14
N ALA D 295 11.98 -12.81 16.99
CA ALA D 295 11.78 -14.16 16.48
C ALA D 295 10.42 -14.30 15.78
N SER D 296 9.40 -13.69 16.35
N SER D 296 9.40 -13.67 16.33
CA SER D 296 8.07 -13.69 15.73
CA SER D 296 8.08 -13.70 15.73
C SER D 296 8.11 -13.12 14.31
C SER D 296 8.08 -13.10 14.32
N ALA D 297 8.96 -12.12 14.11
CA ALA D 297 9.08 -11.47 12.80
C ALA D 297 10.13 -12.15 11.91
N HIS D 298 10.67 -13.29 12.36
CA HIS D 298 11.73 -14.00 11.63
C HIS D 298 12.96 -13.12 11.44
N LEU D 299 13.25 -12.31 12.46
CA LEU D 299 14.44 -11.48 12.48
C LEU D 299 15.35 -11.99 13.60
N ALA D 300 16.49 -11.33 13.80
CA ALA D 300 17.41 -11.74 14.83
C ALA D 300 17.56 -10.71 15.94
N TRP D 301 17.89 -11.21 17.13
CA TRP D 301 18.29 -10.35 18.23
C TRP D 301 19.71 -10.72 18.63
N ASN D 302 20.62 -9.76 18.45
CA ASN D 302 22.01 -9.93 18.84
C ASN D 302 22.41 -8.64 19.54
N PRO D 303 22.45 -8.66 20.88
CA PRO D 303 22.61 -7.42 21.65
C PRO D 303 23.98 -6.74 21.54
N HIS D 304 23.97 -5.41 21.59
CA HIS D 304 25.14 -4.66 22.02
C HIS D 304 25.38 -5.05 23.48
N THR D 305 26.65 -5.18 23.88
CA THR D 305 26.94 -5.66 25.23
C THR D 305 27.99 -4.84 25.96
N PHE D 306 28.61 -3.90 25.25
CA PHE D 306 29.82 -3.18 25.71
C PHE D 306 29.63 -2.14 26.84
N ASN D 307 30.18 -2.45 28.03
CA ASN D 307 30.50 -1.46 29.06
C ASN D 307 31.30 -2.06 30.21
N ASP D 308 30.79 -3.15 30.78
CA ASP D 308 31.41 -3.75 31.96
C ASP D 308 31.01 -5.21 32.04
N ILE D 309 31.53 -5.95 33.02
CA ILE D 309 31.25 -7.37 33.09
C ILE D 309 29.78 -7.66 33.40
N ILE D 310 29.11 -6.72 34.06
CA ILE D 310 27.69 -6.89 34.36
C ILE D 310 26.81 -6.76 33.11
N THR D 311 27.03 -5.73 32.31
CA THR D 311 26.27 -5.60 31.07
C THR D 311 26.54 -6.81 30.17
N VAL D 312 27.79 -7.24 30.08
CA VAL D 312 28.10 -8.42 29.29
C VAL D 312 27.39 -9.68 29.82
N ALA D 313 27.49 -9.93 31.12
CA ALA D 313 26.89 -11.11 31.71
C ALA D 313 25.37 -11.13 31.61
N ALA D 314 24.73 -10.00 31.87
CA ALA D 314 23.27 -9.92 31.78
C ALA D 314 22.83 -10.34 30.38
N ASN D 315 23.45 -9.76 29.35
CA ASN D 315 23.13 -10.15 27.97
C ASN D 315 23.47 -11.61 27.66
N LEU D 316 24.56 -12.11 28.23
CA LEU D 316 24.99 -13.47 27.92
C LEU D 316 24.01 -14.53 28.44
N HIS D 317 23.46 -14.31 29.64
CA HIS D 317 22.42 -15.20 30.15
C HIS D 317 21.26 -15.30 29.15
N LEU D 318 20.82 -14.16 28.64
CA LEU D 318 19.70 -14.14 27.69
C LEU D 318 20.07 -14.77 26.36
N VAL D 319 21.23 -14.37 25.83
CA VAL D 319 21.71 -14.92 24.56
C VAL D 319 21.83 -16.44 24.63
N ALA D 320 22.38 -16.95 25.73
CA ALA D 320 22.55 -18.39 25.85
C ALA D 320 21.21 -19.12 25.86
N ALA D 321 20.17 -18.47 26.37
CA ALA D 321 18.84 -19.08 26.47
C ALA D 321 18.02 -18.91 25.20
N SER D 322 18.47 -18.06 24.29
N SER D 322 18.46 -18.04 24.30
CA SER D 322 17.69 -17.70 23.11
CA SER D 322 17.69 -17.69 23.11
C SER D 322 18.07 -18.51 21.88
C SER D 322 18.07 -18.51 21.88
N PRO D 323 17.07 -18.92 21.08
CA PRO D 323 17.33 -19.65 19.85
C PRO D 323 17.92 -18.81 18.70
N HIS D 324 18.16 -17.51 18.90
CA HIS D 324 18.75 -16.71 17.83
C HIS D 324 20.18 -17.19 17.55
N PRO D 325 20.59 -17.25 16.27
CA PRO D 325 21.98 -17.56 15.97
C PRO D 325 22.87 -16.60 16.74
N ALA D 326 23.93 -17.11 17.34
CA ALA D 326 24.74 -16.27 18.22
C ALA D 326 25.75 -15.44 17.45
N MET D 327 25.85 -14.18 17.83
CA MET D 327 26.89 -13.29 17.33
C MET D 327 27.15 -12.30 18.47
N PHE D 328 27.80 -12.82 19.51
CA PHE D 328 27.86 -12.16 20.81
C PHE D 328 29.01 -11.17 20.89
N GLU D 329 28.70 -9.90 21.16
CA GLU D 329 29.73 -8.88 21.18
C GLU D 329 30.67 -9.02 22.36
N TRP D 330 31.97 -9.11 22.08
CA TRP D 330 33.00 -9.10 23.11
C TRP D 330 33.93 -7.92 22.80
N ASP D 331 33.73 -6.81 23.50
CA ASP D 331 34.61 -5.67 23.32
C ASP D 331 35.97 -6.01 23.91
N ILE D 332 37.02 -5.94 23.10
CA ILE D 332 38.31 -6.49 23.50
C ILE D 332 39.33 -5.42 23.91
N THR D 333 38.85 -4.21 24.13
CA THR D 333 39.73 -3.10 24.53
C THR D 333 40.01 -3.18 26.02
N HIS D 334 41.06 -2.49 26.47
CA HIS D 334 41.45 -2.57 27.87
C HIS D 334 40.32 -2.07 28.76
N ASN D 335 39.85 -2.93 29.66
CA ASN D 335 38.73 -2.56 30.52
C ASN D 335 38.77 -3.30 31.85
N ASP D 336 39.28 -2.63 32.89
CA ASP D 336 39.36 -3.24 34.21
C ASP D 336 37.96 -3.54 34.77
N LEU D 337 36.92 -2.87 34.25
CA LEU D 337 35.56 -3.18 34.69
C LEU D 337 35.09 -4.50 34.09
N MET D 338 35.88 -5.07 33.20
CA MET D 338 35.62 -6.41 32.68
C MET D 338 36.29 -7.50 33.48
N THR D 339 37.42 -7.19 34.11
CA THR D 339 38.23 -8.24 34.74
C THR D 339 38.43 -8.13 36.26
N ARG D 340 38.32 -6.92 36.79
CA ARG D 340 38.60 -6.68 38.20
C ARG D 340 37.37 -6.41 39.06
N LEU D 341 36.22 -6.19 38.43
CA LEU D 341 35.00 -5.89 39.16
C LEU D 341 34.42 -7.12 39.88
N ALA D 342 34.55 -8.28 39.26
CA ALA D 342 33.92 -9.50 39.78
C ALA D 342 34.82 -10.71 39.67
N SER D 343 34.30 -11.86 40.09
CA SER D 343 35.05 -13.11 40.09
C SER D 343 34.89 -13.92 38.81
N TYR D 344 34.11 -13.41 37.85
CA TYR D 344 33.92 -14.10 36.59
C TYR D 344 34.59 -13.35 35.45
N ASP D 345 35.37 -14.08 34.66
CA ASP D 345 35.98 -13.51 33.47
C ASP D 345 35.40 -14.15 32.23
N LEU D 346 35.16 -13.34 31.22
CA LEU D 346 34.78 -13.85 29.92
C LEU D 346 35.96 -14.69 29.44
N LYS D 347 35.70 -15.92 29.01
CA LYS D 347 36.74 -16.81 28.48
C LYS D 347 36.35 -17.44 27.15
N LEU D 348 37.23 -17.34 26.16
CA LEU D 348 36.97 -17.89 24.85
C LEU D 348 37.48 -19.32 24.77
N GLU D 349 36.62 -20.22 24.32
CA GLU D 349 37.00 -21.62 24.15
C GLU D 349 36.41 -22.12 22.84
N ASN D 350 37.29 -22.46 21.90
CA ASN D 350 36.86 -22.87 20.56
C ASN D 350 35.94 -21.81 19.93
N GLY D 351 36.23 -20.54 20.21
CA GLY D 351 35.49 -19.44 19.62
C GLY D 351 34.17 -19.15 20.32
N LEU D 352 33.92 -19.84 21.43
CA LEU D 352 32.65 -19.70 22.14
C LEU D 352 32.84 -19.19 23.58
N VAL D 353 31.79 -18.58 24.12
CA VAL D 353 31.78 -18.19 25.53
C VAL D 353 30.61 -18.88 26.24
N GLN D 354 30.72 -19.06 27.55
CA GLN D 354 29.66 -19.69 28.32
C GLN D 354 29.21 -18.74 29.41
N PRO D 355 27.90 -18.69 29.69
CA PRO D 355 27.46 -17.80 30.77
C PRO D 355 27.95 -18.28 32.14
N PRO D 356 28.06 -17.36 33.11
CA PRO D 356 28.42 -17.76 34.48
C PRO D 356 27.45 -18.80 35.03
N GLN D 357 27.96 -19.71 35.87
CA GLN D 357 27.16 -20.82 36.39
C GLN D 357 26.59 -20.57 37.79
N GLY D 358 27.09 -19.56 38.49
CA GLY D 358 26.61 -19.25 39.83
C GLY D 358 25.22 -18.63 39.88
N PRO D 359 24.73 -18.37 41.09
CA PRO D 359 23.38 -17.79 41.30
C PRO D 359 23.28 -16.39 40.74
N GLY D 360 22.11 -16.04 40.20
CA GLY D 360 21.89 -14.71 39.62
C GLY D 360 22.75 -14.46 38.40
N LEU D 361 23.41 -13.30 38.35
CA LEU D 361 24.36 -13.04 37.28
C LEU D 361 25.48 -14.06 37.29
N GLY D 362 25.69 -14.66 38.46
CA GLY D 362 26.50 -15.87 38.56
C GLY D 362 27.91 -15.66 39.07
N PHE D 363 28.16 -14.50 39.66
CA PHE D 363 29.48 -14.21 40.21
C PHE D 363 29.41 -13.26 41.42
N GLU D 364 30.53 -13.12 42.11
CA GLU D 364 30.61 -12.25 43.27
C GLU D 364 31.33 -10.95 42.91
N ILE D 365 30.78 -9.83 43.37
CA ILE D 365 31.42 -8.55 43.18
C ILE D 365 32.62 -8.45 44.12
N ASP D 366 33.71 -7.84 43.66
CA ASP D 366 34.82 -7.52 44.54
C ASP D 366 34.60 -6.17 45.19
N TRP D 367 34.04 -6.19 46.40
CA TRP D 367 33.65 -4.95 47.06
C TRP D 367 34.84 -4.10 47.49
N ASP D 368 36.01 -4.71 47.61
CA ASP D 368 37.23 -3.96 47.86
C ASP D 368 37.61 -3.14 46.62
N PHE D 369 37.49 -3.75 45.44
CA PHE D 369 37.70 -3.02 44.20
C PHE D 369 36.70 -1.86 44.09
N VAL D 370 35.44 -2.13 44.44
CA VAL D 370 34.39 -1.10 44.38
C VAL D 370 34.77 0.08 45.26
N ALA D 371 35.07 -0.21 46.52
CA ALA D 371 35.43 0.82 47.50
C ALA D 371 36.63 1.66 47.05
N ALA D 372 37.56 1.04 46.34
CA ALA D 372 38.79 1.73 45.93
C ALA D 372 38.65 2.53 44.63
N HIS D 373 37.50 2.47 43.98
CA HIS D 373 37.38 3.13 42.68
C HIS D 373 36.16 4.01 42.54
N ALA D 374 35.77 4.66 43.63
CA ALA D 374 34.69 5.64 43.57
C ALA D 374 35.03 6.77 42.59
N TRP D 375 34.05 7.14 41.77
CA TRP D 375 34.20 8.27 40.85
C TRP D 375 34.40 9.59 41.59
N LYS D 376 35.38 10.36 41.14
CA LYS D 376 35.66 11.65 41.76
C LYS D 376 35.61 12.79 40.74
N GLY D 377 34.86 12.59 39.65
CA GLY D 377 34.71 13.61 38.65
C GLY D 377 35.63 13.43 37.46
N GLU D 378 36.43 12.36 37.46
CA GLU D 378 37.28 12.08 36.32
C GLU D 378 36.43 12.03 35.05
N PRO D 379 36.96 12.58 33.95
CA PRO D 379 36.31 12.53 32.64
C PRO D 379 36.52 11.16 31.98
N ALA D 380 35.51 10.69 31.26
CA ALA D 380 35.66 9.45 30.51
C ALA D 380 36.56 9.65 29.29
N ILE D 381 36.45 10.81 28.66
CA ILE D 381 37.16 11.10 27.42
C ILE D 381 38.12 12.27 27.57
N GLY D 382 39.28 12.17 26.95
CA GLY D 382 40.27 13.22 26.98
C GLY D 382 39.78 14.52 26.39
N SER E 2 -11.25 -45.22 -28.38
CA SER E 2 -11.30 -43.76 -28.43
C SER E 2 -12.29 -43.28 -29.49
N LEU E 3 -13.09 -42.28 -29.15
CA LEU E 3 -13.98 -41.68 -30.12
C LEU E 3 -13.25 -40.56 -30.85
N LYS E 4 -13.83 -40.11 -31.96
CA LYS E 4 -13.33 -38.95 -32.68
C LYS E 4 -14.50 -38.04 -33.04
N ILE E 5 -14.32 -36.75 -32.80
CA ILE E 5 -15.37 -35.81 -33.17
C ILE E 5 -15.52 -35.73 -34.69
N THR E 6 -16.76 -35.81 -35.16
CA THR E 6 -17.04 -35.72 -36.60
C THR E 6 -17.76 -34.45 -37.01
N GLU E 7 -18.56 -33.89 -36.10
CA GLU E 7 -19.32 -32.70 -36.42
C GLU E 7 -19.51 -31.83 -35.19
N VAL E 8 -19.48 -30.52 -35.40
CA VAL E 8 -19.89 -29.56 -34.38
C VAL E 8 -21.00 -28.69 -34.95
N LYS E 9 -22.22 -28.90 -34.46
CA LYS E 9 -23.39 -28.20 -35.00
C LYS E 9 -23.97 -27.20 -33.99
N ALA E 10 -24.55 -26.14 -34.51
CA ALA E 10 -25.21 -25.12 -33.70
C ALA E 10 -26.61 -24.89 -34.22
N HIS E 11 -27.61 -25.33 -33.46
CA HIS E 11 -29.01 -25.15 -33.89
C HIS E 11 -29.58 -23.86 -33.31
N ALA E 12 -29.87 -22.89 -34.16
CA ALA E 12 -30.46 -21.64 -33.71
C ALA E 12 -31.98 -21.81 -33.48
N LEU E 13 -32.42 -21.48 -32.27
CA LEU E 13 -33.82 -21.66 -31.88
C LEU E 13 -34.44 -20.36 -31.35
N SER E 14 -35.74 -20.18 -31.57
CA SER E 14 -36.44 -19.03 -31.04
C SER E 14 -37.81 -19.43 -30.51
N THR E 15 -38.21 -18.83 -29.39
CA THR E 15 -39.53 -19.08 -28.83
C THR E 15 -40.16 -17.75 -28.46
N PRO E 16 -41.48 -17.62 -28.63
CA PRO E 16 -42.14 -16.33 -28.47
C PRO E 16 -42.48 -15.99 -27.02
N ILE E 17 -42.65 -14.71 -26.76
CA ILE E 17 -43.11 -14.22 -25.47
C ILE E 17 -44.37 -13.40 -25.66
N PRO E 18 -45.50 -13.83 -25.08
CA PRO E 18 -46.71 -12.99 -25.11
C PRO E 18 -46.38 -11.57 -24.64
N GLU E 19 -46.95 -10.58 -25.32
CA GLU E 19 -46.56 -9.18 -25.11
C GLU E 19 -46.68 -8.78 -23.63
N ARG E 20 -47.74 -9.24 -22.98
CA ARG E 20 -47.97 -8.87 -21.60
C ARG E 20 -46.99 -9.57 -20.66
N MET E 21 -46.27 -10.58 -21.17
CA MET E 21 -45.30 -11.30 -20.33
C MET E 21 -43.88 -10.83 -20.59
N ARG E 22 -43.72 -9.92 -21.54
CA ARG E 22 -42.42 -9.35 -21.82
C ARG E 22 -41.98 -8.45 -20.66
N VAL E 23 -40.76 -8.67 -20.18
CA VAL E 23 -40.25 -7.89 -19.05
C VAL E 23 -39.05 -7.08 -19.48
N GLU E 24 -38.77 -6.00 -18.74
CA GLU E 24 -37.63 -5.16 -19.04
C GLU E 24 -36.74 -4.93 -17.81
N SER E 25 -35.43 -4.94 -18.05
CA SER E 25 -34.43 -4.55 -17.05
C SER E 25 -33.39 -3.70 -17.76
N GLY E 26 -32.27 -3.42 -17.07
CA GLY E 26 -31.17 -2.69 -17.68
C GLY E 26 -30.62 -3.41 -18.91
N ALA E 27 -30.89 -4.70 -19.01
CA ALA E 27 -30.40 -5.50 -20.14
C ALA E 27 -31.23 -5.29 -21.40
N GLY E 28 -32.41 -4.69 -21.25
CA GLY E 28 -33.32 -4.47 -22.36
C GLY E 28 -34.68 -5.11 -22.14
N LEU E 29 -35.61 -4.83 -23.05
CA LEU E 29 -36.94 -5.43 -23.06
C LEU E 29 -36.89 -6.77 -23.81
N LYS E 30 -37.35 -7.84 -23.17
CA LYS E 30 -37.31 -9.16 -23.80
C LYS E 30 -38.40 -9.31 -24.86
N LEU E 31 -38.02 -9.88 -26.00
CA LEU E 31 -38.93 -10.03 -27.14
C LEU E 31 -39.21 -11.50 -27.46
N ASN E 32 -38.15 -12.29 -27.53
CA ASN E 32 -38.24 -13.72 -27.80
C ASN E 32 -37.14 -14.40 -26.99
N ARG E 33 -37.44 -15.56 -26.39
CA ARG E 33 -36.40 -16.32 -25.71
C ARG E 33 -35.70 -17.24 -26.70
N GLN E 34 -34.41 -17.00 -26.89
CA GLN E 34 -33.65 -17.68 -27.91
C GLN E 34 -32.45 -18.45 -27.35
N MET E 35 -31.89 -19.34 -28.18
CA MET E 35 -30.68 -20.06 -27.80
C MET E 35 -30.03 -20.69 -29.01
N ILE E 36 -28.76 -21.06 -28.84
CA ILE E 36 -28.12 -22.04 -29.69
C ILE E 36 -28.06 -23.36 -28.94
N LEU E 37 -28.59 -24.42 -29.57
CA LEU E 37 -28.36 -25.77 -29.08
C LEU E 37 -27.16 -26.35 -29.79
N VAL E 38 -26.08 -26.53 -29.04
CA VAL E 38 -24.85 -27.08 -29.60
C VAL E 38 -25.00 -28.59 -29.63
N GLU E 39 -24.52 -29.22 -30.69
CA GLU E 39 -24.52 -30.68 -30.80
C GLU E 39 -23.15 -31.12 -31.30
N VAL E 40 -22.44 -31.90 -30.48
CA VAL E 40 -21.16 -32.46 -30.87
C VAL E 40 -21.35 -33.95 -31.17
N ARG E 41 -21.04 -34.35 -32.40
CA ARG E 41 -21.20 -35.75 -32.80
C ARG E 41 -19.86 -36.45 -32.95
N THR E 42 -19.85 -37.77 -32.75
CA THR E 42 -18.63 -38.57 -32.88
C THR E 42 -18.83 -39.70 -33.87
N ASP E 43 -17.74 -40.29 -34.32
CA ASP E 43 -17.80 -41.41 -35.24
C ASP E 43 -18.64 -42.59 -34.71
N GLU E 44 -18.54 -42.87 -33.41
CA GLU E 44 -19.27 -44.02 -32.85
C GLU E 44 -20.69 -43.66 -32.39
N GLY E 45 -21.10 -42.41 -32.64
CA GLY E 45 -22.48 -42.03 -32.39
C GLY E 45 -22.80 -41.58 -30.96
N VAL E 46 -21.77 -41.27 -30.17
CA VAL E 46 -22.02 -40.66 -28.88
C VAL E 46 -22.08 -39.14 -29.06
N THR E 47 -23.19 -38.55 -28.61
CA THR E 47 -23.46 -37.14 -28.86
C THR E 47 -23.60 -36.36 -27.55
N GLY E 48 -23.11 -35.12 -27.55
CA GLY E 48 -23.25 -34.25 -26.41
C GLY E 48 -23.89 -32.94 -26.87
N VAL E 49 -24.70 -32.34 -25.99
CA VAL E 49 -25.34 -31.07 -26.30
C VAL E 49 -24.94 -30.01 -25.28
N GLY E 50 -25.10 -28.75 -25.65
CA GLY E 50 -24.75 -27.64 -24.77
C GLY E 50 -25.43 -26.36 -25.23
N SER E 51 -25.18 -25.28 -24.49
CA SER E 51 -25.75 -23.97 -24.83
C SER E 51 -24.76 -22.87 -24.46
N PRO E 52 -24.53 -21.91 -25.38
CA PRO E 52 -23.68 -20.73 -25.09
C PRO E 52 -24.48 -19.56 -24.53
N SER E 53 -25.64 -19.83 -23.93
CA SER E 53 -26.39 -18.77 -23.27
C SER E 53 -26.86 -17.69 -24.24
N GLY E 54 -27.20 -16.53 -23.69
CA GLY E 54 -27.70 -15.40 -24.48
C GLY E 54 -28.14 -14.31 -23.52
N PRO E 55 -28.64 -13.18 -24.05
CA PRO E 55 -28.77 -12.91 -25.48
C PRO E 55 -27.44 -12.58 -26.14
N TYR E 56 -27.12 -13.32 -27.18
CA TYR E 56 -26.05 -13.00 -28.11
C TYR E 56 -26.66 -13.29 -29.48
N ASP E 57 -26.27 -12.54 -30.50
CA ASP E 57 -26.82 -12.74 -31.83
C ASP E 57 -26.66 -14.19 -32.27
N LEU E 58 -27.76 -14.81 -32.71
CA LEU E 58 -27.71 -16.25 -33.02
C LEU E 58 -26.80 -16.60 -34.21
N ALA E 59 -26.73 -15.70 -35.18
CA ALA E 59 -25.88 -15.92 -36.36
C ALA E 59 -24.40 -15.81 -36.02
N VAL E 60 -24.05 -14.85 -35.17
CA VAL E 60 -22.69 -14.74 -34.68
C VAL E 60 -22.28 -16.02 -33.93
N LEU E 61 -23.14 -16.48 -33.03
CA LEU E 61 -22.87 -17.70 -32.27
C LEU E 61 -22.74 -18.90 -33.19
N LYS E 62 -23.68 -19.04 -34.12
CA LYS E 62 -23.68 -20.21 -34.98
C LYS E 62 -22.36 -20.26 -35.75
N ARG E 63 -21.97 -19.12 -36.31
CA ARG E 63 -20.75 -19.05 -37.12
C ARG E 63 -19.50 -19.34 -36.30
N ALA E 64 -19.42 -18.76 -35.10
CA ALA E 64 -18.27 -18.97 -34.22
C ALA E 64 -18.13 -20.45 -33.84
N ILE E 65 -19.25 -21.08 -33.52
CA ILE E 65 -19.24 -22.45 -33.02
C ILE E 65 -18.89 -23.45 -34.13
N GLU E 66 -19.56 -23.33 -35.25
CA GLU E 66 -19.41 -24.29 -36.34
C GLU E 66 -18.12 -24.08 -37.15
N ASP E 67 -17.72 -22.82 -37.35
CA ASP E 67 -16.70 -22.53 -38.34
C ASP E 67 -15.41 -21.89 -37.81
N VAL E 68 -15.42 -21.45 -36.56
CA VAL E 68 -14.20 -20.95 -35.94
C VAL E 68 -13.69 -21.97 -34.94
N ILE E 69 -14.56 -22.35 -34.01
CA ILE E 69 -14.21 -23.35 -33.01
C ILE E 69 -14.23 -24.76 -33.62
N GLY E 70 -15.30 -25.07 -34.32
CA GLY E 70 -15.53 -26.40 -34.86
C GLY E 70 -14.33 -27.06 -35.52
N PRO E 71 -13.69 -26.37 -36.46
CA PRO E 71 -12.53 -26.95 -37.15
C PRO E 71 -11.39 -27.39 -36.22
N GLN E 72 -11.32 -26.80 -35.02
CA GLN E 72 -10.28 -27.19 -34.07
C GLN E 72 -10.62 -28.51 -33.38
N LEU E 73 -11.88 -28.94 -33.50
CA LEU E 73 -12.35 -30.13 -32.81
C LEU E 73 -12.48 -31.34 -33.73
N ILE E 74 -12.78 -31.10 -35.00
CA ILE E 74 -13.01 -32.21 -35.93
C ILE E 74 -11.79 -33.12 -35.95
N GLY E 75 -12.04 -34.40 -35.70
CA GLY E 75 -10.98 -35.40 -35.75
C GLY E 75 -10.31 -35.64 -34.41
N GLU E 76 -10.61 -34.80 -33.43
CA GLU E 76 -10.00 -34.92 -32.11
C GLU E 76 -10.79 -35.88 -31.22
N ASP E 77 -10.10 -36.49 -30.27
CA ASP E 77 -10.72 -37.26 -29.21
C ASP E 77 -11.45 -36.32 -28.24
N PRO E 78 -12.78 -36.47 -28.11
CA PRO E 78 -13.52 -35.53 -27.23
C PRO E 78 -13.21 -35.72 -25.76
N ALA E 79 -12.59 -36.85 -25.40
CA ALA E 79 -12.29 -37.11 -24.00
C ALA E 79 -11.32 -36.10 -23.39
N ASN E 80 -10.48 -35.49 -24.24
CA ASN E 80 -9.45 -34.55 -23.77
C ASN E 80 -10.00 -33.14 -23.70
N ILE E 81 -11.01 -32.95 -22.87
CA ILE E 81 -11.67 -31.65 -22.76
C ILE E 81 -10.68 -30.55 -22.37
N ASN E 82 -9.80 -30.84 -21.42
CA ASN E 82 -8.81 -29.85 -20.99
C ASN E 82 -7.88 -29.41 -22.12
N TYR E 83 -7.37 -30.38 -22.87
CA TYR E 83 -6.57 -30.10 -24.05
C TYR E 83 -7.35 -29.26 -25.06
N LEU E 84 -8.57 -29.66 -25.36
CA LEU E 84 -9.36 -28.97 -26.39
C LEU E 84 -9.72 -27.53 -26.00
N TRP E 85 -9.94 -27.29 -24.71
CA TRP E 85 -10.26 -25.92 -24.28
C TRP E 85 -9.12 -24.99 -24.66
N HIS E 86 -7.92 -25.39 -24.30
CA HIS E 86 -6.74 -24.57 -24.60
C HIS E 86 -6.41 -24.51 -26.07
N LYS E 87 -6.59 -25.63 -26.78
CA LYS E 87 -6.38 -25.62 -28.22
C LYS E 87 -7.24 -24.54 -28.89
N VAL E 88 -8.49 -24.46 -28.47
CA VAL E 88 -9.45 -23.53 -29.02
C VAL E 88 -9.17 -22.09 -28.55
N PHE E 89 -8.92 -21.91 -27.26
CA PHE E 89 -8.71 -20.56 -26.73
C PHE E 89 -7.46 -19.89 -27.33
N HIS E 90 -6.34 -20.59 -27.26
CA HIS E 90 -5.08 -20.05 -27.77
C HIS E 90 -4.95 -20.08 -29.28
N GLY E 91 -5.57 -21.06 -29.92
CA GLY E 91 -5.45 -21.20 -31.36
C GLY E 91 -6.32 -20.23 -32.15
N GLU E 92 -7.48 -19.89 -31.61
CA GLU E 92 -8.45 -19.09 -32.33
C GLU E 92 -9.12 -17.99 -31.50
N VAL E 93 -9.75 -18.37 -30.39
CA VAL E 93 -10.80 -17.53 -29.79
C VAL E 93 -10.26 -16.27 -29.13
N SER E 94 -9.21 -16.42 -28.32
CA SER E 94 -8.68 -15.24 -27.63
C SER E 94 -8.34 -14.07 -28.55
N ARG E 95 -7.46 -14.30 -29.52
CA ARG E 95 -7.04 -13.24 -30.41
C ARG E 95 -8.11 -12.91 -31.46
N ASN E 96 -8.75 -13.95 -32.02
CA ASN E 96 -9.58 -13.76 -33.19
C ASN E 96 -11.06 -13.48 -32.92
N LEU E 97 -11.50 -13.66 -31.68
CA LEU E 97 -12.83 -13.21 -31.29
C LEU E 97 -12.81 -12.26 -30.09
N GLY E 98 -11.65 -12.13 -29.43
CA GLY E 98 -11.49 -11.21 -28.31
C GLY E 98 -11.52 -11.98 -27.00
N HIS E 99 -10.69 -11.56 -26.03
CA HIS E 99 -10.53 -12.37 -24.82
C HIS E 99 -11.72 -12.39 -23.85
N ARG E 100 -12.63 -11.42 -23.96
CA ARG E 100 -13.78 -11.35 -23.07
C ARG E 100 -14.98 -11.08 -23.96
N SER E 101 -15.47 -12.13 -24.61
CA SER E 101 -16.28 -11.94 -25.81
C SER E 101 -17.33 -13.02 -26.00
N VAL E 102 -18.24 -12.76 -26.94
CA VAL E 102 -19.20 -13.77 -27.38
C VAL E 102 -18.47 -15.05 -27.81
N GLY E 103 -17.21 -14.91 -28.21
CA GLY E 103 -16.39 -16.08 -28.54
C GLY E 103 -16.16 -17.00 -27.35
N ILE E 104 -16.04 -16.41 -26.16
CA ILE E 104 -15.88 -17.18 -24.93
C ILE E 104 -17.18 -17.91 -24.59
N ALA E 105 -18.31 -17.23 -24.78
CA ALA E 105 -19.61 -17.86 -24.62
C ALA E 105 -19.74 -19.03 -25.61
N ALA E 106 -19.33 -18.80 -26.84
CA ALA E 106 -19.33 -19.86 -27.86
C ALA E 106 -18.53 -21.07 -27.38
N MET E 107 -17.30 -20.84 -26.93
CA MET E 107 -16.47 -21.91 -26.32
C MET E 107 -17.20 -22.61 -25.20
N SER E 108 -17.96 -21.84 -24.41
CA SER E 108 -18.66 -22.36 -23.23
C SER E 108 -19.71 -23.39 -23.65
N GLY E 109 -20.51 -23.05 -24.64
CA GLY E 109 -21.51 -23.99 -25.16
C GLY E 109 -20.87 -25.28 -25.67
N VAL E 110 -19.75 -25.16 -26.36
CA VAL E 110 -19.05 -26.34 -26.87
C VAL E 110 -18.47 -27.16 -25.71
N ASP E 111 -17.90 -26.47 -24.73
CA ASP E 111 -17.31 -27.13 -23.57
C ASP E 111 -18.36 -27.91 -22.80
N ILE E 112 -19.54 -27.31 -22.63
CA ILE E 112 -20.64 -28.01 -21.97
C ILE E 112 -21.01 -29.28 -22.77
N ALA E 113 -21.10 -29.15 -24.08
CA ALA E 113 -21.40 -30.29 -24.94
C ALA E 113 -20.37 -31.41 -24.76
N LEU E 114 -19.09 -31.06 -24.64
CA LEU E 114 -18.05 -32.07 -24.40
C LEU E 114 -18.21 -32.79 -23.06
N TRP E 115 -18.59 -32.04 -22.01
CA TRP E 115 -18.88 -32.67 -20.74
C TRP E 115 -20.13 -33.55 -20.78
N ASP E 116 -21.15 -33.12 -21.53
CA ASP E 116 -22.38 -33.91 -21.67
C ASP E 116 -22.01 -35.22 -22.36
N LEU E 117 -21.20 -35.10 -23.41
CA LEU E 117 -20.74 -36.25 -24.17
C LEU E 117 -19.94 -37.21 -23.28
N LYS E 118 -19.04 -36.66 -22.46
CA LYS E 118 -18.25 -37.48 -21.53
C LYS E 118 -19.15 -38.25 -20.55
N GLY E 119 -20.10 -37.55 -19.95
CA GLY E 119 -21.03 -38.16 -19.01
C GLY E 119 -21.84 -39.26 -19.70
N ARG E 120 -22.25 -39.02 -20.93
CA ARG E 120 -23.00 -40.02 -21.68
C ARG E 120 -22.13 -41.21 -22.06
N ALA E 121 -20.88 -40.95 -22.43
CA ALA E 121 -19.98 -42.06 -22.74
C ALA E 121 -19.74 -42.93 -21.50
N MET E 122 -19.74 -42.30 -20.33
CA MET E 122 -19.45 -42.99 -19.07
C MET E 122 -20.72 -43.46 -18.38
N ASN E 123 -21.87 -43.04 -18.90
CA ASN E 123 -23.15 -43.33 -18.27
C ASN E 123 -23.25 -42.82 -16.84
N GLN E 124 -22.87 -41.56 -16.65
CA GLN E 124 -22.86 -40.93 -15.33
C GLN E 124 -23.31 -39.47 -15.44
N PRO E 125 -24.06 -38.98 -14.46
CA PRO E 125 -24.36 -37.55 -14.44
C PRO E 125 -23.07 -36.75 -14.25
N ILE E 126 -23.01 -35.57 -14.85
CA ILE E 126 -21.82 -34.74 -14.71
C ILE E 126 -21.44 -34.53 -13.24
N TYR E 127 -22.41 -34.28 -12.36
CA TYR E 127 -22.04 -34.05 -10.96
C TYR E 127 -21.26 -35.20 -10.32
N GLN E 128 -21.43 -36.42 -10.81
CA GLN E 128 -20.65 -37.53 -10.26
C GLN E 128 -19.19 -37.47 -10.69
N LEU E 129 -18.93 -37.05 -11.93
N LEU E 129 -18.95 -37.03 -11.92
CA LEU E 129 -17.56 -36.89 -12.38
CA LEU E 129 -17.59 -36.87 -12.44
C LEU E 129 -16.83 -35.84 -11.57
C LEU E 129 -16.84 -35.82 -11.63
N LEU E 130 -17.58 -34.86 -11.08
CA LEU E 130 -16.98 -33.71 -10.37
C LEU E 130 -16.78 -33.98 -8.90
N GLY E 131 -16.75 -35.27 -8.53
CA GLY E 131 -16.54 -35.65 -7.15
C GLY E 131 -17.83 -35.89 -6.38
N GLY E 132 -18.95 -35.92 -7.09
CA GLY E 132 -20.24 -36.17 -6.47
C GLY E 132 -20.81 -34.95 -5.77
N LYS E 133 -21.95 -35.12 -5.11
CA LYS E 133 -22.63 -33.99 -4.46
C LYS E 133 -21.93 -33.50 -3.21
N PHE E 134 -22.01 -32.19 -3.00
CA PHE E 134 -21.82 -31.62 -1.67
C PHE E 134 -23.19 -31.38 -1.04
N HIS E 135 -24.10 -30.82 -1.84
CA HIS E 135 -25.43 -30.51 -1.34
C HIS E 135 -26.35 -31.72 -1.51
N THR E 136 -26.16 -32.73 -0.66
CA THR E 136 -26.87 -33.99 -0.84
C THR E 136 -28.39 -33.82 -0.74
N ARG E 137 -28.85 -32.89 0.10
CA ARG E 137 -30.27 -32.68 0.32
C ARG E 137 -30.93 -31.90 -0.82
N GLY E 138 -30.13 -31.23 -1.64
CA GLY E 138 -30.66 -30.36 -2.68
C GLY E 138 -30.07 -28.97 -2.60
N VAL E 139 -30.38 -28.15 -3.58
CA VAL E 139 -29.75 -26.84 -3.77
C VAL E 139 -30.78 -25.71 -3.63
N ARG E 140 -30.51 -24.76 -2.73
CA ARG E 140 -31.46 -23.68 -2.51
C ARG E 140 -31.52 -22.75 -3.72
N ALA E 141 -32.72 -22.53 -4.24
CA ALA E 141 -32.91 -21.69 -5.43
C ALA E 141 -33.58 -20.35 -5.11
N TYR E 142 -33.44 -19.40 -6.04
CA TYR E 142 -34.18 -18.16 -5.93
C TYR E 142 -34.95 -17.87 -7.20
N ALA E 143 -36.11 -17.24 -7.02
CA ALA E 143 -36.96 -16.86 -8.13
C ALA E 143 -36.39 -15.64 -8.82
N SER E 144 -36.09 -15.78 -10.10
CA SER E 144 -35.46 -14.72 -10.91
C SER E 144 -36.38 -14.37 -12.08
N SER E 145 -36.91 -13.15 -12.14
CA SER E 145 -36.78 -12.08 -11.16
C SER E 145 -38.08 -11.29 -11.19
N ILE E 146 -38.22 -10.36 -10.26
CA ILE E 146 -39.25 -9.34 -10.32
C ILE E 146 -38.71 -8.13 -11.07
N TYR E 147 -39.35 -7.77 -12.18
CA TYR E 147 -38.77 -6.82 -13.15
C TYR E 147 -39.26 -5.38 -13.01
N TRP E 148 -38.83 -4.52 -13.94
CA TRP E 148 -39.14 -3.09 -13.92
C TRP E 148 -40.62 -2.84 -14.16
N ASP E 149 -41.04 -1.58 -14.03
CA ASP E 149 -42.39 -1.17 -14.43
C ASP E 149 -43.50 -1.63 -13.47
N LEU E 150 -43.18 -1.82 -12.20
CA LEU E 150 -44.19 -2.24 -11.23
C LEU E 150 -44.42 -1.20 -10.12
N THR E 151 -45.61 -1.22 -9.54
CA THR E 151 -45.87 -0.42 -8.33
C THR E 151 -45.46 -1.27 -7.13
N PRO E 152 -45.30 -0.62 -5.96
CA PRO E 152 -44.90 -1.34 -4.75
C PRO E 152 -45.81 -2.50 -4.38
N ASP E 153 -47.12 -2.34 -4.53
CA ASP E 153 -48.04 -3.42 -4.18
C ASP E 153 -48.03 -4.53 -5.22
N GLN E 154 -47.75 -4.17 -6.47
CA GLN E 154 -47.56 -5.17 -7.51
C GLN E 154 -46.31 -5.99 -7.21
N ALA E 155 -45.21 -5.32 -6.89
CA ALA E 155 -43.98 -6.00 -6.56
C ALA E 155 -44.16 -6.89 -5.34
N ALA E 156 -44.83 -6.36 -4.33
CA ALA E 156 -45.08 -7.11 -3.10
C ALA E 156 -45.94 -8.35 -3.35
N ASP E 157 -46.98 -8.21 -4.17
CA ASP E 157 -47.86 -9.33 -4.51
C ASP E 157 -47.07 -10.43 -5.23
N GLU E 158 -46.32 -10.02 -6.24
CA GLU E 158 -45.56 -10.99 -7.03
C GLU E 158 -44.57 -11.77 -6.16
N LEU E 159 -43.88 -11.07 -5.25
CA LEU E 159 -42.95 -11.74 -4.34
C LEU E 159 -43.67 -12.74 -3.43
N ALA E 160 -44.84 -12.36 -2.94
CA ALA E 160 -45.61 -13.27 -2.11
C ALA E 160 -46.01 -14.51 -2.93
N GLY E 161 -46.29 -14.27 -4.21
CA GLY E 161 -46.63 -15.37 -5.11
C GLY E 161 -45.53 -16.42 -5.20
N TRP E 162 -44.28 -15.98 -5.28
CA TRP E 162 -43.18 -16.91 -5.45
C TRP E 162 -42.85 -17.66 -4.16
N VAL E 163 -42.97 -16.95 -3.05
CA VAL E 163 -42.81 -17.58 -1.75
C VAL E 163 -43.88 -18.66 -1.58
N GLU E 164 -45.10 -18.35 -2.02
CA GLU E 164 -46.19 -19.32 -1.98
C GLU E 164 -45.82 -20.59 -2.77
N GLN E 165 -45.15 -20.40 -3.90
CA GLN E 165 -44.71 -21.49 -4.75
C GLN E 165 -43.58 -22.32 -4.13
N GLY E 166 -42.98 -21.82 -3.06
CA GLY E 166 -41.98 -22.60 -2.34
C GLY E 166 -40.57 -22.02 -2.31
N PHE E 167 -40.37 -20.90 -3.00
CA PHE E 167 -39.07 -20.23 -2.99
C PHE E 167 -38.79 -19.55 -1.64
N THR E 168 -37.52 -19.60 -1.22
CA THR E 168 -37.09 -18.97 0.03
C THR E 168 -36.23 -17.74 -0.23
N ALA E 169 -36.21 -17.32 -1.49
CA ALA E 169 -35.37 -16.22 -1.93
C ALA E 169 -35.86 -15.79 -3.31
N ALA E 170 -35.65 -14.51 -3.64
CA ALA E 170 -36.09 -13.97 -4.92
C ALA E 170 -35.30 -12.72 -5.23
N LYS E 171 -35.23 -12.36 -6.51
CA LYS E 171 -34.45 -11.23 -6.95
C LYS E 171 -35.32 -10.12 -7.55
N LEU E 172 -34.93 -8.88 -7.30
CA LEU E 172 -35.64 -7.71 -7.82
C LEU E 172 -34.73 -6.92 -8.74
N LYS E 173 -35.24 -6.53 -9.91
CA LYS E 173 -34.50 -5.68 -10.83
C LYS E 173 -34.67 -4.20 -10.45
N VAL E 174 -33.57 -3.45 -10.50
CA VAL E 174 -33.61 -2.02 -10.18
C VAL E 174 -32.76 -1.24 -11.18
N GLY E 175 -32.80 0.08 -11.09
CA GLY E 175 -31.89 0.90 -11.88
C GLY E 175 -32.48 2.11 -12.58
N ARG E 176 -33.71 2.00 -13.06
CA ARG E 176 -34.27 3.09 -13.85
C ARG E 176 -34.75 4.23 -12.98
N ALA E 177 -35.41 3.91 -11.87
CA ALA E 177 -35.92 4.93 -10.94
C ALA E 177 -35.69 4.50 -9.50
N PRO E 178 -34.53 4.88 -8.93
CA PRO E 178 -34.15 4.41 -7.60
C PRO E 178 -35.19 4.65 -6.51
N ARG E 179 -35.95 5.74 -6.62
CA ARG E 179 -36.95 6.03 -5.60
C ARG E 179 -38.07 5.01 -5.64
N LYS E 180 -38.47 4.64 -6.85
CA LYS E 180 -39.49 3.60 -7.02
C LYS E 180 -38.90 2.26 -6.61
N ASP E 181 -37.63 2.04 -6.95
CA ASP E 181 -36.94 0.80 -6.56
C ASP E 181 -36.97 0.64 -5.04
N ALA E 182 -36.66 1.73 -4.33
CA ALA E 182 -36.66 1.74 -2.87
C ALA E 182 -38.05 1.46 -2.27
N ALA E 183 -39.08 2.10 -2.82
CA ALA E 183 -40.44 1.85 -2.37
C ALA E 183 -40.85 0.39 -2.63
N ASN E 184 -40.51 -0.12 -3.81
CA ASN E 184 -40.82 -1.51 -4.13
C ASN E 184 -40.16 -2.46 -3.15
N LEU E 185 -38.87 -2.21 -2.87
N LEU E 185 -38.89 -2.18 -2.85
CA LEU E 185 -38.14 -3.02 -1.93
CA LEU E 185 -38.12 -3.01 -1.94
C LEU E 185 -38.78 -3.01 -0.55
C LEU E 185 -38.67 -2.98 -0.51
N ARG E 186 -39.09 -1.81 -0.06
CA ARG E 186 -39.69 -1.67 1.27
C ARG E 186 -41.02 -2.43 1.38
N ALA E 187 -41.86 -2.29 0.36
CA ALA E 187 -43.14 -3.01 0.33
C ALA E 187 -42.92 -4.52 0.35
N MET E 188 -41.95 -4.98 -0.43
CA MET E 188 -41.63 -6.40 -0.52
C MET E 188 -41.18 -6.97 0.81
N ARG E 189 -40.25 -6.28 1.46
CA ARG E 189 -39.71 -6.77 2.73
C ARG E 189 -40.80 -6.79 3.78
N GLN E 190 -41.65 -5.76 3.77
CA GLN E 190 -42.75 -5.71 4.73
C GLN E 190 -43.68 -6.90 4.51
N ARG E 191 -43.99 -7.17 3.25
N ARG E 191 -43.99 -7.17 3.25
CA ARG E 191 -44.90 -8.25 2.90
CA ARG E 191 -44.91 -8.25 2.88
C ARG E 191 -44.42 -9.62 3.39
C ARG E 191 -44.44 -9.63 3.33
N VAL E 192 -43.20 -9.99 3.03
CA VAL E 192 -42.71 -11.34 3.29
C VAL E 192 -41.97 -11.56 4.61
N GLY E 193 -41.54 -10.48 5.27
CA GLY E 193 -40.83 -10.63 6.54
C GLY E 193 -39.37 -11.03 6.40
N ALA E 194 -38.77 -11.42 7.52
CA ALA E 194 -37.31 -11.61 7.59
C ALA E 194 -36.77 -12.96 7.12
N ASP E 195 -37.64 -13.91 6.82
CA ASP E 195 -37.20 -15.28 6.53
C ASP E 195 -36.91 -15.52 5.04
N VAL E 196 -37.27 -14.55 4.21
CA VAL E 196 -37.09 -14.66 2.77
C VAL E 196 -35.97 -13.74 2.31
N GLU E 197 -34.97 -14.30 1.64
CA GLU E 197 -33.86 -13.47 1.14
C GLU E 197 -34.31 -12.67 -0.08
N ILE E 198 -33.98 -11.38 -0.10
CA ILE E 198 -34.26 -10.54 -1.25
C ILE E 198 -32.95 -10.10 -1.87
N LEU E 199 -32.78 -10.45 -3.15
CA LEU E 199 -31.60 -10.07 -3.91
C LEU E 199 -31.98 -8.93 -4.83
N VAL E 200 -31.02 -8.09 -5.17
CA VAL E 200 -31.26 -6.95 -6.05
C VAL E 200 -30.25 -6.95 -7.19
N ASP E 201 -30.70 -6.57 -8.38
CA ASP E 201 -29.86 -6.61 -9.57
C ASP E 201 -30.10 -5.34 -10.38
N ALA E 202 -29.05 -4.54 -10.52
CA ALA E 202 -29.15 -3.27 -11.25
C ALA E 202 -28.77 -3.34 -12.72
N ASN E 203 -28.25 -4.48 -13.18
CA ASN E 203 -27.81 -4.62 -14.58
C ASN E 203 -26.92 -3.47 -15.07
N GLN E 204 -25.93 -3.12 -14.25
CA GLN E 204 -24.94 -2.09 -14.57
C GLN E 204 -25.55 -0.70 -14.77
N SER E 205 -26.74 -0.48 -14.21
CA SER E 205 -27.52 0.74 -14.45
C SER E 205 -27.08 1.98 -13.67
N LEU E 206 -26.27 1.80 -12.64
CA LEU E 206 -26.01 2.93 -11.73
C LEU E 206 -24.60 3.47 -11.81
N GLY E 207 -24.43 4.76 -11.50
CA GLY E 207 -23.11 5.33 -11.27
C GLY E 207 -22.72 5.12 -9.83
N ARG E 208 -21.48 5.47 -9.48
CA ARG E 208 -20.98 5.18 -8.12
C ARG E 208 -21.80 5.80 -7.00
N HIS E 209 -22.12 7.07 -7.13
CA HIS E 209 -22.78 7.79 -6.04
C HIS E 209 -24.21 7.34 -5.84
N ASP E 210 -24.92 7.11 -6.94
CA ASP E 210 -26.25 6.51 -6.85
C ASP E 210 -26.19 5.10 -6.28
N ALA E 211 -25.15 4.34 -6.65
CA ALA E 211 -24.98 2.99 -6.07
C ALA E 211 -24.71 3.03 -4.55
N LEU E 212 -23.90 3.97 -4.10
CA LEU E 212 -23.66 4.15 -2.68
C LEU E 212 -24.98 4.51 -1.97
N ALA E 213 -25.77 5.40 -2.56
CA ALA E 213 -27.07 5.75 -1.97
C ALA E 213 -27.98 4.50 -1.90
N MET E 214 -28.04 3.76 -2.99
N MET E 214 -28.03 3.78 -3.00
CA MET E 214 -28.89 2.57 -2.99
CA MET E 214 -28.83 2.55 -3.05
C MET E 214 -28.41 1.51 -1.99
C MET E 214 -28.41 1.56 -1.98
N LEU E 215 -27.10 1.34 -1.86
CA LEU E 215 -26.59 0.37 -0.92
C LEU E 215 -27.11 0.63 0.49
N ARG E 216 -27.27 1.91 0.85
CA ARG E 216 -27.78 2.24 2.16
C ARG E 216 -29.19 1.67 2.34
N ILE E 217 -30.00 1.82 1.30
N ILE E 217 -30.00 1.79 1.31
CA ILE E 217 -31.35 1.29 1.28
CA ILE E 217 -31.36 1.28 1.35
C ILE E 217 -31.35 -0.23 1.38
C ILE E 217 -31.41 -0.25 1.32
N LEU E 218 -30.49 -0.87 0.59
CA LEU E 218 -30.37 -2.33 0.56
C LEU E 218 -29.98 -2.88 1.93
N ASP E 219 -29.08 -2.15 2.60
CA ASP E 219 -28.59 -2.54 3.91
C ASP E 219 -29.78 -2.47 4.87
N GLU E 220 -30.52 -1.37 4.78
CA GLU E 220 -31.73 -1.18 5.60
C GLU E 220 -32.72 -2.32 5.43
N ALA E 221 -32.88 -2.78 4.20
CA ALA E 221 -33.84 -3.84 3.87
C ALA E 221 -33.28 -5.26 4.07
N GLY E 222 -32.03 -5.37 4.48
CA GLY E 222 -31.42 -6.67 4.75
C GLY E 222 -31.20 -7.53 3.52
N CYS E 223 -30.96 -6.89 2.38
CA CYS E 223 -30.78 -7.60 1.11
C CYS E 223 -29.54 -8.50 1.09
N TYR E 224 -29.66 -9.62 0.38
CA TYR E 224 -28.62 -10.65 0.38
C TYR E 224 -27.45 -10.19 -0.48
N TRP E 225 -27.76 -9.68 -1.66
CA TRP E 225 -26.71 -9.14 -2.52
C TRP E 225 -27.16 -8.01 -3.42
N PHE E 226 -26.18 -7.30 -3.96
CA PHE E 226 -26.37 -6.18 -4.86
C PHE E 226 -25.61 -6.62 -6.12
N GLU E 227 -26.36 -6.99 -7.15
CA GLU E 227 -25.79 -7.60 -8.35
C GLU E 227 -25.61 -6.57 -9.46
N GLU E 228 -24.49 -6.65 -10.18
CA GLU E 228 -24.16 -5.67 -11.20
C GLU E 228 -24.59 -4.23 -10.83
N PRO E 229 -24.12 -3.75 -9.69
CA PRO E 229 -24.45 -2.37 -9.28
C PRO E 229 -23.96 -1.32 -10.26
N LEU E 230 -22.80 -1.58 -10.88
CA LEU E 230 -22.12 -0.63 -11.75
C LEU E 230 -21.67 -1.30 -13.04
N SER E 231 -21.19 -0.50 -14.00
CA SER E 231 -20.48 -1.05 -15.15
C SER E 231 -19.47 -2.11 -14.72
N ILE E 232 -19.44 -3.24 -15.44
N ILE E 232 -19.43 -3.24 -15.45
CA ILE E 232 -18.46 -4.28 -15.13
CA ILE E 232 -18.46 -4.29 -15.14
C ILE E 232 -17.05 -3.77 -15.39
C ILE E 232 -17.05 -3.79 -15.41
N ASP E 233 -16.96 -2.67 -16.10
CA ASP E 233 -15.67 -2.10 -16.45
C ASP E 233 -15.08 -1.27 -15.31
N ASP E 234 -15.90 -0.93 -14.32
CA ASP E 234 -15.45 -0.08 -13.20
C ASP E 234 -15.14 -0.92 -11.96
N ILE E 235 -13.96 -1.54 -11.94
CA ILE E 235 -13.60 -2.43 -10.83
C ILE E 235 -13.47 -1.64 -9.52
N GLU E 236 -12.87 -0.46 -9.60
CA GLU E 236 -12.63 0.33 -8.39
C GLU E 236 -13.96 0.73 -7.72
N GLY E 237 -14.98 1.00 -8.53
CA GLY E 237 -16.30 1.36 -8.02
C GLY E 237 -16.86 0.23 -7.17
N HIS E 238 -16.63 -1.00 -7.61
CA HIS E 238 -17.07 -2.16 -6.83
C HIS E 238 -16.29 -2.27 -5.51
N ARG E 239 -14.98 -2.03 -5.56
CA ARG E 239 -14.20 -1.99 -4.34
C ARG E 239 -14.77 -0.98 -3.35
N ILE E 240 -15.11 0.20 -3.86
CA ILE E 240 -15.68 1.23 -3.00
C ILE E 240 -16.97 0.77 -2.33
N LEU E 241 -17.88 0.15 -3.09
CA LEU E 241 -19.12 -0.38 -2.52
C LEU E 241 -18.83 -1.44 -1.47
N ARG E 242 -17.92 -2.36 -1.77
CA ARG E 242 -17.60 -3.44 -0.83
C ARG E 242 -16.92 -2.92 0.45
N ALA E 243 -16.14 -1.84 0.28
CA ALA E 243 -15.40 -1.25 1.40
C ALA E 243 -16.32 -0.57 2.42
N GLN E 244 -17.60 -0.41 2.08
CA GLN E 244 -18.55 0.14 3.06
C GLN E 244 -18.81 -0.84 4.20
N GLY E 245 -18.45 -2.11 4.00
CA GLY E 245 -18.54 -3.13 5.02
C GLY E 245 -19.94 -3.46 5.50
N THR E 246 -20.92 -3.43 4.60
CA THR E 246 -22.28 -3.78 4.97
C THR E 246 -22.40 -5.28 4.85
N PRO E 247 -23.47 -5.85 5.42
CA PRO E 247 -23.76 -7.28 5.21
C PRO E 247 -24.34 -7.58 3.83
N VAL E 248 -24.47 -6.58 2.97
CA VAL E 248 -24.96 -6.80 1.61
C VAL E 248 -23.79 -7.20 0.70
N ARG E 249 -23.88 -8.37 0.10
CA ARG E 249 -22.81 -8.85 -0.79
C ARG E 249 -22.75 -8.08 -2.09
N ILE E 250 -21.55 -7.79 -2.57
CA ILE E 250 -21.38 -7.21 -3.89
C ILE E 250 -21.18 -8.35 -4.89
N ALA E 251 -22.10 -8.47 -5.84
CA ALA E 251 -22.13 -9.60 -6.75
C ALA E 251 -22.01 -9.14 -8.19
N THR E 252 -21.19 -9.84 -8.98
CA THR E 252 -21.17 -9.60 -10.42
C THR E 252 -20.57 -10.81 -11.13
N GLY E 253 -20.81 -10.93 -12.43
CA GLY E 253 -20.14 -11.96 -13.19
C GLY E 253 -20.79 -12.45 -14.47
N GLU E 254 -22.07 -12.18 -14.67
CA GLU E 254 -22.71 -12.69 -15.89
C GLU E 254 -22.11 -12.08 -17.16
N ASN E 255 -21.47 -10.91 -17.03
CA ASN E 255 -20.88 -10.26 -18.19
C ASN E 255 -19.36 -10.18 -18.13
N LEU E 256 -18.79 -10.94 -17.20
CA LEU E 256 -17.34 -11.08 -17.07
C LEU E 256 -16.91 -12.43 -17.60
N TYR E 257 -15.71 -12.52 -18.19
CA TYR E 257 -15.33 -13.73 -18.91
C TYR E 257 -13.99 -14.29 -18.49
N THR E 258 -13.96 -15.60 -18.28
CA THR E 258 -12.78 -16.36 -17.85
C THR E 258 -12.38 -16.05 -16.40
N ARG E 259 -11.58 -16.94 -15.84
CA ARG E 259 -11.10 -16.77 -14.47
C ARG E 259 -10.26 -15.51 -14.32
N ASN E 260 -9.71 -15.02 -15.42
CA ASN E 260 -8.88 -13.80 -15.38
C ASN E 260 -9.66 -12.56 -14.95
N ALA E 261 -10.88 -12.42 -15.45
CA ALA E 261 -11.73 -11.30 -15.04
C ALA E 261 -11.95 -11.32 -13.54
N PHE E 262 -12.27 -12.50 -13.01
CA PHE E 262 -12.57 -12.61 -11.59
C PHE E 262 -11.33 -12.45 -10.73
N ASN E 263 -10.18 -12.90 -11.24
CA ASN E 263 -8.93 -12.65 -10.52
C ASN E 263 -8.69 -11.16 -10.32
N ASP E 264 -8.97 -10.37 -11.36
CA ASP E 264 -8.80 -8.91 -11.28
C ASP E 264 -9.73 -8.32 -10.22
N TYR E 265 -10.96 -8.78 -10.15
CA TYR E 265 -11.86 -8.30 -9.10
C TYR E 265 -11.36 -8.70 -7.72
N ILE E 266 -10.94 -9.94 -7.56
CA ILE E 266 -10.46 -10.39 -6.25
C ILE E 266 -9.20 -9.63 -5.80
N ARG E 267 -8.24 -9.50 -6.72
N ARG E 267 -8.24 -9.46 -6.70
CA ARG E 267 -7.00 -8.77 -6.46
CA ARG E 267 -7.00 -8.79 -6.33
C ARG E 267 -7.29 -7.37 -5.93
C ARG E 267 -7.20 -7.30 -6.07
N ASN E 268 -8.38 -6.79 -6.40
CA ASN E 268 -8.73 -5.41 -6.09
C ASN E 268 -9.78 -5.29 -4.99
N ASP E 269 -10.02 -6.41 -4.30
CA ASP E 269 -10.95 -6.45 -3.17
C ASP E 269 -12.31 -5.92 -3.59
N ALA E 270 -12.75 -6.28 -4.78
CA ALA E 270 -13.93 -5.65 -5.37
C ALA E 270 -15.13 -6.58 -5.51
N ILE E 271 -15.10 -7.77 -4.90
CA ILE E 271 -16.19 -8.71 -5.11
C ILE E 271 -16.43 -9.65 -3.92
N ASP E 272 -17.71 -9.91 -3.61
CA ASP E 272 -18.09 -10.88 -2.59
C ASP E 272 -18.61 -12.18 -3.20
N VAL E 273 -19.38 -12.04 -4.27
CA VAL E 273 -20.02 -13.17 -4.94
C VAL E 273 -19.67 -13.14 -6.43
N LEU E 274 -18.95 -14.18 -6.86
CA LEU E 274 -18.58 -14.36 -8.25
C LEU E 274 -19.74 -15.06 -8.95
N GLN E 275 -20.22 -14.49 -10.05
CA GLN E 275 -21.38 -15.06 -10.71
C GLN E 275 -21.10 -15.68 -12.08
N ALA E 276 -19.85 -16.10 -12.30
CA ALA E 276 -19.47 -16.75 -13.55
C ALA E 276 -20.43 -17.88 -13.89
N ASP E 277 -20.99 -17.80 -15.09
CA ASP E 277 -21.96 -18.78 -15.61
C ASP E 277 -21.20 -19.78 -16.46
N ALA E 278 -21.33 -21.07 -16.15
CA ALA E 278 -20.69 -22.10 -16.97
C ALA E 278 -20.94 -21.95 -18.46
N SER E 279 -22.10 -21.42 -18.83
CA SER E 279 -22.45 -21.31 -20.25
C SER E 279 -22.00 -20.00 -20.91
N ARG E 280 -21.35 -19.11 -20.15
CA ARG E 280 -20.91 -17.82 -20.68
C ARG E 280 -19.41 -17.59 -20.45
N ALA E 281 -18.94 -17.94 -19.25
CA ALA E 281 -17.61 -17.51 -18.81
C ALA E 281 -16.47 -18.39 -19.28
N GLY E 282 -16.79 -19.49 -19.95
CA GLY E 282 -15.75 -20.35 -20.50
C GLY E 282 -16.05 -21.84 -20.47
N GLY E 283 -17.23 -22.21 -19.97
CA GLY E 283 -17.59 -23.61 -19.89
C GLY E 283 -17.62 -24.17 -18.48
N ILE E 284 -18.04 -25.43 -18.38
CA ILE E 284 -17.95 -26.15 -17.12
C ILE E 284 -16.50 -26.17 -16.65
N THR E 285 -15.58 -26.36 -17.59
CA THR E 285 -14.17 -26.43 -17.26
C THR E 285 -13.70 -25.14 -16.57
N GLU E 286 -14.11 -24.01 -17.12
CA GLU E 286 -13.69 -22.73 -16.54
C GLU E 286 -14.46 -22.38 -15.25
N ALA E 287 -15.77 -22.63 -15.24
CA ALA E 287 -16.56 -22.40 -14.03
C ALA E 287 -16.04 -23.20 -12.82
N LEU E 288 -15.62 -24.44 -13.04
CA LEU E 288 -14.97 -25.24 -11.98
C LEU E 288 -13.76 -24.52 -11.37
N ALA E 289 -12.93 -23.95 -12.23
CA ALA E 289 -11.75 -23.25 -11.75
C ALA E 289 -12.14 -21.97 -10.99
N ILE E 290 -13.15 -21.27 -11.49
CA ILE E 290 -13.59 -20.03 -10.84
C ILE E 290 -14.20 -20.30 -9.47
N SER E 291 -15.00 -21.35 -9.37
CA SER E 291 -15.58 -21.75 -8.08
C SER E 291 -14.50 -22.06 -7.05
N ALA E 292 -13.46 -22.76 -7.49
CA ALA E 292 -12.37 -23.13 -6.59
C ALA E 292 -11.59 -21.88 -6.17
N SER E 293 -11.35 -20.98 -7.12
N SER E 293 -11.34 -20.99 -7.12
CA SER E 293 -10.59 -19.77 -6.84
CA SER E 293 -10.60 -19.76 -6.85
C SER E 293 -11.37 -18.86 -5.89
C SER E 293 -11.37 -18.88 -5.87
N ALA E 294 -12.69 -18.83 -6.05
CA ALA E 294 -13.53 -18.09 -5.10
C ALA E 294 -13.37 -18.63 -3.68
N ALA E 295 -13.43 -19.94 -3.53
CA ALA E 295 -13.34 -20.57 -2.22
C ALA E 295 -11.98 -20.31 -1.59
N SER E 296 -10.93 -20.39 -2.41
N SER E 296 -10.94 -20.35 -2.42
CA SER E 296 -9.59 -20.11 -1.93
CA SER E 296 -9.59 -20.12 -1.97
C SER E 296 -9.51 -18.73 -1.30
C SER E 296 -9.40 -18.70 -1.41
N ALA E 297 -10.20 -17.77 -1.90
CA ALA E 297 -10.15 -16.40 -1.42
C ALA E 297 -11.22 -16.10 -0.36
N HIS E 298 -11.90 -17.14 0.08
CA HIS E 298 -12.96 -17.04 1.08
C HIS E 298 -14.13 -16.18 0.60
N LEU E 299 -14.40 -16.30 -0.69
CA LEU E 299 -15.56 -15.65 -1.31
C LEU E 299 -16.53 -16.73 -1.81
N ALA E 300 -17.65 -16.30 -2.39
CA ALA E 300 -18.66 -17.24 -2.86
C ALA E 300 -18.74 -17.28 -4.38
N TRP E 301 -19.05 -18.46 -4.92
CA TRP E 301 -19.43 -18.56 -6.33
C TRP E 301 -20.89 -19.00 -6.39
N ASN E 302 -21.74 -18.13 -6.93
CA ASN E 302 -23.14 -18.41 -7.15
C ASN E 302 -23.43 -17.98 -8.57
N PRO E 303 -23.52 -18.93 -9.52
CA PRO E 303 -23.55 -18.57 -10.94
C PRO E 303 -24.83 -17.88 -11.36
N HIS E 304 -24.68 -16.96 -12.32
CA HIS E 304 -25.76 -16.60 -13.21
C HIS E 304 -26.11 -17.85 -14.03
N THR E 305 -27.39 -18.10 -14.27
CA THR E 305 -27.83 -19.33 -14.98
C THR E 305 -28.90 -19.05 -16.06
N PHE E 306 -29.24 -17.77 -16.23
CA PHE E 306 -30.44 -17.32 -16.95
C PHE E 306 -30.33 -17.39 -18.49
N ASN E 307 -30.93 -18.42 -19.10
CA ASN E 307 -31.21 -18.40 -20.54
C ASN E 307 -32.10 -19.55 -20.99
N ASP E 308 -31.73 -20.76 -20.59
CA ASP E 308 -32.46 -21.94 -21.01
C ASP E 308 -32.21 -23.10 -20.05
N ILE E 309 -32.87 -24.23 -20.25
CA ILE E 309 -32.77 -25.33 -19.30
C ILE E 309 -31.38 -25.97 -19.34
N ILE E 310 -30.68 -25.87 -20.46
CA ILE E 310 -29.33 -26.40 -20.53
C ILE E 310 -28.37 -25.52 -19.71
N THR E 311 -28.45 -24.21 -19.86
CA THR E 311 -27.60 -23.35 -19.03
C THR E 311 -27.90 -23.60 -17.55
N VAL E 312 -29.18 -23.73 -17.20
CA VAL E 312 -29.54 -24.02 -15.82
C VAL E 312 -28.95 -25.35 -15.34
N ALA E 313 -29.18 -26.43 -16.09
CA ALA E 313 -28.66 -27.75 -15.73
C ALA E 313 -27.13 -27.80 -15.63
N ALA E 314 -26.43 -27.21 -16.59
CA ALA E 314 -24.98 -27.27 -16.56
C ALA E 314 -24.46 -26.64 -15.26
N ASN E 315 -24.98 -25.48 -14.93
CA ASN E 315 -24.60 -24.82 -13.68
C ASN E 315 -25.05 -25.61 -12.45
N LEU E 316 -26.22 -26.23 -12.53
CA LEU E 316 -26.73 -26.97 -11.39
C LEU E 316 -25.85 -28.17 -11.00
N HIS E 317 -25.33 -28.88 -12.00
CA HIS E 317 -24.40 -29.97 -11.71
C HIS E 317 -23.22 -29.47 -10.86
N LEU E 318 -22.63 -28.35 -11.28
CA LEU E 318 -21.48 -27.76 -10.59
C LEU E 318 -21.85 -27.25 -9.19
N VAL E 319 -22.96 -26.52 -9.11
CA VAL E 319 -23.43 -26.00 -7.84
C VAL E 319 -23.69 -27.13 -6.83
N ALA E 320 -24.32 -28.20 -7.30
CA ALA E 320 -24.61 -29.34 -6.43
C ALA E 320 -23.33 -29.93 -5.86
N ALA E 321 -22.27 -29.93 -6.67
CA ALA E 321 -21.00 -30.53 -6.28
C ALA E 321 -20.10 -29.58 -5.46
N SER E 322 -20.52 -28.33 -5.35
N SER E 322 -20.52 -28.32 -5.36
CA SER E 322 -19.69 -27.32 -4.70
CA SER E 322 -19.72 -27.29 -4.71
C SER E 322 -20.10 -27.00 -3.28
C SER E 322 -20.11 -27.05 -3.26
N PRO E 323 -19.12 -26.80 -2.39
CA PRO E 323 -19.34 -26.46 -0.98
C PRO E 323 -19.82 -25.02 -0.77
N HIS E 324 -19.89 -24.20 -1.82
CA HIS E 324 -20.40 -22.85 -1.64
C HIS E 324 -21.85 -22.94 -1.18
N PRO E 325 -22.21 -22.18 -0.15
CA PRO E 325 -23.65 -22.07 0.18
C PRO E 325 -24.44 -21.66 -1.06
N ALA E 326 -25.57 -22.32 -1.25
CA ALA E 326 -26.33 -22.21 -2.49
C ALA E 326 -27.24 -20.99 -2.52
N MET E 327 -27.30 -20.34 -3.68
CA MET E 327 -28.28 -19.30 -3.98
C MET E 327 -28.45 -19.39 -5.51
N PHE E 328 -29.18 -20.42 -5.91
CA PHE E 328 -29.19 -20.87 -7.30
C PHE E 328 -30.27 -20.19 -8.13
N GLU E 329 -29.86 -19.48 -9.19
CA GLU E 329 -30.80 -18.68 -9.98
C GLU E 329 -31.75 -19.56 -10.79
N TRP E 330 -33.05 -19.37 -10.59
CA TRP E 330 -34.07 -20.06 -11.39
C TRP E 330 -35.01 -19.07 -12.08
N ASP E 331 -34.83 -18.95 -13.39
CA ASP E 331 -35.65 -18.12 -14.28
C ASP E 331 -37.12 -18.51 -14.14
N ILE E 332 -37.95 -17.61 -13.60
CA ILE E 332 -39.38 -17.88 -13.48
C ILE E 332 -40.22 -17.10 -14.51
N THR E 333 -39.55 -16.43 -15.43
CA THR E 333 -40.26 -15.66 -16.44
C THR E 333 -40.77 -16.60 -17.52
N HIS E 334 -41.61 -16.08 -18.41
CA HIS E 334 -42.16 -16.89 -19.49
C HIS E 334 -41.05 -17.30 -20.46
N ASN E 335 -40.76 -18.59 -20.50
CA ASN E 335 -39.63 -19.09 -21.27
C ASN E 335 -39.84 -20.55 -21.67
N ASP E 336 -40.18 -20.77 -22.94
CA ASP E 336 -40.42 -22.13 -23.42
C ASP E 336 -39.15 -22.98 -23.42
N LEU E 337 -37.99 -22.33 -23.43
CA LEU E 337 -36.71 -23.05 -23.40
C LEU E 337 -36.43 -23.59 -21.99
N MET E 338 -37.25 -23.19 -21.03
CA MET E 338 -37.13 -23.70 -19.67
C MET E 338 -38.09 -24.85 -19.40
N THR E 339 -39.09 -25.02 -20.26
CA THR E 339 -40.12 -26.02 -20.00
C THR E 339 -40.27 -27.08 -21.10
N ARG E 340 -40.05 -26.70 -22.35
CA ARG E 340 -40.39 -27.57 -23.47
C ARG E 340 -39.20 -28.16 -24.24
N LEU E 341 -37.99 -27.67 -23.96
CA LEU E 341 -36.81 -28.18 -24.66
C LEU E 341 -36.43 -29.58 -24.18
N ALA E 342 -36.68 -29.87 -22.90
CA ALA E 342 -36.29 -31.14 -22.33
C ALA E 342 -37.20 -31.56 -21.17
N SER E 343 -36.97 -32.78 -20.69
CA SER E 343 -37.84 -33.42 -19.70
C SER E 343 -37.51 -33.07 -18.25
N TYR E 344 -36.76 -31.99 -18.03
CA TYR E 344 -36.39 -31.59 -16.68
C TYR E 344 -37.10 -30.30 -16.27
N ASP E 345 -37.93 -30.41 -15.22
CA ASP E 345 -38.76 -29.29 -14.79
C ASP E 345 -38.37 -28.78 -13.41
N LEU E 346 -38.92 -27.62 -13.04
CA LEU E 346 -38.72 -27.07 -11.72
C LEU E 346 -39.48 -27.90 -10.71
N LYS E 347 -38.75 -28.49 -9.77
CA LYS E 347 -39.38 -29.16 -8.66
C LYS E 347 -38.70 -28.73 -7.37
N LEU E 348 -39.42 -27.96 -6.56
CA LEU E 348 -38.92 -27.44 -5.30
C LEU E 348 -39.39 -28.26 -4.10
N GLU E 349 -38.45 -28.71 -3.29
CA GLU E 349 -38.77 -29.39 -2.04
C GLU E 349 -38.14 -28.60 -0.90
N ASN E 350 -38.97 -27.97 -0.08
CA ASN E 350 -38.47 -27.10 0.99
C ASN E 350 -37.54 -26.03 0.44
N GLY E 351 -37.86 -25.52 -0.73
CA GLY E 351 -37.08 -24.47 -1.37
C GLY E 351 -35.83 -24.95 -2.10
N LEU E 352 -35.66 -26.26 -2.21
CA LEU E 352 -34.47 -26.81 -2.85
C LEU E 352 -34.77 -27.53 -4.14
N VAL E 353 -33.83 -27.46 -5.07
CA VAL E 353 -33.90 -28.22 -6.32
C VAL E 353 -32.78 -29.27 -6.37
N GLN E 354 -32.96 -30.28 -7.22
CA GLN E 354 -31.94 -31.31 -7.40
C GLN E 354 -31.51 -31.35 -8.86
N PRO E 355 -30.23 -31.67 -9.10
CA PRO E 355 -29.79 -31.79 -10.51
C PRO E 355 -30.42 -33.01 -11.19
N PRO E 356 -30.52 -33.00 -12.52
CA PRO E 356 -31.01 -34.16 -13.26
C PRO E 356 -30.13 -35.38 -12.97
N GLN E 357 -30.71 -36.57 -12.97
CA GLN E 357 -29.99 -37.75 -12.50
C GLN E 357 -29.49 -38.65 -13.63
N GLY E 358 -29.86 -38.33 -14.86
CA GLY E 358 -29.44 -39.12 -16.02
C GLY E 358 -28.00 -38.88 -16.40
N PRO E 359 -27.49 -39.57 -17.43
CA PRO E 359 -26.10 -39.44 -17.86
C PRO E 359 -25.84 -38.05 -18.45
N GLY E 360 -24.62 -37.55 -18.30
CA GLY E 360 -24.25 -36.24 -18.80
C GLY E 360 -25.01 -35.13 -18.10
N LEU E 361 -25.62 -34.24 -18.89
CA LEU E 361 -26.47 -33.19 -18.33
C LEU E 361 -27.70 -33.80 -17.65
N GLY E 362 -28.03 -35.03 -18.03
CA GLY E 362 -28.99 -35.82 -17.26
C GLY E 362 -30.44 -35.83 -17.73
N PHE E 363 -30.69 -35.36 -18.94
CA PHE E 363 -32.03 -35.43 -19.52
C PHE E 363 -31.98 -35.59 -21.02
N GLU E 364 -33.15 -35.83 -21.62
CA GLU E 364 -33.26 -36.01 -23.05
C GLU E 364 -33.84 -34.77 -23.72
N ILE E 365 -33.24 -34.38 -24.84
CA ILE E 365 -33.73 -33.27 -25.64
C ILE E 365 -34.97 -33.71 -26.42
N ASP E 366 -36.01 -32.88 -26.44
CA ASP E 366 -37.15 -33.12 -27.33
C ASP E 366 -36.81 -32.59 -28.72
N TRP E 367 -36.31 -33.47 -29.59
CA TRP E 367 -35.86 -33.04 -30.91
C TRP E 367 -36.98 -32.56 -31.84
N ASP E 368 -38.21 -32.95 -31.56
CA ASP E 368 -39.36 -32.45 -32.33
C ASP E 368 -39.56 -30.97 -32.04
N PHE E 369 -39.48 -30.62 -30.74
CA PHE E 369 -39.54 -29.23 -30.34
C PHE E 369 -38.45 -28.42 -31.03
N VAL E 370 -37.24 -28.97 -31.04
CA VAL E 370 -36.11 -28.34 -31.70
C VAL E 370 -36.40 -28.04 -33.16
N ALA E 371 -36.84 -29.06 -33.90
CA ALA E 371 -37.18 -28.92 -35.31
C ALA E 371 -38.26 -27.88 -35.53
N ALA E 372 -39.19 -27.77 -34.59
CA ALA E 372 -40.35 -26.88 -34.74
C ALA E 372 -40.05 -25.43 -34.40
N HIS E 373 -38.87 -25.14 -33.87
CA HIS E 373 -38.59 -23.78 -33.40
C HIS E 373 -37.31 -23.18 -33.96
N ALA E 374 -36.96 -23.57 -35.17
CA ALA E 374 -35.83 -22.95 -35.85
C ALA E 374 -35.99 -21.43 -35.92
N TRP E 375 -34.94 -20.72 -35.53
CA TRP E 375 -34.88 -19.26 -35.62
C TRP E 375 -35.14 -18.82 -37.04
N LYS E 376 -35.97 -17.78 -37.20
CA LYS E 376 -36.25 -17.23 -38.52
C LYS E 376 -35.90 -15.75 -38.60
N GLY E 377 -35.02 -15.29 -37.70
CA GLY E 377 -34.51 -13.94 -37.75
C GLY E 377 -35.10 -12.99 -36.71
N GLU E 378 -35.99 -13.50 -35.88
CA GLU E 378 -36.60 -12.69 -34.82
C GLU E 378 -35.51 -12.11 -33.89
N PRO E 379 -35.80 -10.94 -33.30
CA PRO E 379 -34.89 -10.33 -32.31
C PRO E 379 -35.13 -10.94 -30.93
N ALA E 380 -34.08 -11.03 -30.12
CA ALA E 380 -34.24 -11.59 -28.78
C ALA E 380 -34.64 -10.51 -27.78
N ILE E 381 -34.05 -9.32 -27.94
CA ILE E 381 -34.12 -8.32 -26.89
C ILE E 381 -33.92 -6.92 -27.47
N GLY E 382 -34.64 -5.96 -26.91
CA GLY E 382 -34.49 -4.57 -27.31
C GLY E 382 -33.25 -3.94 -26.71
N ALA E 383 -32.96 -2.72 -27.13
CA ALA E 383 -31.75 -2.00 -26.71
C ALA E 383 -31.58 -1.93 -25.20
N GLY E 384 -30.36 -2.21 -24.74
CA GLY E 384 -30.05 -2.14 -23.33
C GLY E 384 -29.80 -0.72 -22.85
N HIS E 385 -29.54 -0.56 -21.55
CA HIS E 385 -29.37 0.75 -20.94
C HIS E 385 -27.93 1.00 -20.50
N GLY E 386 -27.62 2.24 -20.15
CA GLY E 386 -26.29 2.56 -19.66
C GLY E 386 -25.74 3.89 -20.17
N MET E 387 -26.38 4.46 -21.17
CA MET E 387 -25.96 5.76 -21.72
C MET E 387 -26.36 6.90 -20.78
N SER F 2 31.87 40.48 18.75
CA SER F 2 31.11 39.30 19.13
C SER F 2 31.08 39.10 20.63
N LEU F 3 30.26 38.16 21.09
CA LEU F 3 30.19 37.80 22.49
C LEU F 3 30.77 36.40 22.66
N LYS F 4 31.13 36.06 23.89
CA LYS F 4 31.46 34.69 24.24
C LYS F 4 30.73 34.26 25.50
N ILE F 5 30.16 33.06 25.47
CA ILE F 5 29.50 32.51 26.64
C ILE F 5 30.50 32.22 27.75
N THR F 6 30.18 32.66 28.96
CA THR F 6 31.06 32.44 30.11
C THR F 6 30.49 31.45 31.12
N GLU F 7 29.16 31.38 31.21
CA GLU F 7 28.53 30.48 32.17
C GLU F 7 27.18 30.02 31.67
N VAL F 8 26.81 28.80 32.05
CA VAL F 8 25.46 28.30 31.86
C VAL F 8 24.96 27.83 33.22
N LYS F 9 23.97 28.54 33.76
CA LYS F 9 23.51 28.30 35.13
C LYS F 9 22.10 27.73 35.15
N ALA F 10 21.80 26.91 36.15
CA ALA F 10 20.46 26.38 36.29
C ALA F 10 19.98 26.59 37.72
N HIS F 11 19.07 27.54 37.92
CA HIS F 11 18.51 27.81 39.25
C HIS F 11 17.30 26.94 39.52
N ALA F 12 17.42 25.99 40.45
CA ALA F 12 16.30 25.13 40.78
C ALA F 12 15.34 25.87 41.72
N LEU F 13 14.08 25.99 41.30
CA LEU F 13 13.07 26.73 42.05
C LEU F 13 11.86 25.87 42.43
N SER F 14 11.28 26.13 43.60
CA SER F 14 10.09 25.39 43.99
C SER F 14 9.06 26.34 44.61
N THR F 15 7.79 26.18 44.25
CA THR F 15 6.69 26.96 44.82
C THR F 15 5.60 26.01 45.29
N PRO F 16 4.99 26.31 46.44
CA PRO F 16 4.02 25.42 47.08
C PRO F 16 2.62 25.49 46.48
N ILE F 17 1.85 24.41 46.59
CA ILE F 17 0.44 24.45 46.20
C ILE F 17 -0.45 24.12 47.40
N PRO F 18 -1.34 25.05 47.78
CA PRO F 18 -2.30 24.76 48.86
C PRO F 18 -3.03 23.43 48.60
N GLU F 19 -3.12 22.60 49.63
CA GLU F 19 -3.67 21.26 49.50
C GLU F 19 -4.99 21.23 48.72
N ARG F 20 -5.90 22.15 49.02
CA ARG F 20 -7.20 22.19 48.36
C ARG F 20 -7.08 22.50 46.86
N MET F 21 -5.95 23.07 46.47
CA MET F 21 -5.74 23.49 45.07
C MET F 21 -4.97 22.45 44.26
N ARG F 22 -4.54 21.37 44.91
CA ARG F 22 -3.80 20.33 44.23
C ARG F 22 -4.70 19.51 43.31
N VAL F 23 -4.36 19.49 42.01
CA VAL F 23 -5.15 18.78 41.02
C VAL F 23 -4.43 17.53 40.55
N GLU F 24 -5.19 16.56 40.07
CA GLU F 24 -4.60 15.33 39.57
C GLU F 24 -5.12 14.99 38.17
N SER F 25 -4.23 14.47 37.34
CA SER F 25 -4.58 13.94 36.03
C SER F 25 -3.76 12.68 35.84
N GLY F 26 -3.80 12.11 34.64
CA GLY F 26 -3.00 10.94 34.33
C GLY F 26 -1.51 11.14 34.58
N ALA F 27 -1.06 12.39 34.56
CA ALA F 27 0.35 12.68 34.77
C ALA F 27 0.73 12.62 36.25
N GLY F 28 -0.27 12.61 37.13
CA GLY F 28 -0.03 12.54 38.57
C GLY F 28 -0.74 13.65 39.34
N LEU F 29 -0.67 13.56 40.67
CA LEU F 29 -1.20 14.60 41.57
C LEU F 29 -0.14 15.67 41.79
N LYS F 30 -0.46 16.93 41.47
CA LYS F 30 0.49 18.03 41.64
C LYS F 30 0.75 18.36 43.12
N LEU F 31 2.03 18.49 43.45
CA LEU F 31 2.48 18.69 44.84
C LEU F 31 3.08 20.09 45.02
N ASN F 32 4.08 20.39 44.19
CA ASN F 32 4.71 21.72 44.16
C ASN F 32 4.94 22.09 42.71
N ARG F 33 4.78 23.37 42.38
CA ARG F 33 5.11 23.84 41.04
C ARG F 33 6.59 24.23 41.02
N GLN F 34 7.36 23.54 40.18
CA GLN F 34 8.81 23.72 40.18
C GLN F 34 9.30 24.02 38.79
N MET F 35 10.54 24.50 38.71
CA MET F 35 11.17 24.77 37.42
C MET F 35 12.67 24.91 37.61
N ILE F 36 13.40 24.81 36.51
CA ILE F 36 14.75 25.30 36.43
C ILE F 36 14.71 26.60 35.64
N LEU F 37 15.32 27.64 36.18
CA LEU F 37 15.51 28.87 35.46
C LEU F 37 16.93 28.85 34.92
N VAL F 38 17.07 28.70 33.61
CA VAL F 38 18.37 28.67 32.98
C VAL F 38 18.86 30.10 32.76
N GLU F 39 20.13 30.35 33.05
CA GLU F 39 20.74 31.64 32.76
C GLU F 39 21.99 31.40 31.90
N VAL F 40 22.02 31.97 30.69
CA VAL F 40 23.24 31.92 29.88
C VAL F 40 23.90 33.29 29.95
N ARG F 41 25.17 33.32 30.39
CA ARG F 41 25.88 34.57 30.60
C ARG F 41 27.05 34.70 29.63
N THR F 42 27.43 35.95 29.34
CA THR F 42 28.50 36.24 28.39
C THR F 42 29.55 37.18 28.97
N ASP F 43 30.68 37.25 28.28
CA ASP F 43 31.79 38.08 28.72
C ASP F 43 31.46 39.58 28.76
N GLU F 44 30.55 40.01 27.90
CA GLU F 44 30.18 41.43 27.83
C GLU F 44 28.91 41.76 28.61
N GLY F 45 28.33 40.73 29.23
CA GLY F 45 27.24 40.95 30.17
C GLY F 45 25.83 40.86 29.63
N VAL F 46 25.68 40.45 28.37
CA VAL F 46 24.34 40.20 27.84
C VAL F 46 23.92 38.81 28.31
N THR F 47 22.74 38.71 28.90
CA THR F 47 22.28 37.44 29.48
C THR F 47 20.94 37.02 28.89
N GLY F 48 20.73 35.71 28.76
CA GLY F 48 19.45 35.17 28.35
C GLY F 48 18.98 34.15 29.37
N VAL F 49 17.67 34.00 29.50
CA VAL F 49 17.11 32.99 30.39
C VAL F 49 16.13 32.08 29.67
N GLY F 50 15.91 30.89 30.25
CA GLY F 50 15.03 29.90 29.67
C GLY F 50 14.50 28.96 30.72
N SER F 51 13.70 28.00 30.29
CA SER F 51 13.16 26.97 31.17
C SER F 51 12.99 25.68 30.38
N PRO F 52 13.44 24.55 30.94
CA PRO F 52 13.26 23.24 30.29
C PRO F 52 11.99 22.53 30.77
N SER F 53 11.01 23.30 31.23
CA SER F 53 9.69 22.75 31.55
C SER F 53 9.71 21.78 32.73
N GLY F 54 8.68 20.96 32.83
CA GLY F 54 8.54 20.05 33.94
C GLY F 54 7.24 19.30 33.80
N PRO F 55 6.96 18.35 34.70
CA PRO F 55 7.87 17.96 35.77
C PRO F 55 8.95 17.02 35.26
N TYR F 56 10.18 17.36 35.59
CA TYR F 56 11.34 16.49 35.43
C TYR F 56 12.14 16.73 36.71
N ASP F 57 12.85 15.72 37.18
CA ASP F 57 13.63 15.87 38.40
C ASP F 57 14.60 17.05 38.32
N LEU F 58 14.56 17.93 39.31
CA LEU F 58 15.31 19.18 39.25
C LEU F 58 16.83 18.96 39.30
N ALA F 59 17.28 17.95 40.02
CA ALA F 59 18.70 17.68 40.14
C ALA F 59 19.24 17.10 38.83
N VAL F 60 18.45 16.22 38.21
CA VAL F 60 18.77 15.71 36.87
C VAL F 60 18.90 16.87 35.89
N LEU F 61 17.88 17.74 35.85
CA LEU F 61 17.95 18.90 34.94
C LEU F 61 19.17 19.79 35.20
N LYS F 62 19.45 20.08 36.47
CA LYS F 62 20.53 21.00 36.78
C LYS F 62 21.86 20.40 36.30
N ARG F 63 22.07 19.12 36.61
CA ARG F 63 23.28 18.44 36.20
C ARG F 63 23.43 18.44 34.68
N ALA F 64 22.37 18.07 33.98
CA ALA F 64 22.41 18.03 32.51
C ALA F 64 22.72 19.39 31.90
N ILE F 65 22.09 20.43 32.44
CA ILE F 65 22.26 21.77 31.90
C ILE F 65 23.66 22.32 32.17
N GLU F 66 24.13 22.22 33.41
CA GLU F 66 25.38 22.86 33.81
C GLU F 66 26.61 22.03 33.43
N ASP F 67 26.50 20.71 33.49
CA ASP F 67 27.69 19.85 33.40
C ASP F 67 27.77 18.94 32.16
N VAL F 68 26.66 18.78 31.45
CA VAL F 68 26.67 18.03 30.20
C VAL F 68 26.60 19.00 29.03
N ILE F 69 25.55 19.82 29.00
CA ILE F 69 25.37 20.80 27.94
C ILE F 69 26.33 21.98 28.11
N GLY F 70 26.37 22.55 29.31
CA GLY F 70 27.17 23.74 29.59
C GLY F 70 28.57 23.73 29.02
N PRO F 71 29.33 22.67 29.26
CA PRO F 71 30.72 22.65 28.77
C PRO F 71 30.85 22.77 27.25
N GLN F 72 29.82 22.39 26.51
CA GLN F 72 29.82 22.51 25.05
C GLN F 72 29.63 23.95 24.60
N LEU F 73 29.14 24.80 25.51
CA LEU F 73 28.81 26.18 25.20
C LEU F 73 29.87 27.17 25.64
N ILE F 74 30.59 26.87 26.72
CA ILE F 74 31.56 27.85 27.25
C ILE F 74 32.59 28.23 26.20
N GLY F 75 32.74 29.53 25.99
CA GLY F 75 33.74 30.04 25.05
C GLY F 75 33.20 30.23 23.64
N GLU F 76 31.98 29.76 23.40
CA GLU F 76 31.36 29.85 22.08
C GLU F 76 30.63 31.18 21.90
N ASP F 77 30.55 31.64 20.65
CA ASP F 77 29.72 32.79 20.31
C ASP F 77 28.26 32.35 20.38
N PRO F 78 27.46 32.98 21.26
CA PRO F 78 26.05 32.57 21.44
C PRO F 78 25.16 32.91 20.22
N ALA F 79 25.66 33.74 19.32
CA ALA F 79 24.93 34.16 18.13
C ALA F 79 24.61 32.98 17.21
N ASN F 80 25.48 31.96 17.21
CA ASN F 80 25.34 30.80 16.33
C ASN F 80 24.45 29.72 16.97
N ILE F 81 23.20 30.08 17.20
CA ILE F 81 22.28 29.17 17.87
C ILE F 81 22.16 27.86 17.09
N ASN F 82 22.07 27.96 15.77
CA ASN F 82 21.90 26.74 14.96
C ASN F 82 23.10 25.80 15.11
N TYR F 83 24.29 26.38 15.01
CA TYR F 83 25.50 25.61 15.22
C TYR F 83 25.49 24.95 16.60
N LEU F 84 25.16 25.73 17.61
CA LEU F 84 25.24 25.23 18.98
C LEU F 84 24.21 24.13 19.26
N TRP F 85 23.03 24.23 18.65
CA TRP F 85 22.01 23.20 18.86
C TRP F 85 22.59 21.85 18.40
N HIS F 86 23.19 21.85 17.22
CA HIS F 86 23.75 20.61 16.70
C HIS F 86 25.01 20.12 17.41
N LYS F 87 25.88 21.06 17.79
CA LYS F 87 27.05 20.69 18.57
C LYS F 87 26.61 19.92 19.82
N VAL F 88 25.62 20.46 20.52
CA VAL F 88 25.12 19.84 21.75
C VAL F 88 24.40 18.50 21.53
N PHE F 89 23.48 18.46 20.57
CA PHE F 89 22.69 17.25 20.33
C PHE F 89 23.57 16.10 19.87
N HIS F 90 24.41 16.37 18.87
CA HIS F 90 25.24 15.32 18.28
C HIS F 90 26.46 14.99 19.11
N GLY F 91 26.96 15.96 19.87
CA GLY F 91 28.18 15.77 20.62
C GLY F 91 27.99 15.11 21.97
N GLU F 92 26.82 15.31 22.58
CA GLU F 92 26.57 14.83 23.92
C GLU F 92 25.16 14.29 24.13
N VAL F 93 24.16 15.11 23.84
CA VAL F 93 22.82 14.82 24.36
C VAL F 93 22.14 13.57 23.77
N SER F 94 22.11 13.44 22.46
CA SER F 94 21.42 12.30 21.87
C SER F 94 21.90 10.94 22.41
N ARG F 95 23.20 10.65 22.32
CA ARG F 95 23.69 9.35 22.77
C ARG F 95 23.78 9.25 24.28
N ASN F 96 24.26 10.32 24.92
CA ASN F 96 24.57 10.28 26.34
C ASN F 96 23.42 10.63 27.31
N LEU F 97 22.34 11.18 26.79
CA LEU F 97 21.12 11.31 27.60
C LEU F 97 19.90 10.60 26.98
N GLY F 98 20.01 10.20 25.71
CA GLY F 98 18.95 9.49 25.02
C GLY F 98 18.24 10.40 24.03
N HIS F 99 17.87 9.86 22.87
CA HIS F 99 17.37 10.74 21.81
C HIS F 99 16.00 11.36 22.07
N ARG F 100 15.22 10.76 22.97
CA ARG F 100 13.88 11.28 23.30
C ARG F 100 13.73 11.34 24.82
N SER F 101 14.31 12.38 25.41
CA SER F 101 14.67 12.33 26.82
C SER F 101 14.60 13.66 27.53
N VAL F 102 14.72 13.60 28.86
CA VAL F 102 14.91 14.79 29.68
C VAL F 102 16.10 15.62 29.16
N GLY F 103 17.06 14.96 28.52
CA GLY F 103 18.18 15.67 27.93
C GLY F 103 17.75 16.65 26.83
N ILE F 104 16.75 16.25 26.06
CA ILE F 104 16.19 17.14 25.03
C ILE F 104 15.45 18.32 25.67
N ALA F 105 14.75 18.08 26.76
CA ALA F 105 14.12 19.19 27.49
C ALA F 105 15.20 20.14 28.04
N ALA F 106 16.27 19.58 28.61
CA ALA F 106 17.39 20.40 29.08
C ALA F 106 17.92 21.29 27.96
N MET F 107 18.15 20.69 26.79
CA MET F 107 18.61 21.42 25.62
C MET F 107 17.66 22.54 25.27
N SER F 108 16.37 22.25 25.41
CA SER F 108 15.33 23.21 25.09
C SER F 108 15.43 24.48 25.93
N GLY F 109 15.61 24.32 27.24
CA GLY F 109 15.75 25.45 28.14
C GLY F 109 16.96 26.28 27.76
N VAL F 110 18.06 25.62 27.42
CA VAL F 110 19.25 26.34 26.99
C VAL F 110 19.04 27.05 25.65
N ASP F 111 18.39 26.36 24.70
CA ASP F 111 18.05 26.98 23.41
C ASP F 111 17.20 28.25 23.60
N ILE F 112 16.18 28.16 24.47
CA ILE F 112 15.34 29.31 24.72
C ILE F 112 16.17 30.47 25.28
N ALA F 113 17.07 30.16 26.20
CA ALA F 113 17.96 31.20 26.75
C ALA F 113 18.82 31.85 25.67
N LEU F 114 19.33 31.06 24.72
CA LEU F 114 20.09 31.61 23.61
C LEU F 114 19.25 32.55 22.75
N TRP F 115 17.99 32.20 22.51
CA TRP F 115 17.08 33.08 21.76
C TRP F 115 16.74 34.37 22.55
N ASP F 116 16.52 34.21 23.85
CA ASP F 116 16.32 35.39 24.72
C ASP F 116 17.54 36.29 24.65
N LEU F 117 18.72 35.69 24.79
CA LEU F 117 19.98 36.42 24.70
C LEU F 117 20.11 37.17 23.35
N LYS F 118 19.83 36.46 22.27
CA LYS F 118 19.89 37.05 20.92
C LYS F 118 18.93 38.24 20.81
N GLY F 119 17.69 38.06 21.25
CA GLY F 119 16.74 39.17 21.23
C GLY F 119 17.21 40.36 22.05
N ARG F 120 17.73 40.09 23.23
CA ARG F 120 18.22 41.18 24.08
C ARG F 120 19.41 41.88 23.42
N ALA F 121 20.31 41.12 22.81
CA ALA F 121 21.46 41.71 22.14
C ALA F 121 21.02 42.62 21.00
N MET F 122 19.97 42.22 20.28
CA MET F 122 19.44 43.00 19.17
C MET F 122 18.38 44.04 19.59
N ASN F 123 18.00 44.02 20.87
CA ASN F 123 16.91 44.87 21.35
C ASN F 123 15.62 44.66 20.56
N GLN F 124 15.23 43.39 20.39
CA GLN F 124 14.02 43.04 19.66
C GLN F 124 13.32 41.87 20.33
N PRO F 125 11.99 41.87 20.34
CA PRO F 125 11.25 40.70 20.83
C PRO F 125 11.53 39.51 19.93
N ILE F 126 11.48 38.30 20.48
CA ILE F 126 11.75 37.11 19.68
C ILE F 126 10.83 37.01 18.47
N TYR F 127 9.55 37.33 18.63
CA TYR F 127 8.61 37.18 17.50
C TYR F 127 9.00 38.05 16.32
N GLN F 128 9.68 39.18 16.57
CA GLN F 128 10.12 40.02 15.45
C GLN F 128 11.24 39.34 14.67
N LEU F 129 12.13 38.65 15.37
N LEU F 129 12.12 38.65 15.39
CA LEU F 129 13.20 37.92 14.70
CA LEU F 129 13.20 37.89 14.74
C LEU F 129 12.62 36.80 13.82
C LEU F 129 12.61 36.84 13.82
N LEU F 130 11.48 36.26 14.24
CA LEU F 130 10.88 35.12 13.54
C LEU F 130 9.99 35.53 12.37
N GLY F 131 10.17 36.76 11.90
CA GLY F 131 9.40 37.28 10.76
C GLY F 131 8.20 38.11 11.16
N GLY F 132 8.09 38.44 12.45
CA GLY F 132 6.97 39.24 12.92
C GLY F 132 5.70 38.45 13.13
N LYS F 133 4.65 39.14 13.58
CA LYS F 133 3.37 38.47 13.83
C LYS F 133 2.64 38.00 12.58
N PHE F 134 1.98 36.86 12.71
CA PHE F 134 0.89 36.50 11.84
C PHE F 134 -0.40 36.94 12.53
N HIS F 135 -0.52 36.62 13.82
CA HIS F 135 -1.74 36.89 14.59
C HIS F 135 -1.67 38.30 15.15
N THR F 136 -1.87 39.29 14.28
CA THR F 136 -1.61 40.68 14.67
C THR F 136 -2.56 41.18 15.76
N ARG F 137 -3.78 40.64 15.80
CA ARG F 137 -4.77 41.09 16.79
C ARG F 137 -4.64 40.36 18.11
N GLY F 138 -3.85 39.29 18.12
CA GLY F 138 -3.71 38.50 19.32
C GLY F 138 -4.00 37.03 19.07
N VAL F 139 -3.77 36.22 20.09
CA VAL F 139 -3.77 34.76 19.96
C VAL F 139 -4.85 34.15 20.84
N ARG F 140 -5.76 33.37 20.25
CA ARG F 140 -6.82 32.72 21.03
C ARG F 140 -6.27 31.72 22.03
N ALA F 141 -6.66 31.88 23.29
CA ALA F 141 -6.18 31.01 24.35
C ALA F 141 -7.25 30.07 24.85
N TYR F 142 -6.83 28.97 25.47
CA TYR F 142 -7.76 28.12 26.19
C TYR F 142 -7.33 27.90 27.64
N ALA F 143 -8.33 27.79 28.51
CA ALA F 143 -8.08 27.57 29.92
C ALA F 143 -7.76 26.12 30.21
N SER F 144 -6.59 25.90 30.81
CA SER F 144 -6.11 24.55 31.07
C SER F 144 -5.86 24.33 32.57
N SER F 145 -6.56 23.42 33.24
CA SER F 145 -7.62 22.59 32.67
C SER F 145 -8.61 22.33 33.78
N ILE F 146 -9.70 21.65 33.43
CA ILE F 146 -10.66 21.18 34.41
C ILE F 146 -10.24 19.75 34.75
N TYR F 147 -9.84 19.52 35.99
CA TYR F 147 -9.17 18.28 36.34
C TYR F 147 -10.12 17.18 36.81
N TRP F 148 -9.53 16.10 37.32
CA TRP F 148 -10.30 14.93 37.73
C TRP F 148 -11.04 15.19 39.03
N ASP F 149 -11.95 14.29 39.39
CA ASP F 149 -12.61 14.29 40.69
C ASP F 149 -13.79 15.27 40.80
N LEU F 150 -14.57 15.42 39.74
CA LEU F 150 -15.68 16.38 39.76
C LEU F 150 -17.00 15.77 39.30
N THR F 151 -18.10 16.31 39.83
CA THR F 151 -19.43 15.91 39.39
C THR F 151 -19.76 16.69 38.12
N PRO F 152 -20.76 16.23 37.37
CA PRO F 152 -21.07 16.93 36.11
C PRO F 152 -21.40 18.41 36.31
N ASP F 153 -22.19 18.74 37.32
CA ASP F 153 -22.53 20.14 37.58
C ASP F 153 -21.34 20.95 38.07
N GLN F 154 -20.45 20.31 38.82
CA GLN F 154 -19.23 20.99 39.25
C GLN F 154 -18.33 21.31 38.06
N ALA F 155 -18.22 20.36 37.14
CA ALA F 155 -17.39 20.54 35.95
C ALA F 155 -17.96 21.66 35.09
N ALA F 156 -19.25 21.63 34.88
CA ALA F 156 -19.94 22.67 34.11
C ALA F 156 -19.78 24.03 34.79
N ASP F 157 -19.83 24.04 36.12
CA ASP F 157 -19.64 25.30 36.87
C ASP F 157 -18.25 25.88 36.64
N GLU F 158 -17.22 25.03 36.71
CA GLU F 158 -15.86 25.49 36.48
C GLU F 158 -15.70 26.05 35.06
N LEU F 159 -16.25 25.35 34.08
CA LEU F 159 -16.21 25.82 32.69
C LEU F 159 -16.90 27.17 32.53
N ALA F 160 -18.09 27.32 33.11
CA ALA F 160 -18.80 28.60 33.06
C ALA F 160 -17.95 29.72 33.65
N GLY F 161 -17.20 29.38 34.69
CA GLY F 161 -16.34 30.34 35.36
C GLY F 161 -15.24 30.86 34.45
N TRP F 162 -14.58 29.96 33.73
CA TRP F 162 -13.51 30.38 32.84
C TRP F 162 -14.05 31.19 31.65
N VAL F 163 -15.22 30.81 31.17
CA VAL F 163 -15.86 31.53 30.08
C VAL F 163 -16.21 32.95 30.52
N GLU F 164 -16.65 33.08 31.77
CA GLU F 164 -16.95 34.39 32.35
C GLU F 164 -15.70 35.26 32.37
N GLN F 165 -14.56 34.62 32.68
CA GLN F 165 -13.27 35.33 32.72
C GLN F 165 -12.81 35.76 31.33
N GLY F 166 -13.50 35.30 30.29
CA GLY F 166 -13.20 35.72 28.92
C GLY F 166 -12.70 34.62 27.99
N PHE F 167 -12.44 33.43 28.52
CA PHE F 167 -11.96 32.33 27.69
C PHE F 167 -13.01 31.84 26.70
N THR F 168 -12.59 31.55 25.47
CA THR F 168 -13.48 31.04 24.43
C THR F 168 -13.27 29.55 24.20
N ALA F 169 -12.46 28.94 25.06
CA ALA F 169 -12.11 27.53 24.95
C ALA F 169 -11.51 27.05 26.27
N ALA F 170 -11.68 25.77 26.57
CA ALA F 170 -11.09 25.20 27.79
C ALA F 170 -10.89 23.70 27.61
N LYS F 171 -10.05 23.13 28.47
CA LYS F 171 -9.71 21.71 28.35
C LYS F 171 -10.12 20.92 29.59
N LEU F 172 -10.62 19.70 29.34
CA LEU F 172 -11.08 18.79 30.39
C LEU F 172 -10.17 17.57 30.45
N LYS F 173 -9.73 17.20 31.65
CA LYS F 173 -8.95 15.98 31.83
C LYS F 173 -9.88 14.77 31.92
N VAL F 174 -9.51 13.69 31.23
CA VAL F 174 -10.31 12.46 31.24
C VAL F 174 -9.41 11.24 31.36
N GLY F 175 -10.01 10.07 31.54
CA GLY F 175 -9.24 8.84 31.53
C GLY F 175 -9.49 7.89 32.69
N ARG F 176 -9.59 8.42 33.90
CA ARG F 176 -9.72 7.55 35.06
C ARG F 176 -11.08 6.85 35.11
N ALA F 177 -12.14 7.57 34.74
CA ALA F 177 -13.48 7.01 34.78
C ALA F 177 -14.32 7.52 33.61
N PRO F 178 -14.15 6.89 32.45
CA PRO F 178 -14.80 7.29 31.19
C PRO F 178 -16.30 7.59 31.31
N ARG F 179 -17.03 6.90 32.18
CA ARG F 179 -18.45 7.20 32.33
C ARG F 179 -18.69 8.56 32.99
N LYS F 180 -17.86 8.89 33.97
CA LYS F 180 -17.94 10.21 34.56
C LYS F 180 -17.48 11.27 33.56
N ASP F 181 -16.45 10.94 32.78
CA ASP F 181 -15.92 11.88 31.79
C ASP F 181 -17.02 12.28 30.84
N ALA F 182 -17.77 11.27 30.37
CA ALA F 182 -18.87 11.50 29.44
C ALA F 182 -19.98 12.36 30.05
N ALA F 183 -20.32 12.07 31.30
CA ALA F 183 -21.33 12.87 31.99
C ALA F 183 -20.86 14.31 32.14
N ASN F 184 -19.59 14.49 32.52
CA ASN F 184 -19.03 15.84 32.67
C ASN F 184 -19.07 16.61 31.37
N LEU F 185 -18.59 15.98 30.30
N LEU F 185 -18.63 15.95 30.30
CA LEU F 185 -18.56 16.62 28.99
CA LEU F 185 -18.54 16.57 28.99
C LEU F 185 -19.94 17.06 28.55
C LEU F 185 -19.91 17.00 28.46
N ARG F 186 -20.91 16.15 28.67
CA ARG F 186 -22.26 16.46 28.21
C ARG F 186 -22.84 17.65 29.00
N ALA F 187 -22.58 17.69 30.30
CA ALA F 187 -23.05 18.79 31.15
C ALA F 187 -22.35 20.09 30.76
N MET F 188 -21.06 20.00 30.48
CA MET F 188 -20.28 21.18 30.10
C MET F 188 -20.76 21.77 28.78
N ARG F 189 -20.94 20.93 27.75
CA ARG F 189 -21.43 21.41 26.45
C ARG F 189 -22.81 22.02 26.59
N GLN F 190 -23.66 21.40 27.41
CA GLN F 190 -25.01 21.90 27.58
C GLN F 190 -25.01 23.28 28.23
N ARG F 191 -24.10 23.48 29.17
N ARG F 191 -24.07 23.48 29.15
CA ARG F 191 -24.01 24.76 29.85
CA ARG F 191 -23.98 24.73 29.90
C ARG F 191 -23.62 25.88 28.90
C ARG F 191 -23.47 25.92 29.07
N VAL F 192 -22.51 25.67 28.17
CA VAL F 192 -21.90 26.75 27.41
C VAL F 192 -22.38 26.92 25.96
N GLY F 193 -23.06 25.91 25.43
CA GLY F 193 -23.50 25.97 24.05
C GLY F 193 -22.37 25.74 23.06
N ALA F 194 -22.62 26.07 21.80
CA ALA F 194 -21.70 25.70 20.72
C ALA F 194 -20.55 26.68 20.50
N ASP F 195 -20.63 27.87 21.09
CA ASP F 195 -19.65 28.92 20.81
C ASP F 195 -18.36 28.80 21.62
N VAL F 196 -18.28 27.82 22.49
CA VAL F 196 -17.06 27.61 23.27
C VAL F 196 -16.43 26.29 22.87
N GLU F 197 -15.13 26.30 22.56
CA GLU F 197 -14.45 25.05 22.21
C GLU F 197 -14.09 24.26 23.45
N ILE F 198 -14.36 22.95 23.43
CA ILE F 198 -14.04 22.08 24.54
C ILE F 198 -13.03 21.05 24.07
N LEU F 199 -11.88 21.04 24.74
CA LEU F 199 -10.78 20.13 24.43
C LEU F 199 -10.78 19.06 25.49
N VAL F 200 -10.28 17.88 25.16
CA VAL F 200 -10.18 16.83 26.14
C VAL F 200 -8.76 16.28 26.15
N ASP F 201 -8.28 15.85 27.32
CA ASP F 201 -6.91 15.35 27.45
C ASP F 201 -6.92 14.13 28.35
N ALA F 202 -6.53 12.97 27.79
CA ALA F 202 -6.50 11.72 28.53
C ALA F 202 -5.15 11.36 29.14
N ASN F 203 -4.12 12.17 28.91
CA ASN F 203 -2.79 11.90 29.46
C ASN F 203 -2.34 10.46 29.29
N GLN F 204 -2.53 9.92 28.09
CA GLN F 204 -2.08 8.55 27.75
C GLN F 204 -2.77 7.44 28.52
N SER F 205 -3.95 7.71 29.08
CA SER F 205 -4.52 6.80 30.06
C SER F 205 -5.40 5.70 29.47
N LEU F 206 -5.75 5.81 28.19
CA LEU F 206 -6.68 4.83 27.61
C LEU F 206 -6.00 3.82 26.69
N GLY F 207 -6.64 2.67 26.56
CA GLY F 207 -6.29 1.72 25.52
C GLY F 207 -7.11 2.02 24.27
N ARG F 208 -6.86 1.27 23.20
CA ARG F 208 -7.40 1.60 21.89
C ARG F 208 -8.92 1.55 21.86
N HIS F 209 -9.48 0.48 22.40
CA HIS F 209 -10.92 0.30 22.34
C HIS F 209 -11.70 1.29 23.18
N ASP F 210 -11.22 1.53 24.40
CA ASP F 210 -11.80 2.57 25.23
C ASP F 210 -11.66 3.95 24.57
N ALA F 211 -10.56 4.19 23.88
CA ALA F 211 -10.37 5.45 23.16
C ALA F 211 -11.34 5.59 21.98
N LEU F 212 -11.57 4.51 21.25
CA LEU F 212 -12.57 4.54 20.19
C LEU F 212 -13.97 4.82 20.76
N ALA F 213 -14.30 4.20 21.90
CA ALA F 213 -15.59 4.43 22.54
C ALA F 213 -15.69 5.89 22.99
N MET F 214 -14.61 6.42 23.57
N MET F 214 -14.60 6.40 23.57
CA MET F 214 -14.64 7.82 24.01
CA MET F 214 -14.52 7.78 24.01
C MET F 214 -14.71 8.78 22.83
C MET F 214 -14.70 8.75 22.84
N LEU F 215 -14.01 8.47 21.74
CA LEU F 215 -14.05 9.33 20.57
C LEU F 215 -15.48 9.54 20.08
N ARG F 216 -16.32 8.51 20.18
CA ARG F 216 -17.71 8.67 19.76
C ARG F 216 -18.45 9.72 20.58
N ILE F 217 -18.17 9.75 21.88
N ILE F 217 -18.16 9.77 21.88
CA ILE F 217 -18.74 10.74 22.79
CA ILE F 217 -18.77 10.75 22.77
C ILE F 217 -18.22 12.14 22.47
C ILE F 217 -18.21 12.16 22.58
N LEU F 218 -16.91 12.25 22.28
CA LEU F 218 -16.29 13.53 21.94
C LEU F 218 -16.88 14.09 20.66
N ASP F 219 -17.13 13.22 19.69
CA ASP F 219 -17.71 13.62 18.42
C ASP F 219 -19.11 14.17 18.66
N GLU F 220 -19.90 13.43 19.43
CA GLU F 220 -21.25 13.86 19.78
C GLU F 220 -21.25 15.24 20.46
N ALA F 221 -20.25 15.47 21.31
CA ALA F 221 -20.11 16.72 22.05
C ALA F 221 -19.43 17.82 21.25
N GLY F 222 -18.99 17.50 20.02
CA GLY F 222 -18.32 18.45 19.18
C GLY F 222 -17.02 18.98 19.76
N CYS F 223 -16.27 18.10 20.44
CA CYS F 223 -14.95 18.46 20.98
C CYS F 223 -13.91 18.85 19.94
N TYR F 224 -13.09 19.85 20.27
CA TYR F 224 -12.12 20.40 19.33
C TYR F 224 -10.98 19.40 19.08
N TRP F 225 -10.43 18.84 20.17
CA TRP F 225 -9.41 17.79 20.05
C TRP F 225 -9.41 16.75 21.17
N PHE F 226 -8.70 15.65 20.92
CA PHE F 226 -8.59 14.52 21.81
C PHE F 226 -7.08 14.37 22.01
N GLU F 227 -6.60 14.84 23.15
CA GLU F 227 -5.16 14.94 23.40
C GLU F 227 -4.61 13.77 24.18
N GLU F 228 -3.41 13.30 23.80
CA GLU F 228 -2.82 12.09 24.37
C GLU F 228 -3.86 11.00 24.69
N PRO F 229 -4.61 10.57 23.67
CA PRO F 229 -5.63 9.54 23.95
C PRO F 229 -4.98 8.21 24.36
N LEU F 230 -3.81 7.90 23.82
CA LEU F 230 -3.15 6.61 24.02
C LEU F 230 -1.69 6.83 24.43
N SER F 231 -1.04 5.75 24.86
CA SER F 231 0.41 5.77 24.97
C SER F 231 1.04 6.43 23.75
N ILE F 232 2.00 7.34 23.98
N ILE F 232 2.01 7.32 23.97
CA ILE F 232 2.72 7.95 22.86
CA ILE F 232 2.71 7.95 22.85
C ILE F 232 3.53 6.94 22.07
C ILE F 232 3.57 6.94 22.08
N ASP F 233 3.72 5.74 22.64
CA ASP F 233 4.48 4.68 21.98
C ASP F 233 3.61 3.93 20.97
N ASP F 234 2.30 4.18 21.01
CA ASP F 234 1.38 3.46 20.12
C ASP F 234 0.96 4.33 18.96
N ILE F 235 1.83 4.46 17.96
CA ILE F 235 1.52 5.29 16.80
C ILE F 235 0.35 4.74 15.99
N GLU F 236 0.33 3.43 15.79
CA GLU F 236 -0.73 2.81 14.97
C GLU F 236 -2.11 3.07 15.61
N GLY F 237 -2.16 3.08 16.94
CA GLY F 237 -3.41 3.36 17.63
C GLY F 237 -3.95 4.76 17.33
N HIS F 238 -3.06 5.72 17.23
CA HIS F 238 -3.45 7.08 16.88
C HIS F 238 -3.96 7.12 15.44
N ARG F 239 -3.30 6.37 14.55
CA ARG F 239 -3.78 6.30 13.17
C ARG F 239 -5.22 5.78 13.11
N ILE F 240 -5.49 4.74 13.88
CA ILE F 240 -6.83 4.15 13.94
C ILE F 240 -7.90 5.15 14.39
N LEU F 241 -7.60 5.91 15.45
CA LEU F 241 -8.49 6.97 15.91
C LEU F 241 -8.74 8.03 14.83
N ARG F 242 -7.68 8.46 14.18
CA ARG F 242 -7.78 9.51 13.17
C ARG F 242 -8.51 9.00 11.93
N ALA F 243 -8.39 7.70 11.66
CA ALA F 243 -8.97 7.11 10.47
C ALA F 243 -10.50 7.03 10.59
N GLN F 244 -11.02 7.26 11.78
CA GLN F 244 -12.46 7.29 11.98
C GLN F 244 -13.10 8.48 11.26
N GLY F 245 -12.27 9.45 10.88
CA GLY F 245 -12.74 10.57 10.06
C GLY F 245 -13.72 11.51 10.75
N THR F 246 -13.61 11.66 12.06
CA THR F 246 -14.48 12.59 12.77
C THR F 246 -13.89 13.99 12.71
N PRO F 247 -14.68 15.00 13.07
CA PRO F 247 -14.19 16.38 13.13
C PRO F 247 -13.36 16.64 14.41
N VAL F 248 -13.17 15.62 15.23
CA VAL F 248 -12.37 15.76 16.45
C VAL F 248 -10.90 15.53 16.11
N ARG F 249 -10.06 16.51 16.41
CA ARG F 249 -8.63 16.41 16.09
C ARG F 249 -7.95 15.45 17.04
N ILE F 250 -7.06 14.62 16.51
CA ILE F 250 -6.22 13.78 17.36
C ILE F 250 -4.95 14.57 17.63
N ALA F 251 -4.66 14.82 18.90
CA ALA F 251 -3.55 15.69 19.29
C ALA F 251 -2.59 14.98 20.24
N THR F 252 -1.30 15.19 20.04
CA THR F 252 -0.33 14.71 21.00
C THR F 252 0.97 15.47 20.79
N GLY F 253 1.85 15.45 21.79
CA GLY F 253 3.17 15.99 21.58
C GLY F 253 3.94 16.47 22.80
N GLU F 254 3.26 16.69 23.92
CA GLU F 254 3.99 17.11 25.11
C GLU F 254 5.04 16.11 25.59
N ASN F 255 4.86 14.84 25.24
CA ASN F 255 5.85 13.82 25.63
C ASN F 255 6.63 13.21 24.48
N LEU F 256 6.55 13.85 23.31
CA LEU F 256 7.30 13.45 22.13
C LEU F 256 8.42 14.46 21.89
N TYR F 257 9.57 13.97 21.43
CA TYR F 257 10.76 14.83 21.38
C TYR F 257 11.40 14.89 19.99
N THR F 258 11.77 16.10 19.59
CA THR F 258 12.37 16.43 18.28
C THR F 258 11.42 16.29 17.10
N ARG F 259 11.79 16.92 15.99
CA ARG F 259 10.97 16.79 14.78
C ARG F 259 10.83 15.34 14.33
N ASN F 260 11.77 14.48 14.73
CA ASN F 260 11.79 13.09 14.30
C ASN F 260 10.59 12.30 14.80
N ALA F 261 10.19 12.55 16.04
CA ALA F 261 9.02 11.89 16.59
C ALA F 261 7.80 12.27 15.77
N PHE F 262 7.68 13.55 15.47
CA PHE F 262 6.49 14.03 14.80
C PHE F 262 6.46 13.59 13.33
N ASN F 263 7.63 13.47 12.73
CA ASN F 263 7.71 12.94 11.37
C ASN F 263 7.15 11.52 11.34
N ASP F 264 7.47 10.73 12.35
CA ASP F 264 7.00 9.35 12.40
C ASP F 264 5.46 9.29 12.52
N TYR F 265 4.89 10.19 13.31
CA TYR F 265 3.43 10.28 13.38
C TYR F 265 2.82 10.73 12.06
N ILE F 266 3.40 11.76 11.44
CA ILE F 266 2.86 12.27 10.18
C ILE F 266 2.93 11.19 9.10
N ARG F 267 4.08 10.52 9.00
CA ARG F 267 4.29 9.46 8.01
C ARG F 267 3.27 8.34 8.15
N ASN F 268 2.74 8.17 9.36
CA ASN F 268 1.80 7.11 9.64
C ASN F 268 0.35 7.61 9.69
N ASP F 269 0.14 8.84 9.23
CA ASP F 269 -1.21 9.41 9.19
C ASP F 269 -1.86 9.36 10.57
N ALA F 270 -1.07 9.62 11.60
CA ALA F 270 -1.51 9.36 12.97
C ALA F 270 -1.77 10.63 13.79
N ILE F 271 -1.77 11.80 13.17
CA ILE F 271 -1.85 13.02 13.98
C ILE F 271 -2.49 14.18 13.22
N ASP F 272 -3.31 14.96 13.93
CA ASP F 272 -3.92 16.18 13.40
C ASP F 272 -3.30 17.44 13.99
N VAL F 273 -2.98 17.38 15.28
CA VAL F 273 -2.42 18.52 15.98
C VAL F 273 -1.12 18.13 16.66
N LEU F 274 -0.02 18.73 16.22
CA LEU F 274 1.28 18.46 16.83
C LEU F 274 1.43 19.42 18.00
N GLN F 275 1.79 18.90 19.17
CA GLN F 275 1.81 19.73 20.38
C GLN F 275 3.21 19.96 20.95
N ALA F 276 4.21 19.85 20.09
CA ALA F 276 5.60 20.07 20.52
C ALA F 276 5.73 21.41 21.25
N ASP F 277 6.28 21.34 22.46
CA ASP F 277 6.47 22.47 23.35
C ASP F 277 7.89 22.97 23.09
N ALA F 278 8.04 24.26 22.79
CA ALA F 278 9.38 24.83 22.61
C ALA F 278 10.32 24.54 23.78
N SER F 279 9.76 24.36 24.98
CA SER F 279 10.60 24.14 26.17
C SER F 279 10.85 22.66 26.47
N ARG F 280 10.33 21.76 25.63
CA ARG F 280 10.48 20.33 25.88
C ARG F 280 11.05 19.59 24.69
N ALA F 281 10.54 19.90 23.50
CA ALA F 281 10.79 19.06 22.33
C ALA F 281 12.10 19.39 21.63
N GLY F 282 12.84 20.36 22.15
CA GLY F 282 14.13 20.69 21.56
C GLY F 282 14.49 22.17 21.50
N GLY F 283 13.56 23.04 21.88
CA GLY F 283 13.86 24.47 21.93
C GLY F 283 13.02 25.26 20.95
N ILE F 284 13.22 26.57 20.93
CA ILE F 284 12.58 27.42 19.93
C ILE F 284 13.04 26.97 18.54
N THR F 285 14.33 26.67 18.43
CA THR F 285 14.91 26.23 17.17
C THR F 285 14.16 25.02 16.61
N GLU F 286 13.87 24.05 17.47
CA GLU F 286 13.26 22.81 17.01
C GLU F 286 11.75 22.98 16.81
N ALA F 287 11.12 23.75 17.69
CA ALA F 287 9.70 24.02 17.54
C ALA F 287 9.39 24.75 16.24
N LEU F 288 10.27 25.66 15.85
CA LEU F 288 10.13 26.34 14.57
C LEU F 288 10.04 25.36 13.42
N ALA F 289 10.92 24.35 13.45
CA ALA F 289 10.99 23.35 12.40
C ALA F 289 9.74 22.49 12.40
N ILE F 290 9.30 22.13 13.60
CA ILE F 290 8.11 21.28 13.74
C ILE F 290 6.85 22.00 13.25
N SER F 291 6.75 23.28 13.58
CA SER F 291 5.61 24.08 13.14
C SER F 291 5.55 24.13 11.62
N ALA F 292 6.71 24.35 10.99
CA ALA F 292 6.79 24.38 9.53
C ALA F 292 6.45 23.04 8.92
N SER F 293 6.94 21.96 9.53
N SER F 293 6.94 21.96 9.53
CA SER F 293 6.70 20.63 9.03
CA SER F 293 6.69 20.63 9.02
C SER F 293 5.21 20.24 9.14
C SER F 293 5.19 20.33 9.08
N ALA F 294 4.55 20.71 10.19
CA ALA F 294 3.12 20.50 10.35
C ALA F 294 2.37 21.20 9.22
N ALA F 295 2.74 22.44 8.93
CA ALA F 295 2.07 23.22 7.89
C ALA F 295 2.25 22.58 6.51
N SER F 296 3.46 22.10 6.22
N SER F 296 3.45 22.07 6.24
CA SER F 296 3.72 21.40 4.95
CA SER F 296 3.72 21.41 4.97
C SER F 296 2.77 20.24 4.75
C SER F 296 2.81 20.20 4.74
N ALA F 297 2.42 19.55 5.84
CA ALA F 297 1.58 18.37 5.77
C ALA F 297 0.10 18.70 5.92
N HIS F 298 -0.21 20.00 5.95
CA HIS F 298 -1.57 20.50 6.12
C HIS F 298 -2.18 20.10 7.46
N LEU F 299 -1.33 20.08 8.48
CA LEU F 299 -1.72 19.76 9.86
C LEU F 299 -1.47 21.00 10.71
N ALA F 300 -1.84 20.93 11.99
CA ALA F 300 -1.71 22.09 12.86
C ALA F 300 -0.61 21.91 13.88
N TRP F 301 0.03 23.01 14.27
CA TRP F 301 0.90 23.01 15.45
C TRP F 301 0.29 23.93 16.52
N ASN F 302 -0.04 23.35 17.67
CA ASN F 302 -0.57 24.07 18.82
C ASN F 302 0.15 23.49 20.03
N PRO F 303 1.18 24.20 20.51
CA PRO F 303 2.09 23.64 21.53
C PRO F 303 1.43 23.41 22.88
N HIS F 304 1.92 22.38 23.57
CA HIS F 304 1.80 22.32 25.01
C HIS F 304 2.65 23.49 25.57
N THR F 305 2.20 24.15 26.63
CA THR F 305 2.94 25.30 27.19
C THR F 305 3.08 25.28 28.70
N PHE F 306 2.56 24.23 29.33
CA PHE F 306 2.26 24.15 30.77
C PHE F 306 3.50 23.89 31.65
N ASN F 307 3.98 24.94 32.31
CA ASN F 307 4.89 24.77 33.45
C ASN F 307 5.17 26.06 34.21
N ASP F 308 5.52 27.10 33.48
CA ASP F 308 5.90 28.38 34.08
C ASP F 308 5.74 29.49 33.05
N ILE F 309 5.94 30.75 33.47
CA ILE F 309 5.69 31.87 32.56
C ILE F 309 6.71 31.94 31.43
N ILE F 310 7.88 31.35 31.64
CA ILE F 310 8.90 31.26 30.58
C ILE F 310 8.53 30.25 29.48
N THR F 311 8.10 29.06 29.85
CA THR F 311 7.63 28.10 28.84
C THR F 311 6.43 28.68 28.07
N VAL F 312 5.53 29.36 28.77
CA VAL F 312 4.42 30.01 28.10
C VAL F 312 4.89 31.09 27.12
N ALA F 313 5.77 31.98 27.58
CA ALA F 313 6.22 33.06 26.74
C ALA F 313 7.01 32.59 25.53
N ALA F 314 7.92 31.64 25.72
CA ALA F 314 8.69 31.11 24.59
C ALA F 314 7.75 30.59 23.50
N ASN F 315 6.79 29.75 23.87
CA ASN F 315 5.80 29.28 22.89
C ASN F 315 4.95 30.39 22.30
N LEU F 316 4.58 31.39 23.09
CA LEU F 316 3.68 32.44 22.61
C LEU F 316 4.33 33.30 21.51
N HIS F 317 5.63 33.55 21.62
CA HIS F 317 6.32 34.25 20.53
C HIS F 317 6.20 33.49 19.22
N LEU F 318 6.43 32.18 19.29
CA LEU F 318 6.34 31.33 18.10
C LEU F 318 4.91 31.26 17.55
N VAL F 319 3.96 31.05 18.44
CA VAL F 319 2.56 30.95 18.06
C VAL F 319 2.08 32.25 17.41
N ALA F 320 2.46 33.39 17.97
CA ALA F 320 2.03 34.68 17.43
C ALA F 320 2.52 34.87 16.00
N ALA F 321 3.70 34.33 15.73
CA ALA F 321 4.35 34.43 14.42
C ALA F 321 3.88 33.39 13.41
N SER F 322 3.20 32.37 13.90
N SER F 322 3.21 32.34 13.89
CA SER F 322 2.81 31.24 13.04
CA SER F 322 2.83 31.23 13.04
C SER F 322 1.40 31.38 12.43
C SER F 322 1.41 31.37 12.44
N PRO F 323 1.25 31.00 11.16
CA PRO F 323 -0.06 31.03 10.52
C PRO F 323 -1.04 29.95 11.01
N HIS F 324 -0.61 29.03 11.87
CA HIS F 324 -1.55 28.02 12.38
C HIS F 324 -2.68 28.71 13.16
N PRO F 325 -3.92 28.25 12.97
CA PRO F 325 -5.02 28.76 13.81
C PRO F 325 -4.71 28.52 15.28
N ALA F 326 -4.89 29.55 16.10
CA ALA F 326 -4.41 29.52 17.47
C ALA F 326 -5.34 28.75 18.41
N MET F 327 -4.75 28.01 19.33
CA MET F 327 -5.48 27.36 20.41
C MET F 327 -4.44 27.23 21.50
N PHE F 328 -4.16 28.37 22.12
CA PHE F 328 -2.99 28.52 22.96
C PHE F 328 -3.24 28.14 24.40
N GLU F 329 -2.48 27.16 24.90
CA GLU F 329 -2.69 26.63 26.24
C GLU F 329 -2.30 27.65 27.31
N TRP F 330 -3.22 27.94 28.22
CA TRP F 330 -2.93 28.82 29.36
C TRP F 330 -3.29 28.13 30.68
N ASP F 331 -2.26 27.70 31.40
CA ASP F 331 -2.38 27.10 32.74
C ASP F 331 -3.17 28.02 33.68
N ILE F 332 -4.36 27.59 34.13
CA ILE F 332 -5.12 28.43 35.07
C ILE F 332 -5.10 27.87 36.50
N THR F 333 -4.27 26.84 36.73
CA THR F 333 -4.18 26.28 38.07
C THR F 333 -3.30 27.18 38.93
N HIS F 334 -3.33 26.92 40.24
CA HIS F 334 -2.52 27.70 41.16
C HIS F 334 -1.03 27.57 40.84
N ASN F 335 -0.41 28.66 40.42
CA ASN F 335 0.98 28.57 39.95
C ASN F 335 1.75 29.88 40.08
N ASP F 336 2.54 29.99 41.15
CA ASP F 336 3.29 31.20 41.41
C ASP F 336 4.32 31.47 40.31
N LEU F 337 4.74 30.41 39.62
CA LEU F 337 5.70 30.54 38.55
C LEU F 337 5.06 31.16 37.31
N MET F 338 3.74 31.24 37.31
CA MET F 338 3.02 31.93 36.23
C MET F 338 2.82 33.40 36.52
N THR F 339 2.77 33.76 37.79
CA THR F 339 2.35 35.11 38.18
C THR F 339 3.43 36.00 38.82
N ARG F 340 4.38 35.39 39.52
CA ARG F 340 5.32 36.16 40.33
C ARG F 340 6.77 36.10 39.83
N LEU F 341 7.03 35.23 38.86
CA LEU F 341 8.39 35.06 38.37
C LEU F 341 8.85 36.24 37.53
N ALA F 342 7.93 36.82 36.77
CA ALA F 342 8.26 37.93 35.88
C ALA F 342 7.16 39.00 35.79
N SER F 343 7.47 40.08 35.09
CA SER F 343 6.56 41.22 34.94
C SER F 343 5.47 41.03 33.90
N TYR F 344 5.21 39.79 33.49
CA TYR F 344 4.25 39.52 32.43
C TYR F 344 3.10 38.61 32.91
N ASP F 345 1.87 39.08 32.76
CA ASP F 345 0.71 38.38 33.29
C ASP F 345 -0.36 38.11 32.21
N LEU F 346 -1.39 37.37 32.60
CA LEU F 346 -2.49 37.04 31.71
C LEU F 346 -3.41 38.24 31.55
N LYS F 347 -3.57 38.65 30.31
CA LYS F 347 -4.53 39.68 29.99
C LYS F 347 -5.26 39.23 28.75
N LEU F 348 -6.56 38.94 28.89
CA LEU F 348 -7.40 38.54 27.77
C LEU F 348 -8.17 39.72 27.25
N GLU F 349 -8.14 39.87 25.93
CA GLU F 349 -9.01 40.83 25.27
C GLU F 349 -9.76 40.07 24.20
N ASN F 350 -11.07 39.97 24.36
CA ASN F 350 -11.89 39.19 23.46
C ASN F 350 -11.32 37.79 23.29
N GLY F 351 -10.81 37.23 24.39
CA GLY F 351 -10.37 35.85 24.39
C GLY F 351 -8.96 35.65 23.87
N LEU F 352 -8.27 36.76 23.57
CA LEU F 352 -6.94 36.70 22.99
C LEU F 352 -5.86 37.17 23.96
N VAL F 353 -4.66 36.61 23.82
CA VAL F 353 -3.50 37.10 24.53
C VAL F 353 -2.50 37.68 23.52
N GLN F 354 -1.58 38.51 24.00
CA GLN F 354 -0.50 39.05 23.16
C GLN F 354 0.84 38.68 23.79
N PRO F 355 1.84 38.37 22.95
CA PRO F 355 3.17 38.08 23.50
C PRO F 355 3.75 39.32 24.18
N PRO F 356 4.69 39.12 25.11
CA PRO F 356 5.40 40.24 25.74
C PRO F 356 6.09 41.07 24.66
N GLN F 357 6.25 42.37 24.89
CA GLN F 357 6.70 43.28 23.82
C GLN F 357 8.16 43.76 23.96
N GLY F 358 8.81 43.42 25.06
CA GLY F 358 10.20 43.80 25.26
C GLY F 358 11.18 42.93 24.49
N PRO F 359 12.50 43.17 24.67
CA PRO F 359 13.52 42.40 23.96
C PRO F 359 13.57 40.94 24.42
N GLY F 360 13.93 40.04 23.51
CA GLY F 360 14.04 38.62 23.84
C GLY F 360 12.67 38.06 24.18
N LEU F 361 12.60 37.31 25.27
CA LEU F 361 11.31 36.81 25.75
C LEU F 361 10.36 37.96 26.10
N GLY F 362 10.93 39.15 26.37
CA GLY F 362 10.13 40.35 26.42
C GLY F 362 9.65 40.82 27.78
N PHE F 363 10.24 40.26 28.84
CA PHE F 363 9.95 40.73 30.19
C PHE F 363 11.17 40.64 31.07
N GLU F 364 11.04 41.11 32.32
CA GLU F 364 12.12 41.07 33.28
C GLU F 364 11.84 40.04 34.36
N ILE F 365 12.86 39.27 34.70
CA ILE F 365 12.75 38.32 35.80
C ILE F 365 12.81 39.06 37.13
N ASP F 366 11.96 38.66 38.08
CA ASP F 366 12.03 39.19 39.44
C ASP F 366 13.02 38.33 40.21
N TRP F 367 14.26 38.80 40.27
CA TRP F 367 15.32 37.99 40.86
C TRP F 367 15.15 37.86 42.37
N ASP F 368 14.37 38.76 42.95
CA ASP F 368 14.04 38.68 44.36
C ASP F 368 13.18 37.44 44.62
N PHE F 369 12.22 37.23 43.74
CA PHE F 369 11.37 36.04 43.83
C PHE F 369 12.24 34.80 43.66
N VAL F 370 13.14 34.85 42.69
CA VAL F 370 14.05 33.73 42.44
C VAL F 370 14.87 33.41 43.68
N ALA F 371 15.45 34.45 44.29
CA ALA F 371 16.31 34.24 45.46
C ALA F 371 15.55 33.65 46.64
N ALA F 372 14.24 33.88 46.68
CA ALA F 372 13.40 33.44 47.80
C ALA F 372 12.81 32.05 47.62
N HIS F 373 12.98 31.45 46.45
CA HIS F 373 12.33 30.17 46.20
C HIS F 373 13.28 29.08 45.70
N ALA F 374 14.50 29.07 46.22
CA ALA F 374 15.42 27.98 45.90
C ALA F 374 14.87 26.63 46.34
N TRP F 375 15.00 25.65 45.46
CA TRP F 375 14.59 24.29 45.75
C TRP F 375 15.39 23.72 46.92
N LYS F 376 14.70 23.04 47.83
CA LYS F 376 15.36 22.37 48.94
C LYS F 376 15.02 20.87 48.98
N GLY F 377 14.62 20.32 47.83
CA GLY F 377 14.39 18.88 47.77
C GLY F 377 12.94 18.42 47.75
N GLU F 378 12.00 19.36 47.73
CA GLU F 378 10.57 19.02 47.62
C GLU F 378 10.26 18.27 46.32
N PRO F 379 9.28 17.35 46.34
CA PRO F 379 8.82 16.67 45.12
C PRO F 379 7.83 17.53 44.33
N ALA F 380 7.77 17.34 43.02
CA ALA F 380 6.87 18.15 42.19
C ALA F 380 5.51 17.50 41.99
N ILE F 381 5.51 16.19 41.83
CA ILE F 381 4.31 15.48 41.37
C ILE F 381 4.31 14.03 41.83
N GLY F 382 3.12 13.52 42.15
CA GLY F 382 2.97 12.14 42.58
C GLY F 382 3.15 11.19 41.40
N ALA F 383 3.11 9.90 41.67
CA ALA F 383 3.29 8.90 40.63
C ALA F 383 2.21 9.04 39.54
N GLY F 384 2.61 8.88 38.29
CA GLY F 384 1.69 8.97 37.17
C GLY F 384 0.92 7.67 36.96
N HIS F 385 0.04 7.69 35.97
CA HIS F 385 -0.80 6.53 35.68
C HIS F 385 -0.43 5.92 34.33
N GLY F 386 -1.06 4.80 33.98
CA GLY F 386 -0.80 4.15 32.72
C GLY F 386 -0.61 2.65 32.90
N MET F 387 -0.42 2.26 34.16
CA MET F 387 -0.23 0.86 34.50
C MET F 387 -1.41 0.02 34.00
N SER G 2 -2.82 27.32 -47.04
CA SER G 2 -2.63 27.46 -45.61
C SER G 2 -2.61 28.93 -45.18
N LEU G 3 -3.24 29.22 -44.05
CA LEU G 3 -3.18 30.55 -43.45
C LEU G 3 -1.89 30.73 -42.64
N LYS G 4 -1.56 31.98 -42.36
CA LYS G 4 -0.47 32.33 -41.44
C LYS G 4 -0.98 33.33 -40.43
N ILE G 5 -0.68 33.09 -39.16
CA ILE G 5 -1.03 34.04 -38.10
C ILE G 5 -0.24 35.34 -38.29
N THR G 6 -0.93 36.46 -38.23
CA THR G 6 -0.27 37.77 -38.36
C THR G 6 -0.26 38.58 -37.08
N GLU G 7 -1.30 38.42 -36.26
CA GLU G 7 -1.37 39.16 -35.00
C GLU G 7 -2.06 38.36 -33.91
N VAL G 8 -1.59 38.53 -32.68
CA VAL G 8 -2.29 38.02 -31.51
C VAL G 8 -2.59 39.20 -30.59
N LYS G 9 -3.86 39.55 -30.46
CA LYS G 9 -4.26 40.75 -29.72
C LYS G 9 -5.05 40.38 -28.48
N ALA G 10 -4.96 41.21 -27.45
CA ALA G 10 -5.73 41.00 -26.23
C ALA G 10 -6.46 42.30 -25.88
N HIS G 11 -7.77 42.29 -25.96
CA HIS G 11 -8.58 43.47 -25.67
C HIS G 11 -9.08 43.42 -24.24
N ALA G 12 -8.60 44.32 -23.38
CA ALA G 12 -9.05 44.35 -22.00
C ALA G 12 -10.36 45.10 -21.89
N LEU G 13 -11.35 44.45 -21.30
CA LEU G 13 -12.69 45.01 -21.19
C LEU G 13 -13.19 45.04 -19.75
N SER G 14 -14.00 46.05 -19.43
CA SER G 14 -14.58 46.13 -18.10
C SER G 14 -16.05 46.55 -18.19
N THR G 15 -16.89 45.96 -17.35
CA THR G 15 -18.29 46.32 -17.23
C THR G 15 -18.63 46.48 -15.76
N PRO G 16 -19.47 47.46 -15.42
CA PRO G 16 -19.77 47.74 -14.01
C PRO G 16 -20.80 46.81 -13.37
N ILE G 17 -20.78 46.74 -12.05
CA ILE G 17 -21.82 46.05 -11.28
C ILE G 17 -22.43 47.03 -10.29
N PRO G 18 -23.74 47.26 -10.38
CA PRO G 18 -24.41 48.10 -9.38
C PRO G 18 -24.07 47.60 -7.98
N GLU G 19 -23.93 48.53 -7.04
CA GLU G 19 -23.55 48.19 -5.68
C GLU G 19 -24.42 47.08 -5.08
N ARG G 20 -25.73 47.17 -5.28
CA ARG G 20 -26.66 46.22 -4.69
C ARG G 20 -26.54 44.81 -5.30
N MET G 21 -25.94 44.72 -6.49
N MET G 21 -25.93 44.74 -6.48
CA MET G 21 -25.80 43.44 -7.17
CA MET G 21 -25.80 43.47 -7.19
C MET G 21 -24.47 42.75 -6.88
C MET G 21 -24.37 42.89 -7.10
N ARG G 22 -23.57 43.46 -6.21
CA ARG G 22 -22.23 42.92 -5.94
C ARG G 22 -22.33 41.77 -4.95
N VAL G 23 -21.76 40.63 -5.31
CA VAL G 23 -21.82 39.46 -4.45
C VAL G 23 -20.42 39.11 -3.96
N GLU G 24 -20.36 38.46 -2.80
CA GLU G 24 -19.08 38.01 -2.25
C GLU G 24 -19.09 36.51 -1.96
N SER G 25 -17.96 35.85 -2.25
CA SER G 25 -17.72 34.48 -1.84
C SER G 25 -16.29 34.41 -1.33
N GLY G 26 -15.77 33.20 -1.16
CA GLY G 26 -14.40 33.04 -0.71
C GLY G 26 -13.40 33.61 -1.69
N ALA G 27 -13.83 33.79 -2.94
CA ALA G 27 -12.98 34.36 -3.97
C ALA G 27 -12.86 35.88 -3.85
N GLY G 28 -13.76 36.49 -3.09
CA GLY G 28 -13.76 37.93 -2.90
C GLY G 28 -15.09 38.60 -3.25
N LEU G 29 -15.16 39.91 -3.02
CA LEU G 29 -16.31 40.72 -3.38
C LEU G 29 -16.16 41.20 -4.83
N LYS G 30 -17.16 40.89 -5.66
CA LYS G 30 -17.13 41.29 -7.07
C LYS G 30 -17.34 42.79 -7.25
N LEU G 31 -16.48 43.40 -8.07
CA LEU G 31 -16.49 44.85 -8.25
C LEU G 31 -16.89 45.26 -9.68
N ASN G 32 -16.16 44.71 -10.65
CA ASN G 32 -16.48 44.90 -12.06
C ASN G 32 -16.32 43.55 -12.76
N ARG G 33 -17.20 43.25 -13.72
CA ARG G 33 -17.01 42.03 -14.53
C ARG G 33 -16.10 42.36 -15.70
N GLN G 34 -14.97 41.66 -15.76
CA GLN G 34 -13.91 42.02 -16.71
C GLN G 34 -13.47 40.80 -17.48
N MET G 35 -12.80 41.03 -18.60
CA MET G 35 -12.25 39.94 -19.37
C MET G 35 -11.19 40.46 -20.32
N ILE G 36 -10.38 39.54 -20.84
CA ILE G 36 -9.60 39.78 -22.03
C ILE G 36 -10.32 39.10 -23.19
N LEU G 37 -10.56 39.86 -24.25
CA LEU G 37 -11.02 39.28 -25.51
C LEU G 37 -9.81 39.07 -26.40
N VAL G 38 -9.45 37.81 -26.59
CA VAL G 38 -8.32 37.47 -27.43
C VAL G 38 -8.78 37.48 -28.88
N GLU G 39 -7.94 38.01 -29.77
CA GLU G 39 -8.23 38.04 -31.18
C GLU G 39 -6.99 37.55 -31.94
N VAL G 40 -7.13 36.44 -32.67
CA VAL G 40 -6.01 35.93 -33.47
C VAL G 40 -6.33 36.21 -34.93
N ARG G 41 -5.47 36.98 -35.59
CA ARG G 41 -5.65 37.33 -36.99
C ARG G 41 -4.70 36.58 -37.91
N THR G 42 -5.16 36.39 -39.14
CA THR G 42 -4.37 35.72 -40.17
C THR G 42 -4.21 36.56 -41.44
N ASP G 43 -3.24 36.18 -42.27
CA ASP G 43 -2.98 36.90 -43.51
C ASP G 43 -4.18 36.96 -44.47
N GLU G 44 -5.08 35.99 -44.40
CA GLU G 44 -6.23 35.95 -45.30
C GLU G 44 -7.51 36.44 -44.64
N GLY G 45 -7.37 37.04 -43.46
CA GLY G 45 -8.51 37.68 -42.83
C GLY G 45 -9.46 36.81 -42.05
N VAL G 46 -9.14 35.53 -41.87
CA VAL G 46 -9.93 34.67 -40.99
C VAL G 46 -9.50 34.89 -39.55
N THR G 47 -10.45 35.20 -38.67
CA THR G 47 -10.13 35.62 -37.31
C THR G 47 -10.80 34.71 -36.28
N GLY G 48 -10.10 34.44 -35.18
CA GLY G 48 -10.69 33.69 -34.09
C GLY G 48 -10.64 34.49 -32.80
N VAL G 49 -11.63 34.30 -31.93
CA VAL G 49 -11.59 34.96 -30.62
C VAL G 49 -11.67 33.96 -29.46
N GLY G 50 -11.16 34.38 -28.30
CA GLY G 50 -11.17 33.54 -27.11
C GLY G 50 -11.15 34.42 -25.86
N SER G 51 -11.16 33.77 -24.70
CA SER G 51 -11.10 34.44 -23.41
C SER G 51 -10.33 33.57 -22.45
N PRO G 52 -9.37 34.15 -21.71
CA PRO G 52 -8.61 33.42 -20.68
C PRO G 52 -9.24 33.56 -19.30
N SER G 53 -10.55 33.80 -19.25
CA SER G 53 -11.27 33.79 -17.98
C SER G 53 -10.80 34.90 -17.03
N GLY G 54 -11.09 34.73 -15.75
CA GLY G 54 -10.72 35.72 -14.74
C GLY G 54 -11.38 35.29 -13.44
N PRO G 55 -11.14 36.06 -12.37
CA PRO G 55 -10.33 37.27 -12.33
C PRO G 55 -8.83 36.95 -12.36
N TYR G 56 -8.13 37.56 -13.30
CA TYR G 56 -6.68 37.63 -13.33
C TYR G 56 -6.40 39.06 -13.74
N ASP G 57 -5.31 39.64 -13.26
CA ASP G 57 -5.02 41.02 -13.63
C ASP G 57 -5.00 41.21 -15.15
N LEU G 58 -5.71 42.21 -15.64
CA LEU G 58 -5.85 42.35 -17.09
C LEU G 58 -4.57 42.72 -17.81
N ALA G 59 -3.72 43.51 -17.15
CA ALA G 59 -2.43 43.89 -17.73
C ALA G 59 -1.46 42.71 -17.77
N VAL G 60 -1.45 41.89 -16.72
CA VAL G 60 -0.65 40.66 -16.74
C VAL G 60 -1.08 39.78 -17.90
N LEU G 61 -2.39 39.57 -18.05
CA LEU G 61 -2.92 38.77 -19.15
C LEU G 61 -2.54 39.32 -20.52
N LYS G 62 -2.72 40.63 -20.72
CA LYS G 62 -2.44 41.20 -22.04
C LYS G 62 -0.97 41.02 -22.41
N ARG G 63 -0.09 41.27 -21.44
CA ARG G 63 1.34 41.13 -21.65
C ARG G 63 1.70 39.68 -21.97
N ALA G 64 1.17 38.75 -21.18
CA ALA G 64 1.43 37.33 -21.43
C ALA G 64 0.93 36.92 -22.81
N ILE G 65 -0.28 37.34 -23.16
CA ILE G 65 -0.85 36.96 -24.45
C ILE G 65 -0.13 37.60 -25.64
N GLU G 66 0.05 38.91 -25.60
CA GLU G 66 0.60 39.57 -26.79
C GLU G 66 2.12 39.44 -26.90
N ASP G 67 2.82 39.40 -25.78
CA ASP G 67 4.28 39.52 -25.81
C ASP G 67 5.10 38.30 -25.38
N VAL G 68 4.45 37.32 -24.74
CA VAL G 68 5.13 36.08 -24.37
C VAL G 68 4.68 34.97 -25.31
N ILE G 69 3.37 34.74 -25.35
CA ILE G 69 2.77 33.73 -26.23
C ILE G 69 2.76 34.16 -27.69
N GLY G 70 2.27 35.37 -27.94
CA GLY G 70 2.09 35.86 -29.30
C GLY G 70 3.27 35.63 -30.22
N PRO G 71 4.47 36.02 -29.79
CA PRO G 71 5.64 35.88 -30.66
C PRO G 71 5.93 34.44 -31.07
N GLN G 72 5.45 33.46 -30.30
CA GLN G 72 5.57 32.06 -30.71
C GLN G 72 4.59 31.66 -31.81
N LEU G 73 3.59 32.50 -32.06
CA LEU G 73 2.51 32.16 -32.98
C LEU G 73 2.64 32.87 -34.32
N ILE G 74 3.27 34.04 -34.31
CA ILE G 74 3.35 34.86 -35.51
C ILE G 74 4.08 34.12 -36.61
N GLY G 75 3.46 34.03 -37.78
CA GLY G 75 4.06 33.34 -38.91
C GLY G 75 3.68 31.88 -39.02
N GLU G 76 3.00 31.36 -37.99
CA GLU G 76 2.65 29.94 -37.95
C GLU G 76 1.30 29.68 -38.59
N ASP G 77 1.14 28.46 -39.12
CA ASP G 77 -0.14 27.98 -39.59
C ASP G 77 -1.03 27.72 -38.37
N PRO G 78 -2.16 28.45 -38.26
CA PRO G 78 -3.05 28.31 -37.10
C PRO G 78 -3.74 26.96 -37.04
N ALA G 79 -3.75 26.24 -38.15
CA ALA G 79 -4.39 24.93 -38.21
C ALA G 79 -3.73 23.89 -37.29
N ASN G 80 -2.44 24.05 -37.00
CA ASN G 80 -1.73 23.07 -36.16
C ASN G 80 -1.83 23.43 -34.68
N ILE G 81 -3.05 23.41 -34.15
CA ILE G 81 -3.30 23.80 -32.77
C ILE G 81 -2.52 22.91 -31.81
N ASN G 82 -2.50 21.62 -32.06
CA ASN G 82 -1.76 20.72 -31.19
C ASN G 82 -0.28 21.08 -31.12
N TYR G 83 0.33 21.30 -32.29
CA TYR G 83 1.73 21.72 -32.34
C TYR G 83 1.95 23.01 -31.55
N LEU G 84 1.08 23.99 -31.77
CA LEU G 84 1.25 25.33 -31.19
C LEU G 84 1.07 25.31 -29.67
N TRP G 85 0.17 24.47 -29.16
CA TRP G 85 0.00 24.37 -27.72
C TRP G 85 1.35 24.03 -27.09
N HIS G 86 1.99 23.01 -27.64
CA HIS G 86 3.26 22.54 -27.08
C HIS G 86 4.43 23.45 -27.35
N LYS G 87 4.45 24.09 -28.52
CA LYS G 87 5.48 25.08 -28.81
C LYS G 87 5.42 26.18 -27.75
N VAL G 88 4.23 26.58 -27.36
CA VAL G 88 4.04 27.67 -26.39
C VAL G 88 4.35 27.22 -24.96
N PHE G 89 3.80 26.07 -24.56
CA PHE G 89 4.01 25.56 -23.21
C PHE G 89 5.48 25.28 -22.93
N HIS G 90 6.14 24.52 -23.80
CA HIS G 90 7.54 24.16 -23.54
C HIS G 90 8.54 25.26 -23.87
N GLY G 91 8.21 26.08 -24.85
CA GLY G 91 9.10 27.16 -25.27
C GLY G 91 9.15 28.31 -24.28
N GLU G 92 8.00 28.63 -23.67
CA GLU G 92 7.89 29.82 -22.83
C GLU G 92 7.12 29.60 -21.54
N VAL G 93 5.91 29.07 -21.65
CA VAL G 93 4.96 29.29 -20.54
C VAL G 93 5.27 28.51 -19.26
N SER G 94 5.51 27.20 -19.37
CA SER G 94 5.80 26.40 -18.18
C SER G 94 6.91 27.00 -17.31
N ARG G 95 8.10 27.18 -17.88
CA ARG G 95 9.22 27.71 -17.11
C ARG G 95 9.11 29.21 -16.82
N ASN G 96 8.71 29.99 -17.82
CA ASN G 96 8.80 31.45 -17.71
C ASN G 96 7.56 32.15 -17.16
N LEU G 97 6.46 31.44 -17.03
CA LEU G 97 5.29 31.97 -16.30
C LEU G 97 4.85 31.06 -15.16
N GLY G 98 5.40 29.85 -15.12
CA GLY G 98 5.07 28.89 -14.05
C GLY G 98 4.11 27.83 -14.55
N HIS G 99 4.28 26.60 -14.09
CA HIS G 99 3.51 25.51 -14.67
C HIS G 99 2.02 25.48 -14.32
N ARG G 100 1.63 26.16 -13.24
CA ARG G 100 0.22 26.21 -12.86
C ARG G 100 -0.19 27.65 -12.57
N SER G 101 -0.38 28.42 -13.63
CA SER G 101 -0.29 29.86 -13.52
C SER G 101 -1.28 30.58 -14.41
N VAL G 102 -1.36 31.89 -14.19
CA VAL G 102 -2.04 32.80 -15.09
C VAL G 102 -1.53 32.62 -16.54
N GLY G 103 -0.28 32.19 -16.71
CA GLY G 103 0.22 31.89 -18.04
C GLY G 103 -0.55 30.77 -18.73
N ILE G 104 -0.97 29.77 -17.96
CA ILE G 104 -1.78 28.69 -18.49
C ILE G 104 -3.17 29.18 -18.88
N ALA G 105 -3.75 30.07 -18.06
CA ALA G 105 -5.00 30.70 -18.43
C ALA G 105 -4.83 31.51 -19.72
N ALA G 106 -3.75 32.29 -19.80
CA ALA G 106 -3.42 33.02 -21.03
C ALA G 106 -3.35 32.09 -22.26
N MET G 107 -2.63 30.97 -22.14
CA MET G 107 -2.61 29.94 -23.20
C MET G 107 -3.99 29.47 -23.57
N SER G 108 -4.86 29.37 -22.57
CA SER G 108 -6.20 28.82 -22.76
C SER G 108 -7.03 29.74 -23.64
N GLY G 109 -6.93 31.04 -23.39
CA GLY G 109 -7.62 32.02 -24.22
C GLY G 109 -7.17 31.98 -25.66
N VAL G 110 -5.87 31.83 -25.87
CA VAL G 110 -5.30 31.75 -27.22
C VAL G 110 -5.71 30.43 -27.90
N ASP G 111 -5.67 29.32 -27.16
CA ASP G 111 -6.10 28.03 -27.69
C ASP G 111 -7.57 28.07 -28.12
N ILE G 112 -8.43 28.65 -27.29
CA ILE G 112 -9.83 28.83 -27.67
C ILE G 112 -9.97 29.65 -28.96
N ALA G 113 -9.20 30.73 -29.07
CA ALA G 113 -9.26 31.54 -30.28
C ALA G 113 -8.83 30.73 -31.51
N LEU G 114 -7.80 29.91 -31.34
CA LEU G 114 -7.35 29.03 -32.43
C LEU G 114 -8.42 28.02 -32.86
N TRP G 115 -9.18 27.48 -31.91
CA TRP G 115 -10.30 26.61 -32.23
C TRP G 115 -11.48 27.35 -32.87
N ASP G 116 -11.73 28.58 -32.40
CA ASP G 116 -12.76 29.41 -33.00
C ASP G 116 -12.38 29.66 -34.46
N LEU G 117 -11.13 30.03 -34.68
CA LEU G 117 -10.59 30.25 -36.02
C LEU G 117 -10.77 29.02 -36.91
N LYS G 118 -10.41 27.85 -36.39
CA LYS G 118 -10.50 26.60 -37.15
C LYS G 118 -11.95 26.33 -37.55
N GLY G 119 -12.88 26.51 -36.61
CA GLY G 119 -14.28 26.29 -36.88
C GLY G 119 -14.81 27.29 -37.90
N ARG G 120 -14.31 28.51 -37.83
CA ARG G 120 -14.72 29.53 -38.80
C ARG G 120 -14.17 29.20 -40.18
N ALA G 121 -12.92 28.75 -40.23
CA ALA G 121 -12.30 28.37 -41.50
C ALA G 121 -13.06 27.22 -42.17
N MET G 122 -13.55 26.27 -41.37
CA MET G 122 -14.25 25.09 -41.88
C MET G 122 -15.75 25.32 -41.99
N ASN G 123 -16.22 26.48 -41.54
CA ASN G 123 -17.66 26.74 -41.46
C ASN G 123 -18.43 25.72 -40.62
N GLN G 124 -17.87 25.34 -39.47
CA GLN G 124 -18.50 24.35 -38.59
C GLN G 124 -18.47 24.78 -37.13
N PRO G 125 -19.54 24.47 -36.38
CA PRO G 125 -19.48 24.70 -34.93
C PRO G 125 -18.41 23.82 -34.31
N ILE G 126 -17.75 24.31 -33.26
CA ILE G 126 -16.70 23.52 -32.62
C ILE G 126 -17.17 22.13 -32.22
N TYR G 127 -18.37 22.02 -31.66
CA TYR G 127 -18.84 20.70 -31.21
C TYR G 127 -18.89 19.66 -32.33
N GLN G 128 -19.12 20.10 -33.57
CA GLN G 128 -19.14 19.16 -34.71
C GLN G 128 -17.73 18.62 -34.98
N LEU G 129 -16.72 19.45 -34.78
N LEU G 129 -16.73 19.46 -34.75
CA LEU G 129 -15.34 19.02 -34.95
CA LEU G 129 -15.34 19.08 -34.93
C LEU G 129 -14.99 17.97 -33.92
C LEU G 129 -14.94 18.03 -33.90
N LEU G 130 -15.57 18.10 -32.73
CA LEU G 130 -15.23 17.24 -31.60
C LEU G 130 -15.95 15.90 -31.63
N GLY G 131 -16.51 15.56 -32.78
CA GLY G 131 -17.21 14.30 -32.93
C GLY G 131 -18.71 14.44 -32.80
N GLY G 132 -19.18 15.68 -32.71
CA GLY G 132 -20.61 15.91 -32.68
C GLY G 132 -21.18 15.79 -31.28
N LYS G 133 -22.49 15.97 -31.16
CA LYS G 133 -23.13 15.90 -29.87
C LYS G 133 -23.20 14.49 -29.29
N PHE G 134 -23.04 14.43 -27.98
CA PHE G 134 -23.52 13.31 -27.20
C PHE G 134 -24.90 13.67 -26.65
N HIS G 135 -25.01 14.88 -26.09
CA HIS G 135 -26.26 15.33 -25.48
C HIS G 135 -27.12 15.97 -26.53
N THR G 136 -27.76 15.16 -27.36
CA THR G 136 -28.48 15.65 -28.53
C THR G 136 -29.67 16.53 -28.18
N ARG G 137 -30.30 16.27 -27.04
CA ARG G 137 -31.49 17.02 -26.63
C ARG G 137 -31.17 18.31 -25.89
N GLY G 138 -29.93 18.46 -25.45
CA GLY G 138 -29.54 19.63 -24.69
C GLY G 138 -28.77 19.24 -23.44
N VAL G 139 -28.17 20.24 -22.82
CA VAL G 139 -27.26 20.06 -21.69
C VAL G 139 -27.86 20.61 -20.40
N ARG G 140 -28.01 19.77 -19.38
CA ARG G 140 -28.60 20.24 -18.12
C ARG G 140 -27.72 21.28 -17.45
N ALA G 141 -28.32 22.40 -17.06
CA ALA G 141 -27.58 23.50 -16.47
C ALA G 141 -27.91 23.73 -15.00
N TYR G 142 -27.00 24.40 -14.28
CA TYR G 142 -27.32 24.83 -12.92
C TYR G 142 -27.11 26.31 -12.76
N ALA G 143 -27.91 26.89 -11.86
CA ALA G 143 -27.82 28.32 -11.60
C ALA G 143 -26.70 28.58 -10.60
N SER G 144 -25.76 29.42 -11.01
CA SER G 144 -24.57 29.75 -10.23
C SER G 144 -24.52 31.26 -9.94
N SER G 145 -24.65 31.70 -8.68
CA SER G 145 -24.85 30.88 -7.51
C SER G 145 -25.61 31.73 -6.51
N ILE G 146 -26.03 31.11 -5.42
CA ILE G 146 -26.58 31.83 -4.28
C ILE G 146 -25.39 32.16 -3.39
N TYR G 147 -25.11 33.46 -3.18
CA TYR G 147 -23.86 33.88 -2.53
C TYR G 147 -23.96 34.09 -1.02
N TRP G 148 -22.92 34.69 -0.43
CA TRP G 148 -22.85 34.90 1.03
C TRP G 148 -23.80 36.00 1.50
N ASP G 149 -23.93 36.15 2.81
CA ASP G 149 -24.68 37.25 3.43
C ASP G 149 -26.19 37.08 3.38
N LEU G 150 -26.66 35.83 3.33
CA LEU G 150 -28.10 35.60 3.25
C LEU G 150 -28.62 34.84 4.45
N THR G 151 -29.84 35.15 4.85
CA THR G 151 -30.52 34.38 5.89
C THR G 151 -31.04 33.11 5.26
N PRO G 152 -31.42 32.13 6.09
CA PRO G 152 -31.90 30.85 5.57
C PRO G 152 -33.11 30.97 4.65
N ASP G 153 -34.10 31.75 5.02
CA ASP G 153 -35.28 31.91 4.15
C ASP G 153 -35.00 32.79 2.94
N GLN G 154 -34.02 33.68 3.04
CA GLN G 154 -33.60 34.45 1.87
C GLN G 154 -32.95 33.51 0.86
N ALA G 155 -32.09 32.62 1.35
CA ALA G 155 -31.42 31.64 0.50
C ALA G 155 -32.43 30.71 -0.17
N ALA G 156 -33.39 30.22 0.62
CA ALA G 156 -34.43 29.36 0.11
C ALA G 156 -35.28 30.08 -0.95
N ASP G 157 -35.56 31.36 -0.73
CA ASP G 157 -36.30 32.15 -1.70
C ASP G 157 -35.55 32.30 -3.02
N GLU G 158 -34.25 32.52 -2.95
CA GLU G 158 -33.47 32.68 -4.17
C GLU G 158 -33.49 31.38 -4.96
N LEU G 159 -33.32 30.26 -4.27
CA LEU G 159 -33.34 28.96 -4.92
C LEU G 159 -34.67 28.70 -5.61
N ALA G 160 -35.77 28.92 -4.89
CA ALA G 160 -37.09 28.71 -5.48
C ALA G 160 -37.26 29.60 -6.70
N GLY G 161 -36.69 30.81 -6.66
CA GLY G 161 -36.73 31.72 -7.78
C GLY G 161 -36.11 31.12 -9.02
N TRP G 162 -34.93 30.53 -8.86
CA TRP G 162 -34.21 29.96 -9.99
C TRP G 162 -34.92 28.71 -10.52
N VAL G 163 -35.50 27.93 -9.61
CA VAL G 163 -36.30 26.78 -10.00
C VAL G 163 -37.48 27.22 -10.88
N GLU G 164 -38.09 28.35 -10.50
CA GLU G 164 -39.18 28.92 -11.27
C GLU G 164 -38.76 29.31 -12.68
N GLN G 165 -37.53 29.82 -12.80
CA GLN G 165 -36.98 30.19 -14.10
C GLN G 165 -36.72 28.98 -14.99
N GLY G 166 -36.78 27.79 -14.41
CA GLY G 166 -36.61 26.56 -15.17
C GLY G 166 -35.41 25.69 -14.80
N PHE G 167 -34.57 26.19 -13.90
CA PHE G 167 -33.39 25.45 -13.48
C PHE G 167 -33.76 24.22 -12.64
N THR G 168 -33.06 23.11 -12.87
CA THR G 168 -33.28 21.87 -12.13
C THR G 168 -32.16 21.64 -11.12
N ALA G 169 -31.30 22.65 -10.98
CA ALA G 169 -30.13 22.55 -10.11
C ALA G 169 -29.59 23.96 -9.83
N ALA G 170 -28.96 24.15 -8.67
CA ALA G 170 -28.35 25.43 -8.37
C ALA G 170 -27.23 25.24 -7.35
N LYS G 171 -26.35 26.23 -7.26
CA LYS G 171 -25.21 26.16 -6.36
C LYS G 171 -25.28 27.21 -5.24
N LEU G 172 -24.89 26.79 -4.04
CA LEU G 172 -24.82 27.67 -2.87
C LEU G 172 -23.38 27.86 -2.44
N LYS G 173 -22.99 29.12 -2.24
CA LYS G 173 -21.68 29.47 -1.71
C LYS G 173 -21.66 29.33 -0.20
N VAL G 174 -20.60 28.72 0.32
CA VAL G 174 -20.43 28.56 1.77
C VAL G 174 -19.00 28.91 2.17
N GLY G 175 -18.74 28.89 3.48
CA GLY G 175 -17.37 29.05 3.95
C GLY G 175 -17.11 30.01 5.08
N ARG G 176 -17.83 31.13 5.12
CA ARG G 176 -17.55 32.12 6.15
C ARG G 176 -18.16 31.75 7.50
N ALA G 177 -19.31 31.09 7.47
CA ALA G 177 -20.01 30.73 8.71
C ALA G 177 -20.76 29.42 8.55
N PRO G 178 -20.07 28.30 8.81
CA PRO G 178 -20.58 26.93 8.61
C PRO G 178 -21.93 26.63 9.26
N ARG G 179 -22.21 27.20 10.43
CA ARG G 179 -23.51 26.97 11.05
C ARG G 179 -24.65 27.64 10.27
N LYS G 180 -24.38 28.84 9.77
CA LYS G 180 -25.36 29.51 8.93
C LYS G 180 -25.47 28.76 7.61
N ASP G 181 -24.33 28.34 7.07
CA ASP G 181 -24.29 27.58 5.82
C ASP G 181 -25.20 26.36 5.93
N ALA G 182 -25.12 25.66 7.06
CA ALA G 182 -25.95 24.48 7.31
C ALA G 182 -27.43 24.82 7.38
N ALA G 183 -27.76 25.92 8.04
CA ALA G 183 -29.14 26.36 8.13
C ALA G 183 -29.69 26.74 6.76
N ASN G 184 -28.88 27.44 5.97
CA ASN G 184 -29.28 27.79 4.62
C ASN G 184 -29.62 26.55 3.80
N LEU G 185 -28.71 25.58 3.81
CA LEU G 185 -28.93 24.34 3.07
C LEU G 185 -30.23 23.66 3.44
N ARG G 186 -30.45 23.47 4.73
CA ARG G 186 -31.66 22.79 5.20
C ARG G 186 -32.93 23.54 4.78
N ALA G 187 -32.90 24.86 4.86
CA ALA G 187 -34.06 25.65 4.44
C ALA G 187 -34.27 25.49 2.93
N MET G 188 -33.19 25.59 2.18
CA MET G 188 -33.25 25.42 0.73
C MET G 188 -33.83 24.07 0.34
N ARG G 189 -33.33 22.99 0.95
CA ARG G 189 -33.82 21.66 0.61
C ARG G 189 -35.29 21.50 0.90
N GLN G 190 -35.74 21.99 2.05
CA GLN G 190 -37.15 21.87 2.41
C GLN G 190 -38.05 22.65 1.45
N ARG G 191 -37.62 23.86 1.10
N ARG G 191 -37.62 23.86 1.09
CA ARG G 191 -38.40 24.71 0.20
CA ARG G 191 -38.43 24.71 0.20
C ARG G 191 -38.68 24.01 -1.13
C ARG G 191 -38.66 24.08 -1.17
N VAL G 192 -37.62 23.51 -1.78
CA VAL G 192 -37.76 22.96 -3.14
C VAL G 192 -37.99 21.45 -3.26
N GLY G 193 -37.80 20.70 -2.18
CA GLY G 193 -38.01 19.26 -2.23
C GLY G 193 -36.87 18.46 -2.85
N ALA G 194 -37.16 17.22 -3.26
CA ALA G 194 -36.12 16.27 -3.65
C ALA G 194 -35.69 16.28 -5.12
N ASP G 195 -36.42 16.98 -5.98
CA ASP G 195 -36.17 16.88 -7.42
C ASP G 195 -35.19 17.91 -7.96
N VAL G 196 -34.73 18.82 -7.09
CA VAL G 196 -33.77 19.83 -7.49
C VAL G 196 -32.41 19.45 -6.94
N GLU G 197 -31.38 19.46 -7.77
CA GLU G 197 -30.03 19.19 -7.26
C GLU G 197 -29.48 20.43 -6.59
N ILE G 198 -28.90 20.26 -5.41
CA ILE G 198 -28.29 21.37 -4.71
C ILE G 198 -26.79 21.15 -4.65
N LEU G 199 -26.04 22.08 -5.22
CA LEU G 199 -24.58 22.02 -5.22
C LEU G 199 -24.05 22.99 -4.18
N VAL G 200 -22.88 22.70 -3.62
CA VAL G 200 -22.28 23.59 -2.66
C VAL G 200 -20.84 23.89 -3.05
N ASP G 201 -20.40 25.11 -2.77
CA ASP G 201 -19.07 25.56 -3.17
C ASP G 201 -18.46 26.37 -2.03
N ALA G 202 -17.32 25.89 -1.50
CA ALA G 202 -16.67 26.58 -0.37
C ALA G 202 -15.51 27.48 -0.76
N ASN G 203 -15.17 27.54 -2.04
CA ASN G 203 -14.04 28.37 -2.49
C ASN G 203 -12.78 28.24 -1.62
N GLN G 204 -12.44 27.02 -1.26
CA GLN G 204 -11.22 26.68 -0.51
C GLN G 204 -11.20 27.26 0.91
N SER G 205 -12.38 27.57 1.45
N SER G 205 -12.38 27.57 1.45
CA SER G 205 -12.44 28.32 2.71
CA SER G 205 -12.44 28.32 2.70
C SER G 205 -12.41 27.50 3.99
C SER G 205 -12.34 27.49 3.98
N LEU G 206 -12.51 26.18 3.88
CA LEU G 206 -12.53 25.32 5.07
C LEU G 206 -11.25 24.54 5.35
N GLY G 207 -11.03 24.25 6.63
CA GLY G 207 -10.04 23.27 7.02
C GLY G 207 -10.64 21.88 6.99
N ARG G 208 -9.81 20.86 7.19
CA ARG G 208 -10.28 19.48 7.03
C ARG G 208 -11.40 19.11 7.98
N HIS G 209 -11.26 19.47 9.26
CA HIS G 209 -12.23 19.00 10.25
C HIS G 209 -13.56 19.69 10.08
N ASP G 210 -13.54 20.97 9.76
CA ASP G 210 -14.77 21.68 9.43
C ASP G 210 -15.39 21.13 8.15
N ALA G 211 -14.55 20.70 7.22
CA ALA G 211 -15.09 20.14 5.96
C ALA G 211 -15.75 18.79 6.22
N LEU G 212 -15.17 18.00 7.12
CA LEU G 212 -15.78 16.74 7.52
C LEU G 212 -17.13 16.99 8.19
N ALA G 213 -17.18 17.99 9.05
CA ALA G 213 -18.44 18.31 9.72
C ALA G 213 -19.47 18.74 8.68
N MET G 214 -19.08 19.58 7.74
N MET G 214 -19.07 19.61 7.76
CA MET G 214 -20.02 20.05 6.74
CA MET G 214 -19.93 20.06 6.69
C MET G 214 -20.46 18.95 5.77
C MET G 214 -20.45 18.89 5.89
N LEU G 215 -19.54 18.05 5.42
CA LEU G 215 -19.89 16.91 4.57
C LEU G 215 -21.06 16.10 5.14
N ARG G 216 -21.10 15.94 6.46
CA ARG G 216 -22.20 15.20 7.09
C ARG G 216 -23.54 15.90 6.83
N ILE G 217 -23.53 17.22 6.90
N ILE G 217 -23.55 17.21 6.86
CA ILE G 217 -24.70 18.04 6.60
CA ILE G 217 -24.78 17.96 6.60
C ILE G 217 -25.08 17.88 5.14
C ILE G 217 -25.12 17.96 5.11
N LEU G 218 -24.09 17.99 4.26
CA LEU G 218 -24.32 17.91 2.83
C LEU G 218 -24.97 16.58 2.47
N ASP G 219 -24.49 15.53 3.14
CA ASP G 219 -25.01 14.18 2.95
C ASP G 219 -26.46 14.11 3.40
N GLU G 220 -26.72 14.64 4.59
CA GLU G 220 -28.07 14.71 5.12
C GLU G 220 -29.02 15.41 4.14
N ALA G 221 -28.54 16.48 3.50
CA ALA G 221 -29.35 17.27 2.57
C ALA G 221 -29.34 16.71 1.14
N GLY G 222 -28.61 15.62 0.92
CA GLY G 222 -28.57 15.00 -0.41
C GLY G 222 -27.95 15.89 -1.49
N CYS G 223 -26.96 16.69 -1.11
CA CYS G 223 -26.27 17.55 -2.06
C CYS G 223 -25.52 16.79 -3.14
N TYR G 224 -25.47 17.37 -4.33
CA TYR G 224 -24.91 16.73 -5.51
C TYR G 224 -23.37 16.70 -5.43
N TRP G 225 -22.77 17.86 -5.14
CA TRP G 225 -21.34 17.91 -4.94
C TRP G 225 -20.89 18.95 -3.92
N PHE G 226 -19.65 18.80 -3.48
CA PHE G 226 -18.99 19.67 -2.50
C PHE G 226 -17.77 20.18 -3.25
N GLU G 227 -17.85 21.44 -3.70
CA GLU G 227 -16.85 22.03 -4.58
C GLU G 227 -15.82 22.86 -3.80
N GLU G 228 -14.56 22.74 -4.20
CA GLU G 228 -13.44 23.38 -3.51
C GLU G 228 -13.62 23.39 -1.99
N PRO G 229 -13.82 22.22 -1.38
CA PRO G 229 -14.04 22.20 0.08
C PRO G 229 -12.80 22.70 0.83
N LEU G 230 -11.63 22.47 0.27
CA LEU G 230 -10.36 22.77 0.93
C LEU G 230 -9.41 23.50 -0.01
N SER G 231 -8.33 24.04 0.53
CA SER G 231 -7.23 24.50 -0.30
C SER G 231 -6.95 23.48 -1.39
N ILE G 232 -6.78 23.95 -2.62
N ILE G 232 -6.78 23.94 -2.62
CA ILE G 232 -6.44 23.09 -3.75
CA ILE G 232 -6.47 23.03 -3.72
C ILE G 232 -5.07 22.45 -3.57
C ILE G 232 -5.04 22.46 -3.60
N ASP G 233 -4.27 22.99 -2.65
CA ASP G 233 -2.94 22.47 -2.37
C ASP G 233 -2.95 21.26 -1.44
N ASP G 234 -4.11 21.01 -0.81
CA ASP G 234 -4.24 19.89 0.14
C ASP G 234 -4.90 18.67 -0.52
N ILE G 235 -4.13 17.92 -1.28
CA ILE G 235 -4.72 16.80 -2.00
C ILE G 235 -5.21 15.72 -1.04
N GLU G 236 -4.42 15.45 0.01
CA GLU G 236 -4.75 14.37 0.95
C GLU G 236 -6.06 14.67 1.67
N GLY G 237 -6.30 15.95 1.98
CA GLY G 237 -7.56 16.34 2.59
C GLY G 237 -8.77 15.95 1.72
N HIS G 238 -8.65 16.13 0.42
CA HIS G 238 -9.72 15.74 -0.50
C HIS G 238 -9.93 14.21 -0.49
N ARG G 239 -8.82 13.46 -0.43
CA ARG G 239 -8.93 12.00 -0.34
C ARG G 239 -9.70 11.61 0.92
N ILE G 240 -9.42 12.30 2.01
CA ILE G 240 -10.09 11.99 3.27
C ILE G 240 -11.60 12.22 3.16
N LEU G 241 -11.99 13.34 2.55
CA LEU G 241 -13.42 13.62 2.37
C LEU G 241 -14.07 12.56 1.46
N ARG G 242 -13.37 12.22 0.38
CA ARG G 242 -13.91 11.27 -0.58
C ARG G 242 -14.04 9.86 0.03
N ALA G 243 -13.09 9.53 0.90
CA ALA G 243 -13.04 8.24 1.56
C ALA G 243 -14.21 7.99 2.51
N GLN G 244 -14.95 9.02 2.87
CA GLN G 244 -16.10 8.82 3.75
C GLN G 244 -17.21 8.04 3.04
N GLY G 245 -17.11 7.94 1.72
CA GLY G 245 -18.00 7.12 0.92
C GLY G 245 -19.43 7.58 0.89
N THR G 246 -19.65 8.89 0.99
CA THR G 246 -21.00 9.42 0.89
C THR G 246 -21.40 9.53 -0.59
N PRO G 247 -22.70 9.68 -0.86
CA PRO G 247 -23.13 9.94 -2.24
C PRO G 247 -22.85 11.39 -2.67
N VAL G 248 -22.21 12.20 -1.84
CA VAL G 248 -21.82 13.56 -2.22
C VAL G 248 -20.48 13.56 -2.97
N ARG G 249 -20.47 14.11 -4.18
CA ARG G 249 -19.26 14.18 -5.00
C ARG G 249 -18.27 15.23 -4.48
N ILE G 250 -17.00 14.87 -4.42
CA ILE G 250 -15.96 15.87 -4.13
C ILE G 250 -15.52 16.48 -5.46
N ALA G 251 -15.71 17.79 -5.60
CA ALA G 251 -15.42 18.49 -6.87
C ALA G 251 -14.39 19.59 -6.68
N THR G 252 -13.46 19.68 -7.62
CA THR G 252 -12.55 20.83 -7.63
C THR G 252 -11.95 20.95 -9.02
N GLY G 253 -11.38 22.12 -9.33
CA GLY G 253 -10.71 22.27 -10.61
C GLY G 253 -10.58 23.67 -11.21
N GLU G 254 -11.40 24.61 -10.74
CA GLU G 254 -11.31 25.95 -11.33
C GLU G 254 -9.94 26.57 -11.12
N ASN G 255 -9.25 26.15 -10.06
CA ASN G 255 -7.96 26.75 -9.74
C ASN G 255 -6.80 25.77 -9.90
N LEU G 256 -7.10 24.63 -10.55
CA LEU G 256 -6.08 23.64 -10.92
C LEU G 256 -5.76 23.76 -12.40
N TYR G 257 -4.50 23.52 -12.76
CA TYR G 257 -4.07 23.78 -14.13
C TYR G 257 -3.41 22.59 -14.81
N THR G 258 -3.81 22.37 -16.07
CA THR G 258 -3.37 21.25 -16.93
C THR G 258 -3.86 19.87 -16.47
N ARG G 259 -3.73 18.88 -17.36
CA ARG G 259 -4.12 17.52 -17.01
C ARG G 259 -3.28 16.98 -15.86
N ASN G 260 -2.11 17.57 -15.64
CA ASN G 260 -1.19 17.09 -14.60
C ASN G 260 -1.72 17.24 -13.20
N ALA G 261 -2.38 18.38 -12.94
CA ALA G 261 -2.98 18.63 -11.63
C ALA G 261 -4.04 17.57 -11.35
N PHE G 262 -4.86 17.30 -12.35
CA PHE G 262 -5.95 16.36 -12.17
C PHE G 262 -5.48 14.92 -12.07
N ASN G 263 -4.41 14.60 -12.79
CA ASN G 263 -3.77 13.29 -12.63
C ASN G 263 -3.35 13.07 -11.17
N ASP G 264 -2.76 14.09 -10.54
CA ASP G 264 -2.35 13.94 -9.16
C ASP G 264 -3.51 13.69 -8.21
N TYR G 265 -4.63 14.36 -8.43
CA TYR G 265 -5.82 14.09 -7.62
C TYR G 265 -6.35 12.67 -7.87
N ILE G 266 -6.38 12.26 -9.14
CA ILE G 266 -6.89 10.94 -9.49
C ILE G 266 -6.03 9.84 -8.86
N ARG G 267 -4.70 9.96 -9.01
CA ARG G 267 -3.74 9.01 -8.46
C ARG G 267 -3.85 8.89 -6.95
N ASN G 268 -4.33 9.94 -6.31
CA ASN G 268 -4.48 9.95 -4.86
C ASN G 268 -5.92 9.72 -4.41
N ASP G 269 -6.75 9.22 -5.32
CA ASP G 269 -8.15 8.90 -5.01
C ASP G 269 -8.86 10.08 -4.35
N ALA G 270 -8.58 11.29 -4.84
CA ALA G 270 -8.99 12.49 -4.14
C ALA G 270 -10.07 13.32 -4.84
N ILE G 271 -10.67 12.78 -5.91
CA ILE G 271 -11.60 13.60 -6.69
C ILE G 271 -12.73 12.79 -7.35
N ASP G 272 -13.96 13.30 -7.31
CA ASP G 272 -15.08 12.68 -8.01
C ASP G 272 -15.43 13.44 -9.29
N VAL G 273 -15.40 14.77 -9.22
CA VAL G 273 -15.74 15.63 -10.35
C VAL G 273 -14.58 16.56 -10.63
N LEU G 274 -14.01 16.44 -11.83
CA LEU G 274 -12.97 17.31 -12.29
C LEU G 274 -13.62 18.53 -12.92
N GLN G 275 -13.23 19.72 -12.48
CA GLN G 275 -13.89 20.94 -12.95
C GLN G 275 -13.02 21.82 -13.83
N ALA G 276 -11.99 21.23 -14.43
CA ALA G 276 -11.15 21.96 -15.37
C ALA G 276 -11.99 22.78 -16.35
N ASP G 277 -11.65 24.07 -16.43
CA ASP G 277 -12.33 25.04 -17.30
C ASP G 277 -11.49 25.18 -18.55
N ALA G 278 -12.09 24.99 -19.73
CA ALA G 278 -11.37 25.16 -20.99
C ALA G 278 -10.65 26.52 -21.07
N SER G 279 -11.22 27.54 -20.43
CA SER G 279 -10.63 28.89 -20.52
C SER G 279 -9.55 29.17 -19.46
N ARG G 280 -9.27 28.19 -18.59
CA ARG G 280 -8.29 28.41 -17.52
C ARG G 280 -7.22 27.34 -17.50
N ALA G 281 -7.63 26.09 -17.68
CA ALA G 281 -6.76 24.94 -17.39
C ALA G 281 -5.82 24.55 -18.53
N GLY G 282 -5.95 25.25 -19.66
CA GLY G 282 -5.03 25.03 -20.76
C GLY G 282 -5.64 25.11 -22.15
N GLY G 283 -6.96 25.31 -22.22
CA GLY G 283 -7.63 25.52 -23.49
C GLY G 283 -8.63 24.42 -23.79
N ILE G 284 -9.29 24.52 -24.93
CA ILE G 284 -10.13 23.43 -25.43
C ILE G 284 -9.27 22.17 -25.59
N THR G 285 -8.07 22.35 -26.11
CA THR G 285 -7.17 21.23 -26.33
C THR G 285 -6.94 20.45 -25.02
N GLU G 286 -6.64 21.17 -23.96
CA GLU G 286 -6.34 20.53 -22.69
C GLU G 286 -7.60 20.00 -22.00
N ALA G 287 -8.70 20.73 -22.09
CA ALA G 287 -9.95 20.28 -21.46
C ALA G 287 -10.45 18.98 -22.08
N LEU G 288 -10.27 18.85 -23.40
CA LEU G 288 -10.61 17.59 -24.08
C LEU G 288 -9.86 16.43 -23.43
N ALA G 289 -8.57 16.63 -23.17
CA ALA G 289 -7.75 15.56 -22.61
C ALA G 289 -8.18 15.25 -21.17
N ILE G 290 -8.49 16.28 -20.42
CA ILE G 290 -8.91 16.10 -19.03
C ILE G 290 -10.25 15.36 -18.95
N SER G 291 -11.17 15.74 -19.82
CA SER G 291 -12.46 15.04 -19.93
C SER G 291 -12.31 13.56 -20.24
N ALA G 292 -11.44 13.22 -21.18
CA ALA G 292 -11.19 11.81 -21.53
C ALA G 292 -10.57 11.07 -20.35
N SER G 293 -9.61 11.71 -19.71
N SER G 293 -9.62 11.71 -19.69
CA SER G 293 -8.92 11.10 -18.56
CA SER G 293 -8.93 11.11 -18.55
C SER G 293 -9.86 10.87 -17.38
C SER G 293 -9.90 10.85 -17.40
N ALA G 294 -10.81 11.78 -17.17
CA ALA G 294 -11.81 11.57 -16.13
C ALA G 294 -12.63 10.31 -16.46
N ALA G 295 -13.07 10.20 -17.70
CA ALA G 295 -13.87 9.06 -18.13
C ALA G 295 -13.11 7.73 -17.97
N SER G 296 -11.84 7.70 -18.36
N SER G 296 -11.84 7.73 -18.33
CA SER G 296 -11.06 6.48 -18.19
CA SER G 296 -11.01 6.54 -18.21
C SER G 296 -11.03 6.02 -16.74
C SER G 296 -10.87 6.05 -16.76
N ALA G 297 -11.01 6.98 -15.81
CA ALA G 297 -10.93 6.66 -14.38
C ALA G 297 -12.32 6.47 -13.76
N HIS G 298 -13.35 6.51 -14.59
CA HIS G 298 -14.74 6.35 -14.16
C HIS G 298 -15.19 7.52 -13.26
N LEU G 299 -14.66 8.70 -13.57
CA LEU G 299 -14.95 9.93 -12.84
C LEU G 299 -15.65 10.90 -13.79
N ALA G 300 -16.12 12.03 -13.27
CA ALA G 300 -16.86 12.96 -14.11
C ALA G 300 -16.06 14.22 -14.42
N TRP G 301 -16.33 14.82 -15.58
CA TRP G 301 -15.83 16.15 -15.86
C TRP G 301 -17.01 17.09 -16.06
N ASN G 302 -17.08 18.12 -15.21
CA ASN G 302 -18.13 19.13 -15.30
C ASN G 302 -17.41 20.45 -15.07
N PRO G 303 -17.13 21.20 -16.14
CA PRO G 303 -16.24 22.35 -16.04
C PRO G 303 -16.80 23.50 -15.23
N HIS G 304 -15.89 24.21 -14.58
CA HIS G 304 -16.15 25.59 -14.19
C HIS G 304 -16.27 26.39 -15.49
N THR G 305 -17.19 27.36 -15.55
CA THR G 305 -17.38 28.15 -16.79
C THR G 305 -17.48 29.66 -16.57
N PHE G 306 -17.33 30.08 -15.32
CA PHE G 306 -17.74 31.40 -14.82
C PHE G 306 -16.77 32.54 -15.15
N ASN G 307 -17.11 33.34 -16.16
CA ASN G 307 -16.49 34.65 -16.37
C ASN G 307 -17.21 35.48 -17.42
N ASP G 308 -17.46 34.89 -18.60
CA ASP G 308 -18.06 35.65 -19.69
C ASP G 308 -18.69 34.70 -20.68
N ILE G 309 -19.32 35.20 -21.74
CA ILE G 309 -20.09 34.32 -22.62
C ILE G 309 -19.14 33.44 -23.45
N ILE G 310 -17.90 33.89 -23.66
CA ILE G 310 -16.93 33.08 -24.39
C ILE G 310 -16.48 31.85 -23.59
N THR G 311 -16.07 32.08 -22.35
CA THR G 311 -15.73 30.95 -21.49
C THR G 311 -16.90 29.96 -21.36
N VAL G 312 -18.12 30.48 -21.22
CA VAL G 312 -19.30 29.62 -21.19
C VAL G 312 -19.47 28.83 -22.50
N ALA G 313 -19.40 29.52 -23.63
CA ALA G 313 -19.61 28.84 -24.92
C ALA G 313 -18.52 27.82 -25.22
N ALA G 314 -17.26 28.18 -24.94
CA ALA G 314 -16.15 27.26 -25.19
C ALA G 314 -16.36 25.95 -24.45
N ASN G 315 -16.70 26.04 -23.16
CA ASN G 315 -16.99 24.83 -22.39
C ASN G 315 -18.26 24.11 -22.86
N LEU G 316 -19.26 24.86 -23.31
CA LEU G 316 -20.52 24.25 -23.69
C LEU G 316 -20.36 23.39 -24.94
N HIS G 317 -19.50 23.79 -25.87
CA HIS G 317 -19.23 22.94 -27.03
C HIS G 317 -18.69 21.57 -26.60
N LEU G 318 -17.75 21.57 -25.68
CA LEU G 318 -17.14 20.33 -25.18
C LEU G 318 -18.12 19.49 -24.38
N VAL G 319 -18.83 20.14 -23.45
CA VAL G 319 -19.83 19.43 -22.65
C VAL G 319 -20.90 18.77 -23.52
N ALA G 320 -21.37 19.47 -24.54
CA ALA G 320 -22.41 18.91 -25.42
C ALA G 320 -21.89 17.67 -26.13
N ALA G 321 -20.61 17.67 -26.44
CA ALA G 321 -19.97 16.56 -27.17
C ALA G 321 -19.51 15.41 -26.26
N SER G 322 -19.54 15.63 -24.95
N SER G 322 -19.53 15.63 -24.94
CA SER G 322 -19.03 14.64 -24.00
CA SER G 322 -19.03 14.65 -23.98
C SER G 322 -20.11 13.79 -23.36
C SER G 322 -20.12 13.79 -23.38
N PRO G 323 -19.84 12.49 -23.18
CA PRO G 323 -20.77 11.57 -22.51
C PRO G 323 -20.89 11.75 -20.99
N HIS G 324 -20.16 12.68 -20.37
CA HIS G 324 -20.34 12.87 -18.95
C HIS G 324 -21.75 13.39 -18.72
N PRO G 325 -22.45 12.86 -17.70
CA PRO G 325 -23.73 13.47 -17.33
C PRO G 325 -23.54 14.97 -17.09
N ALA G 326 -24.44 15.78 -17.62
CA ALA G 326 -24.25 17.22 -17.61
C ALA G 326 -24.65 17.85 -16.30
N MET G 327 -23.87 18.85 -15.88
CA MET G 327 -24.19 19.68 -14.74
C MET G 327 -23.49 20.99 -15.05
N PHE G 328 -24.06 21.71 -16.00
CA PHE G 328 -23.37 22.81 -16.66
C PHE G 328 -23.56 24.13 -15.92
N GLU G 329 -22.45 24.74 -15.52
CA GLU G 329 -22.50 25.98 -14.74
C GLU G 329 -22.97 27.17 -15.56
N TRP G 330 -24.01 27.86 -15.07
CA TRP G 330 -24.47 29.07 -15.72
C TRP G 330 -24.53 30.26 -14.75
N ASP G 331 -23.62 31.20 -14.94
CA ASP G 331 -23.55 32.46 -14.17
C ASP G 331 -24.87 33.21 -14.26
N ILE G 332 -25.61 33.29 -13.15
CA ILE G 332 -26.86 34.08 -13.13
C ILE G 332 -26.72 35.44 -12.43
N THR G 333 -25.50 35.79 -12.05
CA THR G 333 -25.28 37.08 -11.41
C THR G 333 -25.22 38.19 -12.45
N HIS G 334 -25.20 39.44 -11.99
CA HIS G 334 -25.17 40.57 -12.91
C HIS G 334 -23.87 40.62 -13.71
N ASN G 335 -23.97 40.48 -15.03
CA ASN G 335 -22.78 40.35 -15.87
C ASN G 335 -23.05 40.71 -17.33
N ASP G 336 -22.72 41.94 -17.71
CA ASP G 336 -22.92 42.38 -19.08
C ASP G 336 -22.09 41.59 -20.08
N LEU G 337 -21.03 40.93 -19.60
CA LEU G 337 -20.22 40.11 -20.49
C LEU G 337 -20.91 38.78 -20.82
N MET G 338 -22.01 38.50 -20.12
CA MET G 338 -22.85 37.33 -20.45
C MET G 338 -23.99 37.67 -21.40
N THR G 339 -24.35 38.94 -21.51
CA THR G 339 -25.54 39.31 -22.25
C THR G 339 -25.31 40.20 -23.46
N ARG G 340 -24.30 41.06 -23.40
CA ARG G 340 -24.13 42.08 -24.43
C ARG G 340 -22.90 41.91 -25.31
N LEU G 341 -22.00 41.01 -24.94
CA LEU G 341 -20.77 40.82 -25.71
C LEU G 341 -21.06 40.15 -27.05
N ALA G 342 -22.05 39.26 -27.06
CA ALA G 342 -22.39 38.50 -28.27
C ALA G 342 -23.88 38.18 -28.40
N SER G 343 -24.25 37.66 -29.57
CA SER G 343 -25.64 37.37 -29.89
C SER G 343 -26.14 36.00 -29.40
N TYR G 344 -25.50 35.46 -28.37
CA TYR G 344 -25.91 34.17 -27.81
C TYR G 344 -26.34 34.33 -26.35
N ASP G 345 -27.56 33.90 -26.04
CA ASP G 345 -28.13 34.13 -24.71
C ASP G 345 -28.54 32.84 -24.00
N LEU G 346 -29.12 33.00 -22.81
CA LEU G 346 -29.61 31.86 -22.03
C LEU G 346 -31.02 31.50 -22.45
N LYS G 347 -31.17 30.28 -22.93
CA LYS G 347 -32.49 29.76 -23.26
C LYS G 347 -32.60 28.36 -22.67
N LEU G 348 -33.39 28.25 -21.61
CA LEU G 348 -33.64 26.97 -20.97
C LEU G 348 -34.87 26.30 -21.55
N GLU G 349 -34.75 25.01 -21.84
CA GLU G 349 -35.88 24.20 -22.27
C GLU G 349 -35.87 22.94 -21.44
N ASN G 350 -36.89 22.78 -20.60
CA ASN G 350 -36.93 21.66 -19.68
C ASN G 350 -35.63 21.55 -18.89
N GLY G 351 -35.02 22.71 -18.62
CA GLY G 351 -33.82 22.75 -17.79
C GLY G 351 -32.53 22.61 -18.55
N LEU G 352 -32.62 22.56 -19.88
CA LEU G 352 -31.44 22.31 -20.71
C LEU G 352 -31.05 23.51 -21.56
N VAL G 353 -29.76 23.61 -21.86
CA VAL G 353 -29.27 24.63 -22.79
C VAL G 353 -28.65 23.92 -23.99
N GLN G 354 -28.51 24.65 -25.10
CA GLN G 354 -27.92 24.11 -26.31
C GLN G 354 -26.75 24.98 -26.72
N PRO G 355 -25.69 24.37 -27.27
CA PRO G 355 -24.53 25.13 -27.74
C PRO G 355 -24.91 26.03 -28.92
N PRO G 356 -24.20 27.14 -29.12
CA PRO G 356 -24.39 27.98 -30.31
C PRO G 356 -24.22 27.15 -31.58
N GLN G 357 -24.95 27.51 -32.64
CA GLN G 357 -24.99 26.66 -33.83
C GLN G 357 -24.15 27.20 -35.00
N GLY G 358 -23.63 28.41 -34.86
CA GLY G 358 -22.80 29.00 -35.91
C GLY G 358 -21.41 28.38 -35.98
N PRO G 359 -20.58 28.85 -36.91
CA PRO G 359 -19.20 28.38 -37.06
C PRO G 359 -18.32 28.79 -35.86
N GLY G 360 -17.37 27.93 -35.50
CA GLY G 360 -16.47 28.22 -34.39
C GLY G 360 -17.21 28.18 -33.07
N LEU G 361 -17.01 29.18 -32.22
CA LEU G 361 -17.80 29.29 -30.99
C LEU G 361 -19.29 29.45 -31.28
N GLY G 362 -19.61 29.96 -32.47
CA GLY G 362 -20.98 29.89 -32.96
C GLY G 362 -21.82 31.15 -32.85
N PHE G 363 -21.17 32.27 -32.56
CA PHE G 363 -21.85 33.54 -32.52
C PHE G 363 -20.91 34.63 -33.00
N GLU G 364 -21.45 35.83 -33.20
CA GLU G 364 -20.66 36.98 -33.61
C GLU G 364 -20.46 37.94 -32.45
N ILE G 365 -19.27 38.50 -32.36
CA ILE G 365 -18.96 39.51 -31.35
C ILE G 365 -19.55 40.87 -31.75
N ASP G 366 -20.15 41.56 -30.80
CA ASP G 366 -20.57 42.94 -30.99
C ASP G 366 -19.37 43.86 -30.77
N TRP G 367 -18.72 44.23 -31.86
CA TRP G 367 -17.47 44.96 -31.79
C TRP G 367 -17.65 46.41 -31.35
N ASP G 368 -18.87 46.91 -31.47
CA ASP G 368 -19.18 48.24 -30.94
C ASP G 368 -19.21 48.22 -29.41
N PHE G 369 -19.79 47.18 -28.84
CA PHE G 369 -19.76 46.98 -27.39
C PHE G 369 -18.31 46.89 -26.91
N VAL G 370 -17.51 46.11 -27.65
CA VAL G 370 -16.10 45.95 -27.31
C VAL G 370 -15.41 47.30 -27.26
N ALA G 371 -15.60 48.11 -28.30
CA ALA G 371 -14.92 49.40 -28.39
C ALA G 371 -15.33 50.34 -27.27
N ALA G 372 -16.54 50.16 -26.77
CA ALA G 372 -17.11 51.09 -25.80
C ALA G 372 -16.82 50.70 -24.35
N HIS G 373 -16.21 49.53 -24.15
CA HIS G 373 -15.97 49.07 -22.78
C HIS G 373 -14.51 48.70 -22.51
N ALA G 374 -13.60 49.51 -23.05
CA ALA G 374 -12.18 49.36 -22.78
C ALA G 374 -11.90 49.51 -21.29
N TRP G 375 -11.02 48.65 -20.77
CA TRP G 375 -10.59 48.74 -19.38
C TRP G 375 -9.80 50.01 -19.15
N LYS G 376 -10.08 50.68 -18.04
CA LYS G 376 -9.39 51.92 -17.71
C LYS G 376 -8.68 51.84 -16.37
N GLY G 377 -8.56 50.63 -15.83
CA GLY G 377 -7.80 50.42 -14.61
C GLY G 377 -8.67 50.06 -13.41
N GLU G 378 -9.97 49.91 -13.63
CA GLU G 378 -10.89 49.49 -12.58
C GLU G 378 -10.50 48.13 -12.00
N PRO G 379 -10.79 47.91 -10.70
CA PRO G 379 -10.52 46.61 -10.05
C PRO G 379 -11.62 45.60 -10.37
N ALA G 380 -11.27 44.33 -10.54
CA ALA G 380 -12.28 43.31 -10.84
C ALA G 380 -12.92 42.76 -9.57
N ILE G 381 -12.10 42.60 -8.54
CA ILE G 381 -12.55 41.85 -7.38
C ILE G 381 -11.74 42.23 -6.14
N GLY G 382 -12.42 42.27 -4.99
CA GLY G 382 -11.76 42.57 -3.73
C GLY G 382 -10.99 41.38 -3.21
N ALA G 383 -10.21 41.59 -2.14
CA ALA G 383 -9.33 40.55 -1.61
C ALA G 383 -10.07 39.25 -1.29
N GLY G 384 -9.48 38.14 -1.73
CA GLY G 384 -10.04 36.82 -1.45
C GLY G 384 -9.80 36.37 -0.02
N HIS G 385 -10.35 35.21 0.34
CA HIS G 385 -10.22 34.70 1.71
C HIS G 385 -9.36 33.45 1.79
N GLY G 386 -9.06 33.00 3.00
CA GLY G 386 -8.26 31.80 3.18
C GLY G 386 -7.25 31.91 4.30
N MET G 387 -6.96 33.13 4.73
CA MET G 387 -6.08 33.34 5.88
C MET G 387 -6.67 32.71 7.14
N SER H 2 23.22 -32.27 37.62
CA SER H 2 22.39 -32.31 36.42
C SER H 2 21.51 -33.56 36.38
N LEU H 3 20.23 -33.37 36.06
CA LEU H 3 19.31 -34.48 35.85
C LEU H 3 19.37 -34.96 34.40
N LYS H 4 18.88 -36.18 34.18
CA LYS H 4 18.69 -36.70 32.83
C LYS H 4 17.30 -37.28 32.71
N ILE H 5 16.62 -37.00 31.60
CA ILE H 5 15.28 -37.55 31.41
C ILE H 5 15.36 -39.05 31.15
N THR H 6 14.52 -39.81 31.83
CA THR H 6 14.51 -41.26 31.66
C THR H 6 13.23 -41.76 30.98
N GLU H 7 12.12 -41.09 31.26
CA GLU H 7 10.83 -41.48 30.67
C GLU H 7 9.95 -40.27 30.35
N VAL H 8 9.19 -40.40 29.27
CA VAL H 8 8.09 -39.49 28.96
C VAL H 8 6.82 -40.32 28.78
N LYS H 9 5.86 -40.15 29.68
CA LYS H 9 4.64 -40.95 29.64
C LYS H 9 3.41 -40.09 29.39
N ALA H 10 2.40 -40.67 28.76
CA ALA H 10 1.15 -39.95 28.56
C ALA H 10 0.00 -40.82 29.06
N HIS H 11 -0.65 -40.38 30.13
CA HIS H 11 -1.74 -41.15 30.71
C HIS H 11 -3.08 -40.64 30.19
N ALA H 12 -3.77 -41.44 29.40
CA ALA H 12 -5.11 -41.05 28.96
C ALA H 12 -6.13 -41.23 30.08
N LEU H 13 -6.90 -40.18 30.35
CA LEU H 13 -7.87 -40.21 31.44
C LEU H 13 -9.27 -39.84 30.94
N SER H 14 -10.27 -40.37 31.62
CA SER H 14 -11.67 -40.04 31.32
C SER H 14 -12.50 -40.09 32.58
N THR H 15 -13.40 -39.12 32.73
CA THR H 15 -14.28 -39.04 33.90
C THR H 15 -15.67 -38.61 33.46
N PRO H 16 -16.71 -39.25 34.02
CA PRO H 16 -18.09 -39.03 33.57
C PRO H 16 -18.62 -37.65 33.92
N ILE H 17 -19.61 -37.20 33.16
CA ILE H 17 -20.35 -35.98 33.48
C ILE H 17 -21.79 -36.37 33.86
N PRO H 18 -22.26 -35.89 35.01
CA PRO H 18 -23.63 -36.23 35.43
C PRO H 18 -24.64 -35.85 34.34
N GLU H 19 -25.63 -36.71 34.13
CA GLU H 19 -26.61 -36.51 33.08
C GLU H 19 -27.21 -35.10 33.12
N ARG H 20 -27.56 -34.64 34.31
CA ARG H 20 -28.18 -33.34 34.50
C ARG H 20 -27.23 -32.20 34.12
N MET H 21 -25.92 -32.47 34.16
CA MET H 21 -24.91 -31.43 33.94
C MET H 21 -24.31 -31.46 32.52
N ARG H 22 -24.87 -32.28 31.64
CA ARG H 22 -24.31 -32.41 30.30
C ARG H 22 -24.70 -31.24 29.39
N VAL H 23 -23.70 -30.57 28.83
CA VAL H 23 -23.95 -29.42 27.96
C VAL H 23 -23.90 -29.80 26.48
N GLU H 24 -24.85 -29.27 25.71
CA GLU H 24 -24.93 -29.51 24.27
C GLU H 24 -23.80 -28.81 23.54
N SER H 25 -22.63 -29.45 23.47
CA SER H 25 -21.46 -28.82 22.88
C SER H 25 -21.34 -29.18 21.40
N GLY H 26 -20.78 -30.36 21.13
CA GLY H 26 -20.63 -30.83 19.76
C GLY H 26 -21.99 -31.02 19.12
N ALA H 27 -22.05 -31.87 18.10
CA ALA H 27 -23.33 -32.20 17.50
C ALA H 27 -24.23 -32.79 18.58
N GLY H 28 -23.60 -33.40 19.58
CA GLY H 28 -24.32 -33.99 20.70
C GLY H 28 -23.80 -33.55 22.06
N LEU H 29 -24.36 -34.17 23.10
CA LEU H 29 -24.02 -33.85 24.48
C LEU H 29 -22.64 -34.36 24.88
N LYS H 30 -21.94 -33.55 25.65
CA LYS H 30 -20.71 -34.00 26.30
C LYS H 30 -21.07 -35.08 27.31
N LEU H 31 -20.34 -36.18 27.29
CA LEU H 31 -20.61 -37.30 28.18
C LEU H 31 -19.50 -37.48 29.19
N ASN H 32 -18.27 -37.25 28.75
CA ASN H 32 -17.09 -37.49 29.58
C ASN H 32 -16.05 -36.37 29.42
N ARG H 33 -15.39 -36.00 30.50
CA ARG H 33 -14.25 -35.09 30.43
C ARG H 33 -13.00 -35.93 30.27
N GLN H 34 -12.16 -35.59 29.31
CA GLN H 34 -11.00 -36.41 29.03
C GLN H 34 -9.73 -35.55 28.92
N MET H 35 -8.57 -36.19 29.07
CA MET H 35 -7.29 -35.49 28.99
C MET H 35 -6.14 -36.48 28.87
N ILE H 36 -4.98 -35.97 28.47
CA ILE H 36 -3.74 -36.70 28.58
C ILE H 36 -2.93 -36.04 29.69
N LEU H 37 -2.55 -36.83 30.69
CA LEU H 37 -1.63 -36.37 31.72
C LEU H 37 -0.22 -36.76 31.31
N VAL H 38 0.60 -35.78 30.98
CA VAL H 38 1.98 -36.06 30.61
C VAL H 38 2.80 -36.16 31.88
N GLU H 39 3.73 -37.10 31.92
CA GLU H 39 4.61 -37.28 33.06
C GLU H 39 6.05 -37.47 32.58
N VAL H 40 6.92 -36.54 32.94
CA VAL H 40 8.31 -36.63 32.56
C VAL H 40 9.13 -37.01 33.77
N ARG H 41 9.83 -38.13 33.68
CA ARG H 41 10.61 -38.63 34.80
C ARG H 41 12.11 -38.47 34.56
N THR H 42 12.86 -38.32 35.65
CA THR H 42 14.30 -38.18 35.56
C THR H 42 15.01 -39.20 36.43
N ASP H 43 16.28 -39.42 36.13
CA ASP H 43 17.11 -40.36 36.86
C ASP H 43 17.13 -40.15 38.38
N GLU H 44 16.97 -38.91 38.83
CA GLU H 44 17.02 -38.63 40.27
C GLU H 44 15.65 -38.48 40.90
N GLY H 45 14.61 -38.78 40.15
CA GLY H 45 13.27 -38.87 40.70
C GLY H 45 12.50 -37.56 40.80
N VAL H 46 13.03 -36.50 40.17
CA VAL H 46 12.29 -35.26 40.04
C VAL H 46 11.36 -35.39 38.82
N THR H 47 10.07 -35.18 39.04
CA THR H 47 9.05 -35.42 38.01
C THR H 47 8.26 -34.16 37.71
N GLY H 48 7.90 -33.98 36.43
CA GLY H 48 7.02 -32.91 36.03
C GLY H 48 5.80 -33.45 35.30
N VAL H 49 4.66 -32.78 35.44
CA VAL H 49 3.46 -33.19 34.71
C VAL H 49 2.97 -32.05 33.81
N GLY H 50 2.22 -32.44 32.77
CA GLY H 50 1.67 -31.48 31.82
C GLY H 50 0.36 -31.98 31.22
N SER H 51 -0.24 -31.15 30.36
CA SER H 51 -1.46 -31.53 29.66
C SER H 51 -1.44 -30.86 28.31
N PRO H 52 -1.73 -31.63 27.25
CA PRO H 52 -1.83 -31.04 25.91
C PRO H 52 -3.25 -30.63 25.54
N SER H 53 -4.09 -30.34 26.53
CA SER H 53 -5.45 -29.87 26.23
C SER H 53 -6.26 -30.90 25.44
N GLY H 54 -7.36 -30.43 24.85
CA GLY H 54 -8.25 -31.27 24.07
C GLY H 54 -9.39 -30.43 23.58
N PRO H 55 -10.31 -31.01 22.81
CA PRO H 55 -10.28 -32.42 22.43
C PRO H 55 -9.33 -32.66 21.26
N TYR H 56 -8.49 -33.68 21.43
CA TYR H 56 -7.71 -34.27 20.35
C TYR H 56 -7.83 -35.77 20.64
N ASP H 57 -7.70 -36.61 19.63
CA ASP H 57 -7.77 -38.05 19.86
C ASP H 57 -6.72 -38.48 20.88
N LEU H 58 -7.14 -39.22 21.89
CA LEU H 58 -6.24 -39.56 22.99
C LEU H 58 -5.15 -40.54 22.57
N ALA H 59 -5.48 -41.43 21.63
CA ALA H 59 -4.51 -42.38 21.13
C ALA H 59 -3.43 -41.69 20.28
N VAL H 60 -3.84 -40.73 19.48
CA VAL H 60 -2.89 -39.94 18.71
C VAL H 60 -1.95 -39.16 19.63
N LEU H 61 -2.51 -38.51 20.64
CA LEU H 61 -1.71 -37.75 21.58
C LEU H 61 -0.71 -38.63 22.33
N LYS H 62 -1.17 -39.79 22.82
CA LYS H 62 -0.30 -40.71 23.55
C LYS H 62 0.86 -41.17 22.68
N ARG H 63 0.55 -41.60 21.46
CA ARG H 63 1.58 -42.02 20.52
C ARG H 63 2.56 -40.88 20.19
N ALA H 64 2.04 -39.69 19.92
CA ALA H 64 2.92 -38.58 19.56
C ALA H 64 3.86 -38.22 20.70
N ILE H 65 3.30 -38.15 21.91
CA ILE H 65 4.06 -37.79 23.10
C ILE H 65 5.11 -38.84 23.46
N GLU H 66 4.69 -40.10 23.56
CA GLU H 66 5.61 -41.15 24.02
C GLU H 66 6.62 -41.61 22.98
N ASP H 67 6.20 -41.64 21.71
CA ASP H 67 7.00 -42.30 20.68
C ASP H 67 7.53 -41.42 19.55
N VAL H 68 7.03 -40.19 19.44
CA VAL H 68 7.58 -39.23 18.49
C VAL H 68 8.43 -38.19 19.22
N ILE H 69 7.82 -37.51 20.17
CA ILE H 69 8.53 -36.51 20.97
C ILE H 69 9.46 -37.15 22.00
N GLY H 70 8.92 -38.09 22.78
CA GLY H 70 9.67 -38.74 23.85
C GLY H 70 11.09 -39.13 23.51
N PRO H 71 11.31 -39.82 22.38
CA PRO H 71 12.65 -40.28 22.04
C PRO H 71 13.69 -39.16 21.84
N GLN H 72 13.23 -37.94 21.57
CA GLN H 72 14.13 -36.79 21.44
C GLN H 72 14.55 -36.26 22.80
N LEU H 73 13.84 -36.66 23.84
CA LEU H 73 14.06 -36.15 25.20
C LEU H 73 14.87 -37.10 26.07
N ILE H 74 14.72 -38.41 25.83
CA ILE H 74 15.38 -39.40 26.70
C ILE H 74 16.89 -39.20 26.70
N GLY H 75 17.47 -39.09 27.88
CA GLY H 75 18.91 -38.90 28.00
C GLY H 75 19.32 -37.44 28.08
N GLU H 76 18.38 -36.55 27.79
CA GLU H 76 18.67 -35.10 27.79
C GLU H 76 18.51 -34.46 29.17
N ASP H 77 19.27 -33.39 29.41
CA ASP H 77 19.10 -32.55 30.59
C ASP H 77 17.79 -31.76 30.45
N PRO H 78 16.83 -31.97 31.37
CA PRO H 78 15.53 -31.32 31.25
C PRO H 78 15.59 -29.82 31.49
N ALA H 79 16.68 -29.35 32.10
CA ALA H 79 16.84 -27.93 32.39
C ALA H 79 16.90 -27.05 31.13
N ASN H 80 17.33 -27.61 30.01
CA ASN H 80 17.45 -26.84 28.77
C ASN H 80 16.17 -26.87 27.97
N ILE H 81 15.10 -26.31 28.54
CA ILE H 81 13.80 -26.34 27.91
C ILE H 81 13.83 -25.65 26.54
N ASN H 82 14.53 -24.53 26.44
CA ASN H 82 14.62 -23.83 25.16
C ASN H 82 15.26 -24.68 24.08
N TYR H 83 16.39 -25.31 24.41
CA TYR H 83 17.02 -26.23 23.48
C TYR H 83 16.08 -27.37 23.07
N LEU H 84 15.42 -27.97 24.04
CA LEU H 84 14.58 -29.14 23.79
C LEU H 84 13.34 -28.80 22.95
N TRP H 85 12.83 -27.58 23.11
CA TRP H 85 11.68 -27.16 22.32
C TRP H 85 12.05 -27.23 20.86
N HIS H 86 13.20 -26.65 20.53
CA HIS H 86 13.61 -26.58 19.13
C HIS H 86 14.11 -27.92 18.60
N LYS H 87 14.81 -28.67 19.44
CA LYS H 87 15.20 -30.02 19.03
C LYS H 87 14.00 -30.80 18.56
N VAL H 88 12.90 -30.69 19.32
CA VAL H 88 11.69 -31.47 19.02
C VAL H 88 10.94 -30.92 17.79
N PHE H 89 10.80 -29.60 17.71
CA PHE H 89 10.06 -28.98 16.61
C PHE H 89 10.74 -29.21 15.27
N HIS H 90 12.02 -28.89 15.19
CA HIS H 90 12.77 -29.03 13.93
C HIS H 90 13.17 -30.47 13.59
N GLY H 91 13.41 -31.28 14.62
CA GLY H 91 13.81 -32.66 14.40
C GLY H 91 12.67 -33.58 13.95
N GLU H 92 11.48 -33.33 14.48
CA GLU H 92 10.35 -34.23 14.28
C GLU H 92 9.02 -33.56 13.98
N VAL H 93 8.58 -32.68 14.88
CA VAL H 93 7.17 -32.29 14.91
C VAL H 93 6.72 -31.49 13.70
N SER H 94 7.44 -30.42 13.36
CA SER H 94 7.02 -29.57 12.25
C SER H 94 6.73 -30.36 10.97
N ARG H 95 7.72 -31.08 10.46
CA ARG H 95 7.54 -31.82 9.21
C ARG H 95 6.72 -33.09 9.37
N ASN H 96 6.93 -33.82 10.45
CA ASN H 96 6.39 -35.19 10.56
C ASN H 96 5.04 -35.30 11.28
N LEU H 97 4.59 -34.21 11.89
CA LEU H 97 3.22 -34.14 12.39
C LEU H 97 2.48 -32.92 11.85
N GLY H 98 3.22 -31.98 11.27
CA GLY H 98 2.62 -30.79 10.65
C GLY H 98 2.84 -29.56 11.51
N HIS H 99 3.06 -28.42 10.87
CA HIS H 99 3.47 -27.22 11.60
C HIS H 99 2.38 -26.57 12.48
N ARG H 100 1.11 -26.84 12.18
CA ARG H 100 0.00 -26.32 12.97
C ARG H 100 -0.96 -27.45 13.30
N SER H 101 -0.55 -28.28 14.26
CA SER H 101 -1.11 -29.61 14.37
C SER H 101 -1.30 -30.08 15.80
N VAL H 102 -1.96 -31.21 15.94
CA VAL H 102 -2.01 -31.92 17.22
C VAL H 102 -0.60 -32.22 17.72
N GLY H 103 0.38 -32.30 16.83
CA GLY H 103 1.77 -32.44 17.24
C GLY H 103 2.25 -31.25 18.08
N ILE H 104 1.78 -30.06 17.72
CA ILE H 104 2.12 -28.86 18.50
C ILE H 104 1.45 -28.90 19.88
N ALA H 105 0.21 -29.37 19.94
CA ALA H 105 -0.44 -29.54 21.25
C ALA H 105 0.31 -30.59 22.09
N ALA H 106 0.72 -31.67 21.46
CA ALA H 106 1.52 -32.70 22.14
C ALA H 106 2.80 -32.09 22.71
N MET H 107 3.51 -31.30 21.90
CA MET H 107 4.69 -30.55 22.37
C MET H 107 4.37 -29.66 23.56
N SER H 108 3.19 -29.05 23.55
CA SER H 108 2.77 -28.12 24.59
C SER H 108 2.68 -28.82 25.93
N GLY H 109 2.08 -30.00 25.91
CA GLY H 109 1.93 -30.77 27.13
C GLY H 109 3.29 -31.14 27.71
N VAL H 110 4.23 -31.51 26.85
CA VAL H 110 5.55 -31.89 27.29
C VAL H 110 6.33 -30.67 27.80
N ASP H 111 6.22 -29.56 27.08
CA ASP H 111 6.88 -28.32 27.49
C ASP H 111 6.37 -27.86 28.87
N ILE H 112 5.06 -27.97 29.10
CA ILE H 112 4.50 -27.63 30.39
C ILE H 112 5.08 -28.53 31.49
N ALA H 113 5.17 -29.82 31.20
CA ALA H 113 5.78 -30.78 32.13
C ALA H 113 7.24 -30.42 32.43
N LEU H 114 7.96 -29.96 31.42
CA LEU H 114 9.35 -29.55 31.64
C LEU H 114 9.45 -28.32 32.53
N TRP H 115 8.52 -27.37 32.39
CA TRP H 115 8.47 -26.21 33.26
C TRP H 115 8.05 -26.58 34.69
N ASP H 116 7.11 -27.49 34.80
CA ASP H 116 6.71 -28.02 36.10
C ASP H 116 7.92 -28.67 36.77
N LEU H 117 8.66 -29.46 35.99
CA LEU H 117 9.86 -30.14 36.48
C LEU H 117 10.90 -29.11 36.96
N LYS H 118 11.09 -28.05 36.19
CA LYS H 118 12.07 -27.03 36.55
C LYS H 118 11.68 -26.33 37.85
N GLY H 119 10.42 -25.93 37.97
CA GLY H 119 9.98 -25.27 39.19
C GLY H 119 10.08 -26.19 40.39
N ARG H 120 9.70 -27.45 40.22
CA ARG H 120 9.84 -28.41 41.31
C ARG H 120 11.30 -28.58 41.73
N ALA H 121 12.20 -28.62 40.75
CA ALA H 121 13.62 -28.73 41.03
C ALA H 121 14.16 -27.51 41.78
N MET H 122 13.66 -26.33 41.42
CA MET H 122 14.08 -25.09 42.07
C MET H 122 13.26 -24.77 43.30
N ASN H 123 12.20 -25.53 43.53
CA ASN H 123 11.28 -25.26 44.63
C ASN H 123 10.62 -23.89 44.50
N GLN H 124 10.20 -23.53 43.29
CA GLN H 124 9.58 -22.25 43.03
C GLN H 124 8.39 -22.43 42.10
N PRO H 125 7.31 -21.66 42.33
CA PRO H 125 6.18 -21.64 41.40
C PRO H 125 6.65 -21.08 40.06
N ILE H 126 6.05 -21.53 38.98
CA ILE H 126 6.45 -21.08 37.66
C ILE H 126 6.39 -19.55 37.52
N TYR H 127 5.36 -18.91 38.07
CA TYR H 127 5.23 -17.48 37.87
C TYR H 127 6.44 -16.71 38.41
N GLN H 128 7.10 -17.27 39.43
CA GLN H 128 8.26 -16.59 40.02
C GLN H 128 9.45 -16.70 39.07
N LEU H 129 9.55 -17.82 38.36
CA LEU H 129 10.61 -17.98 37.37
C LEU H 129 10.42 -16.98 36.23
N LEU H 130 9.16 -16.61 35.98
CA LEU H 130 8.83 -15.75 34.83
C LEU H 130 8.92 -14.26 35.15
N GLY H 131 9.66 -13.93 36.20
CA GLY H 131 9.82 -12.55 36.60
C GLY H 131 8.84 -12.10 37.67
N GLY H 132 8.10 -13.04 38.24
CA GLY H 132 7.15 -12.71 39.29
C GLY H 132 5.85 -12.11 38.79
N LYS H 133 4.96 -11.79 39.71
CA LYS H 133 3.66 -11.25 39.36
C LYS H 133 3.70 -9.86 38.76
N PHE H 134 2.82 -9.64 37.79
CA PHE H 134 2.41 -8.31 37.45
C PHE H 134 1.11 -8.04 38.20
N HIS H 135 0.19 -9.00 38.14
CA HIS H 135 -1.11 -8.85 38.79
C HIS H 135 -1.02 -9.26 40.25
N THR H 136 -0.43 -8.38 41.07
CA THR H 136 -0.15 -8.73 42.46
C THR H 136 -1.40 -9.03 43.29
N ARG H 137 -2.50 -8.34 43.01
CA ARG H 137 -3.74 -8.52 43.77
C ARG H 137 -4.60 -9.70 43.27
N GLY H 138 -4.26 -10.23 42.10
CA GLY H 138 -5.03 -11.33 41.55
C GLY H 138 -5.43 -11.06 40.11
N VAL H 139 -5.98 -12.08 39.46
CA VAL H 139 -6.28 -12.04 38.04
C VAL H 139 -7.78 -12.05 37.78
N ARG H 140 -8.28 -11.06 37.05
CA ARG H 140 -9.71 -10.98 36.76
C ARG H 140 -10.17 -12.15 35.89
N ALA H 141 -11.18 -12.88 36.35
CA ALA H 141 -11.67 -14.04 35.60
C ALA H 141 -13.02 -13.81 34.95
N TYR H 142 -13.32 -14.57 33.90
CA TYR H 142 -14.66 -14.55 33.34
C TYR H 142 -15.27 -15.94 33.34
N ALA H 143 -16.58 -16.00 33.53
CA ALA H 143 -17.30 -17.28 33.55
C ALA H 143 -17.63 -17.75 32.13
N SER H 144 -17.19 -18.95 31.78
CA SER H 144 -17.45 -19.47 30.45
C SER H 144 -18.19 -20.81 30.50
N SER H 145 -19.35 -20.92 29.87
CA SER H 145 -20.02 -19.85 29.15
C SER H 145 -21.52 -20.07 29.24
N ILE H 146 -22.29 -19.05 28.88
CA ILE H 146 -23.74 -19.19 28.78
C ILE H 146 -24.12 -19.70 27.39
N TYR H 147 -24.92 -20.77 27.34
CA TYR H 147 -25.36 -21.33 26.06
C TYR H 147 -26.40 -20.42 25.39
N TRP H 148 -26.54 -20.55 24.07
CA TRP H 148 -27.40 -19.66 23.29
C TRP H 148 -28.88 -20.10 23.25
N ASP H 149 -29.12 -21.39 23.44
CA ASP H 149 -30.48 -21.91 23.30
C ASP H 149 -31.30 -21.64 24.55
N LEU H 150 -31.64 -20.37 24.77
CA LEU H 150 -32.38 -19.95 25.93
C LEU H 150 -33.28 -18.79 25.58
N THR H 151 -34.34 -18.60 26.36
CA THR H 151 -35.11 -17.37 26.27
C THR H 151 -34.19 -16.25 26.73
N PRO H 152 -34.43 -15.02 26.26
CA PRO H 152 -33.65 -13.87 26.74
C PRO H 152 -33.69 -13.79 28.27
N ASP H 153 -34.87 -13.97 28.86
CA ASP H 153 -35.01 -13.93 30.32
C ASP H 153 -34.09 -14.92 31.01
N GLN H 154 -34.02 -16.14 30.48
CA GLN H 154 -33.14 -17.15 31.03
C GLN H 154 -31.67 -16.74 30.94
N ALA H 155 -31.29 -16.16 29.80
CA ALA H 155 -29.93 -15.70 29.60
C ALA H 155 -29.59 -14.60 30.58
N ALA H 156 -30.48 -13.64 30.72
CA ALA H 156 -30.31 -12.56 31.68
C ALA H 156 -30.18 -13.13 33.08
N ASP H 157 -31.03 -14.09 33.43
CA ASP H 157 -30.98 -14.72 34.74
C ASP H 157 -29.65 -15.39 35.00
N GLU H 158 -29.16 -16.14 34.02
CA GLU H 158 -27.90 -16.85 34.22
C GLU H 158 -26.72 -15.88 34.36
N LEU H 159 -26.69 -14.86 33.52
CA LEU H 159 -25.65 -13.84 33.65
C LEU H 159 -25.70 -13.22 35.05
N ALA H 160 -26.88 -12.80 35.48
CA ALA H 160 -27.03 -12.16 36.80
C ALA H 160 -26.54 -13.10 37.90
N GLY H 161 -26.77 -14.39 37.69
CA GLY H 161 -26.34 -15.42 38.63
C GLY H 161 -24.83 -15.47 38.78
N TRP H 162 -24.11 -15.38 37.67
CA TRP H 162 -22.65 -15.37 37.70
C TRP H 162 -22.12 -14.10 38.36
N VAL H 163 -22.79 -12.98 38.12
CA VAL H 163 -22.46 -11.73 38.77
C VAL H 163 -22.73 -11.81 40.27
N GLU H 164 -23.87 -12.38 40.65
CA GLU H 164 -24.18 -12.63 42.06
C GLU H 164 -23.03 -13.38 42.72
N GLN H 165 -22.37 -14.21 41.91
CA GLN H 165 -21.34 -15.10 42.39
C GLN H 165 -19.96 -14.44 42.47
N GLY H 166 -19.85 -13.22 41.93
CA GLY H 166 -18.60 -12.49 42.04
C GLY H 166 -17.89 -12.20 40.73
N PHE H 167 -18.31 -12.88 39.66
CA PHE H 167 -17.73 -12.61 38.33
C PHE H 167 -18.06 -11.21 37.84
N THR H 168 -17.05 -10.55 37.25
CA THR H 168 -17.25 -9.21 36.70
C THR H 168 -17.33 -9.29 35.17
N ALA H 169 -17.32 -10.51 34.67
CA ALA H 169 -17.34 -10.75 33.23
C ALA H 169 -17.81 -12.17 32.95
N ALA H 170 -18.43 -12.38 31.79
CA ALA H 170 -18.91 -13.71 31.41
C ALA H 170 -19.02 -13.79 29.89
N LYS H 171 -19.00 -15.01 29.35
CA LYS H 171 -19.03 -15.22 27.90
C LYS H 171 -20.29 -15.95 27.45
N LEU H 172 -20.85 -15.48 26.33
CA LEU H 172 -22.04 -16.06 25.73
C LEU H 172 -21.70 -16.70 24.39
N LYS H 173 -22.25 -17.88 24.14
CA LYS H 173 -22.14 -18.47 22.79
C LYS H 173 -23.11 -17.79 21.83
N VAL H 174 -22.63 -17.47 20.63
CA VAL H 174 -23.48 -16.87 19.59
C VAL H 174 -23.18 -17.48 18.24
N GLY H 175 -23.95 -17.07 17.23
CA GLY H 175 -23.64 -17.44 15.86
C GLY H 175 -24.54 -18.53 15.30
N ARG H 176 -25.09 -19.34 16.19
CA ARG H 176 -25.91 -20.47 15.79
C ARG H 176 -27.37 -20.05 15.55
N ALA H 177 -27.82 -19.04 16.29
CA ALA H 177 -29.17 -18.50 16.12
C ALA H 177 -29.18 -16.98 16.33
N PRO H 178 -28.72 -16.23 15.33
CA PRO H 178 -28.49 -14.78 15.44
C PRO H 178 -29.64 -13.99 16.06
N ARG H 179 -30.89 -14.34 15.78
CA ARG H 179 -32.01 -13.59 16.34
C ARG H 179 -32.11 -13.80 17.85
N LYS H 180 -31.92 -15.04 18.29
CA LYS H 180 -31.80 -15.33 19.71
C LYS H 180 -30.63 -14.56 20.34
N ASP H 181 -29.47 -14.59 19.67
CA ASP H 181 -28.29 -13.87 20.16
C ASP H 181 -28.61 -12.41 20.43
N ALA H 182 -29.22 -11.73 19.46
CA ALA H 182 -29.58 -10.33 19.64
C ALA H 182 -30.49 -10.15 20.86
N ALA H 183 -31.51 -10.98 20.95
CA ALA H 183 -32.48 -10.88 22.04
C ALA H 183 -31.83 -11.13 23.40
N ASN H 184 -30.97 -12.14 23.45
CA ASN H 184 -30.23 -12.49 24.66
C ASN H 184 -29.35 -11.34 25.14
N LEU H 185 -28.50 -10.83 24.25
CA LEU H 185 -27.59 -9.75 24.61
C LEU H 185 -28.32 -8.53 25.13
N ARG H 186 -29.41 -8.16 24.48
CA ARG H 186 -30.17 -6.98 24.88
C ARG H 186 -30.73 -7.16 26.28
N ALA H 187 -31.30 -8.33 26.54
CA ALA H 187 -31.83 -8.65 27.85
C ALA H 187 -30.72 -8.69 28.90
N MET H 188 -29.60 -9.33 28.54
CA MET H 188 -28.47 -9.44 29.46
C MET H 188 -27.92 -8.07 29.86
N ARG H 189 -27.65 -7.23 28.87
CA ARG H 189 -27.10 -5.90 29.14
C ARG H 189 -28.05 -5.05 30.00
N GLN H 190 -29.34 -5.12 29.71
CA GLN H 190 -30.31 -4.36 30.49
C GLN H 190 -30.27 -4.83 31.95
N ARG H 191 -30.21 -6.15 32.13
CA ARG H 191 -30.19 -6.74 33.47
C ARG H 191 -29.01 -6.31 34.34
N VAL H 192 -27.79 -6.39 33.80
CA VAL H 192 -26.59 -6.20 34.62
C VAL H 192 -25.97 -4.80 34.56
N GLY H 193 -26.37 -4.00 33.58
CA GLY H 193 -25.82 -2.67 33.44
C GLY H 193 -24.43 -2.70 32.80
N ALA H 194 -23.74 -1.57 32.86
CA ALA H 194 -22.49 -1.39 32.14
C ALA H 194 -21.24 -1.92 32.84
N ASP H 195 -21.34 -2.21 34.13
CA ASP H 195 -20.18 -2.58 34.93
C ASP H 195 -19.70 -4.02 34.71
N VAL H 196 -20.51 -4.81 34.02
CA VAL H 196 -20.17 -6.20 33.77
C VAL H 196 -19.79 -6.36 32.29
N GLU H 197 -18.67 -7.02 32.03
CA GLU H 197 -18.23 -7.25 30.65
C GLU H 197 -18.90 -8.48 30.07
N ILE H 198 -19.44 -8.35 28.88
CA ILE H 198 -20.04 -9.50 28.22
C ILE H 198 -19.22 -9.87 26.99
N LEU H 199 -18.71 -11.09 26.97
CA LEU H 199 -17.92 -11.60 25.86
C LEU H 199 -18.79 -12.54 25.04
N VAL H 200 -18.53 -12.62 23.73
CA VAL H 200 -19.24 -13.62 22.93
C VAL H 200 -18.25 -14.51 22.19
N ASP H 201 -18.71 -15.70 21.83
CA ASP H 201 -17.88 -16.69 21.16
C ASP H 201 -18.72 -17.39 20.09
N ALA H 202 -18.30 -17.27 18.83
CA ALA H 202 -19.06 -17.80 17.71
C ALA H 202 -18.57 -19.16 17.28
N ASN H 203 -17.45 -19.62 17.83
CA ASN H 203 -16.88 -20.91 17.48
C ASN H 203 -16.72 -21.12 15.97
N GLN H 204 -16.31 -20.06 15.28
CA GLN H 204 -16.04 -20.08 13.83
C GLN H 204 -17.30 -20.31 12.99
N SER H 205 -18.46 -19.99 13.53
CA SER H 205 -19.71 -20.43 12.91
C SER H 205 -20.26 -19.46 11.86
N LEU H 206 -19.66 -18.28 11.73
CA LEU H 206 -20.21 -17.28 10.82
C LEU H 206 -19.37 -17.06 9.56
N GLY H 207 -20.05 -16.63 8.50
CA GLY H 207 -19.38 -16.14 7.32
C GLY H 207 -19.16 -14.65 7.49
N ARG H 208 -18.43 -14.03 6.58
CA ARG H 208 -18.09 -12.61 6.71
C ARG H 208 -19.28 -11.69 6.90
N HIS H 209 -20.29 -11.83 6.03
CA HIS H 209 -21.40 -10.89 6.04
C HIS H 209 -22.28 -11.07 7.26
N ASP H 210 -22.55 -12.32 7.64
CA ASP H 210 -23.27 -12.57 8.90
C ASP H 210 -22.47 -12.07 10.11
N ALA H 211 -21.16 -12.16 10.06
CA ALA H 211 -20.33 -11.63 11.16
C ALA H 211 -20.38 -10.10 11.22
N LEU H 212 -20.46 -9.43 10.06
CA LEU H 212 -20.57 -7.98 10.07
C LEU H 212 -21.91 -7.59 10.68
N ALA H 213 -22.97 -8.31 10.33
CA ALA H 213 -24.27 -8.05 10.93
C ALA H 213 -24.19 -8.27 12.43
N MET H 214 -23.54 -9.37 12.84
CA MET H 214 -23.46 -9.71 14.25
C MET H 214 -22.69 -8.61 14.98
N LEU H 215 -21.62 -8.14 14.36
CA LEU H 215 -20.75 -7.15 15.01
C LEU H 215 -21.51 -5.88 15.35
N ARG H 216 -22.46 -5.49 14.50
CA ARG H 216 -23.29 -4.34 14.79
C ARG H 216 -24.07 -4.52 16.08
N ILE H 217 -24.62 -5.72 16.26
CA ILE H 217 -25.33 -6.07 17.49
C ILE H 217 -24.41 -6.07 18.72
N LEU H 218 -23.20 -6.60 18.55
CA LEU H 218 -22.22 -6.64 19.64
C LEU H 218 -21.82 -5.25 20.09
N ASP H 219 -21.64 -4.36 19.12
CA ASP H 219 -21.29 -2.97 19.35
C ASP H 219 -22.42 -2.33 20.17
N GLU H 220 -23.65 -2.53 19.71
CA GLU H 220 -24.83 -1.96 20.38
C GLU H 220 -24.90 -2.40 21.84
N ALA H 221 -24.58 -3.66 22.09
CA ALA H 221 -24.58 -4.22 23.44
C ALA H 221 -23.30 -3.95 24.24
N GLY H 222 -22.33 -3.26 23.64
CA GLY H 222 -21.10 -2.96 24.36
C GLY H 222 -20.27 -4.18 24.74
N CYS H 223 -20.25 -5.19 23.87
CA CYS H 223 -19.50 -6.42 24.17
C CYS H 223 -17.99 -6.24 24.20
N TYR H 224 -17.34 -7.01 25.06
CA TYR H 224 -15.90 -6.86 25.28
C TYR H 224 -15.12 -7.42 24.11
N TRP H 225 -15.49 -8.63 23.69
CA TRP H 225 -14.85 -9.21 22.51
C TRP H 225 -15.74 -10.15 21.71
N PHE H 226 -15.32 -10.37 20.47
CA PHE H 226 -16.03 -11.23 19.52
C PHE H 226 -15.04 -12.33 19.20
N GLU H 227 -15.25 -13.50 19.79
CA GLU H 227 -14.28 -14.58 19.74
C GLU H 227 -14.59 -15.58 18.63
N GLU H 228 -13.54 -15.99 17.92
CA GLU H 228 -13.64 -16.87 16.76
C GLU H 228 -14.84 -16.52 15.86
N PRO H 229 -14.92 -15.27 15.40
CA PRO H 229 -16.08 -14.88 14.59
C PRO H 229 -16.18 -15.69 13.30
N LEU H 230 -15.02 -16.05 12.75
CA LEU H 230 -14.94 -16.70 11.44
C LEU H 230 -14.02 -17.91 11.50
N SER H 231 -14.01 -18.66 10.41
CA SER H 231 -13.01 -19.69 10.20
C SER H 231 -11.63 -19.12 10.49
N ILE H 232 -10.82 -19.87 11.24
CA ILE H 232 -9.48 -19.40 11.56
C ILE H 232 -8.61 -19.33 10.32
N ASP H 233 -9.09 -19.93 9.23
CA ASP H 233 -8.34 -19.92 8.00
C ASP H 233 -8.54 -18.64 7.19
N ASP H 234 -9.54 -17.84 7.58
CA ASP H 234 -9.86 -16.62 6.83
C ASP H 234 -9.26 -15.38 7.51
N ILE H 235 -7.97 -15.13 7.31
CA ILE H 235 -7.35 -14.00 8.01
C ILE H 235 -7.95 -12.66 7.56
N GLU H 236 -8.17 -12.50 6.25
CA GLU H 236 -8.66 -11.23 5.72
C GLU H 236 -10.06 -10.86 6.26
N GLY H 237 -10.91 -11.86 6.48
CA GLY H 237 -12.20 -11.64 7.09
C GLY H 237 -12.08 -11.02 8.48
N HIS H 238 -11.09 -11.47 9.24
CA HIS H 238 -10.84 -10.86 10.55
C HIS H 238 -10.38 -9.41 10.42
N ARG H 239 -9.52 -9.13 9.45
CA ARG H 239 -9.12 -7.74 9.18
C ARG H 239 -10.36 -6.90 8.89
N ILE H 240 -11.26 -7.44 8.08
CA ILE H 240 -12.45 -6.68 7.69
C ILE H 240 -13.30 -6.32 8.91
N LEU H 241 -13.50 -7.27 9.80
CA LEU H 241 -14.22 -7.01 11.06
C LEU H 241 -13.51 -5.96 11.91
N ARG H 242 -12.20 -6.10 12.06
CA ARG H 242 -11.45 -5.19 12.93
C ARG H 242 -11.44 -3.78 12.34
N ALA H 243 -11.45 -3.71 11.01
CA ALA H 243 -11.37 -2.44 10.29
C ALA H 243 -12.62 -1.57 10.50
N GLN H 244 -13.70 -2.19 10.98
CA GLN H 244 -14.91 -1.43 11.24
C GLN H 244 -14.73 -0.40 12.36
N GLY H 245 -13.65 -0.56 13.14
CA GLY H 245 -13.26 0.41 14.16
C GLY H 245 -14.18 0.50 15.38
N THR H 246 -14.87 -0.59 15.72
CA THR H 246 -15.70 -0.59 16.92
C THR H 246 -14.87 -0.85 18.18
N PRO H 247 -15.45 -0.59 19.35
CA PRO H 247 -14.75 -0.90 20.61
C PRO H 247 -14.80 -2.40 20.94
N VAL H 248 -15.42 -3.22 20.08
CA VAL H 248 -15.46 -4.65 20.32
C VAL H 248 -14.19 -5.29 19.78
N ARG H 249 -13.45 -5.96 20.67
CA ARG H 249 -12.20 -6.62 20.29
C ARG H 249 -12.45 -7.84 19.41
N ILE H 250 -11.66 -7.99 18.35
CA ILE H 250 -11.68 -9.24 17.60
C ILE H 250 -10.68 -10.21 18.23
N ALA H 251 -11.17 -11.37 18.69
CA ALA H 251 -10.35 -12.32 19.42
C ALA H 251 -10.36 -13.68 18.74
N THR H 252 -9.20 -14.32 18.64
CA THR H 252 -9.14 -15.71 18.18
C THR H 252 -7.82 -16.31 18.64
N GLY H 253 -7.72 -17.64 18.64
CA GLY H 253 -6.46 -18.25 19.00
C GLY H 253 -6.46 -19.67 19.54
N GLU H 254 -7.59 -20.14 20.04
CA GLU H 254 -7.62 -21.49 20.61
C GLU H 254 -7.35 -22.59 19.59
N ASN H 255 -7.50 -22.28 18.30
CA ASN H 255 -7.24 -23.26 17.25
C ASN H 255 -6.11 -22.84 16.30
N LEU H 256 -5.36 -21.83 16.71
CA LEU H 256 -4.17 -21.40 15.98
C LEU H 256 -2.90 -21.86 16.72
N TYR H 257 -1.83 -22.12 15.98
CA TYR H 257 -0.66 -22.77 16.56
C TYR H 257 0.64 -22.04 16.28
N THR H 258 1.44 -21.89 17.34
CA THR H 258 2.76 -21.24 17.32
C THR H 258 2.67 -19.73 17.15
N ARG H 259 3.77 -19.05 17.42
CA ARG H 259 3.80 -17.60 17.28
C ARG H 259 3.57 -17.19 15.83
N ASN H 260 3.86 -18.10 14.90
CA ASN H 260 3.79 -17.78 13.48
C ASN H 260 2.37 -17.51 13.01
N ALA H 261 1.41 -18.24 13.57
CA ALA H 261 0.01 -18.01 13.24
C ALA H 261 -0.37 -16.60 13.65
N PHE H 262 -0.01 -16.23 14.86
CA PHE H 262 -0.40 -14.94 15.39
C PHE H 262 0.34 -13.80 14.69
N ASN H 263 1.59 -14.05 14.32
CA ASN H 263 2.33 -13.06 13.52
C ASN H 263 1.61 -12.76 12.20
N ASP H 264 1.10 -13.81 11.54
CA ASP H 264 0.36 -13.60 10.30
C ASP H 264 -0.88 -12.73 10.53
N TYR H 265 -1.57 -12.98 11.63
CA TYR H 265 -2.75 -12.16 11.95
C TYR H 265 -2.38 -10.70 12.23
N ILE H 266 -1.34 -10.51 13.03
CA ILE H 266 -0.90 -9.16 13.36
C ILE H 266 -0.45 -8.40 12.12
N ARG H 267 0.33 -9.05 11.27
CA ARG H 267 0.82 -8.41 10.03
C ARG H 267 -0.31 -8.02 9.09
N ASN H 268 -1.44 -8.69 9.20
CA ASN H 268 -2.60 -8.36 8.39
C ASN H 268 -3.62 -7.51 9.13
N ASP H 269 -3.21 -6.95 10.26
CA ASP H 269 -4.10 -6.07 11.03
C ASP H 269 -5.41 -6.76 11.36
N ALA H 270 -5.34 -8.05 11.70
CA ALA H 270 -6.54 -8.87 11.76
C ALA H 270 -6.92 -9.34 13.16
N ILE H 271 -6.25 -8.84 14.19
CA ILE H 271 -6.51 -9.34 15.54
C ILE H 271 -6.28 -8.29 16.64
N ASP H 272 -7.16 -8.27 17.64
CA ASP H 272 -7.01 -7.41 18.82
C ASP H 272 -6.56 -8.20 20.04
N VAL H 273 -7.09 -9.41 20.17
CA VAL H 273 -6.81 -10.28 21.31
C VAL H 273 -6.33 -11.64 20.84
N LEU H 274 -5.09 -11.97 21.17
CA LEU H 274 -4.54 -13.27 20.84
C LEU H 274 -4.90 -14.26 21.95
N GLN H 275 -5.45 -15.40 21.59
CA GLN H 275 -5.92 -16.32 22.61
C GLN H 275 -5.12 -17.59 22.70
N ALA H 276 -3.86 -17.52 22.28
CA ALA H 276 -2.97 -18.68 22.32
C ALA H 276 -2.98 -19.33 23.71
N ASP H 277 -3.29 -20.62 23.73
CA ASP H 277 -3.36 -21.43 24.96
C ASP H 277 -1.98 -22.07 25.18
N ALA H 278 -1.37 -21.85 26.34
CA ALA H 278 -0.08 -22.47 26.65
C ALA H 278 -0.08 -23.98 26.40
N SER H 279 -1.24 -24.62 26.58
CA SER H 279 -1.32 -26.07 26.47
C SER H 279 -1.68 -26.58 25.07
N ARG H 280 -1.85 -25.65 24.13
CA ARG H 280 -2.19 -26.01 22.75
C ARG H 280 -1.22 -25.44 21.73
N ALA H 281 -0.86 -24.17 21.92
CA ALA H 281 -0.18 -23.38 20.88
C ALA H 281 1.33 -23.56 20.85
N GLY H 282 1.87 -24.35 21.79
CA GLY H 282 3.29 -24.69 21.75
C GLY H 282 3.98 -24.75 23.10
N GLY H 283 3.25 -24.56 24.18
CA GLY H 283 3.82 -24.69 25.51
C GLY H 283 3.93 -23.34 26.21
N ILE H 284 4.34 -23.38 27.48
CA ILE H 284 4.66 -22.17 28.21
C ILE H 284 5.75 -21.39 27.47
N THR H 285 6.72 -22.10 26.92
CA THR H 285 7.82 -21.47 26.21
C THR H 285 7.29 -20.61 25.04
N GLU H 286 6.36 -21.18 24.28
CA GLU H 286 5.81 -20.47 23.12
C GLU H 286 4.81 -19.39 23.53
N ALA H 287 4.01 -19.66 24.55
CA ALA H 287 3.02 -18.69 25.02
C ALA H 287 3.70 -17.42 25.52
N LEU H 288 4.83 -17.57 26.20
CA LEU H 288 5.62 -16.42 26.64
C LEU H 288 5.96 -15.52 25.45
N ALA H 289 6.43 -16.15 24.38
CA ALA H 289 6.82 -15.39 23.21
C ALA H 289 5.61 -14.74 22.57
N ILE H 290 4.48 -15.46 22.57
CA ILE H 290 3.28 -14.90 21.94
C ILE H 290 2.78 -13.68 22.73
N SER H 291 2.78 -13.81 24.05
CA SER H 291 2.36 -12.72 24.93
C SER H 291 3.24 -11.48 24.73
N ALA H 292 4.55 -11.70 24.60
CA ALA H 292 5.48 -10.59 24.41
C ALA H 292 5.22 -9.91 23.06
N SER H 293 5.02 -10.73 22.06
CA SER H 293 4.77 -10.24 20.70
C SER H 293 3.48 -9.43 20.60
N ALA H 294 2.43 -9.87 21.31
CA ALA H 294 1.21 -9.10 21.40
C ALA H 294 1.49 -7.71 21.96
N ALA H 295 2.22 -7.66 23.07
CA ALA H 295 2.51 -6.39 23.73
C ALA H 295 3.30 -5.44 22.86
N SER H 296 4.30 -5.96 22.14
CA SER H 296 5.06 -5.13 21.21
C SER H 296 4.16 -4.48 20.16
N ALA H 297 3.08 -5.16 19.80
CA ALA H 297 2.16 -4.67 18.77
C ALA H 297 1.02 -3.85 19.37
N HIS H 298 1.08 -3.62 20.68
CA HIS H 298 0.04 -2.89 21.40
C HIS H 298 -1.31 -3.61 21.35
N LEU H 299 -1.24 -4.95 21.37
CA LEU H 299 -2.42 -5.80 21.35
C LEU H 299 -2.44 -6.59 22.65
N ALA H 300 -3.44 -7.46 22.82
CA ALA H 300 -3.60 -8.17 24.09
C ALA H 300 -3.41 -9.67 23.92
N TRP H 301 -2.92 -10.32 24.97
CA TRP H 301 -2.93 -11.79 25.01
C TRP H 301 -3.77 -12.21 26.20
N ASN H 302 -4.86 -12.93 25.90
CA ASN H 302 -5.77 -13.45 26.91
C ASN H 302 -6.07 -14.88 26.47
N PRO H 303 -5.41 -15.86 27.10
CA PRO H 303 -5.45 -17.24 26.58
C PRO H 303 -6.80 -17.92 26.73
N HIS H 304 -7.10 -18.81 25.79
CA HIS H 304 -8.05 -19.89 26.00
C HIS H 304 -7.43 -20.82 27.06
N THR H 305 -8.24 -21.34 27.98
CA THR H 305 -7.67 -22.15 29.08
C THR H 305 -8.40 -23.47 29.33
N PHE H 306 -9.47 -23.71 28.58
CA PHE H 306 -10.45 -24.75 28.90
C PHE H 306 -10.02 -26.17 28.56
N ASN H 307 -9.77 -26.97 29.61
CA ASN H 307 -9.77 -28.43 29.50
C ASN H 307 -9.67 -29.14 30.85
N ASP H 308 -8.70 -28.74 31.66
CA ASP H 308 -8.46 -29.39 32.94
C ASP H 308 -7.66 -28.44 33.84
N ILE H 309 -7.39 -28.84 35.09
CA ILE H 309 -6.75 -27.93 36.01
C ILE H 309 -5.30 -27.64 35.62
N ILE H 310 -4.66 -28.57 34.92
CA ILE H 310 -3.30 -28.30 34.42
C ILE H 310 -3.28 -27.24 33.30
N THR H 311 -4.15 -27.37 32.30
CA THR H 311 -4.19 -26.33 31.26
C THR H 311 -4.50 -24.98 31.89
N VAL H 312 -5.47 -24.95 32.80
CA VAL H 312 -5.84 -23.72 33.49
C VAL H 312 -4.67 -23.12 34.28
N ALA H 313 -3.97 -23.96 35.05
CA ALA H 313 -2.86 -23.49 35.89
C ALA H 313 -1.68 -23.00 35.09
N ALA H 314 -1.30 -23.74 34.04
CA ALA H 314 -0.18 -23.36 33.19
C ALA H 314 -0.42 -21.95 32.65
N ASN H 315 -1.62 -21.72 32.13
CA ASN H 315 -1.95 -20.40 31.60
C ASN H 315 -2.02 -19.35 32.71
N LEU H 316 -2.53 -19.73 33.88
CA LEU H 316 -2.67 -18.77 34.98
C LEU H 316 -1.32 -18.26 35.49
N HIS H 317 -0.31 -19.12 35.56
CA HIS H 317 1.03 -18.67 35.95
C HIS H 317 1.51 -17.56 35.00
N LEU H 318 1.30 -17.76 33.70
CA LEU H 318 1.74 -16.79 32.69
C LEU H 318 0.93 -15.49 32.75
N VAL H 319 -0.38 -15.62 32.83
CA VAL H 319 -1.26 -14.47 32.91
C VAL H 319 -0.94 -13.61 34.15
N ALA H 320 -0.73 -14.27 35.27
CA ALA H 320 -0.43 -13.54 36.51
C ALA H 320 0.84 -12.72 36.34
N ALA H 321 1.80 -13.25 35.58
CA ALA H 321 3.09 -12.60 35.40
C ALA H 321 3.07 -11.55 34.28
N SER H 322 2.01 -11.52 33.48
CA SER H 322 1.98 -10.67 32.30
C SER H 322 1.25 -9.34 32.54
N PRO H 323 1.78 -8.25 31.95
CA PRO H 323 1.16 -6.92 32.02
C PRO H 323 -0.16 -6.76 31.26
N HIS H 324 -0.58 -7.75 30.48
CA HIS H 324 -1.84 -7.61 29.77
C HIS H 324 -3.01 -7.49 30.76
N PRO H 325 -3.96 -6.59 30.49
CA PRO H 325 -5.15 -6.53 31.35
C PRO H 325 -5.81 -7.90 31.35
N ALA H 326 -6.17 -8.39 32.52
CA ALA H 326 -6.61 -9.77 32.65
C ALA H 326 -8.05 -9.97 32.21
N MET H 327 -8.28 -11.09 31.52
CA MET H 327 -9.63 -11.54 31.19
C MET H 327 -9.53 -13.05 31.10
N PHE H 328 -9.40 -13.67 32.28
CA PHE H 328 -8.94 -15.06 32.38
C PHE H 328 -10.10 -16.03 32.33
N GLU H 329 -10.07 -16.93 31.35
CA GLU H 329 -11.17 -17.86 31.12
C GLU H 329 -11.30 -18.89 32.22
N TRP H 330 -12.46 -18.92 32.87
CA TRP H 330 -12.76 -19.95 33.85
C TRP H 330 -13.99 -20.71 33.36
N ASP H 331 -13.76 -21.86 32.74
CA ASP H 331 -14.89 -22.67 32.29
C ASP H 331 -15.60 -23.23 33.52
N ILE H 332 -16.89 -22.92 33.64
CA ILE H 332 -17.65 -23.23 34.85
C ILE H 332 -18.59 -24.45 34.72
N THR H 333 -18.39 -25.25 33.66
CA THR H 333 -19.20 -26.46 33.48
C THR H 333 -18.66 -27.61 34.31
N HIS H 334 -19.48 -28.63 34.56
CA HIS H 334 -19.06 -29.71 35.44
C HIS H 334 -17.81 -30.41 34.89
N ASN H 335 -16.73 -30.42 35.67
CA ASN H 335 -15.48 -30.99 35.19
C ASN H 335 -14.63 -31.50 36.34
N ASP H 336 -14.69 -32.80 36.59
CA ASP H 336 -13.92 -33.40 37.66
C ASP H 336 -12.42 -33.30 37.39
N LEU H 337 -12.04 -33.07 36.13
CA LEU H 337 -10.62 -32.83 35.85
C LEU H 337 -10.20 -31.44 36.32
N MET H 338 -11.16 -30.63 36.73
CA MET H 338 -10.82 -29.32 37.30
C MET H 338 -10.67 -29.40 38.83
N THR H 339 -11.40 -30.31 39.47
CA THR H 339 -11.53 -30.31 40.93
C THR H 339 -10.96 -31.55 41.64
N ARG H 340 -10.93 -32.68 40.96
CA ARG H 340 -10.51 -33.92 41.61
C ARG H 340 -9.14 -34.42 41.16
N LEU H 341 -8.56 -33.77 40.14
CA LEU H 341 -7.26 -34.21 39.63
C LEU H 341 -6.09 -33.79 40.53
N ALA H 342 -6.23 -32.67 41.23
CA ALA H 342 -5.13 -32.10 41.99
C ALA H 342 -5.58 -31.39 43.26
N SER H 343 -4.60 -31.02 44.09
CA SER H 343 -4.86 -30.40 45.38
C SER H 343 -5.32 -28.94 45.29
N TYR H 344 -5.20 -28.34 44.10
CA TYR H 344 -5.54 -26.93 43.93
C TYR H 344 -6.87 -26.74 43.20
N ASP H 345 -7.64 -25.77 43.65
CA ASP H 345 -8.91 -25.44 43.02
C ASP H 345 -8.94 -23.96 42.66
N LEU H 346 -9.50 -23.64 41.50
CA LEU H 346 -9.78 -22.24 41.21
C LEU H 346 -10.72 -21.75 42.29
N LYS H 347 -10.39 -20.60 42.86
CA LYS H 347 -11.26 -19.97 43.85
C LYS H 347 -11.40 -18.49 43.53
N LEU H 348 -12.64 -18.03 43.41
CA LEU H 348 -12.89 -16.63 43.10
C LEU H 348 -12.93 -15.79 44.37
N GLU H 349 -12.22 -14.66 44.35
CA GLU H 349 -12.20 -13.77 45.49
C GLU H 349 -12.31 -12.33 44.99
N ASN H 350 -13.45 -11.69 45.25
CA ASN H 350 -13.69 -10.36 44.72
C ASN H 350 -13.48 -10.33 43.21
N GLY H 351 -13.91 -11.39 42.53
CA GLY H 351 -13.87 -11.44 41.08
C GLY H 351 -12.50 -11.83 40.53
N LEU H 352 -11.57 -12.17 41.41
CA LEU H 352 -10.22 -12.52 40.98
C LEU H 352 -9.81 -13.93 41.37
N VAL H 353 -8.90 -14.51 40.59
CA VAL H 353 -8.24 -15.76 40.95
C VAL H 353 -6.76 -15.53 41.18
N GLN H 354 -6.09 -16.50 41.80
CA GLN H 354 -4.68 -16.40 42.12
C GLN H 354 -3.98 -17.68 41.72
N PRO H 355 -2.75 -17.57 41.20
CA PRO H 355 -2.00 -18.76 40.79
C PRO H 355 -1.63 -19.65 41.98
N PRO H 356 -1.48 -20.96 41.76
CA PRO H 356 -1.01 -21.85 42.82
C PRO H 356 0.36 -21.38 43.34
N GLN H 357 0.61 -21.56 44.64
CA GLN H 357 1.81 -21.03 45.30
C GLN H 357 2.96 -22.03 45.41
N GLY H 358 2.66 -23.30 45.20
CA GLY H 358 3.66 -24.35 45.34
C GLY H 358 4.65 -24.39 44.18
N PRO H 359 5.64 -25.28 44.25
CA PRO H 359 6.68 -25.44 43.23
C PRO H 359 6.10 -25.92 41.89
N GLY H 360 6.70 -25.44 40.80
CA GLY H 360 6.22 -25.81 39.47
C GLY H 360 4.83 -25.24 39.24
N LEU H 361 3.94 -26.07 38.70
CA LEU H 361 2.54 -25.71 38.55
C LEU H 361 1.88 -25.37 39.88
N GLY H 362 2.46 -25.86 40.98
CA GLY H 362 2.06 -25.43 42.31
C GLY H 362 1.08 -26.31 43.07
N PHE H 363 0.91 -27.56 42.64
CA PHE H 363 0.03 -28.49 43.34
C PHE H 363 0.47 -29.92 43.16
N GLU H 364 -0.16 -30.81 43.93
CA GLU H 364 0.14 -32.22 43.85
C GLU H 364 -0.97 -32.94 43.11
N ILE H 365 -0.56 -33.88 42.25
CA ILE H 365 -1.51 -34.71 41.52
C ILE H 365 -2.01 -35.83 42.45
N ASP H 366 -3.32 -36.08 42.43
CA ASP H 366 -3.89 -37.23 43.13
C ASP H 366 -3.74 -38.46 42.25
N TRP H 367 -2.66 -39.22 42.43
CA TRP H 367 -2.36 -40.34 41.54
C TRP H 367 -3.31 -41.52 41.70
N ASP H 368 -4.06 -41.53 42.80
CA ASP H 368 -5.08 -42.55 43.00
C ASP H 368 -6.27 -42.25 42.09
N PHE H 369 -6.63 -40.97 41.99
CA PHE H 369 -7.63 -40.54 41.02
C PHE H 369 -7.20 -40.93 39.60
N VAL H 370 -5.93 -40.70 39.28
CA VAL H 370 -5.39 -41.03 37.96
C VAL H 370 -5.53 -42.53 37.62
N ALA H 371 -5.08 -43.37 38.53
CA ALA H 371 -5.15 -44.83 38.32
C ALA H 371 -6.60 -45.31 38.21
N ALA H 372 -7.50 -44.63 38.92
CA ALA H 372 -8.91 -44.99 38.93
C ALA H 372 -9.67 -44.52 37.70
N HIS H 373 -9.06 -43.67 36.87
CA HIS H 373 -9.79 -43.11 35.74
C HIS H 373 -9.09 -43.24 34.39
N ALA H 374 -8.40 -44.36 34.17
CA ALA H 374 -7.78 -44.62 32.89
C ALA H 374 -8.81 -44.74 31.79
N TRP H 375 -8.53 -44.07 30.68
CA TRP H 375 -9.38 -44.12 29.50
C TRP H 375 -9.51 -45.56 28.97
N LYS H 376 -10.74 -45.97 28.70
CA LYS H 376 -11.00 -47.32 28.19
C LYS H 376 -11.66 -47.28 26.82
N GLY H 377 -11.72 -46.10 26.23
CA GLY H 377 -12.31 -45.95 24.90
C GLY H 377 -13.62 -45.19 24.94
N GLU H 378 -14.06 -44.78 26.12
CA GLU H 378 -15.29 -44.02 26.24
C GLU H 378 -15.27 -42.82 25.30
N PRO H 379 -16.43 -42.48 24.73
CA PRO H 379 -16.54 -41.30 23.84
C PRO H 379 -16.65 -40.03 24.67
N ALA H 380 -16.14 -38.91 24.14
CA ALA H 380 -16.28 -37.64 24.82
C ALA H 380 -17.69 -37.08 24.65
N ILE H 381 -18.26 -37.29 23.46
CA ILE H 381 -19.55 -36.72 23.11
C ILE H 381 -20.60 -37.79 22.86
#